data_4X62
#
_entry.id   4X62
#
_cell.length_a   400.834
_cell.length_b   400.834
_cell.length_c   175.086
_cell.angle_alpha   90.00
_cell.angle_beta   90.00
_cell.angle_gamma   90.00
#
_symmetry.space_group_name_H-M   'P 41 21 2'
#
loop_
_entity.id
_entity.type
_entity.pdbx_description
1 polymer '16S rRNA'
2 polymer '30S ribosomal protein S2'
3 polymer '30S ribosomal protein S3'
4 polymer '30S ribosomal protein S4'
5 polymer '30S ribosomal protein S5'
6 polymer '30S ribosomal protein S6'
7 polymer '30S ribosomal protein S7'
8 polymer '30S ribosomal protein S8'
9 polymer '30S ribosomal protein S9'
10 polymer '30S ribosomal protein S10'
11 polymer '30S ribosomal protein S11'
12 polymer '30S ribosomal protein S12'
13 polymer '30S ribosomal protein S13'
14 polymer '30S ribosomal protein S14 type Z'
15 polymer '30S ribosomal protein S15'
16 polymer '30S ribosomal protein S16'
17 polymer '30S ribosomal protein S17'
18 polymer '30S ribosomal protein S18'
19 polymer '30S ribosomal protein S19'
20 polymer '30S ribosomal protein S20'
21 polymer '30S ribosomal protein Thx'
22 polymer "RNA (5'-D(*AP*AP*AP*UP*UP*U)-3')"
23 polymer "RNA (5'-D(P*GP*AP*CP*UP*(70U)P*UP*UP*(12A)P*AP*(PSU)P*C)-3')"
24 non-polymer PAROMOMYCIN
25 non-polymer 'MAGNESIUM ION'
26 non-polymer 'POTASSIUM ION'
27 non-polymer 'ZINC ION'
28 water water
#
loop_
_entity_poly.entity_id
_entity_poly.type
_entity_poly.pdbx_seq_one_letter_code
_entity_poly.pdbx_strand_id
1 'polyribonucleotide'
;UUUGUUGGAGAGUUUGAUCCUGGCUCAGGGUGAACGCUGGCGGCGUGCCUAAGACAUGCAAGUCGUGCGGGCCGCGGGGU
UUUACUCCGUGGUCAGCGGCGGACGGGUGAGUAACGCGUGGGUGACCUACCCGGAAGAGGGGGACAACCCGGGGAAACUC
GGGCUAAUCCCCCAUGUGGACCCGCCCCUUGGGGUGUGUCCAAAGGGCUUUGCCCGCUUCCGGAUGGGCCCGCGUCCCAU
CAGCUAGUUGGUGGGGUAAUGGCCCACCAAGGCGACGACGGGUAGCCGGUCUGAGAGGAUGGCCGGCCACAGGGGCACUG
AGACACGGGCCCCACUCCUACGGGAGGCAGCAGUUAGGAAUCUUCCGCAAUGGGCGCAAGCCUGACGGAGCGACGCCGCU
UGGAGGAAGAAGCCCUUCGGGGUGUAAACUCCUGAACCCGGGACGAAACCCCCGACGAGGGGACUGACGGUACCGGGGUA
AUAGCGCCGGCCAACUCCG(PSU)GCCAGCAGCC(7MG)CGGUAAUACGGAGGGCGCGAGCGUUACCCGGAUUCACUGGG
CGUAAAGGGCGUGUAGGCGGCCUGGGGCGUCCCAUGUGAAAGACCACGGCUCAACCGUGGGGGAGCGUGGGAUACGCUCA
GGCUAGACGGUGGGAGAGGGUGGUGGAAUUCCCGGAGUAGCGGUGAAAUGCGCAGAUACCGGGAGGAACGCCGAUGGCGA
AGGCAGCCACCUGGUCCACCCGUGACGCUGAGGCGCGAAAGCGUGGGGAGCAAACCGGAUUAGAUACCCGGGUAGUCCAC
GCCCUAAACGAUGCGCGCUAGGUCUCUGGGUCUCCUGGGGGCCGAAGCUAACGCGUUAAGCGCGCCGCCUGGGGAGUACG
GCCGCAAGGCUGAAACUCAAAGGAAUUGACGGGGGCCCGCACAAGCGGUGGAGCAUGUGGUUUAAUUCGAA(M2G)
(5MC)AACGCGAAGAACCUUACCAGGCCUUGACAUGCUAGGGAACCCGGGUGAAAGCCUGGGGUGCCCCGCGAGGGGAGC
CCUAGCACAGGUGCUGCAUGGCCGUCGUCAGCUCGUGCCGUGAGGUGUUGGGUUAAGUCCCGCAACGAGCGCAACCCCCG
CCGUUAGUUGCCAGCGGUUCGGCCGGGCACUCUAACGGGACUGCCCGCGAAAGCGGGAGGAAGGAGGGGACGACGUCUGG
UCAGCAUG(2MG)CCCUUACGGCCUGGGCGACACACGUGCUACAAUGCCCACUACAAAGCGAUGCCACCCGGCAACGGGG
AGCUAAUCGCAAAAAGGUGGGCCCAGUUCGGAUUGGGGUCUGCAACCCGACCCCAUGAAGCCGGAAUCGCUAGUAAUCGC
GGAUCAGCCAUGCCGCGGUGAAUACGUUCCCGGGCCUUGUACACAC(5MC)G(4OC)C(5MC)GU(5MC)ACGCCAUGGG
AGCGGGCUCUACCCGAAGUCGCCGGGAGCCUACGGGCAGGCGCCGAGGGUAGGGCCCGUGACUGGGGCGAAGUCG(UR3)
AACAAGGUAGCUGUACCGG(MA6)(MA6)GGUGCGGCUGGAUCCACUCC(PSU)(PSU)UCU
;
A
2 'polypeptide(L)'
;TVKELLEAGVHFGHERKRWNPKFARYIYAERNGIHIIDLQKTMEELERTFRFIEDLAMRGGTILFVGTKKQAQDIVRMEA
ERAGMPYVNQRWLGGMLTNFKTISQRVHRLEELEALFASPEIEERPKKEQVRLKHELERLQKYLSGFRLLKRLPDAIFVV
DPTKEAIAVREARKLFIPVIALADTDSDPDLVDYIIPGNDDAIRSIQLILSRAVDLIIQARGGVVEPSPSYALVQE
;
B
3 'polypeptide(L)'
;GNKIHPIGFRLGITRDWESRWYAGKKQYRHLLLEDQRIRGLLEKELYSAGLARVDIERAADNVAVTVHVAKPGVVIGRGG
ERIRVLREELAKLTGKNVALNVQEVQNPNLSAPLVAQRVAEQIERRFAVRRAIKQAVQRVMESGAKGAKVIVSGRIGGAE
QARTEWAAQGRVPLHTLRANIDYGFALARTTYGVLGVKAYIFLGEVI
;
C
4 'polypeptide(L)'
;GRYIGPVCRLCRREGVKLYLKGERCYSPKCAMERRPYPPGQHGQKRARRPSDYAVRLREKQKLRRIYGISERQFRNLFEE
ASKKKGVTGSVFLGLLESRLDNVVYRLGFAVSRRQARQLVRHGHITVNGRRVDLPSYRVRPGDEIAVAEKSRNLELIRQN
LEAMKGRKVGPWLSLDVEGMKGKFLRLPDREDLALPVNEQLVIEFYSR
;
D
5 'polypeptide(L)'
;DFEEKMILIRRTARMQAGGRRFRFGALVVVGDRQGRVGLGFGKAPEVPLAVQKAGYYARRNMVEVPLQNGTIPHEIEVEF
GASKIVLKPAAPGTGVIAGAVPRAILELAGVTDILTKELGSRNPINIAYATMEALRQLRTKADVERLRKGE
;
E
6 'polypeptide(L)'
;MRRYEVNIVLNPNLDQSQLALEKEIIQRALENYGARVEKVEELGLRRLAYPIAKDPQGYFLWYQVEMPEDRVNDLARELR
IRDNVRRVMVVKSQEPFLANA
;
F
7 'polypeptide(L)'
;ARRRRAEVRQLQPDLVYGDVLVTAFINKIMRDGKKNLAARIFYDACKIIQEKTGQEPLKVFKQAVENVKPRMEVRSRRVG
GANYQVPMEVSPRRQQSLALRWLVQAANQRPERRAAVRIAHELMDAAEGKGGAVKKKEDVERMAEANRAYAHYRW
;
G
8 'polypeptide(L)'
;MLTDPIADMLTRIRNATRVYKESTDVPASRFKEEILRILAREGFIKGYERVDVDGKPYLRVYLKYGPRRQGPDPRPEQVI
HHIRRISKPGRRVYVGVKEIPRVRRGLGIAILSTSKGVLTDREARKLGVGGELICEVW
;
H
9 'polypeptide(L)'
;EQYYGTGRRKEAVARVFLRPGNGKVTVNGQDFNEYFQGLVRAVAALEPLRAVDALGHFDAYITVRGGGKSGQIDAIKLGI
ARALVQYNPDYRAKLKPLGFLTRDARVVERKKYGKHKARRAPQYSKR
;
I
10 'polypeptide(L)'
;KIRIKLRGFDHKTLDASAQKIVEAARRSGAQVSGPIPLPTRVRRFTVIRGPFKHKDSREHFELRTHNRLVDIINPNRKTI
EQLMTLDLPTGVEIEIKTV
;
J
11 'polypeptide(L)'
;KRQVASGRAYIHASYNNTIVTITDPDGNPITWSSGGVIGYKGSRKGTPYAAQLAALDAAKKAMAYGMQSVDVIVRGTGAG
REQAIRALQASGLQVKSIVDDTPVPHNGCRPKKKFRKAS
;
K
12 'polypeptide(L)'
;PTINQLVRKGREKVRKKSKVPALKGAPFRRGVCTVVRTVTPKKPNSALRKVAKVRLTSGYEVTAYIPGEGHNLQEHSVVL
IRGGRVK(0TD)LPGVRYHIVRGVYDAAGVKDRKKSRSKYGTKKPKEAA
;
L
13 'polypeptide(L)'
;ARIAGVEIPRNKRVDVALTYIYGIGKARAKEALEKTGINPATRVKDLTEAEVVRLREYVENTWKLEGELRAEVAANIKRL
MDIGCYRGLRHRRGLPVRGQRTRTNARTRKGPRKTVAG
;
M
14 'polypeptide(L)' ARKALIEKAKRTPKFKVRAYTRCVRCGRARSVYRFFGLCRICLRELAHKGQLPGVRKASW N
15 'polypeptide(L)'
;PITKEEKQKVIQEFARFPGDTGSTEVQVALLTLRINRLSEHLKVHKKDHHSHRGLLMMVGQRRRLLRYLQREDPERYRAL
IEKLGIRG
;
O
16 'polypeptide(L)'
;MVKIRLARFGSKHNPHYRIVVTDARRKRDGKYIEKIGYYDPRKTTPDWLKVDVERARYWLSVGAQPTDTARRLLRQAGVF
RQEA
;
P
17 'polypeptide(L)'
;PKKVLTGVVVSDKMQKTVTVLVERQFPHPLYGKVIKRSKKYLAHDPEEKYKLGDVVEIIESRPISKRKRFRVLRLVESGR
MDLVEKYLIRRQNYESLSK
;
Q
18 'polypeptide(L)' PSRKAKVKATLGEFDLRDYRNVEVLKRFLSETGKILPRRRTGLSAKEQRILAKTIKRARILGLLPFTEKLVRK R
19 'polypeptide(L)'
;PRSLKKGVFVDDHLLEKVLELNAKGEKRLIKTWSRRSTIVPEMVGHTIAVYNGKQHVPVYITENMVGHKLGEFAPTRTYR
G
;
S
20 'polypeptide(L)'
;RNLSALKRHRQSLKRRLRNKAKKSAIKTLSKKAIQLAQEGKAEEALKIMRKAESLIDKAAKGSTLHKNAAARRKSRLMRK
VRQLLEAAGAPLIGGGLSA
;
T
21 'polypeptide(L)' GKGDRRTRRGKIWRGTYGKYRPRKK U
22 'polyribonucleotide' AAAUUU a
23 'polyribonucleotide' GACU(70U)UU(12A)A(PSU)C b
#
loop_
_chem_comp.id
_chem_comp.type
_chem_comp.name
_chem_comp.formula
12A RNA linking 2-METHYLTHIO-N6-(AMINOCARBONYL-L-THREONYL)-ADENOSINE-5'-MONOPHOSPHATE 'C16 H23 N6 O11 P S'
2MG RNA linking 2N-METHYLGUANOSINE-5'-MONOPHOSPHATE 'C11 H16 N5 O8 P'
4OC RNA linking 4N,O2'-METHYLCYTIDINE-5'-MONOPHOSPHATE 'C11 H18 N3 O8 P'
5MC RNA linking 5-METHYLCYTIDINE-5'-MONOPHOSPHATE 'C10 H16 N3 O8 P'
70U RNA linking 5-(O-METHYLACETO)-2-THIO-2-DEOXY-URIDINE-5'-MONOPHOSPHATE 'C12 H17 N2 O10 P S'
7MG RNA linking 7N-METHYL-8-HYDROGUANOSINE-5'-MONOPHOSPHATE 'C11 H18 N5 O8 P'
A RNA linking ADENOSINE-5'-MONOPHOSPHATE 'C10 H14 N5 O7 P'
C RNA linking CYTIDINE-5'-MONOPHOSPHATE 'C9 H14 N3 O8 P'
G RNA linking GUANOSINE-5'-MONOPHOSPHATE 'C10 H14 N5 O8 P'
K non-polymer 'POTASSIUM ION' 'K 1'
M2G RNA linking N2-DIMETHYLGUANOSINE-5'-MONOPHOSPHATE 'C12 H18 N5 O8 P'
MA6 RNA linking 6N-DIMETHYLADENOSINE-5'-MONOPHOSHATE 'C12 H18 N5 O7 P'
MG non-polymer 'MAGNESIUM ION' 'Mg 2'
PAR non-polymer PAROMOMYCIN 'C23 H45 N5 O14'
PSU RNA linking PSEUDOURIDINE-5'-MONOPHOSPHATE 'C9 H13 N2 O9 P'
U RNA linking URIDINE-5'-MONOPHOSPHATE 'C9 H13 N2 O9 P'
UR3 RNA linking 3-METHYLURIDINE-5'-MONOPHOSHATE 'C10 H15 N2 O9 P'
ZN non-polymer 'ZINC ION' 'Zn 2'
#
# COMPACT_ATOMS: atom_id res chain seq x y z
N1 PSU A 500 40.68 3.27 -1.36
C2 PSU A 500 39.42 3.10 -1.72
N3 PSU A 500 38.75 4.11 -2.21
C4 PSU A 500 39.28 5.32 -2.36
C5 PSU A 500 40.59 5.55 -1.98
C6 PSU A 500 41.29 4.45 -1.48
O2 PSU A 500 38.90 2.04 -1.61
O4 PSU A 500 38.62 6.20 -2.80
C1' PSU A 500 41.26 6.91 -2.15
C2' PSU A 500 40.73 8.01 -1.22
O2' PSU A 500 40.60 9.21 -1.98
C3' PSU A 500 41.86 8.16 -0.22
C4' PSU A 500 43.10 7.81 -1.02
O3' PSU A 500 41.94 9.46 0.35
O4' PSU A 500 42.65 6.80 -1.95
C5' PSU A 500 44.26 7.26 -0.24
O5' PSU A 500 43.96 5.97 0.27
P PSU A 500 45.12 4.98 0.75
OP1 PSU A 500 46.07 5.79 1.60
OP2 PSU A 500 44.46 3.73 1.31
P 7MG A 511 17.65 9.43 -8.34
OP1 7MG A 511 16.91 8.71 -7.29
OP2 7MG A 511 17.91 10.88 -8.23
O5' 7MG A 511 19.05 8.70 -8.58
C5' 7MG A 511 19.86 8.20 -7.52
C4' 7MG A 511 21.02 7.45 -8.12
O4' 7MG A 511 21.52 8.21 -9.26
C3' 7MG A 511 22.25 7.23 -7.24
O3' 7MG A 511 22.15 6.07 -6.45
C2' 7MG A 511 23.37 7.13 -8.26
O2' 7MG A 511 23.35 5.85 -8.90
C1' 7MG A 511 22.93 8.17 -9.28
N9 7MG A 511 23.43 9.50 -8.92
C8 7MG A 511 22.79 10.44 -8.23
N7 7MG A 511 23.62 11.49 -8.11
C5 7MG A 511 24.80 11.19 -8.75
C6 7MG A 511 26.04 11.87 -8.98
O6 7MG A 511 26.23 12.99 -8.54
N1 7MG A 511 27.03 11.25 -9.68
C2 7MG A 511 26.84 10.02 -10.15
N2 7MG A 511 27.90 9.38 -10.89
N3 7MG A 511 25.72 9.36 -9.96
C4 7MG A 511 24.67 9.94 -9.25
CM7 7MG A 511 23.31 12.69 -7.43
P M2G A 944 19.45 4.47 26.37
OP1 M2G A 944 18.89 3.17 25.94
OP2 M2G A 944 18.69 5.70 26.07
O5' M2G A 944 19.75 4.47 27.94
C5' M2G A 944 19.21 5.44 28.83
C4' M2G A 944 17.74 5.26 29.11
O4' M2G A 944 16.92 6.00 28.18
C3' M2G A 944 17.17 3.86 29.03
O3' M2G A 944 17.55 3.04 30.12
C2' M2G A 944 15.67 4.14 28.94
O2' M2G A 944 15.12 4.29 30.25
C1' M2G A 944 15.62 5.50 28.24
N9 M2G A 944 15.07 5.39 26.87
C8 M2G A 944 15.74 5.48 25.64
N7 M2G A 944 14.91 5.34 24.59
C5 M2G A 944 13.66 5.16 25.16
C6 M2G A 944 12.43 4.96 24.50
O6 M2G A 944 12.16 4.91 23.31
N1 M2G A 944 11.34 4.80 25.40
C2 M2G A 944 11.49 4.84 26.79
N2 M2G A 944 10.30 4.67 27.51
N3 M2G A 944 12.66 5.03 27.43
C4 M2G A 944 13.74 5.18 26.56
CM1 M2G A 944 10.24 4.97 28.93
CM2 M2G A 944 9.08 4.19 26.88
P 5MC A 945 17.23 1.47 30.11
OP1 5MC A 945 17.75 0.88 31.35
OP2 5MC A 945 17.66 0.93 28.80
O5' 5MC A 945 15.65 1.40 30.16
C5' 5MC A 945 14.97 0.59 31.12
C4' 5MC A 945 13.49 0.72 30.94
O4' 5MC A 945 13.26 1.65 29.85
C3' 5MC A 945 12.77 -0.53 30.48
O3' 5MC A 945 12.43 -1.40 31.55
C2' 5MC A 945 11.55 -0.01 29.73
O2' 5MC A 945 10.47 0.22 30.62
C1' 5MC A 945 12.04 1.35 29.22
N1 5MC A 945 12.27 1.38 27.76
C2 5MC A 945 11.17 1.27 26.81
O2 5MC A 945 10.03 1.13 27.20
N3 5MC A 945 11.45 1.31 25.44
C4 5MC A 945 12.71 1.48 25.04
N4 5MC A 945 12.88 1.52 23.67
C5 5MC A 945 13.82 1.60 25.94
C6 5MC A 945 13.54 1.55 27.28
CM5 5MC A 945 15.22 1.78 25.38
P 2MG A 1189 40.70 -12.32 5.52
OP1 2MG A 1189 41.39 -12.65 4.26
OP2 2MG A 1189 41.27 -12.76 6.80
O5' 2MG A 1189 40.49 -10.74 5.57
C5' 2MG A 1189 39.95 -10.05 4.45
C4' 2MG A 1189 39.77 -8.59 4.77
O4' 2MG A 1189 38.75 -8.46 5.79
C3' 2MG A 1189 40.98 -7.89 5.34
O3' 2MG A 1189 41.89 -7.45 4.35
C2' 2MG A 1189 40.36 -6.76 6.15
O2' 2MG A 1189 39.97 -5.69 5.30
C1' 2MG A 1189 39.10 -7.43 6.69
N9 2MG A 1189 39.32 -8.03 8.02
C8 2MG A 1189 39.46 -9.40 8.35
N7 2MG A 1189 39.65 -9.59 9.68
C5 2MG A 1189 39.64 -8.30 10.21
C6 2MG A 1189 39.81 -7.95 11.58
O6 2MG A 1189 39.98 -8.64 12.58
N1 2MG A 1189 39.74 -6.55 11.80
C2 2MG A 1189 39.54 -5.63 10.76
N2 2MG A 1189 39.50 -4.29 11.11
CM2 2MG A 1189 39.31 -3.21 10.17
N3 2MG A 1189 39.38 -5.95 9.46
C4 2MG A 1189 39.44 -7.32 9.21
P 5MC A 1383 6.20 11.55 18.48
OP1 5MC A 1383 6.21 10.12 18.79
OP2 5MC A 1383 5.75 12.50 19.50
O5' 5MC A 1383 7.68 11.98 18.07
C5' 5MC A 1383 7.90 13.06 17.18
C4' 5MC A 1383 9.36 13.31 16.96
O4' 5MC A 1383 10.09 12.95 18.16
C3' 5MC A 1383 10.01 12.52 15.82
O3' 5MC A 1383 10.98 13.34 15.16
C2' 5MC A 1383 10.71 11.38 16.55
O2' 5MC A 1383 11.81 10.84 15.86
C1' 5MC A 1383 11.13 12.07 17.84
N1 5MC A 1383 11.33 11.16 18.99
C2 5MC A 1383 12.66 10.84 19.48
O2 5MC A 1383 13.67 11.27 18.95
N3 5MC A 1383 12.81 9.99 20.58
C4 5MC A 1383 11.70 9.51 21.16
N4 5MC A 1383 11.95 8.68 22.23
C5 5MC A 1383 10.37 9.80 20.71
C6 5MC A 1383 10.24 10.64 19.63
CM5 5MC A 1383 9.17 9.21 21.44
P 4OC A 1385 10.81 14.12 8.55
OP1 4OC A 1385 11.71 13.74 7.46
OP2 4OC A 1385 11.30 14.97 9.64
O5' 4OC A 1385 9.49 14.77 7.95
CM2 4OC A 1385 4.29 17.19 4.80
C5' 4OC A 1385 9.13 14.55 6.59
C4' 4OC A 1385 7.75 15.10 6.30
O4' 4OC A 1385 7.00 15.19 7.54
C3' 4OC A 1385 7.67 16.51 5.74
C2' 4OC A 1385 6.25 16.92 6.09
O2' 4OC A 1385 5.33 16.33 5.18
C1' 4OC A 1385 6.06 16.24 7.45
N1 4OC A 1385 6.29 17.16 8.57
C2 4OC A 1385 5.26 18.08 8.98
O2 4OC A 1385 4.21 18.07 8.42
N3 4OC A 1385 5.52 18.95 10.06
C4 4OC A 1385 6.71 18.90 10.64
N4 4OC A 1385 6.94 19.77 11.69
C5 4OC A 1385 7.74 18.00 10.25
C6 4OC A 1385 7.48 17.16 9.21
CM4 4OC A 1385 6.04 20.87 11.99
O3' 4OC A 1385 7.98 16.60 4.37
P 5MC A 1387 7.37 23.65 2.59
OP1 5MC A 1387 7.21 23.64 1.14
OP2 5MC A 1387 8.73 23.58 3.18
O5' 5MC A 1387 6.69 24.96 3.14
C5' 5MC A 1387 5.32 25.22 2.89
C4' 5MC A 1387 4.85 26.44 3.62
O4' 5MC A 1387 4.82 26.16 5.03
C3' 5MC A 1387 5.75 27.66 3.51
O3' 5MC A 1387 5.58 28.37 2.30
C2' 5MC A 1387 5.37 28.45 4.75
O2' 5MC A 1387 4.13 29.11 4.55
C1' 5MC A 1387 5.14 27.33 5.76
N1 5MC A 1387 6.34 27.03 6.57
C2 5MC A 1387 6.62 27.75 7.77
O2 5MC A 1387 5.90 28.62 8.15
N3 5MC A 1387 7.76 27.42 8.51
C4 5MC A 1387 8.55 26.45 8.07
N4 5MC A 1387 9.65 26.21 8.85
C5 5MC A 1387 8.30 25.72 6.88
C6 5MC A 1387 7.18 26.04 6.18
CM5 5MC A 1387 9.26 24.63 6.44
P 5MC A 1390 12.94 38.94 3.78
OP1 5MC A 1390 13.17 40.33 3.34
OP2 5MC A 1390 13.21 37.83 2.85
O5' 5MC A 1390 13.81 38.71 5.10
C5' 5MC A 1390 13.96 39.75 6.05
C4' 5MC A 1390 14.75 39.28 7.23
O4' 5MC A 1390 14.21 38.03 7.71
C3' 5MC A 1390 16.20 38.94 6.94
O3' 5MC A 1390 17.04 40.06 6.80
C2' 5MC A 1390 16.55 38.03 8.11
O2' 5MC A 1390 16.78 38.78 9.29
C1' 5MC A 1390 15.25 37.26 8.27
N1 5MC A 1390 15.30 35.97 7.55
C2 5MC A 1390 16.12 34.92 8.06
O2 5MC A 1390 16.76 35.05 9.08
N3 5MC A 1390 16.19 33.71 7.37
C4 5MC A 1390 15.50 33.58 6.25
N4 5MC A 1390 15.63 32.36 5.64
C5 5MC A 1390 14.67 34.60 5.71
C6 5MC A 1390 14.61 35.78 6.39
CM5 5MC A 1390 13.91 34.36 4.40
P UR3 A 1476 4.99 29.15 18.43
OP1 UR3 A 1476 3.97 29.45 19.43
OP2 UR3 A 1476 6.08 28.22 18.76
O5' UR3 A 1476 4.22 28.56 17.18
C5' UR3 A 1476 3.56 29.42 16.25
C4' UR3 A 1476 2.87 28.63 15.19
O4' UR3 A 1476 3.82 28.27 14.16
C1' UR3 A 1476 3.92 26.87 14.00
N1 UR3 A 1476 5.35 26.52 14.01
C6 UR3 A 1476 6.25 27.15 14.85
C2 UR3 A 1476 5.82 25.55 13.10
O2 UR3 A 1476 5.07 24.96 12.33
N3 UR3 A 1476 7.19 25.25 13.12
C3U UR3 A 1476 7.62 24.23 12.17
C4 UR3 A 1476 8.12 25.86 13.96
O4 UR3 A 1476 9.31 25.53 13.90
C5 UR3 A 1476 7.57 26.84 14.84
C2' UR3 A 1476 3.13 26.20 15.12
O2' UR3 A 1476 2.42 25.07 14.66
C3' UR3 A 1476 2.24 27.33 15.70
O3' UR3 A 1476 0.83 27.24 15.45
C2 MA6 A 1496 5.81 33.51 12.60
C4 MA6 A 1496 5.81 35.47 11.57
C5 MA6 A 1496 5.05 36.05 12.63
P MA6 A 1496 4.62 41.08 9.24
OP1 MA6 A 1496 4.29 41.86 8.03
OP2 MA6 A 1496 3.61 40.83 10.27
O5' MA6 A 1496 5.13 39.66 8.78
C5' MA6 A 1496 6.37 39.52 8.12
C4' MA6 A 1496 6.64 38.07 7.87
O4' MA6 A 1496 7.34 37.51 9.01
C1' MA6 A 1496 6.77 36.27 9.37
N9 MA6 A 1496 6.03 36.46 10.63
N3 MA6 A 1496 6.21 34.17 11.53
N1 MA6 A 1496 5.09 33.92 13.69
C6 MA6 A 1496 4.71 35.22 13.71
N6 MA6 A 1496 3.97 35.60 14.83
C9 MA6 A 1496 3.64 34.63 15.85
C10 MA6 A 1496 3.51 36.96 15.08
N7 MA6 A 1496 4.82 37.40 12.32
C8 MA6 A 1496 5.42 37.61 11.14
C2' MA6 A 1496 5.83 35.88 8.25
O2' MA6 A 1496 6.59 35.19 7.27
C3' MA6 A 1496 5.39 37.23 7.73
O3' MA6 A 1496 4.87 37.25 6.41
C2 MA6 A 1497 3.48 31.08 12.59
C4 MA6 A 1497 3.26 32.35 10.76
C5 MA6 A 1497 2.41 33.26 11.45
P MA6 A 1497 3.42 36.65 6.10
OP1 MA6 A 1497 3.11 36.89 4.69
OP2 MA6 A 1497 2.50 37.09 7.15
O5' MA6 A 1497 3.67 35.11 6.31
C5' MA6 A 1497 2.78 34.12 5.86
C4' MA6 A 1497 3.39 32.81 6.25
O4' MA6 A 1497 4.33 33.09 7.34
C1' MA6 A 1497 4.15 32.17 8.38
N9 MA6 A 1497 3.39 32.84 9.46
N3 MA6 A 1497 3.82 31.23 11.30
N1 MA6 A 1497 2.69 31.85 13.39
C6 MA6 A 1497 2.15 32.96 12.82
N6 MA6 A 1497 1.33 33.72 13.64
C9 MA6 A 1497 0.68 33.10 14.80
C10 MA6 A 1497 1.00 35.12 13.41
N7 MA6 A 1497 2.03 34.28 10.58
C8 MA6 A 1497 2.61 34.01 9.42
C2' MA6 A 1497 3.35 31.02 7.81
O2' MA6 A 1497 4.25 30.18 7.11
C3' MA6 A 1497 2.45 31.76 6.83
O3' MA6 A 1497 1.89 30.93 5.84
N1 PSU A 1518 -3.48 23.59 28.55
C2 PSU A 1518 -2.62 24.11 29.40
N3 PSU A 1518 -2.36 25.40 29.37
C4 PSU A 1518 -2.95 26.21 28.50
C5 PSU A 1518 -3.86 25.69 27.59
C6 PSU A 1518 -4.11 24.33 27.65
O2 PSU A 1518 -2.07 23.42 30.19
O4 PSU A 1518 -2.69 27.37 28.50
C1' PSU A 1518 -4.56 26.60 26.58
C2' PSU A 1518 -3.66 26.87 25.36
O2' PSU A 1518 -3.81 28.23 24.99
C3' PSU A 1518 -4.30 25.97 24.31
C4' PSU A 1518 -5.77 26.02 24.65
O3' PSU A 1518 -4.02 26.38 22.97
O4' PSU A 1518 -5.77 26.04 26.11
C5' PSU A 1518 -6.62 24.87 24.17
O5' PSU A 1518 -6.39 23.70 24.94
P PSU A 1518 -7.37 22.44 24.86
OP1 PSU A 1518 -7.77 22.22 23.42
OP2 PSU A 1518 -6.75 21.33 25.66
N1 PSU A 1519 -3.14 21.50 25.78
C2 PSU A 1519 -3.04 20.91 26.96
N3 PSU A 1519 -2.00 21.17 27.73
C4 PSU A 1519 -1.05 22.01 27.36
C5 PSU A 1519 -1.13 22.65 26.13
C6 PSU A 1519 -2.23 22.36 25.33
O2 PSU A 1519 -3.88 20.15 27.31
O4 PSU A 1519 -0.14 22.22 28.10
C1' PSU A 1519 -0.05 23.63 25.68
C2' PSU A 1519 0.95 22.96 24.73
O2' PSU A 1519 2.25 23.46 25.03
C3' PSU A 1519 0.50 23.48 23.38
C4' PSU A 1519 0.02 24.88 23.71
O3' PSU A 1519 1.50 23.46 22.39
O4' PSU A 1519 -0.61 24.74 25.00
C5' PSU A 1519 -0.94 25.51 22.74
O5' PSU A 1519 -2.13 24.74 22.61
P PSU A 1519 -3.43 25.34 21.91
OP1 PSU A 1519 -3.03 26.10 20.66
OP2 PSU A 1519 -4.44 24.21 21.79
N THR B 1 -42.78 -38.60 -18.16
CA THR B 1 -42.68 -38.05 -19.51
C THR B 1 -44.06 -37.60 -20.00
N VAL B 2 -44.78 -36.88 -19.16
CA VAL B 2 -46.16 -36.48 -19.50
C VAL B 2 -46.33 -34.96 -19.48
N LYS B 3 -46.40 -34.40 -18.27
CA LYS B 3 -46.58 -32.96 -18.07
C LYS B 3 -47.90 -32.43 -18.68
N GLU B 4 -47.77 -31.43 -19.55
CA GLU B 4 -48.89 -30.72 -20.17
C GLU B 4 -49.77 -29.98 -19.16
N LEU B 5 -51.09 -30.16 -19.29
CA LEU B 5 -52.06 -29.48 -18.43
C LEU B 5 -52.00 -29.96 -16.98
N LEU B 6 -51.18 -30.97 -16.73
CA LEU B 6 -51.07 -31.56 -15.40
C LEU B 6 -50.19 -30.69 -14.50
N GLU B 7 -49.71 -29.58 -15.03
CA GLU B 7 -48.91 -28.65 -14.24
C GLU B 7 -49.79 -27.62 -13.55
N ALA B 8 -49.83 -27.70 -12.21
CA ALA B 8 -50.61 -26.77 -11.41
C ALA B 8 -49.71 -26.08 -10.39
N GLY B 9 -49.55 -24.78 -10.55
CA GLY B 9 -48.72 -23.98 -9.65
C GLY B 9 -47.41 -23.52 -10.25
N VAL B 10 -47.07 -24.03 -11.43
CA VAL B 10 -45.82 -23.70 -12.10
C VAL B 10 -45.86 -22.32 -12.73
N HIS B 11 -46.96 -22.02 -13.42
CA HIS B 11 -47.08 -20.78 -14.18
C HIS B 11 -47.06 -19.54 -13.28
N PHE B 12 -47.19 -19.75 -11.97
CA PHE B 12 -47.07 -18.65 -11.03
C PHE B 12 -45.61 -18.17 -10.98
N GLY B 13 -45.39 -16.89 -11.28
CA GLY B 13 -44.07 -16.33 -11.20
C GLY B 13 -43.91 -15.42 -10.00
N HIS B 14 -42.79 -14.71 -9.93
CA HIS B 14 -42.57 -13.75 -8.87
C HIS B 14 -43.38 -12.47 -9.13
N GLU B 15 -43.15 -11.45 -8.31
CA GLU B 15 -43.95 -10.23 -8.36
C GLU B 15 -43.67 -9.40 -9.60
N ARG B 16 -44.33 -8.25 -9.71
CA ARG B 16 -44.10 -7.32 -10.81
C ARG B 16 -42.65 -6.85 -10.78
N LYS B 17 -42.18 -6.50 -9.59
CA LYS B 17 -40.77 -6.16 -9.41
C LYS B 17 -39.96 -7.43 -9.26
N ARG B 18 -38.67 -7.28 -8.92
CA ARG B 18 -37.78 -8.40 -8.63
C ARG B 18 -37.48 -9.25 -9.86
N TRP B 19 -38.06 -8.90 -11.00
CA TRP B 19 -37.90 -9.73 -12.19
C TRP B 19 -36.63 -9.37 -12.97
N ASN B 20 -36.36 -10.18 -13.99
CA ASN B 20 -35.28 -9.92 -14.93
C ASN B 20 -35.85 -9.75 -16.32
N PRO B 21 -35.65 -8.58 -16.93
CA PRO B 21 -36.19 -8.28 -18.27
C PRO B 21 -35.87 -9.35 -19.30
N LYS B 22 -34.73 -10.01 -19.17
CA LYS B 22 -34.32 -11.03 -20.11
C LYS B 22 -35.32 -12.19 -20.15
N PHE B 23 -36.14 -12.27 -19.11
CA PHE B 23 -37.09 -13.35 -18.97
C PHE B 23 -38.40 -13.06 -19.70
N ALA B 24 -38.49 -11.87 -20.28
CA ALA B 24 -39.74 -11.37 -20.85
C ALA B 24 -40.34 -12.28 -21.92
N ARG B 25 -39.50 -13.01 -22.63
CA ARG B 25 -39.98 -13.89 -23.69
C ARG B 25 -40.77 -15.06 -23.12
N TYR B 26 -40.40 -15.49 -21.93
CA TYR B 26 -41.01 -16.66 -21.32
C TYR B 26 -42.21 -16.28 -20.47
N ILE B 27 -42.60 -15.02 -20.54
CA ILE B 27 -43.76 -14.54 -19.79
C ILE B 27 -44.99 -14.41 -20.68
N TYR B 28 -46.14 -14.82 -20.16
CA TYR B 28 -47.40 -14.66 -20.85
C TYR B 28 -47.95 -13.26 -20.60
N ALA B 29 -48.30 -12.99 -19.34
CA ALA B 29 -48.85 -11.69 -18.97
C ALA B 29 -48.75 -11.45 -17.47
N GLU B 30 -49.31 -10.32 -17.04
CA GLU B 30 -49.28 -9.93 -15.63
C GLU B 30 -50.68 -9.92 -15.03
N ARG B 31 -50.95 -10.87 -14.14
CA ARG B 31 -52.22 -10.91 -13.43
C ARG B 31 -52.04 -10.44 -11.98
N ASN B 32 -52.82 -9.44 -11.58
CA ASN B 32 -52.79 -8.92 -10.22
C ASN B 32 -51.38 -8.60 -9.72
N GLY B 33 -50.61 -7.93 -10.57
CA GLY B 33 -49.25 -7.55 -10.22
C GLY B 33 -48.31 -8.72 -10.03
N ILE B 34 -48.54 -9.79 -10.78
CA ILE B 34 -47.66 -10.97 -10.74
C ILE B 34 -47.39 -11.46 -12.15
N HIS B 35 -46.11 -11.64 -12.49
CA HIS B 35 -45.74 -12.21 -13.77
C HIS B 35 -46.17 -13.67 -13.82
N ILE B 36 -46.83 -14.05 -14.91
CA ILE B 36 -47.24 -15.43 -15.08
C ILE B 36 -46.55 -16.03 -16.29
N ILE B 37 -45.81 -17.12 -16.06
CA ILE B 37 -45.01 -17.76 -17.09
C ILE B 37 -45.86 -18.17 -18.28
N ASP B 38 -45.31 -18.01 -19.48
CA ASP B 38 -45.96 -18.48 -20.70
C ASP B 38 -46.10 -20.00 -20.61
N LEU B 39 -47.32 -20.47 -20.83
CA LEU B 39 -47.65 -21.87 -20.61
C LEU B 39 -46.95 -22.80 -21.62
N GLN B 40 -47.06 -22.46 -22.90
CA GLN B 40 -46.54 -23.34 -23.96
C GLN B 40 -45.02 -23.36 -24.03
N LYS B 41 -44.41 -22.19 -23.95
CA LYS B 41 -42.95 -22.06 -24.05
C LYS B 41 -42.25 -22.94 -23.03
N THR B 42 -42.89 -23.12 -21.88
CA THR B 42 -42.37 -24.01 -20.85
C THR B 42 -42.14 -25.41 -21.43
N MET B 43 -43.17 -25.96 -22.06
CA MET B 43 -43.08 -27.26 -22.71
C MET B 43 -42.08 -27.23 -23.85
N GLU B 44 -42.08 -26.13 -24.60
CA GLU B 44 -41.18 -25.95 -25.73
C GLU B 44 -39.74 -26.21 -25.31
N GLU B 45 -39.29 -25.51 -24.27
CA GLU B 45 -37.93 -25.71 -23.77
C GLU B 45 -37.80 -27.05 -23.04
N LEU B 46 -38.91 -27.53 -22.49
CA LEU B 46 -38.92 -28.81 -21.79
C LEU B 46 -38.51 -29.97 -22.69
N GLU B 47 -38.95 -29.93 -23.95
CA GLU B 47 -38.57 -30.97 -24.90
C GLU B 47 -37.06 -31.06 -25.03
N ARG B 48 -36.45 -29.98 -25.51
CA ARG B 48 -35.01 -29.90 -25.70
C ARG B 48 -34.25 -30.27 -24.43
N THR B 49 -34.70 -29.72 -23.31
CA THR B 49 -34.07 -29.97 -22.02
C THR B 49 -34.07 -31.46 -21.69
N PHE B 50 -35.25 -32.05 -21.64
CA PHE B 50 -35.40 -33.44 -21.26
C PHE B 50 -34.73 -34.38 -22.26
N ARG B 51 -34.63 -33.92 -23.50
CA ARG B 51 -33.93 -34.67 -24.53
C ARG B 51 -32.45 -34.74 -24.18
N PHE B 52 -31.88 -33.58 -23.86
CA PHE B 52 -30.49 -33.52 -23.42
C PHE B 52 -30.26 -34.39 -22.20
N ILE B 53 -31.22 -34.34 -21.28
CA ILE B 53 -31.16 -35.12 -20.06
C ILE B 53 -31.11 -36.61 -20.38
N GLU B 54 -32.01 -37.06 -21.25
CA GLU B 54 -32.08 -38.45 -21.65
C GLU B 54 -30.76 -38.91 -22.27
N ASP B 55 -30.33 -38.19 -23.31
CA ASP B 55 -29.07 -38.46 -23.99
C ASP B 55 -27.93 -38.60 -22.98
N LEU B 56 -27.67 -37.53 -22.24
CA LEU B 56 -26.62 -37.52 -21.23
C LEU B 56 -26.75 -38.70 -20.25
N ALA B 57 -27.99 -39.08 -19.96
CA ALA B 57 -28.24 -40.14 -18.99
C ALA B 57 -27.81 -41.50 -19.51
N MET B 58 -28.33 -41.87 -20.68
CA MET B 58 -28.07 -43.19 -21.22
C MET B 58 -26.60 -43.39 -21.58
N ARG B 59 -25.88 -42.27 -21.73
CA ARG B 59 -24.43 -42.32 -21.94
C ARG B 59 -23.73 -42.69 -20.64
N GLY B 60 -24.43 -42.53 -19.53
CA GLY B 60 -23.89 -42.86 -18.22
C GLY B 60 -23.32 -41.67 -17.47
N GLY B 61 -23.61 -40.47 -17.94
CA GLY B 61 -23.08 -39.27 -17.32
C GLY B 61 -23.70 -38.94 -15.98
N THR B 62 -22.87 -38.57 -15.01
CA THR B 62 -23.36 -38.15 -13.70
C THR B 62 -23.88 -36.71 -13.74
N ILE B 63 -24.82 -36.40 -12.86
CA ILE B 63 -25.40 -35.06 -12.78
C ILE B 63 -25.42 -34.59 -11.34
N LEU B 64 -24.94 -33.38 -11.10
CA LEU B 64 -24.94 -32.82 -9.75
C LEU B 64 -26.21 -32.01 -9.53
N PHE B 65 -27.05 -32.47 -8.60
CA PHE B 65 -28.27 -31.76 -8.27
C PHE B 65 -28.00 -30.74 -7.17
N VAL B 66 -28.44 -29.51 -7.39
CA VAL B 66 -28.11 -28.42 -6.49
C VAL B 66 -29.31 -27.54 -6.15
N GLY B 67 -29.62 -27.42 -4.86
CA GLY B 67 -30.37 -26.28 -4.37
C GLY B 67 -30.36 -26.14 -2.86
N THR B 68 -30.39 -24.90 -2.39
CA THR B 68 -30.44 -24.58 -0.97
C THR B 68 -31.82 -24.08 -0.53
N LYS B 69 -32.73 -23.91 -1.48
CA LYS B 69 -33.84 -22.96 -1.32
C LYS B 69 -34.75 -23.21 -0.11
N LYS B 70 -34.60 -24.37 0.54
CA LYS B 70 -35.31 -24.73 1.77
C LYS B 70 -36.78 -25.06 1.48
N GLN B 71 -37.25 -24.61 0.33
CA GLN B 71 -38.51 -25.09 -0.23
C GLN B 71 -38.20 -26.39 -0.95
N ALA B 72 -37.05 -26.40 -1.62
CA ALA B 72 -36.60 -27.55 -2.38
C ALA B 72 -35.60 -28.42 -1.63
N GLN B 73 -35.25 -28.04 -0.42
CA GLN B 73 -34.19 -28.72 0.32
C GLN B 73 -34.47 -30.22 0.54
N ASP B 74 -35.60 -30.52 1.19
CA ASP B 74 -35.91 -31.91 1.55
C ASP B 74 -36.19 -32.78 0.32
N ILE B 75 -36.51 -32.13 -0.81
CA ILE B 75 -36.86 -32.86 -2.02
C ILE B 75 -35.62 -33.44 -2.70
N VAL B 76 -34.71 -32.55 -3.07
CA VAL B 76 -33.48 -32.94 -3.74
C VAL B 76 -32.76 -34.10 -3.05
N ARG B 77 -32.69 -34.06 -1.71
CA ARG B 77 -31.89 -35.03 -0.97
C ARG B 77 -32.39 -36.46 -1.16
N MET B 78 -33.65 -36.62 -1.58
CA MET B 78 -34.18 -37.94 -1.91
C MET B 78 -34.21 -38.14 -3.44
N GLU B 79 -34.89 -37.24 -4.14
CA GLU B 79 -34.96 -37.30 -5.60
C GLU B 79 -33.60 -37.53 -6.28
N ALA B 80 -32.58 -36.83 -5.81
CA ALA B 80 -31.25 -37.03 -6.38
C ALA B 80 -30.62 -38.30 -5.82
N GLU B 81 -31.04 -38.69 -4.63
CA GLU B 81 -30.53 -39.91 -3.99
C GLU B 81 -31.01 -41.14 -4.77
N ARG B 82 -32.16 -40.99 -5.42
CA ARG B 82 -32.60 -42.00 -6.37
C ARG B 82 -31.66 -41.96 -7.57
N ALA B 83 -31.65 -43.05 -8.32
CA ALA B 83 -30.63 -43.30 -9.33
C ALA B 83 -29.23 -43.20 -8.73
N GLY B 84 -28.29 -42.66 -9.48
CA GLY B 84 -26.90 -42.61 -9.03
C GLY B 84 -26.34 -41.24 -8.72
N MET B 85 -27.19 -40.22 -8.71
CA MET B 85 -26.70 -38.85 -8.75
C MET B 85 -26.37 -38.25 -7.38
N PRO B 86 -25.24 -37.52 -7.29
CA PRO B 86 -24.82 -36.73 -6.13
C PRO B 86 -25.60 -35.42 -6.02
N TYR B 87 -25.68 -34.87 -4.82
CA TYR B 87 -26.44 -33.63 -4.64
C TYR B 87 -25.78 -32.64 -3.68
N VAL B 88 -26.25 -31.40 -3.72
CA VAL B 88 -25.83 -30.39 -2.78
C VAL B 88 -27.06 -29.82 -2.11
N ASN B 89 -27.10 -29.93 -0.78
CA ASN B 89 -28.32 -29.64 -0.03
C ASN B 89 -28.17 -28.44 0.91
N GLN B 90 -27.33 -28.60 1.93
CA GLN B 90 -27.17 -27.58 2.96
C GLN B 90 -26.70 -26.23 2.43
N ARG B 91 -25.48 -26.18 1.92
CA ARG B 91 -24.99 -24.97 1.26
C ARG B 91 -23.91 -25.32 0.25
N TRP B 92 -23.72 -24.44 -0.74
CA TRP B 92 -22.75 -24.70 -1.79
C TRP B 92 -21.42 -24.05 -1.44
N LEU B 93 -20.43 -24.89 -1.18
CA LEU B 93 -19.11 -24.40 -0.80
C LEU B 93 -18.37 -23.90 -2.03
N GLY B 94 -17.83 -22.69 -1.93
CA GLY B 94 -17.07 -22.13 -3.03
C GLY B 94 -15.86 -22.98 -3.36
N GLY B 95 -15.75 -23.35 -4.63
CA GLY B 95 -14.62 -24.14 -5.08
C GLY B 95 -14.94 -25.60 -5.32
N MET B 96 -16.18 -25.98 -5.04
CA MET B 96 -16.62 -27.36 -5.19
C MET B 96 -16.35 -27.91 -6.60
N LEU B 97 -16.25 -27.00 -7.57
CA LEU B 97 -15.98 -27.38 -8.94
C LEU B 97 -14.57 -26.97 -9.34
N THR B 98 -14.27 -25.68 -9.26
CA THR B 98 -12.96 -25.19 -9.65
C THR B 98 -11.83 -25.64 -8.71
N ASN B 99 -12.11 -25.70 -7.41
CA ASN B 99 -11.14 -26.16 -6.43
C ASN B 99 -11.33 -27.64 -6.11
N PHE B 100 -12.15 -28.32 -6.92
CA PHE B 100 -12.72 -29.63 -6.63
C PHE B 100 -11.76 -30.65 -6.01
N LYS B 101 -10.50 -30.67 -6.44
CA LYS B 101 -9.53 -31.55 -5.80
C LYS B 101 -9.45 -31.30 -4.29
N THR B 102 -9.23 -30.05 -3.93
CA THR B 102 -9.10 -29.66 -2.54
C THR B 102 -10.35 -29.98 -1.75
N ILE B 103 -11.51 -29.75 -2.35
CA ILE B 103 -12.76 -30.03 -1.67
C ILE B 103 -12.90 -31.54 -1.46
N SER B 104 -12.43 -32.32 -2.43
CA SER B 104 -12.52 -33.76 -2.36
C SER B 104 -11.58 -34.34 -1.29
N GLN B 105 -10.52 -33.61 -0.99
CA GLN B 105 -9.66 -33.99 0.14
C GLN B 105 -10.48 -34.13 1.43
N ARG B 106 -11.49 -33.27 1.57
CA ARG B 106 -12.39 -33.32 2.72
C ARG B 106 -13.24 -34.59 2.69
N VAL B 107 -13.49 -35.12 1.50
CA VAL B 107 -14.24 -36.36 1.39
C VAL B 107 -13.34 -37.52 1.81
N HIS B 108 -12.07 -37.44 1.40
CA HIS B 108 -11.10 -38.44 1.82
C HIS B 108 -11.01 -38.46 3.35
N ARG B 109 -10.97 -37.29 3.97
CA ARG B 109 -10.95 -37.21 5.42
C ARG B 109 -12.27 -37.73 6.02
N LEU B 110 -13.37 -37.47 5.31
CA LEU B 110 -14.68 -37.95 5.71
C LEU B 110 -14.69 -39.46 5.87
N GLU B 111 -14.45 -40.17 4.76
CA GLU B 111 -14.45 -41.63 4.78
C GLU B 111 -13.35 -42.19 5.67
N GLU B 112 -12.28 -41.40 5.83
CA GLU B 112 -11.22 -41.75 6.77
C GLU B 112 -11.78 -41.87 8.19
N LEU B 113 -12.48 -40.82 8.62
CA LEU B 113 -13.03 -40.80 9.96
C LEU B 113 -14.19 -41.77 10.11
N GLU B 114 -14.91 -42.04 9.02
CA GLU B 114 -15.93 -43.08 9.03
C GLU B 114 -15.28 -44.43 9.32
N ALA B 115 -14.09 -44.63 8.75
CA ALA B 115 -13.31 -45.84 9.01
C ALA B 115 -12.83 -45.88 10.45
N LEU B 116 -12.47 -44.71 10.99
CA LEU B 116 -12.01 -44.65 12.39
C LEU B 116 -13.13 -45.01 13.36
N PHE B 117 -14.36 -44.61 13.05
CA PHE B 117 -15.51 -44.93 13.89
C PHE B 117 -16.06 -46.31 13.55
N ALA B 118 -15.55 -46.88 12.47
CA ALA B 118 -15.84 -48.27 12.12
C ALA B 118 -14.97 -49.20 12.94
N SER B 119 -13.66 -49.04 12.77
CA SER B 119 -12.65 -49.89 13.41
C SER B 119 -12.68 -49.77 14.94
N PRO B 120 -11.87 -50.58 15.64
CA PRO B 120 -11.70 -50.48 17.10
C PRO B 120 -11.17 -49.14 17.61
N GLU B 121 -10.69 -48.29 16.73
CA GLU B 121 -9.89 -47.13 17.12
C GLU B 121 -10.70 -45.96 17.66
N ILE B 122 -12.02 -46.14 17.75
CA ILE B 122 -12.91 -45.12 18.30
C ILE B 122 -12.48 -44.66 19.70
N GLU B 123 -12.12 -45.62 20.55
CA GLU B 123 -11.84 -45.34 21.96
C GLU B 123 -10.37 -45.01 22.23
N GLU B 124 -9.51 -45.17 21.24
CA GLU B 124 -8.10 -44.86 21.39
C GLU B 124 -7.87 -43.35 21.41
N ARG B 125 -6.87 -42.92 22.18
CA ARG B 125 -6.57 -41.50 22.41
C ARG B 125 -7.69 -40.86 23.25
N PRO B 126 -7.37 -39.78 23.99
CA PRO B 126 -8.29 -39.24 25.00
C PRO B 126 -9.64 -38.79 24.45
N LYS B 127 -10.61 -38.63 25.35
CA LYS B 127 -11.96 -38.20 25.00
C LYS B 127 -11.94 -36.82 24.33
N LYS B 128 -10.84 -36.10 24.50
CA LYS B 128 -10.64 -34.82 23.82
C LYS B 128 -10.71 -35.00 22.30
N GLU B 129 -10.15 -36.11 21.82
CA GLU B 129 -10.22 -36.43 20.40
C GLU B 129 -11.58 -37.01 20.04
N GLN B 130 -12.11 -37.86 20.90
CA GLN B 130 -13.36 -38.57 20.64
C GLN B 130 -14.55 -37.62 20.57
N VAL B 131 -14.43 -36.48 21.24
CA VAL B 131 -15.47 -35.46 21.19
C VAL B 131 -15.32 -34.65 19.90
N ARG B 132 -14.09 -34.36 19.51
CA ARG B 132 -13.83 -33.54 18.34
C ARG B 132 -14.16 -34.26 17.05
N LEU B 133 -13.41 -35.32 16.78
CA LEU B 133 -13.52 -36.07 15.52
C LEU B 133 -14.96 -36.51 15.25
N LYS B 134 -15.74 -36.72 16.31
CA LYS B 134 -17.15 -37.06 16.18
C LYS B 134 -17.92 -35.90 15.54
N HIS B 135 -17.61 -34.69 15.97
CA HIS B 135 -18.29 -33.50 15.46
C HIS B 135 -17.75 -33.11 14.09
N GLU B 136 -16.48 -33.41 13.86
CA GLU B 136 -15.87 -33.19 12.56
C GLU B 136 -16.58 -34.06 11.53
N LEU B 137 -16.67 -35.35 11.84
CA LEU B 137 -17.43 -36.29 11.02
C LEU B 137 -18.87 -35.83 10.86
N GLU B 138 -19.41 -35.28 11.93
CA GLU B 138 -20.78 -34.77 11.96
C GLU B 138 -21.00 -33.69 10.89
N ARG B 139 -20.15 -32.68 10.88
CA ARG B 139 -20.31 -31.58 9.93
C ARG B 139 -19.95 -32.03 8.51
N LEU B 140 -18.95 -32.90 8.41
CA LEU B 140 -18.53 -33.42 7.12
C LEU B 140 -19.70 -34.13 6.45
N GLN B 141 -20.46 -34.86 7.25
CA GLN B 141 -21.64 -35.53 6.73
C GLN B 141 -22.78 -34.54 6.54
N LYS B 142 -22.76 -33.44 7.29
CA LYS B 142 -23.78 -32.41 7.15
C LYS B 142 -23.71 -31.77 5.76
N TYR B 143 -22.49 -31.53 5.30
CA TYR B 143 -22.26 -30.82 4.02
C TYR B 143 -22.07 -31.79 2.85
N LEU B 144 -21.07 -32.65 2.96
CA LEU B 144 -20.59 -33.46 1.85
C LEU B 144 -21.42 -34.72 1.63
N SER B 145 -22.53 -34.84 2.36
CA SER B 145 -23.45 -35.96 2.25
C SER B 145 -23.72 -36.38 0.81
N GLY B 146 -24.36 -35.50 0.05
CA GLY B 146 -24.64 -35.79 -1.35
C GLY B 146 -23.42 -35.65 -2.25
N PHE B 147 -22.49 -34.79 -1.85
CA PHE B 147 -21.32 -34.49 -2.68
C PHE B 147 -20.28 -35.61 -2.66
N ARG B 148 -20.45 -36.56 -1.75
CA ARG B 148 -19.46 -37.61 -1.53
C ARG B 148 -19.35 -38.59 -2.70
N LEU B 149 -20.39 -38.61 -3.55
CA LEU B 149 -20.44 -39.57 -4.63
C LEU B 149 -19.55 -39.16 -5.82
N LEU B 150 -19.18 -37.89 -5.89
CA LEU B 150 -18.38 -37.44 -7.04
C LEU B 150 -16.92 -37.81 -6.88
N LYS B 151 -16.43 -38.69 -7.74
CA LYS B 151 -15.01 -39.01 -7.80
C LYS B 151 -14.36 -38.17 -8.89
N ARG B 152 -15.20 -37.50 -9.68
CA ARG B 152 -14.71 -36.67 -10.77
C ARG B 152 -15.75 -35.60 -11.12
N LEU B 153 -15.33 -34.56 -11.83
CA LEU B 153 -16.23 -33.48 -12.20
C LEU B 153 -17.46 -34.00 -12.91
N PRO B 154 -18.63 -33.41 -12.61
CA PRO B 154 -19.90 -33.81 -13.21
C PRO B 154 -19.94 -33.52 -14.70
N ASP B 155 -20.86 -34.16 -15.41
CA ASP B 155 -20.99 -33.94 -16.84
C ASP B 155 -22.07 -32.91 -17.11
N ALA B 156 -22.73 -32.48 -16.04
CA ALA B 156 -23.78 -31.48 -16.08
C ALA B 156 -24.25 -31.20 -14.67
N ILE B 157 -24.93 -30.08 -14.47
CA ILE B 157 -25.47 -29.76 -13.15
C ILE B 157 -26.93 -29.36 -13.26
N PHE B 158 -27.70 -29.70 -12.23
CA PHE B 158 -29.11 -29.35 -12.16
C PHE B 158 -29.34 -28.38 -11.02
N VAL B 159 -29.99 -27.26 -11.31
CA VAL B 159 -30.12 -26.18 -10.34
C VAL B 159 -31.59 -25.85 -10.12
N VAL B 160 -31.96 -25.59 -8.88
CA VAL B 160 -33.34 -25.24 -8.55
C VAL B 160 -33.60 -23.74 -8.76
N ASP B 161 -32.93 -22.88 -7.99
CA ASP B 161 -33.01 -21.44 -8.24
C ASP B 161 -31.64 -20.89 -8.64
N PRO B 162 -31.46 -20.55 -9.92
CA PRO B 162 -30.15 -20.18 -10.45
C PRO B 162 -29.65 -18.83 -9.94
N THR B 163 -30.55 -18.02 -9.41
CA THR B 163 -30.17 -16.73 -8.86
C THR B 163 -29.57 -16.91 -7.47
N LYS B 164 -30.14 -17.83 -6.70
CA LYS B 164 -29.67 -18.10 -5.35
C LYS B 164 -28.39 -18.92 -5.39
N GLU B 165 -28.33 -19.87 -6.32
CA GLU B 165 -27.22 -20.80 -6.44
C GLU B 165 -26.15 -20.33 -7.41
N ALA B 166 -26.28 -19.08 -7.84
CA ALA B 166 -25.52 -18.53 -8.97
C ALA B 166 -23.99 -18.72 -8.91
N ILE B 167 -23.43 -18.93 -7.73
CA ILE B 167 -22.01 -19.23 -7.63
C ILE B 167 -21.73 -20.57 -8.29
N ALA B 168 -22.55 -21.56 -7.95
CA ALA B 168 -22.46 -22.87 -8.58
C ALA B 168 -22.51 -22.72 -10.10
N VAL B 169 -23.49 -21.95 -10.57
CA VAL B 169 -23.63 -21.68 -11.99
C VAL B 169 -22.32 -21.15 -12.56
N ARG B 170 -21.79 -20.11 -11.93
CA ARG B 170 -20.57 -19.47 -12.41
C ARG B 170 -19.42 -20.47 -12.53
N GLU B 171 -19.28 -21.35 -11.56
CA GLU B 171 -18.21 -22.35 -11.60
C GLU B 171 -18.43 -23.34 -12.73
N ALA B 172 -19.67 -23.78 -12.90
CA ALA B 172 -20.01 -24.67 -14.00
C ALA B 172 -19.60 -24.05 -15.32
N ARG B 173 -20.13 -22.85 -15.60
CA ARG B 173 -19.76 -22.09 -16.80
C ARG B 173 -18.25 -22.03 -16.97
N LYS B 174 -17.54 -21.68 -15.90
CA LYS B 174 -16.08 -21.57 -15.96
C LYS B 174 -15.43 -22.86 -16.40
N LEU B 175 -16.00 -23.99 -15.99
CA LEU B 175 -15.44 -25.29 -16.31
C LEU B 175 -16.04 -25.92 -17.57
N PHE B 176 -16.86 -25.13 -18.26
CA PHE B 176 -17.54 -25.54 -19.50
C PHE B 176 -18.54 -26.66 -19.22
N ILE B 177 -19.02 -26.72 -17.99
CA ILE B 177 -19.99 -27.72 -17.58
C ILE B 177 -21.39 -27.25 -17.91
N PRO B 178 -22.11 -28.03 -18.73
CA PRO B 178 -23.49 -27.73 -19.13
C PRO B 178 -24.38 -27.45 -17.93
N VAL B 179 -25.24 -26.44 -18.04
CA VAL B 179 -26.07 -26.02 -16.92
C VAL B 179 -27.54 -26.23 -17.21
N ILE B 180 -28.16 -27.10 -16.42
CA ILE B 180 -29.60 -27.29 -16.45
C ILE B 180 -30.16 -26.60 -15.22
N ALA B 181 -31.26 -25.87 -15.38
CA ALA B 181 -31.87 -25.20 -14.24
C ALA B 181 -33.37 -24.98 -14.39
N LEU B 182 -34.06 -25.04 -13.25
CA LEU B 182 -35.41 -24.52 -13.13
C LEU B 182 -35.26 -23.02 -12.95
N ALA B 183 -35.95 -22.22 -13.77
CA ALA B 183 -35.76 -20.78 -13.70
C ALA B 183 -37.06 -20.05 -13.43
N ASP B 184 -36.98 -19.01 -12.60
CA ASP B 184 -38.14 -18.18 -12.32
C ASP B 184 -37.90 -16.82 -12.95
N THR B 185 -38.84 -15.89 -12.77
CA THR B 185 -38.78 -14.62 -13.45
C THR B 185 -37.61 -13.77 -12.96
N ASP B 186 -37.03 -14.13 -11.83
CA ASP B 186 -35.98 -13.33 -11.20
C ASP B 186 -34.60 -13.69 -11.70
N SER B 187 -34.52 -14.59 -12.68
CA SER B 187 -33.24 -15.16 -13.09
C SER B 187 -32.84 -14.81 -14.53
N ASP B 188 -31.54 -14.87 -14.81
CA ASP B 188 -31.01 -14.64 -16.15
C ASP B 188 -31.01 -15.93 -16.95
N PRO B 189 -31.80 -15.95 -18.04
CA PRO B 189 -31.89 -17.13 -18.91
C PRO B 189 -30.56 -17.46 -19.58
N ASP B 190 -29.84 -16.42 -19.98
CA ASP B 190 -28.66 -16.58 -20.82
C ASP B 190 -27.57 -17.43 -20.19
N LEU B 191 -27.46 -17.40 -18.87
CA LEU B 191 -26.43 -18.17 -18.17
C LEU B 191 -26.78 -19.65 -18.12
N VAL B 192 -28.06 -19.95 -18.35
CA VAL B 192 -28.53 -21.32 -18.30
C VAL B 192 -28.61 -21.92 -19.70
N ASP B 193 -27.82 -22.96 -19.93
CA ASP B 193 -27.82 -23.66 -21.21
C ASP B 193 -29.19 -24.24 -21.56
N TYR B 194 -29.66 -25.19 -20.76
CA TYR B 194 -30.99 -25.77 -20.95
C TYR B 194 -31.92 -25.35 -19.82
N ILE B 195 -33.00 -24.64 -20.17
CA ILE B 195 -33.80 -23.92 -19.19
C ILE B 195 -35.14 -24.60 -18.92
N ILE B 196 -35.60 -24.49 -17.67
CA ILE B 196 -36.94 -24.95 -17.29
C ILE B 196 -37.67 -23.81 -16.59
N PRO B 197 -38.42 -23.02 -17.36
CA PRO B 197 -39.08 -21.78 -16.93
C PRO B 197 -40.32 -22.01 -16.06
N GLY B 198 -40.15 -22.17 -14.76
CA GLY B 198 -41.26 -22.38 -13.85
C GLY B 198 -41.05 -21.85 -12.45
N ASN B 199 -42.00 -22.07 -11.57
CA ASN B 199 -41.92 -21.50 -10.22
C ASN B 199 -40.81 -22.17 -9.40
N ASP B 200 -39.91 -21.35 -8.86
CA ASP B 200 -38.82 -21.86 -8.03
C ASP B 200 -39.28 -22.03 -6.59
N ASP B 201 -40.40 -21.40 -6.25
CA ASP B 201 -40.82 -21.28 -4.86
C ASP B 201 -41.70 -22.44 -4.39
N ALA B 202 -42.89 -22.55 -4.98
CA ALA B 202 -43.86 -23.57 -4.59
C ALA B 202 -43.27 -24.97 -4.61
N ILE B 203 -43.58 -25.76 -3.60
CA ILE B 203 -43.02 -27.10 -3.45
C ILE B 203 -43.58 -28.01 -4.53
N ARG B 204 -44.79 -27.70 -5.00
CA ARG B 204 -45.46 -28.54 -6.00
C ARG B 204 -44.69 -28.59 -7.30
N SER B 205 -44.26 -27.42 -7.78
CA SER B 205 -43.51 -27.31 -9.02
C SER B 205 -42.20 -28.09 -8.94
N ILE B 206 -41.44 -27.85 -7.88
CA ILE B 206 -40.15 -28.50 -7.69
C ILE B 206 -40.32 -30.01 -7.63
N GLN B 207 -41.24 -30.46 -6.77
CA GLN B 207 -41.50 -31.89 -6.62
C GLN B 207 -41.84 -32.50 -7.97
N LEU B 208 -42.76 -31.86 -8.68
CA LEU B 208 -43.19 -32.32 -10.00
C LEU B 208 -41.99 -32.49 -10.93
N ILE B 209 -41.34 -31.38 -11.25
CA ILE B 209 -40.26 -31.36 -12.23
C ILE B 209 -39.14 -32.32 -11.87
N LEU B 210 -38.67 -32.27 -10.63
CA LEU B 210 -37.57 -33.13 -10.21
C LEU B 210 -37.94 -34.60 -10.25
N SER B 211 -39.12 -34.94 -9.73
CA SER B 211 -39.57 -36.32 -9.73
C SER B 211 -39.63 -36.86 -11.16
N ARG B 212 -40.29 -36.12 -12.04
CA ARG B 212 -40.40 -36.53 -13.42
C ARG B 212 -39.03 -36.65 -14.07
N ALA B 213 -38.10 -35.78 -13.65
CA ALA B 213 -36.76 -35.76 -14.22
C ALA B 213 -35.97 -37.01 -13.85
N VAL B 214 -35.96 -37.34 -12.57
CA VAL B 214 -35.29 -38.54 -12.09
C VAL B 214 -35.94 -39.76 -12.74
N ASP B 215 -37.27 -39.74 -12.84
CA ASP B 215 -38.02 -40.80 -13.48
C ASP B 215 -37.57 -40.97 -14.92
N LEU B 216 -37.29 -39.85 -15.59
CA LEU B 216 -36.77 -39.89 -16.94
C LEU B 216 -35.39 -40.54 -16.94
N ILE B 217 -34.58 -40.21 -15.94
CA ILE B 217 -33.22 -40.74 -15.86
C ILE B 217 -33.25 -42.26 -15.75
N ILE B 218 -33.93 -42.76 -14.73
CA ILE B 218 -33.97 -44.20 -14.52
C ILE B 218 -34.73 -44.89 -15.65
N GLN B 219 -35.61 -44.14 -16.33
CA GLN B 219 -36.27 -44.70 -17.51
C GLN B 219 -35.25 -44.89 -18.63
N ALA B 220 -34.30 -43.96 -18.72
CA ALA B 220 -33.27 -44.01 -19.74
C ALA B 220 -32.26 -45.10 -19.45
N ARG B 221 -31.98 -45.32 -18.17
CA ARG B 221 -31.01 -46.34 -17.78
C ARG B 221 -31.69 -47.69 -17.56
N GLY B 222 -33.01 -47.72 -17.78
CA GLY B 222 -33.77 -48.95 -17.69
C GLY B 222 -34.24 -49.30 -16.28
N GLY B 223 -35.31 -50.09 -16.20
CA GLY B 223 -35.84 -50.55 -14.93
C GLY B 223 -37.10 -49.86 -14.44
N VAL B 224 -37.33 -48.64 -14.92
CA VAL B 224 -38.57 -47.89 -14.66
C VAL B 224 -38.99 -47.92 -13.18
N VAL B 225 -38.24 -47.24 -12.33
CA VAL B 225 -38.52 -47.17 -10.90
C VAL B 225 -39.93 -46.64 -10.63
N GLU B 226 -40.53 -47.12 -9.54
CA GLU B 226 -41.86 -46.73 -9.10
C GLU B 226 -41.95 -45.23 -8.84
N PRO B 227 -43.19 -44.68 -8.83
CA PRO B 227 -43.40 -43.26 -8.52
C PRO B 227 -42.69 -42.79 -7.25
N SER B 228 -42.04 -41.63 -7.33
CA SER B 228 -41.20 -41.12 -6.26
C SER B 228 -41.96 -40.83 -4.97
N PRO B 229 -41.39 -41.23 -3.81
CA PRO B 229 -42.01 -40.94 -2.52
C PRO B 229 -41.64 -39.56 -1.97
N SER B 230 -41.74 -38.53 -2.79
CA SER B 230 -41.54 -37.16 -2.32
C SER B 230 -42.88 -36.47 -2.09
N TYR B 231 -43.97 -37.17 -2.41
CA TYR B 231 -45.31 -36.61 -2.36
C TYR B 231 -45.71 -36.31 -0.92
N ALA B 232 -45.14 -37.05 0.02
CA ALA B 232 -45.46 -36.91 1.43
C ALA B 232 -44.88 -35.62 2.01
N LEU B 233 -44.00 -34.98 1.23
CA LEU B 233 -43.35 -33.75 1.68
C LEU B 233 -44.23 -32.54 1.39
N VAL B 234 -45.41 -32.79 0.84
CA VAL B 234 -46.44 -31.76 0.70
C VAL B 234 -46.76 -31.17 2.08
N GLN B 235 -46.76 -32.02 3.09
CA GLN B 235 -46.89 -31.63 4.50
C GLN B 235 -48.30 -31.14 4.83
N GLU B 236 -49.11 -30.91 3.80
N GLY C 1 16.41 -12.98 19.84
CA GLY C 1 17.09 -13.82 20.82
C GLY C 1 16.15 -14.69 21.64
N ASN C 2 15.77 -15.82 21.07
CA ASN C 2 14.79 -16.71 21.68
C ASN C 2 15.04 -18.13 21.15
N LYS C 3 14.09 -19.04 21.35
CA LYS C 3 14.18 -20.40 20.81
C LYS C 3 15.37 -21.22 21.33
N ILE C 4 15.25 -21.73 22.55
CA ILE C 4 16.29 -22.61 23.11
C ILE C 4 16.47 -23.89 22.32
N HIS C 5 17.65 -24.48 22.49
CA HIS C 5 18.07 -25.70 21.82
C HIS C 5 17.07 -26.83 22.03
N PRO C 6 16.52 -27.37 20.94
CA PRO C 6 15.48 -28.41 20.98
C PRO C 6 15.97 -29.74 21.56
N ILE C 7 17.22 -30.08 21.30
CA ILE C 7 17.80 -31.27 21.88
C ILE C 7 17.85 -31.12 23.40
N GLY C 8 18.50 -30.04 23.85
CA GLY C 8 18.58 -29.75 25.27
C GLY C 8 17.22 -29.59 25.93
N PHE C 9 16.26 -29.10 25.16
CA PHE C 9 14.90 -28.96 25.64
C PHE C 9 14.28 -30.33 25.89
N ARG C 10 14.55 -31.26 24.98
CA ARG C 10 13.94 -32.57 25.01
C ARG C 10 14.76 -33.67 25.68
N LEU C 11 15.89 -33.32 26.27
CA LEU C 11 16.78 -34.32 26.88
C LEU C 11 16.05 -35.24 27.85
N GLY C 12 14.98 -34.76 28.45
CA GLY C 12 14.18 -35.58 29.34
C GLY C 12 13.48 -36.73 28.64
N ILE C 13 12.68 -36.40 27.63
CA ILE C 13 11.88 -37.40 26.93
C ILE C 13 12.09 -37.28 25.42
N THR C 14 12.18 -38.43 24.76
CA THR C 14 12.45 -38.54 23.31
C THR C 14 13.79 -37.93 22.90
N ARG C 15 14.70 -37.84 23.86
CA ARG C 15 16.10 -37.58 23.57
C ARG C 15 16.95 -38.13 24.70
N ASP C 16 18.16 -38.59 24.38
CA ASP C 16 19.06 -39.13 25.41
C ASP C 16 20.45 -38.51 25.32
N TRP C 17 21.20 -38.60 26.40
CA TRP C 17 22.52 -37.98 26.48
C TRP C 17 23.53 -38.69 25.60
N GLU C 18 24.43 -37.91 25.00
CA GLU C 18 25.50 -38.47 24.18
C GLU C 18 26.52 -39.18 25.07
N SER C 19 26.77 -38.61 26.24
CA SER C 19 27.62 -39.25 27.23
C SER C 19 26.78 -39.75 28.39
N ARG C 20 26.67 -41.07 28.54
CA ARG C 20 25.93 -41.62 29.67
C ARG C 20 26.79 -42.49 30.56
N TRP C 21 27.12 -41.97 31.73
CA TRP C 21 27.85 -42.68 32.76
C TRP C 21 27.64 -41.96 34.08
N TYR C 22 27.94 -42.64 35.18
CA TYR C 22 27.87 -42.02 36.50
C TYR C 22 29.27 -41.75 37.01
N ALA C 23 29.42 -40.69 37.79
CA ALA C 23 30.70 -40.39 38.41
C ALA C 23 30.53 -39.52 39.64
N GLY C 24 31.53 -39.51 40.50
CA GLY C 24 31.51 -38.67 41.69
C GLY C 24 31.99 -37.27 41.38
N LYS C 25 31.88 -36.39 42.36
CA LYS C 25 32.27 -34.99 42.20
C LYS C 25 33.78 -34.83 41.97
N LYS C 26 34.55 -35.78 42.47
CA LYS C 26 36.00 -35.77 42.28
C LYS C 26 36.35 -36.45 40.95
N GLN C 27 35.36 -37.15 40.41
CA GLN C 27 35.51 -37.91 39.18
C GLN C 27 35.05 -37.09 37.97
N TYR C 28 33.81 -36.64 38.05
CA TYR C 28 33.05 -36.09 36.91
C TYR C 28 33.85 -35.19 35.98
N ARG C 29 34.36 -34.08 36.48
CA ARG C 29 35.05 -33.12 35.62
C ARG C 29 36.14 -33.74 34.75
N HIS C 30 36.86 -34.73 35.30
CA HIS C 30 37.92 -35.38 34.56
C HIS C 30 37.42 -36.25 33.42
N LEU C 31 36.43 -37.09 33.72
CA LEU C 31 35.84 -37.96 32.70
C LEU C 31 35.18 -37.13 31.61
N LEU C 32 34.57 -36.03 32.02
CA LEU C 32 33.94 -35.10 31.09
C LEU C 32 34.96 -34.48 30.16
N LEU C 33 36.05 -34.00 30.74
CA LEU C 33 37.16 -33.46 29.95
C LEU C 33 37.64 -34.51 28.96
N GLU C 34 37.71 -35.75 29.42
CA GLU C 34 38.14 -36.85 28.59
C GLU C 34 37.23 -37.02 27.39
N ASP C 35 35.93 -37.11 27.65
CA ASP C 35 34.92 -37.20 26.58
C ASP C 35 35.11 -36.07 25.57
N GLN C 36 35.36 -34.87 26.10
CA GLN C 36 35.53 -33.70 25.26
C GLN C 36 36.73 -33.89 24.34
N ARG C 37 37.82 -34.43 24.87
CA ARG C 37 39.02 -34.64 24.06
C ARG C 37 38.77 -35.72 23.02
N ILE C 38 37.99 -36.72 23.40
CA ILE C 38 37.64 -37.83 22.54
C ILE C 38 36.85 -37.36 21.32
N ARG C 39 35.75 -36.67 21.57
CA ARG C 39 34.93 -36.15 20.49
C ARG C 39 35.71 -35.13 19.67
N GLY C 40 36.55 -34.37 20.37
CA GLY C 40 37.37 -33.36 19.74
C GLY C 40 38.34 -33.92 18.71
N LEU C 41 38.96 -35.06 19.03
CA LEU C 41 39.86 -35.69 18.08
C LEU C 41 39.07 -36.45 17.02
N LEU C 42 37.97 -37.07 17.43
CA LEU C 42 37.13 -37.88 16.55
C LEU C 42 36.55 -37.07 15.40
N GLU C 43 35.99 -35.92 15.71
CA GLU C 43 35.30 -35.11 14.70
C GLU C 43 36.26 -34.43 13.75
N LYS C 44 37.52 -34.27 14.16
CA LYS C 44 38.53 -33.63 13.31
C LYS C 44 39.24 -34.66 12.45
N GLU C 45 38.77 -35.90 12.53
CA GLU C 45 39.32 -37.00 11.74
C GLU C 45 38.24 -37.59 10.83
N LEU C 46 37.17 -38.07 11.46
CA LEU C 46 36.15 -38.86 10.77
C LEU C 46 35.11 -38.04 10.03
N TYR C 47 35.30 -36.72 9.99
CA TYR C 47 34.36 -35.83 9.30
C TYR C 47 34.02 -36.26 7.88
N SER C 48 35.03 -36.73 7.16
CA SER C 48 34.87 -37.14 5.76
C SER C 48 33.94 -38.35 5.62
N ALA C 49 33.73 -39.06 6.72
CA ALA C 49 32.84 -40.20 6.74
C ALA C 49 31.42 -39.78 7.13
N GLY C 50 31.26 -38.51 7.47
CA GLY C 50 29.97 -37.99 7.85
C GLY C 50 29.43 -38.50 9.17
N LEU C 51 30.17 -38.26 10.25
CA LEU C 51 29.72 -38.72 11.57
C LEU C 51 28.59 -37.84 12.09
N ALA C 52 27.46 -38.47 12.36
CA ALA C 52 26.27 -37.75 12.80
C ALA C 52 26.21 -37.63 14.32
N ARG C 53 27.04 -38.41 15.01
CA ARG C 53 27.01 -38.46 16.47
C ARG C 53 28.09 -39.37 17.03
N VAL C 54 28.45 -39.12 18.28
CA VAL C 54 29.39 -39.95 19.02
C VAL C 54 28.81 -40.21 20.40
N ASP C 55 28.48 -41.47 20.68
CA ASP C 55 27.96 -41.82 21.99
C ASP C 55 29.10 -42.36 22.84
N ILE C 56 29.11 -42.04 24.13
CA ILE C 56 30.19 -42.48 24.99
C ILE C 56 29.63 -43.03 26.29
N GLU C 57 29.93 -44.29 26.58
CA GLU C 57 29.45 -44.96 27.78
C GLU C 57 30.62 -45.54 28.57
N ARG C 58 30.49 -45.59 29.88
CA ARG C 58 31.57 -46.13 30.72
C ARG C 58 31.03 -46.97 31.87
N ALA C 59 31.83 -47.92 32.32
CA ALA C 59 31.57 -48.63 33.56
C ALA C 59 32.76 -48.48 34.50
N ALA C 60 33.82 -49.22 34.24
CA ALA C 60 35.08 -49.02 34.94
C ALA C 60 36.25 -49.06 33.96
N ASP C 61 36.92 -47.92 33.78
CA ASP C 61 38.08 -47.82 32.90
C ASP C 61 37.87 -48.42 31.52
N ASN C 62 36.63 -48.37 31.05
CA ASN C 62 36.29 -48.87 29.72
C ASN C 62 35.25 -47.97 29.08
N VAL C 63 35.45 -47.65 27.81
CA VAL C 63 34.65 -46.63 27.15
C VAL C 63 34.04 -47.15 25.85
N ALA C 64 32.73 -47.00 25.72
CA ALA C 64 32.00 -47.47 24.54
C ALA C 64 32.50 -46.82 23.25
N VAL C 65 32.28 -45.53 23.15
CA VAL C 65 32.61 -44.76 21.95
C VAL C 65 31.95 -45.39 20.73
N THR C 66 30.63 -45.30 20.67
CA THR C 66 29.89 -45.76 19.51
C THR C 66 29.78 -44.61 18.52
N VAL C 67 30.40 -44.77 17.36
CA VAL C 67 30.46 -43.69 16.39
C VAL C 67 29.43 -43.92 15.29
N HIS C 68 28.47 -43.00 15.17
CA HIS C 68 27.46 -43.11 14.13
C HIS C 68 27.91 -42.40 12.87
N VAL C 69 28.08 -43.16 11.80
CA VAL C 69 28.66 -42.64 10.57
C VAL C 69 27.79 -42.99 9.37
N ALA C 70 27.68 -42.06 8.43
CA ALA C 70 26.91 -42.30 7.21
C ALA C 70 27.59 -43.34 6.33
N LYS C 71 28.92 -43.26 6.25
CA LYS C 71 29.69 -44.15 5.38
C LYS C 71 30.76 -44.91 6.16
N PRO C 72 30.37 -45.99 6.85
CA PRO C 72 31.28 -46.77 7.71
C PRO C 72 32.48 -47.34 6.96
N GLY C 73 32.34 -47.50 5.64
CA GLY C 73 33.42 -47.98 4.81
C GLY C 73 34.67 -47.13 4.91
N VAL C 74 34.50 -45.86 5.26
CA VAL C 74 35.61 -44.94 5.40
C VAL C 74 36.29 -45.12 6.76
N VAL C 75 35.50 -45.30 7.81
CA VAL C 75 36.04 -45.43 9.16
C VAL C 75 36.72 -46.78 9.33
N ILE C 76 36.27 -47.76 8.57
CA ILE C 76 36.88 -49.09 8.67
C ILE C 76 38.24 -49.08 7.98
N GLY C 77 38.28 -48.56 6.76
CA GLY C 77 39.51 -48.53 5.99
C GLY C 77 39.72 -49.79 5.19
N ARG C 78 40.96 -50.05 4.79
CA ARG C 78 41.26 -51.26 4.04
C ARG C 78 41.59 -52.40 5.00
N GLY C 79 40.73 -53.42 5.02
CA GLY C 79 40.92 -54.54 5.91
C GLY C 79 40.70 -54.24 7.38
N GLY C 80 40.40 -52.99 7.69
CA GLY C 80 40.17 -52.59 9.06
C GLY C 80 41.39 -52.07 9.81
N GLU C 81 42.37 -51.55 9.07
CA GLU C 81 43.58 -51.00 9.70
C GLU C 81 43.32 -49.59 10.26
N ARG C 82 42.39 -48.87 9.64
CA ARG C 82 42.03 -47.53 10.08
C ARG C 82 41.54 -47.55 11.52
N ILE C 83 40.54 -48.36 11.79
CA ILE C 83 39.94 -48.45 13.12
C ILE C 83 41.00 -48.90 14.14
N ARG C 84 41.96 -49.68 13.68
CA ARG C 84 43.09 -50.09 14.51
C ARG C 84 43.91 -48.88 14.93
N VAL C 85 44.31 -48.08 13.96
CA VAL C 85 45.10 -46.87 14.23
C VAL C 85 44.32 -45.95 15.16
N LEU C 86 43.01 -45.88 14.95
CA LEU C 86 42.15 -45.01 15.75
C LEU C 86 42.10 -45.48 17.20
N ARG C 87 41.97 -46.78 17.40
CA ARG C 87 41.99 -47.34 18.75
C ARG C 87 43.36 -47.09 19.40
N GLU C 88 44.39 -47.05 18.56
CA GLU C 88 45.73 -46.76 19.03
C GLU C 88 45.83 -45.33 19.56
N GLU C 89 45.34 -44.37 18.77
CA GLU C 89 45.36 -42.96 19.19
C GLU C 89 44.50 -42.76 20.43
N LEU C 90 43.40 -43.51 20.49
CA LEU C 90 42.51 -43.54 21.64
C LEU C 90 43.28 -43.92 22.89
N ALA C 91 43.99 -45.04 22.83
CA ALA C 91 44.72 -45.54 24.00
C ALA C 91 45.92 -44.64 24.33
N LYS C 92 46.45 -43.94 23.33
CA LYS C 92 47.60 -43.06 23.56
C LYS C 92 47.19 -41.74 24.18
N LEU C 93 45.98 -41.28 23.89
CA LEU C 93 45.47 -40.08 24.52
C LEU C 93 45.12 -40.38 25.97
N THR C 94 44.11 -41.23 26.16
CA THR C 94 43.73 -41.69 27.48
C THR C 94 44.21 -43.11 27.69
N GLY C 95 44.85 -43.37 28.82
CA GLY C 95 45.43 -44.68 29.08
C GLY C 95 44.43 -45.78 29.36
N LYS C 96 43.15 -45.46 29.18
CA LYS C 96 42.06 -46.39 29.49
C LYS C 96 42.14 -47.67 28.65
N ASN C 97 42.66 -47.55 27.43
CA ASN C 97 42.82 -48.68 26.51
C ASN C 97 41.50 -49.41 26.30
N VAL C 98 40.59 -48.75 25.59
CA VAL C 98 39.24 -49.29 25.44
C VAL C 98 38.93 -49.63 23.99
N ALA C 99 37.73 -50.16 23.76
CA ALA C 99 37.32 -50.58 22.44
C ALA C 99 36.52 -49.47 21.75
N LEU C 100 36.04 -49.79 20.55
CA LEU C 100 35.33 -48.83 19.72
C LEU C 100 34.33 -49.58 18.84
N ASN C 101 33.19 -48.97 18.55
CA ASN C 101 32.19 -49.59 17.68
C ASN C 101 31.63 -48.61 16.68
N VAL C 102 31.27 -49.12 15.50
CA VAL C 102 30.76 -48.28 14.43
C VAL C 102 29.31 -48.62 14.13
N GLN C 103 28.48 -47.58 14.00
CA GLN C 103 27.07 -47.75 13.65
C GLN C 103 26.78 -47.03 12.34
N GLU C 104 26.20 -47.74 11.38
CA GLU C 104 25.83 -47.12 10.11
C GLU C 104 24.55 -46.32 10.29
N VAL C 105 24.43 -45.25 9.52
CA VAL C 105 23.24 -44.42 9.55
C VAL C 105 22.46 -44.57 8.25
N GLN C 106 21.29 -45.19 8.34
CA GLN C 106 20.45 -45.35 7.16
C GLN C 106 19.82 -44.02 6.80
N ASN C 107 19.87 -43.68 5.51
CA ASN C 107 19.37 -42.39 5.03
C ASN C 107 20.01 -41.25 5.81
N PRO C 108 21.28 -40.93 5.50
CA PRO C 108 22.02 -39.86 6.16
C PRO C 108 21.29 -38.53 6.12
N ASN C 109 20.35 -38.40 5.20
CA ASN C 109 19.56 -37.19 5.06
C ASN C 109 18.45 -37.08 6.11
N LEU C 110 18.25 -38.12 6.92
CA LEU C 110 17.29 -38.03 8.01
C LEU C 110 17.93 -37.68 9.35
N SER C 111 19.25 -37.53 9.35
CA SER C 111 19.94 -37.06 10.55
C SER C 111 20.42 -35.64 10.31
N ALA C 112 19.86 -34.72 11.09
CA ALA C 112 20.11 -33.29 10.94
C ALA C 112 21.58 -32.86 10.80
N PRO C 113 22.50 -33.40 11.63
CA PRO C 113 23.88 -32.91 11.49
C PRO C 113 24.46 -33.12 10.10
N LEU C 114 24.12 -34.24 9.48
CA LEU C 114 24.61 -34.55 8.15
C LEU C 114 24.00 -33.62 7.11
N VAL C 115 22.71 -33.33 7.26
CA VAL C 115 22.03 -32.41 6.36
C VAL C 115 22.70 -31.05 6.42
N ALA C 116 22.84 -30.55 7.63
CA ALA C 116 23.48 -29.27 7.88
C ALA C 116 24.88 -29.24 7.32
N GLN C 117 25.60 -30.36 7.43
CA GLN C 117 26.95 -30.45 6.90
C GLN C 117 26.96 -30.39 5.38
N ARG C 118 25.95 -30.98 4.76
CA ARG C 118 25.82 -30.96 3.31
C ARG C 118 25.63 -29.52 2.85
N VAL C 119 24.64 -28.85 3.44
CA VAL C 119 24.35 -27.46 3.12
C VAL C 119 25.59 -26.60 3.34
N ALA C 120 26.34 -26.95 4.38
CA ALA C 120 27.58 -26.25 4.71
C ALA C 120 28.60 -26.38 3.59
N GLU C 121 28.85 -27.61 3.14
CA GLU C 121 29.79 -27.87 2.06
C GLU C 121 29.39 -27.11 0.81
N GLN C 122 28.13 -27.26 0.43
CA GLN C 122 27.59 -26.58 -0.73
C GLN C 122 27.85 -25.08 -0.66
N ILE C 123 27.51 -24.46 0.47
CA ILE C 123 27.74 -23.04 0.65
C ILE C 123 29.23 -22.70 0.55
N GLU C 124 30.07 -23.61 1.02
CA GLU C 124 31.51 -23.39 0.95
C GLU C 124 32.02 -23.47 -0.48
N ARG C 125 31.26 -24.12 -1.36
CA ARG C 125 31.69 -24.25 -2.76
C ARG C 125 31.20 -23.07 -3.60
N ARG C 126 30.57 -22.10 -2.93
CA ARG C 126 29.88 -20.99 -3.59
C ARG C 126 28.72 -21.49 -4.44
N PHE C 127 27.92 -22.37 -3.84
CA PHE C 127 26.67 -22.83 -4.46
C PHE C 127 25.65 -21.70 -4.32
N ALA C 128 24.45 -21.91 -4.85
CA ALA C 128 23.39 -20.93 -4.66
C ALA C 128 22.68 -21.30 -3.37
N VAL C 129 22.82 -20.43 -2.38
CA VAL C 129 22.40 -20.75 -1.01
C VAL C 129 20.90 -21.02 -0.95
N ARG C 130 20.12 -20.20 -1.64
CA ARG C 130 18.68 -20.37 -1.67
C ARG C 130 18.30 -21.76 -2.19
N ARG C 131 18.81 -22.10 -3.37
CA ARG C 131 18.52 -23.39 -3.97
C ARG C 131 19.16 -24.53 -3.18
N ALA C 132 20.26 -24.23 -2.49
CA ALA C 132 20.90 -25.22 -1.64
C ALA C 132 19.95 -25.65 -0.53
N ILE C 133 19.39 -24.65 0.14
CA ILE C 133 18.46 -24.89 1.22
C ILE C 133 17.22 -25.58 0.71
N LYS C 134 16.61 -25.02 -0.34
CA LYS C 134 15.39 -25.59 -0.90
C LYS C 134 15.59 -27.05 -1.29
N GLN C 135 16.70 -27.34 -1.97
CA GLN C 135 17.02 -28.70 -2.37
C GLN C 135 17.21 -29.61 -1.18
N ALA C 136 17.93 -29.12 -0.16
CA ALA C 136 18.16 -29.91 1.03
C ALA C 136 16.85 -30.31 1.70
N VAL C 137 15.99 -29.32 1.93
CA VAL C 137 14.69 -29.57 2.52
C VAL C 137 13.93 -30.58 1.68
N GLN C 138 14.04 -30.44 0.38
CA GLN C 138 13.39 -31.35 -0.56
C GLN C 138 13.83 -32.79 -0.34
N ARG C 139 15.14 -32.99 -0.36
CA ARG C 139 15.72 -34.33 -0.23
C ARG C 139 15.42 -34.95 1.12
N VAL C 140 15.34 -34.12 2.15
CA VAL C 140 15.00 -34.61 3.48
C VAL C 140 13.55 -35.04 3.51
N MET C 141 12.67 -34.18 3.00
CA MET C 141 11.24 -34.43 3.03
C MET C 141 10.80 -35.62 2.20
N GLU C 142 11.43 -35.81 1.05
CA GLU C 142 11.00 -36.81 0.08
C GLU C 142 11.19 -38.22 0.64
N SER C 143 12.08 -38.36 1.60
CA SER C 143 12.27 -39.65 2.28
C SER C 143 11.87 -39.55 3.75
N GLY C 144 10.74 -40.16 4.11
CA GLY C 144 10.22 -40.08 5.46
C GLY C 144 9.94 -38.65 5.89
N ALA C 145 10.43 -38.27 7.06
CA ALA C 145 10.49 -36.86 7.46
C ALA C 145 9.14 -36.14 7.45
N LYS C 146 8.33 -36.38 8.47
CA LYS C 146 7.06 -35.67 8.61
C LYS C 146 7.20 -34.14 8.65
N GLY C 147 8.41 -33.63 8.93
CA GLY C 147 8.67 -32.21 8.80
C GLY C 147 10.13 -31.85 8.63
N ALA C 148 10.42 -30.70 8.03
CA ALA C 148 11.80 -30.27 7.84
C ALA C 148 11.97 -28.76 7.76
N LYS C 149 13.07 -28.28 8.32
CA LYS C 149 13.41 -26.85 8.28
C LYS C 149 14.92 -26.67 8.14
N VAL C 150 15.37 -25.76 7.29
CA VAL C 150 16.79 -25.50 7.18
C VAL C 150 17.05 -24.00 7.15
N ILE C 151 17.94 -23.51 8.00
CA ILE C 151 18.15 -22.07 8.14
C ILE C 151 19.61 -21.68 7.93
N VAL C 152 19.85 -20.73 7.04
CA VAL C 152 21.19 -20.24 6.83
C VAL C 152 21.29 -18.79 7.30
N SER C 153 22.42 -18.46 7.93
CA SER C 153 22.66 -17.14 8.51
C SER C 153 23.17 -16.12 7.49
N GLY C 154 23.66 -14.99 7.99
CA GLY C 154 24.04 -13.87 7.14
C GLY C 154 25.24 -13.99 6.22
N ARG C 155 25.45 -12.96 5.41
CA ARG C 155 26.46 -12.92 4.35
C ARG C 155 26.18 -13.96 3.28
N ILE C 156 24.90 -14.28 3.11
CA ILE C 156 24.45 -15.14 2.02
C ILE C 156 24.94 -14.57 0.71
N GLY C 157 25.56 -15.41 -0.10
CA GLY C 157 26.07 -14.98 -1.40
C GLY C 157 27.21 -14.00 -1.29
N GLY C 158 27.78 -13.88 -0.10
CA GLY C 158 28.90 -12.99 0.12
C GLY C 158 28.51 -11.54 0.21
N ALA C 159 27.22 -11.29 0.39
CA ALA C 159 26.69 -9.94 0.46
C ALA C 159 27.27 -9.21 1.67
N GLU C 160 27.28 -7.88 1.61
CA GLU C 160 27.80 -7.06 2.69
C GLU C 160 26.82 -7.06 3.87
N GLN C 161 25.53 -7.11 3.56
CA GLN C 161 24.48 -7.12 4.57
C GLN C 161 24.05 -8.54 4.91
N ALA C 162 24.24 -8.93 6.17
CA ALA C 162 23.83 -10.25 6.64
C ALA C 162 22.33 -10.47 6.49
N ARG C 163 21.95 -11.64 6.01
CA ARG C 163 20.56 -11.96 5.74
C ARG C 163 20.20 -13.31 6.32
N THR C 164 18.92 -13.65 6.33
CA THR C 164 18.52 -14.99 6.76
C THR C 164 17.57 -15.61 5.76
N GLU C 165 17.99 -16.73 5.17
CA GLU C 165 17.16 -17.43 4.21
C GLU C 165 16.47 -18.60 4.89
N TRP C 166 15.18 -18.74 4.63
CA TRP C 166 14.32 -19.50 5.52
C TRP C 166 13.99 -20.90 5.02
N ALA C 167 13.07 -21.01 4.07
CA ALA C 167 12.84 -22.28 3.37
C ALA C 167 12.59 -23.51 4.25
N ALA C 168 11.39 -23.63 4.82
CA ALA C 168 10.99 -24.85 5.54
C ALA C 168 9.64 -25.39 5.08
N GLN C 169 9.43 -26.71 5.19
CA GLN C 169 8.11 -27.28 4.91
C GLN C 169 7.82 -28.52 5.76
N GLY C 170 6.61 -29.06 5.64
CA GLY C 170 6.16 -30.10 6.55
C GLY C 170 5.72 -29.53 7.88
N ARG C 171 5.94 -30.26 8.97
CA ARG C 171 5.63 -29.76 10.32
C ARG C 171 6.87 -29.71 11.18
N VAL C 172 7.13 -28.57 11.84
CA VAL C 172 8.24 -28.50 12.78
C VAL C 172 7.78 -27.84 14.08
N PRO C 173 7.07 -28.60 14.93
CA PRO C 173 6.50 -28.04 16.17
C PRO C 173 7.49 -27.96 17.33
N LEU C 174 8.29 -26.90 17.38
CA LEU C 174 9.32 -26.78 18.41
C LEU C 174 8.76 -26.79 19.82
N HIS C 175 7.51 -26.36 19.98
CA HIS C 175 6.92 -26.22 21.31
C HIS C 175 6.28 -27.50 21.82
N THR C 176 6.33 -28.56 21.03
CA THR C 176 5.81 -29.84 21.45
C THR C 176 6.93 -30.70 22.00
N LEU C 177 6.77 -31.19 23.22
CA LEU C 177 7.82 -31.95 23.88
C LEU C 177 8.06 -33.30 23.21
N ARG C 178 6.99 -33.94 22.77
CA ARG C 178 7.10 -35.28 22.21
C ARG C 178 7.50 -35.24 20.75
N ALA C 179 7.77 -34.06 20.23
CA ALA C 179 8.10 -33.86 18.82
C ALA C 179 9.17 -34.83 18.29
N ASN C 180 10.21 -35.07 19.08
CA ASN C 180 11.36 -35.86 18.63
C ASN C 180 11.93 -35.24 17.37
N ILE C 181 12.57 -34.09 17.53
CA ILE C 181 13.15 -33.39 16.40
C ILE C 181 14.66 -33.52 16.44
N ASP C 182 15.23 -34.10 15.39
CA ASP C 182 16.68 -34.09 15.29
C ASP C 182 17.10 -32.68 14.94
N TYR C 183 18.09 -32.17 15.65
CA TYR C 183 18.62 -30.85 15.42
C TYR C 183 20.09 -30.99 15.10
N GLY C 184 20.57 -30.17 14.18
CA GLY C 184 21.98 -30.22 13.84
C GLY C 184 22.50 -28.89 13.38
N PHE C 185 23.80 -28.69 13.51
CA PHE C 185 24.38 -27.39 13.20
C PHE C 185 25.73 -27.53 12.52
N ALA C 186 25.93 -26.73 11.48
CA ALA C 186 27.19 -26.74 10.75
C ALA C 186 27.64 -25.34 10.45
N LEU C 187 28.94 -25.14 10.28
CA LEU C 187 29.45 -23.84 9.90
C LEU C 187 29.82 -23.80 8.43
N ALA C 188 30.15 -22.62 7.94
CA ALA C 188 30.77 -22.46 6.65
C ALA C 188 31.86 -21.41 6.75
N ARG C 189 33.10 -21.81 6.52
CA ARG C 189 34.20 -20.88 6.51
C ARG C 189 34.47 -20.45 5.07
N THR C 190 34.17 -19.19 4.78
CA THR C 190 34.34 -18.66 3.44
C THR C 190 35.40 -17.57 3.45
N THR C 191 35.65 -16.96 2.30
CA THR C 191 36.65 -15.90 2.21
C THR C 191 36.12 -14.64 2.87
N TYR C 192 34.81 -14.41 2.73
CA TYR C 192 34.17 -13.20 3.21
C TYR C 192 33.65 -13.32 4.63
N GLY C 193 33.68 -14.52 5.20
CA GLY C 193 33.22 -14.69 6.57
C GLY C 193 32.69 -16.07 6.93
N VAL C 194 31.84 -16.11 7.95
CA VAL C 194 31.30 -17.37 8.45
C VAL C 194 29.79 -17.42 8.28
N LEU C 195 29.29 -18.57 7.85
CA LEU C 195 27.85 -18.76 7.72
C LEU C 195 27.37 -19.83 8.68
N GLY C 196 26.38 -19.51 9.50
CA GLY C 196 25.77 -20.52 10.36
C GLY C 196 24.70 -21.31 9.64
N VAL C 197 24.60 -22.60 9.93
CA VAL C 197 23.59 -23.44 9.30
C VAL C 197 22.90 -24.33 10.32
N LYS C 198 21.58 -24.14 10.45
CA LYS C 198 20.79 -24.97 11.35
C LYS C 198 19.90 -25.92 10.55
N ALA C 199 19.70 -27.12 11.08
CA ALA C 199 18.88 -28.12 10.43
C ALA C 199 17.92 -28.77 11.43
N TYR C 200 16.63 -28.66 11.14
CA TYR C 200 15.57 -29.27 11.93
C TYR C 200 14.91 -30.38 11.14
N ILE C 201 14.77 -31.55 11.75
CA ILE C 201 14.04 -32.65 11.12
C ILE C 201 13.04 -33.26 12.11
N PHE C 202 11.77 -33.23 11.74
CA PHE C 202 10.71 -33.74 12.59
C PHE C 202 10.23 -35.10 12.12
N LEU C 203 10.37 -36.09 12.99
CA LEU C 203 9.92 -37.45 12.73
C LEU C 203 9.25 -38.05 13.97
N GLY C 204 8.03 -38.56 13.78
CA GLY C 204 7.34 -39.28 14.84
C GLY C 204 6.83 -38.39 15.96
N GLU C 205 5.91 -38.91 16.77
CA GLU C 205 5.41 -38.14 17.90
C GLU C 205 5.53 -38.84 19.25
N VAL C 206 4.64 -39.79 19.54
CA VAL C 206 4.55 -40.29 20.91
C VAL C 206 5.79 -41.09 21.26
N ILE C 207 6.47 -40.66 22.32
N GLY D 1 41.90 -2.30 -41.22
CA GLY D 1 41.90 -3.02 -39.96
C GLY D 1 41.77 -4.52 -40.12
N ARG D 2 40.57 -4.98 -40.50
CA ARG D 2 40.24 -6.39 -40.72
C ARG D 2 40.80 -7.31 -39.64
N TYR D 3 40.52 -6.97 -38.38
CA TYR D 3 41.09 -7.67 -37.22
C TYR D 3 42.62 -7.62 -37.22
N ILE D 4 43.27 -8.76 -37.48
CA ILE D 4 44.69 -9.00 -37.19
C ILE D 4 44.96 -9.04 -35.69
N GLY D 5 44.50 -10.11 -35.06
CA GLY D 5 44.76 -10.38 -33.67
C GLY D 5 44.59 -11.87 -33.40
N PRO D 6 44.62 -12.27 -32.13
CA PRO D 6 44.33 -13.66 -31.77
C PRO D 6 42.98 -14.11 -32.29
N VAL D 7 42.89 -15.30 -32.86
CA VAL D 7 41.67 -15.75 -33.49
C VAL D 7 40.92 -16.77 -32.64
N CYS D 8 41.54 -17.91 -32.33
CA CYS D 8 40.85 -19.00 -31.61
C CYS D 8 40.23 -18.50 -30.28
N ARG D 9 40.69 -17.34 -29.80
CA ARG D 9 39.98 -16.66 -28.73
C ARG D 9 38.53 -16.34 -29.12
N LEU D 10 38.28 -16.11 -30.41
CA LEU D 10 36.93 -15.84 -30.88
C LEU D 10 36.15 -17.13 -30.96
N CYS D 11 36.83 -18.21 -31.39
CA CYS D 11 36.29 -19.55 -31.32
C CYS D 11 35.69 -19.67 -29.92
N ARG D 12 36.48 -19.28 -28.92
CA ARG D 12 36.09 -19.40 -27.51
C ARG D 12 34.91 -18.53 -27.10
N ARG D 13 35.01 -17.23 -27.35
CA ARG D 13 33.96 -16.29 -26.91
C ARG D 13 32.61 -16.61 -27.53
N GLU D 14 32.59 -16.94 -28.82
CA GLU D 14 31.32 -17.20 -29.48
C GLU D 14 30.70 -18.50 -28.97
N GLY D 15 31.52 -19.36 -28.37
CA GLY D 15 31.04 -20.59 -27.79
C GLY D 15 30.79 -21.68 -28.81
N VAL D 16 31.06 -21.38 -30.07
CA VAL D 16 30.93 -22.36 -31.14
C VAL D 16 32.27 -22.50 -31.83
N LYS D 17 32.63 -23.73 -32.17
CA LYS D 17 33.87 -23.98 -32.88
C LYS D 17 33.88 -23.23 -34.21
N LEU D 18 34.90 -22.41 -34.40
CA LEU D 18 35.08 -21.72 -35.66
C LEU D 18 36.39 -22.18 -36.27
N TYR D 19 36.48 -22.12 -37.60
CA TYR D 19 37.77 -22.29 -38.21
C TYR D 19 38.16 -20.98 -38.87
N LEU D 20 39.00 -20.20 -38.20
CA LEU D 20 39.61 -19.05 -38.84
C LEU D 20 41.04 -19.39 -39.20
N LYS D 21 41.47 -20.55 -38.72
CA LYS D 21 42.85 -20.97 -38.89
C LYS D 21 43.01 -21.97 -40.02
N GLY D 22 41.92 -22.29 -40.71
CA GLY D 22 41.99 -23.38 -41.65
C GLY D 22 42.20 -24.67 -40.88
N GLU D 23 43.32 -25.33 -41.13
CA GLU D 23 43.68 -26.56 -40.43
C GLU D 23 43.97 -26.22 -38.97
N ARG D 24 44.34 -27.22 -38.18
CA ARG D 24 44.61 -27.10 -36.74
C ARG D 24 43.36 -26.77 -35.93
N CYS D 25 42.33 -26.26 -36.58
CA CYS D 25 41.04 -26.07 -35.93
C CYS D 25 40.36 -27.43 -36.10
N TYR D 26 40.93 -28.25 -36.98
CA TYR D 26 40.56 -29.65 -37.11
C TYR D 26 41.44 -30.56 -36.24
N SER D 27 42.54 -30.02 -35.74
CA SER D 27 43.41 -30.77 -34.84
C SER D 27 42.91 -30.58 -33.42
N PRO D 28 43.30 -31.47 -32.49
CA PRO D 28 42.87 -31.14 -31.15
C PRO D 28 43.85 -30.19 -30.47
N LYS D 29 44.29 -29.16 -31.19
CA LYS D 29 44.96 -28.02 -30.60
C LYS D 29 44.09 -26.75 -30.55
N CYS D 30 42.87 -26.80 -31.10
CA CYS D 30 42.08 -25.60 -31.41
C CYS D 30 41.85 -24.70 -30.20
N ALA D 31 42.03 -25.29 -29.02
CA ALA D 31 41.82 -24.65 -27.72
C ALA D 31 40.35 -24.41 -27.47
N MET D 32 39.55 -24.49 -28.53
CA MET D 32 38.11 -24.55 -28.39
C MET D 32 37.77 -26.01 -28.09
N GLU D 33 38.71 -26.89 -28.46
CA GLU D 33 38.58 -28.29 -28.15
C GLU D 33 38.88 -28.51 -26.68
N ARG D 34 39.99 -27.93 -26.21
CA ARG D 34 40.42 -28.12 -24.84
C ARG D 34 39.98 -27.05 -23.83
N ARG D 35 39.45 -25.93 -24.30
CA ARG D 35 39.02 -24.87 -23.39
C ARG D 35 37.75 -24.15 -23.88
N PRO D 36 36.61 -24.84 -23.86
CA PRO D 36 35.37 -24.33 -24.46
C PRO D 36 34.86 -23.01 -23.87
N TYR D 37 35.34 -22.64 -22.69
CA TYR D 37 34.89 -21.43 -22.02
C TYR D 37 35.51 -20.17 -22.60
N PRO D 38 34.81 -19.03 -22.48
CA PRO D 38 35.25 -17.72 -22.98
C PRO D 38 36.60 -17.26 -22.42
N PRO D 39 37.28 -16.34 -23.12
CA PRO D 39 38.60 -15.83 -22.74
C PRO D 39 38.56 -14.88 -21.55
N GLY D 40 39.71 -14.67 -20.93
CA GLY D 40 39.82 -13.72 -19.83
C GLY D 40 39.73 -14.31 -18.44
N GLN D 41 40.00 -13.47 -17.44
CA GLN D 41 40.02 -13.86 -16.04
C GLN D 41 38.72 -14.49 -15.57
N HIS D 42 37.61 -13.92 -16.01
CA HIS D 42 36.29 -14.33 -15.55
C HIS D 42 35.65 -15.36 -16.48
N GLY D 43 36.41 -15.80 -17.48
CA GLY D 43 35.90 -16.72 -18.47
C GLY D 43 35.28 -18.00 -17.92
N GLN D 44 35.77 -18.47 -16.78
CA GLN D 44 35.29 -19.74 -16.23
C GLN D 44 34.15 -19.55 -15.23
N LYS D 45 33.81 -18.32 -14.90
CA LYS D 45 32.77 -18.06 -13.91
C LYS D 45 31.37 -18.26 -14.50
N ARG D 46 30.40 -18.51 -13.63
CA ARG D 46 29.02 -18.74 -14.03
C ARG D 46 28.45 -17.54 -14.76
N ALA D 47 27.91 -17.74 -15.95
CA ALA D 47 27.40 -16.64 -16.76
C ALA D 47 25.96 -16.31 -16.39
N ARG D 48 25.67 -15.02 -16.32
CA ARG D 48 24.31 -14.55 -16.04
C ARG D 48 23.46 -14.65 -17.29
N ARG D 49 22.14 -14.75 -17.10
CA ARG D 49 21.23 -14.87 -18.23
C ARG D 49 21.36 -13.67 -19.14
N PRO D 50 21.77 -13.90 -20.39
CA PRO D 50 22.04 -12.84 -21.37
C PRO D 50 20.77 -12.14 -21.83
N SER D 51 20.88 -10.83 -22.03
CA SER D 51 19.77 -10.03 -22.54
C SER D 51 19.53 -10.37 -23.99
N ASP D 52 18.35 -10.02 -24.49
CA ASP D 52 18.03 -10.22 -25.89
C ASP D 52 19.06 -9.53 -26.77
N TYR D 53 19.38 -8.29 -26.42
CA TYR D 53 20.39 -7.55 -27.16
C TYR D 53 21.70 -8.32 -27.17
N ALA D 54 22.07 -8.87 -26.02
CA ALA D 54 23.30 -9.65 -25.93
C ALA D 54 23.29 -10.76 -26.97
N VAL D 55 22.22 -11.55 -26.96
CA VAL D 55 22.08 -12.65 -27.90
C VAL D 55 22.26 -12.20 -29.34
N ARG D 56 21.51 -11.17 -29.73
CA ARG D 56 21.54 -10.71 -31.11
C ARG D 56 22.91 -10.20 -31.52
N LEU D 57 23.46 -9.34 -30.68
CA LEU D 57 24.81 -8.81 -30.87
C LEU D 57 25.80 -9.96 -31.09
N ARG D 58 25.73 -10.96 -30.23
CA ARG D 58 26.68 -12.06 -30.28
C ARG D 58 26.51 -12.89 -31.55
N GLU D 59 25.27 -13.12 -31.95
CA GLU D 59 25.00 -13.90 -33.16
C GLU D 59 25.55 -13.20 -34.38
N LYS D 60 25.29 -11.91 -34.47
CA LYS D 60 25.80 -11.12 -35.59
C LYS D 60 27.33 -11.06 -35.56
N GLN D 61 27.90 -11.00 -34.37
CA GLN D 61 29.36 -10.97 -34.25
C GLN D 61 29.95 -12.30 -34.71
N LYS D 62 29.22 -13.38 -34.48
CA LYS D 62 29.60 -14.70 -34.96
C LYS D 62 29.64 -14.71 -36.48
N LEU D 63 28.49 -14.38 -37.06
CA LEU D 63 28.35 -14.37 -38.52
C LEU D 63 29.37 -13.45 -39.17
N ARG D 64 29.71 -12.37 -38.50
CA ARG D 64 30.64 -11.39 -39.06
C ARG D 64 32.08 -11.86 -38.95
N ARG D 65 32.45 -12.38 -37.79
CA ARG D 65 33.82 -12.81 -37.56
C ARG D 65 34.15 -14.04 -38.38
N ILE D 66 33.13 -14.82 -38.75
CA ILE D 66 33.36 -16.00 -39.58
C ILE D 66 34.01 -15.62 -40.91
N TYR D 67 33.54 -14.55 -41.52
CA TYR D 67 34.06 -14.14 -42.83
C TYR D 67 35.22 -13.16 -42.73
N GLY D 68 35.55 -12.74 -41.51
CA GLY D 68 36.64 -11.81 -41.28
C GLY D 68 36.47 -10.48 -41.96
N ILE D 69 35.27 -9.92 -41.87
CA ILE D 69 34.92 -8.71 -42.57
C ILE D 69 34.68 -7.60 -41.58
N SER D 70 35.06 -6.37 -41.94
CA SER D 70 34.88 -5.23 -41.04
C SER D 70 33.40 -4.91 -40.88
N GLU D 71 33.07 -4.25 -39.78
CA GLU D 71 31.68 -3.90 -39.52
C GLU D 71 31.12 -2.99 -40.61
N ARG D 72 31.94 -2.09 -41.12
CA ARG D 72 31.49 -1.14 -42.13
C ARG D 72 30.96 -1.87 -43.37
N GLN D 73 31.79 -2.73 -43.95
CA GLN D 73 31.42 -3.48 -45.13
C GLN D 73 30.27 -4.44 -44.84
N PHE D 74 30.25 -4.99 -43.64
CA PHE D 74 29.21 -5.90 -43.22
C PHE D 74 27.86 -5.18 -43.25
N ARG D 75 27.81 -4.02 -42.61
CA ARG D 75 26.62 -3.19 -42.55
C ARG D 75 26.16 -2.79 -43.95
N ASN D 76 27.11 -2.31 -44.75
CA ASN D 76 26.82 -1.92 -46.12
C ASN D 76 26.17 -3.07 -46.89
N LEU D 77 26.77 -4.25 -46.76
CA LEU D 77 26.23 -5.46 -47.38
C LEU D 77 24.81 -5.74 -46.93
N PHE D 78 24.57 -5.68 -45.62
CA PHE D 78 23.26 -5.96 -45.08
C PHE D 78 22.21 -5.01 -45.63
N GLU D 79 22.51 -3.71 -45.62
CA GLU D 79 21.55 -2.73 -46.09
C GLU D 79 21.31 -2.91 -47.59
N GLU D 80 22.38 -3.24 -48.30
CA GLU D 80 22.28 -3.52 -49.73
C GLU D 80 21.31 -4.68 -49.96
N ALA D 81 21.35 -5.67 -49.08
CA ALA D 81 20.43 -6.81 -49.19
C ALA D 81 19.01 -6.40 -48.84
N SER D 82 18.88 -5.64 -47.76
CA SER D 82 17.58 -5.20 -47.27
C SER D 82 16.85 -4.40 -48.33
N LYS D 83 17.60 -3.67 -49.17
CA LYS D 83 17.00 -2.93 -50.26
C LYS D 83 16.41 -3.85 -51.32
N LYS D 84 17.07 -4.98 -51.56
CA LYS D 84 16.69 -5.90 -52.64
C LYS D 84 15.37 -6.64 -52.39
N LYS D 85 14.80 -7.16 -53.46
CA LYS D 85 13.65 -8.06 -53.35
C LYS D 85 14.14 -9.46 -53.01
N GLY D 86 13.35 -10.20 -52.24
CA GLY D 86 13.75 -11.51 -51.77
C GLY D 86 14.06 -11.49 -50.29
N VAL D 87 14.14 -12.68 -49.69
CA VAL D 87 14.35 -12.78 -48.25
C VAL D 87 15.68 -12.17 -47.86
N THR D 88 15.63 -11.22 -46.93
CA THR D 88 16.79 -10.44 -46.53
C THR D 88 17.92 -11.32 -45.99
N GLY D 89 17.59 -12.26 -45.12
CA GLY D 89 18.62 -13.10 -44.52
C GLY D 89 19.38 -13.94 -45.52
N SER D 90 18.62 -14.69 -46.31
CA SER D 90 19.19 -15.56 -47.33
C SER D 90 20.06 -14.76 -48.29
N VAL D 91 19.48 -13.71 -48.85
CA VAL D 91 20.19 -12.85 -49.79
C VAL D 91 21.48 -12.34 -49.18
N PHE D 92 21.42 -11.93 -47.91
CA PHE D 92 22.60 -11.48 -47.19
C PHE D 92 23.69 -12.55 -47.23
N LEU D 93 23.34 -13.76 -46.81
CA LEU D 93 24.31 -14.86 -46.80
C LEU D 93 24.88 -15.06 -48.19
N GLY D 94 24.02 -14.94 -49.20
CA GLY D 94 24.45 -15.10 -50.58
C GLY D 94 25.49 -14.08 -50.99
N LEU D 95 25.22 -12.82 -50.68
CA LEU D 95 26.13 -11.73 -51.01
C LEU D 95 27.45 -11.90 -50.27
N LEU D 96 27.39 -12.40 -49.05
CA LEU D 96 28.58 -12.69 -48.28
C LEU D 96 29.42 -13.78 -48.93
N GLU D 97 28.75 -14.79 -49.46
CA GLU D 97 29.42 -15.95 -50.01
C GLU D 97 29.97 -15.67 -51.40
N SER D 98 29.63 -14.51 -51.94
CA SER D 98 30.05 -14.13 -53.28
C SER D 98 31.39 -13.39 -53.28
N ARG D 99 31.87 -13.06 -52.08
CA ARG D 99 33.16 -12.39 -51.95
C ARG D 99 34.26 -13.26 -52.52
N LEU D 100 35.18 -12.62 -53.24
CA LEU D 100 36.24 -13.36 -53.93
C LEU D 100 37.08 -14.15 -52.95
N ASP D 101 37.41 -13.54 -51.81
CA ASP D 101 38.22 -14.24 -50.81
C ASP D 101 37.49 -15.50 -50.38
N ASN D 102 36.22 -15.34 -49.99
CA ASN D 102 35.43 -16.46 -49.49
C ASN D 102 35.31 -17.56 -50.53
N VAL D 103 35.21 -17.18 -51.79
CA VAL D 103 35.10 -18.16 -52.87
C VAL D 103 36.41 -18.92 -53.02
N VAL D 104 37.52 -18.19 -52.93
CA VAL D 104 38.84 -18.79 -53.00
C VAL D 104 38.98 -19.83 -51.90
N TYR D 105 38.51 -19.49 -50.71
CA TYR D 105 38.51 -20.44 -49.59
C TYR D 105 37.63 -21.64 -49.90
N ARG D 106 36.42 -21.37 -50.38
CA ARG D 106 35.46 -22.42 -50.70
C ARG D 106 36.02 -23.40 -51.73
N LEU D 107 36.68 -22.88 -52.75
CA LEU D 107 37.29 -23.72 -53.77
C LEU D 107 38.54 -24.40 -53.24
N GLY D 108 38.96 -24.01 -52.05
CA GLY D 108 40.06 -24.69 -51.38
C GLY D 108 41.45 -24.39 -51.92
N PHE D 109 41.61 -23.25 -52.58
CA PHE D 109 42.93 -22.80 -52.99
C PHE D 109 43.73 -22.45 -51.75
N ALA D 110 43.02 -21.96 -50.74
CA ALA D 110 43.61 -21.68 -49.44
C ALA D 110 42.87 -22.44 -48.35
N VAL D 111 43.56 -22.75 -47.27
CA VAL D 111 42.98 -23.54 -46.21
C VAL D 111 42.07 -22.68 -45.31
N SER D 112 42.37 -21.39 -45.23
CA SER D 112 41.60 -20.48 -44.40
C SER D 112 41.23 -19.21 -45.16
N ARG D 113 40.19 -18.53 -44.70
CA ARG D 113 39.72 -17.32 -45.37
C ARG D 113 40.77 -16.21 -45.34
N ARG D 114 41.51 -16.12 -44.24
CA ARG D 114 42.54 -15.10 -44.12
C ARG D 114 43.65 -15.37 -45.13
N GLN D 115 44.03 -16.64 -45.24
CA GLN D 115 45.02 -17.06 -46.22
C GLN D 115 44.52 -16.75 -47.62
N ALA D 116 43.23 -16.98 -47.84
CA ALA D 116 42.62 -16.67 -49.13
C ALA D 116 42.73 -15.19 -49.43
N ARG D 117 42.51 -14.37 -48.41
CA ARG D 117 42.60 -12.92 -48.56
C ARG D 117 44.01 -12.51 -48.95
N GLN D 118 45.01 -13.08 -48.28
CA GLN D 118 46.39 -12.76 -48.62
C GLN D 118 46.70 -13.20 -50.05
N LEU D 119 46.10 -14.31 -50.46
CA LEU D 119 46.29 -14.81 -51.81
C LEU D 119 45.73 -13.86 -52.85
N VAL D 120 44.53 -13.34 -52.59
CA VAL D 120 43.89 -12.43 -53.52
C VAL D 120 44.65 -11.11 -53.59
N ARG D 121 44.94 -10.52 -52.44
CA ARG D 121 45.60 -9.22 -52.37
C ARG D 121 46.98 -9.22 -53.02
N HIS D 122 47.62 -10.38 -53.03
CA HIS D 122 48.97 -10.48 -53.59
C HIS D 122 48.93 -10.89 -55.05
N GLY D 123 47.72 -11.01 -55.60
CA GLY D 123 47.56 -11.20 -57.03
C GLY D 123 47.80 -12.61 -57.54
N HIS D 124 47.57 -13.60 -56.69
CA HIS D 124 47.76 -14.98 -57.09
C HIS D 124 46.47 -15.55 -57.67
N ILE D 125 45.44 -14.72 -57.77
CA ILE D 125 44.13 -15.18 -58.23
C ILE D 125 43.68 -14.44 -59.48
N THR D 126 43.05 -15.17 -60.40
CA THR D 126 42.49 -14.59 -61.61
C THR D 126 40.98 -14.76 -61.65
N VAL D 127 40.32 -13.85 -62.34
CA VAL D 127 38.90 -14.00 -62.61
C VAL D 127 38.71 -13.84 -64.11
N ASN D 128 38.26 -14.92 -64.75
CA ASN D 128 38.10 -14.95 -66.20
C ASN D 128 39.42 -14.63 -66.89
N GLY D 129 40.53 -14.93 -66.23
CA GLY D 129 41.84 -14.77 -66.82
C GLY D 129 42.58 -13.49 -66.47
N ARG D 130 41.84 -12.51 -65.97
CA ARG D 130 42.44 -11.24 -65.57
C ARG D 130 42.71 -11.24 -64.08
N ARG D 131 43.87 -10.72 -63.67
CA ARG D 131 44.24 -10.69 -62.27
C ARG D 131 43.33 -9.76 -61.48
N VAL D 132 42.87 -10.22 -60.33
CA VAL D 132 42.02 -9.41 -59.45
C VAL D 132 42.55 -9.49 -58.03
N ASP D 133 43.00 -8.35 -57.49
CA ASP D 133 43.62 -8.32 -56.17
C ASP D 133 42.67 -7.87 -55.04
N LEU D 134 41.40 -7.69 -55.35
CA LEU D 134 40.43 -7.23 -54.35
C LEU D 134 39.63 -8.36 -53.72
N PRO D 135 39.81 -8.57 -52.40
CA PRO D 135 39.15 -9.63 -51.65
C PRO D 135 37.65 -9.42 -51.55
N SER D 136 37.22 -8.20 -51.79
CA SER D 136 35.81 -7.83 -51.68
C SER D 136 35.09 -7.92 -53.01
N TYR D 137 35.83 -8.34 -54.04
CA TYR D 137 35.26 -8.46 -55.38
C TYR D 137 34.08 -9.41 -55.37
N ARG D 138 32.99 -9.00 -56.01
CA ARG D 138 31.79 -9.83 -56.06
C ARG D 138 31.76 -10.71 -57.30
N VAL D 139 31.82 -12.02 -57.07
CA VAL D 139 31.73 -12.98 -58.15
C VAL D 139 30.29 -13.07 -58.64
N ARG D 140 30.10 -13.23 -59.94
CA ARG D 140 28.78 -13.44 -60.49
C ARG D 140 28.69 -14.86 -61.01
N PRO D 141 27.48 -15.41 -61.08
CA PRO D 141 27.32 -16.74 -61.67
C PRO D 141 27.85 -16.79 -63.10
N GLY D 142 28.71 -17.75 -63.39
CA GLY D 142 29.32 -17.87 -64.71
C GLY D 142 30.79 -17.51 -64.76
N ASP D 143 31.31 -16.94 -63.68
CA ASP D 143 32.71 -16.52 -63.63
C ASP D 143 33.64 -17.68 -63.30
N GLU D 144 34.83 -17.67 -63.92
CA GLU D 144 35.83 -18.68 -63.64
C GLU D 144 36.94 -18.12 -62.76
N ILE D 145 37.05 -18.64 -61.55
CA ILE D 145 38.09 -18.23 -60.62
C ILE D 145 39.28 -19.16 -60.78
N ALA D 146 40.39 -18.62 -61.27
CA ALA D 146 41.55 -19.46 -61.53
C ALA D 146 42.74 -19.04 -60.69
N VAL D 147 43.82 -19.80 -60.81
CA VAL D 147 45.07 -19.48 -60.15
C VAL D 147 46.02 -18.90 -61.18
N ALA D 148 46.81 -17.91 -60.76
CA ALA D 148 47.78 -17.28 -61.63
C ALA D 148 48.73 -18.30 -62.23
N GLU D 149 48.90 -18.23 -63.54
CA GLU D 149 49.81 -19.13 -64.25
C GLU D 149 51.20 -19.02 -63.66
N LYS D 150 51.54 -17.82 -63.20
CA LYS D 150 52.86 -17.55 -62.65
C LYS D 150 52.98 -18.09 -61.24
N SER D 151 51.85 -18.21 -60.55
CA SER D 151 51.86 -18.63 -59.15
C SER D 151 51.60 -20.12 -58.95
N ARG D 152 51.39 -20.85 -60.04
CA ARG D 152 51.05 -22.26 -59.94
C ARG D 152 52.22 -23.11 -59.42
N ASN D 153 53.39 -22.50 -59.32
CA ASN D 153 54.58 -23.22 -58.87
C ASN D 153 54.85 -23.06 -57.38
N LEU D 154 54.00 -22.30 -56.70
CA LEU D 154 54.18 -22.03 -55.28
C LEU D 154 53.88 -23.25 -54.41
N GLU D 155 54.72 -23.47 -53.41
CA GLU D 155 54.60 -24.63 -52.53
C GLU D 155 53.26 -24.69 -51.84
N LEU D 156 52.74 -23.54 -51.44
CA LEU D 156 51.46 -23.47 -50.74
C LEU D 156 50.32 -23.98 -51.60
N ILE D 157 50.29 -23.56 -52.86
CA ILE D 157 49.24 -23.97 -53.77
C ILE D 157 49.37 -25.47 -54.08
N ARG D 158 50.60 -25.95 -54.21
CA ARG D 158 50.85 -27.37 -54.38
C ARG D 158 50.24 -28.15 -53.24
N GLN D 159 50.62 -27.79 -52.01
CA GLN D 159 50.12 -28.44 -50.80
C GLN D 159 48.61 -28.44 -50.75
N ASN D 160 48.01 -27.26 -50.96
CA ASN D 160 46.57 -27.11 -50.83
C ASN D 160 45.80 -27.91 -51.87
N LEU D 161 46.23 -27.85 -53.12
CA LEU D 161 45.49 -28.52 -54.18
C LEU D 161 45.75 -30.02 -54.21
N GLU D 162 46.87 -30.44 -53.63
CA GLU D 162 47.14 -31.87 -53.47
C GLU D 162 46.16 -32.45 -52.47
N ALA D 163 45.82 -31.65 -51.47
CA ALA D 163 44.87 -32.07 -50.44
C ALA D 163 43.45 -32.00 -50.96
N MET D 164 43.25 -31.30 -52.07
CA MET D 164 41.93 -31.16 -52.65
C MET D 164 41.64 -32.27 -53.64
N LYS D 165 42.60 -33.17 -53.81
CA LYS D 165 42.40 -34.33 -54.66
C LYS D 165 41.34 -35.23 -54.04
N GLY D 166 40.30 -35.54 -54.81
CA GLY D 166 39.24 -36.41 -54.33
C GLY D 166 38.22 -35.73 -53.43
N ARG D 167 38.52 -34.50 -53.01
CA ARG D 167 37.63 -33.77 -52.11
C ARG D 167 36.44 -33.15 -52.85
N LYS D 168 35.33 -32.96 -52.13
CA LYS D 168 34.11 -32.45 -52.72
C LYS D 168 33.94 -30.97 -52.43
N VAL D 169 33.33 -30.25 -53.37
CA VAL D 169 33.10 -28.82 -53.22
C VAL D 169 31.59 -28.55 -53.22
N GLY D 170 31.18 -27.43 -52.63
CA GLY D 170 29.78 -27.08 -52.52
C GLY D 170 29.02 -27.11 -53.83
N PRO D 171 27.74 -27.49 -53.77
CA PRO D 171 26.86 -27.67 -54.94
C PRO D 171 26.84 -26.50 -55.92
N TRP D 172 27.10 -25.30 -55.43
CA TRP D 172 27.10 -24.12 -56.28
C TRP D 172 28.47 -23.82 -56.88
N LEU D 173 29.43 -24.71 -56.62
CA LEU D 173 30.78 -24.52 -57.14
C LEU D 173 31.26 -25.71 -57.94
N SER D 174 31.92 -25.44 -59.06
CA SER D 174 32.58 -26.49 -59.82
C SER D 174 34.08 -26.33 -59.66
N LEU D 175 34.81 -27.44 -59.65
CA LEU D 175 36.26 -27.37 -59.47
C LEU D 175 37.00 -28.31 -60.40
N ASP D 176 37.91 -27.74 -61.19
CA ASP D 176 38.89 -28.50 -61.97
C ASP D 176 40.25 -28.39 -61.28
N VAL D 177 40.71 -29.49 -60.71
CA VAL D 177 41.89 -29.49 -59.87
C VAL D 177 43.18 -29.48 -60.68
N GLU D 178 43.20 -30.24 -61.76
CA GLU D 178 44.42 -30.37 -62.57
C GLU D 178 44.86 -29.02 -63.12
N GLY D 179 43.90 -28.25 -63.62
CA GLY D 179 44.20 -26.93 -64.17
C GLY D 179 44.14 -25.81 -63.15
N MET D 180 43.84 -26.18 -61.90
CA MET D 180 43.72 -25.23 -60.81
C MET D 180 42.72 -24.12 -61.11
N LYS D 181 41.53 -24.49 -61.58
CA LYS D 181 40.50 -23.50 -61.84
C LYS D 181 39.18 -23.94 -61.27
N GLY D 182 38.25 -23.01 -61.12
CA GLY D 182 36.93 -23.34 -60.61
C GLY D 182 35.90 -22.42 -61.21
N LYS D 183 34.63 -22.79 -61.10
CA LYS D 183 33.55 -21.96 -61.61
C LYS D 183 32.49 -21.71 -60.55
N PHE D 184 31.95 -20.50 -60.55
CA PHE D 184 30.87 -20.12 -59.66
C PHE D 184 29.55 -20.31 -60.39
N LEU D 185 28.81 -21.35 -60.01
CA LEU D 185 27.66 -21.80 -60.80
C LEU D 185 26.42 -20.98 -60.54
N ARG D 186 26.17 -20.69 -59.27
CA ARG D 186 24.98 -19.95 -58.86
C ARG D 186 25.18 -19.36 -57.47
N LEU D 187 24.19 -18.62 -57.02
CA LEU D 187 24.19 -18.11 -55.65
C LEU D 187 23.70 -19.21 -54.73
N PRO D 188 24.44 -19.48 -53.65
CA PRO D 188 24.11 -20.56 -52.73
C PRO D 188 22.74 -20.42 -52.09
N ASP D 189 22.02 -21.53 -52.00
CA ASP D 189 20.76 -21.60 -51.27
C ASP D 189 21.08 -21.56 -49.78
N ARG D 190 20.13 -21.15 -48.97
CA ARG D 190 20.32 -21.15 -47.52
C ARG D 190 20.64 -22.56 -47.05
N GLU D 191 19.89 -23.53 -47.58
CA GLU D 191 20.10 -24.93 -47.28
C GLU D 191 21.52 -25.40 -47.58
N ASP D 192 22.17 -24.75 -48.54
CA ASP D 192 23.51 -25.14 -48.95
C ASP D 192 24.58 -24.77 -47.92
N LEU D 193 24.22 -23.93 -46.95
CA LEU D 193 25.19 -23.41 -45.99
C LEU D 193 25.19 -24.18 -44.67
N ALA D 194 26.39 -24.39 -44.13
CA ALA D 194 26.58 -25.10 -42.87
C ALA D 194 26.71 -24.15 -41.68
N LEU D 195 26.52 -22.86 -41.95
CA LEU D 195 26.70 -21.82 -40.94
C LEU D 195 25.92 -22.06 -39.66
N PRO D 196 26.61 -21.98 -38.51
CA PRO D 196 26.01 -22.11 -37.18
C PRO D 196 25.42 -20.79 -36.71
N VAL D 197 24.59 -20.18 -37.55
CA VAL D 197 24.13 -18.82 -37.31
C VAL D 197 22.65 -18.67 -37.67
N ASN D 198 21.89 -18.02 -36.79
CA ASN D 198 20.52 -17.68 -37.08
C ASN D 198 20.48 -16.28 -37.69
N GLU D 199 20.14 -16.21 -38.98
CA GLU D 199 20.17 -14.93 -39.69
C GLU D 199 19.08 -13.99 -39.17
N GLN D 200 17.97 -14.56 -38.75
CA GLN D 200 16.85 -13.78 -38.25
C GLN D 200 17.27 -12.91 -37.08
N LEU D 201 18.20 -13.42 -36.28
CA LEU D 201 18.72 -12.66 -35.15
C LEU D 201 19.51 -11.46 -35.62
N VAL D 202 20.21 -11.61 -36.75
CA VAL D 202 21.00 -10.52 -37.28
C VAL D 202 20.07 -9.43 -37.82
N ILE D 203 19.11 -9.86 -38.62
CA ILE D 203 18.10 -8.96 -39.14
C ILE D 203 17.45 -8.20 -38.00
N GLU D 204 17.16 -8.93 -36.92
CA GLU D 204 16.56 -8.34 -35.73
C GLU D 204 17.52 -7.40 -35.03
N PHE D 205 18.82 -7.63 -35.21
CA PHE D 205 19.81 -6.79 -34.56
C PHE D 205 19.93 -5.44 -35.24
N TYR D 206 19.85 -5.42 -36.57
CA TYR D 206 19.89 -4.15 -37.28
C TYR D 206 18.51 -3.52 -37.33
N SER D 207 17.50 -4.31 -36.96
CA SER D 207 16.13 -3.81 -36.87
C SER D 207 15.99 -2.78 -35.76
N ARG D 208 16.81 -2.95 -34.71
CA ARG D 208 16.77 -2.04 -33.56
C ARG D 208 16.98 -0.60 -34.00
N ASP E 1 7.58 -30.43 -25.94
CA ASP E 1 6.19 -30.24 -26.31
C ASP E 1 5.80 -28.76 -26.30
N PHE E 2 6.17 -28.06 -25.24
CA PHE E 2 5.80 -26.67 -25.04
C PHE E 2 7.01 -25.80 -24.73
N GLU E 3 7.33 -24.87 -25.62
CA GLU E 3 8.44 -23.96 -25.36
C GLU E 3 7.97 -22.85 -24.43
N GLU E 4 8.84 -22.39 -23.55
CA GLU E 4 8.43 -21.50 -22.47
C GLU E 4 9.46 -20.40 -22.23
N LYS E 5 9.01 -19.16 -22.14
CA LYS E 5 9.90 -18.04 -21.88
C LYS E 5 9.23 -16.97 -21.03
N MET E 6 9.97 -16.38 -20.10
CA MET E 6 9.43 -15.36 -19.22
C MET E 6 9.62 -13.95 -19.80
N ILE E 7 8.61 -13.11 -19.61
CA ILE E 7 8.63 -11.73 -20.08
C ILE E 7 9.41 -10.87 -19.11
N LEU E 8 8.82 -10.62 -17.93
CA LEU E 8 9.50 -9.86 -16.90
C LEU E 8 9.22 -10.46 -15.52
N ILE E 9 10.14 -10.23 -14.61
CA ILE E 9 9.98 -10.65 -13.23
C ILE E 9 10.11 -9.40 -12.40
N ARG E 10 9.23 -9.24 -11.41
CA ARG E 10 9.32 -8.06 -10.56
C ARG E 10 9.14 -8.42 -9.09
N ARG E 11 9.69 -7.58 -8.22
CA ARG E 11 9.46 -7.71 -6.79
C ARG E 11 8.57 -6.60 -6.28
N THR E 12 7.44 -6.96 -5.71
CA THR E 12 6.57 -5.96 -5.11
C THR E 12 6.74 -6.01 -3.60
N ALA E 13 6.11 -5.07 -2.91
CA ALA E 13 6.27 -4.98 -1.47
C ALA E 13 4.99 -4.48 -0.79
N ARG E 14 4.59 -5.13 0.29
CA ARG E 14 3.55 -4.58 1.14
C ARG E 14 4.19 -4.06 2.41
N MET E 15 3.41 -3.43 3.26
CA MET E 15 3.95 -2.87 4.48
C MET E 15 3.31 -3.51 5.69
N GLN E 16 4.14 -4.11 6.53
CA GLN E 16 3.68 -4.62 7.79
C GLN E 16 4.48 -3.88 8.85
N ALA E 17 3.97 -3.79 10.07
CA ALA E 17 4.69 -3.12 11.13
C ALA E 17 6.06 -3.74 11.25
N GLY E 18 7.10 -2.91 11.23
CA GLY E 18 8.45 -3.41 11.32
C GLY E 18 9.17 -3.46 9.99
N GLY E 19 8.43 -3.47 8.90
CA GLY E 19 9.08 -3.39 7.61
C GLY E 19 8.30 -3.80 6.39
N ARG E 20 9.03 -3.92 5.29
CA ARG E 20 8.46 -4.31 4.02
C ARG E 20 8.40 -5.82 3.88
N ARG E 21 7.36 -6.32 3.22
CA ARG E 21 7.26 -7.75 2.97
C ARG E 21 7.05 -7.99 1.48
N PHE E 22 8.05 -8.63 0.88
CA PHE E 22 8.15 -8.71 -0.57
C PHE E 22 7.40 -9.91 -1.13
N ARG E 23 6.84 -9.73 -2.31
CA ARG E 23 6.21 -10.82 -3.04
C ARG E 23 6.60 -10.68 -4.52
N PHE E 24 7.11 -11.76 -5.12
CA PHE E 24 7.59 -11.70 -6.49
C PHE E 24 6.52 -12.09 -7.51
N GLY E 25 6.25 -11.21 -8.47
CA GLY E 25 5.43 -11.53 -9.62
C GLY E 25 6.22 -11.91 -10.87
N ALA E 26 5.61 -12.73 -11.73
CA ALA E 26 6.28 -13.19 -12.95
C ALA E 26 5.33 -13.37 -14.14
N LEU E 27 5.75 -12.88 -15.31
CA LEU E 27 4.99 -13.03 -16.54
C LEU E 27 5.62 -14.08 -17.44
N VAL E 28 4.85 -15.10 -17.81
CA VAL E 28 5.39 -16.19 -18.59
C VAL E 28 4.52 -16.48 -19.80
N VAL E 29 5.18 -16.61 -20.95
CA VAL E 29 4.54 -17.01 -22.19
C VAL E 29 4.95 -18.43 -22.54
N VAL E 30 3.99 -19.20 -23.04
CA VAL E 30 4.27 -20.56 -23.45
C VAL E 30 3.64 -20.80 -24.82
N GLY E 31 4.39 -21.42 -25.72
CA GLY E 31 3.89 -21.72 -27.05
C GLY E 31 4.59 -22.86 -27.76
N ASP E 32 3.89 -23.48 -28.71
CA ASP E 32 4.45 -24.57 -29.49
C ASP E 32 4.96 -24.10 -30.85
N ARG E 33 4.74 -22.81 -31.13
CA ARG E 33 4.99 -22.22 -32.44
C ARG E 33 4.17 -22.91 -33.53
N GLN E 34 3.12 -23.62 -33.13
CA GLN E 34 2.21 -24.24 -34.07
C GLN E 34 0.96 -23.39 -34.22
N GLY E 35 0.94 -22.23 -33.58
CA GLY E 35 -0.24 -21.39 -33.60
C GLY E 35 -1.07 -21.43 -32.33
N ARG E 36 -0.48 -21.97 -31.27
CA ARG E 36 -1.12 -21.95 -29.97
C ARG E 36 -0.22 -21.26 -28.96
N VAL E 37 -0.74 -20.24 -28.29
CA VAL E 37 0.03 -19.56 -27.25
C VAL E 37 -0.70 -19.55 -25.94
N GLY E 38 -0.01 -19.03 -24.93
CA GLY E 38 -0.58 -18.83 -23.62
C GLY E 38 0.25 -17.86 -22.83
N LEU E 39 -0.41 -17.20 -21.88
CA LEU E 39 0.21 -16.13 -21.12
C LEU E 39 -0.29 -16.23 -19.70
N GLY E 40 0.60 -16.09 -18.73
CA GLY E 40 0.17 -16.14 -17.34
C GLY E 40 1.04 -15.39 -16.36
N PHE E 41 0.41 -14.94 -15.28
CA PHE E 41 1.07 -14.10 -14.28
C PHE E 41 1.01 -14.77 -12.93
N GLY E 42 2.16 -15.27 -12.45
CA GLY E 42 2.22 -15.91 -11.14
C GLY E 42 2.72 -15.00 -10.04
N LYS E 43 2.30 -15.27 -8.80
CA LYS E 43 2.78 -14.47 -7.68
C LYS E 43 3.15 -15.35 -6.49
N ALA E 44 4.41 -15.28 -6.06
CA ALA E 44 4.86 -16.14 -4.99
C ALA E 44 5.91 -15.45 -4.13
N PRO E 45 6.05 -15.89 -2.87
CA PRO E 45 7.08 -15.39 -1.95
C PRO E 45 8.50 -15.47 -2.51
N GLU E 46 8.79 -16.49 -3.29
CA GLU E 46 10.12 -16.66 -3.87
C GLU E 46 10.05 -16.67 -5.39
N VAL E 47 11.14 -16.27 -6.04
CA VAL E 47 11.17 -16.10 -7.50
C VAL E 47 10.82 -17.37 -8.28
N PRO E 48 11.53 -18.49 -8.04
CA PRO E 48 11.27 -19.64 -8.89
C PRO E 48 9.85 -20.16 -8.78
N LEU E 49 9.32 -20.20 -7.57
CA LEU E 49 7.96 -20.70 -7.36
C LEU E 49 6.98 -19.84 -8.15
N ALA E 50 7.27 -18.55 -8.21
CA ALA E 50 6.46 -17.62 -8.97
C ALA E 50 6.53 -17.96 -10.46
N VAL E 51 7.75 -18.22 -10.93
CA VAL E 51 7.95 -18.57 -12.33
C VAL E 51 7.15 -19.81 -12.71
N GLN E 52 7.32 -20.87 -11.92
CA GLN E 52 6.62 -22.13 -12.14
C GLN E 52 5.11 -21.92 -12.17
N LYS E 53 4.61 -21.24 -11.14
CA LYS E 53 3.17 -21.02 -11.02
C LYS E 53 2.66 -20.26 -12.25
N ALA E 54 3.47 -19.32 -12.72
CA ALA E 54 3.12 -18.57 -13.92
C ALA E 54 3.03 -19.50 -15.11
N GLY E 55 3.96 -20.44 -15.19
CA GLY E 55 3.91 -21.45 -16.23
C GLY E 55 2.59 -22.20 -16.22
N TYR E 56 2.23 -22.71 -15.04
CA TYR E 56 0.96 -23.41 -14.85
C TYR E 56 -0.23 -22.60 -15.35
N TYR E 57 -0.35 -21.38 -14.82
CA TYR E 57 -1.45 -20.50 -15.18
C TYR E 57 -1.49 -20.26 -16.68
N ALA E 58 -0.31 -20.11 -17.27
CA ALA E 58 -0.21 -19.84 -18.69
C ALA E 58 -0.72 -21.01 -19.50
N ARG E 59 -0.31 -22.23 -19.12
CA ARG E 59 -0.74 -23.42 -19.83
C ARG E 59 -2.24 -23.63 -19.66
N ARG E 60 -2.80 -23.06 -18.60
CA ARG E 60 -4.25 -23.16 -18.41
C ARG E 60 -5.03 -22.23 -19.33
N ASN E 61 -4.49 -21.04 -19.57
CA ASN E 61 -5.14 -20.06 -20.46
C ASN E 61 -4.50 -20.04 -21.84
N MET E 62 -5.21 -20.55 -22.84
CA MET E 62 -4.62 -20.71 -24.18
C MET E 62 -5.37 -19.94 -25.27
N VAL E 63 -4.65 -19.65 -26.35
CA VAL E 63 -5.22 -18.95 -27.50
C VAL E 63 -4.78 -19.63 -28.79
N GLU E 64 -5.75 -19.92 -29.63
CA GLU E 64 -5.50 -20.56 -30.92
C GLU E 64 -5.33 -19.49 -32.00
N VAL E 65 -4.12 -19.38 -32.53
CA VAL E 65 -3.79 -18.32 -33.48
C VAL E 65 -3.81 -18.79 -34.92
N PRO E 66 -4.70 -18.22 -35.74
CA PRO E 66 -4.86 -18.56 -37.15
C PRO E 66 -3.77 -17.97 -38.03
N LEU E 67 -2.63 -18.64 -38.13
CA LEU E 67 -1.53 -18.18 -38.98
C LEU E 67 -1.78 -18.41 -40.48
N GLN E 68 -1.30 -17.46 -41.30
CA GLN E 68 -1.29 -17.63 -42.74
C GLN E 68 0.11 -17.35 -43.26
N ASN E 69 0.79 -18.39 -43.74
CA ASN E 69 2.16 -18.28 -44.23
C ASN E 69 3.06 -17.55 -43.25
N GLY E 70 2.91 -17.83 -41.97
CA GLY E 70 3.78 -17.26 -40.95
C GLY E 70 3.41 -15.89 -40.43
N THR E 71 2.33 -15.31 -40.94
CA THR E 71 1.89 -14.00 -40.46
C THR E 71 0.44 -14.02 -40.04
N ILE E 72 -0.07 -12.83 -39.72
CA ILE E 72 -1.43 -12.67 -39.22
C ILE E 72 -2.38 -12.45 -40.41
N PRO E 73 -3.64 -12.89 -40.28
CA PRO E 73 -4.63 -12.73 -41.35
C PRO E 73 -5.05 -11.29 -41.65
N HIS E 74 -5.15 -10.43 -40.62
CA HIS E 74 -5.58 -9.05 -40.82
C HIS E 74 -5.12 -8.14 -39.69
N GLU E 75 -5.11 -6.83 -39.94
CA GLU E 75 -4.64 -5.86 -38.95
C GLU E 75 -5.60 -5.65 -37.77
N ILE E 76 -5.14 -5.82 -36.55
CA ILE E 76 -5.97 -5.52 -35.39
C ILE E 76 -5.36 -4.43 -34.53
N GLU E 77 -6.23 -3.72 -33.84
CA GLU E 77 -5.86 -2.63 -32.97
C GLU E 77 -6.63 -2.84 -31.68
N VAL E 78 -5.92 -3.04 -30.57
CA VAL E 78 -6.61 -3.40 -29.34
C VAL E 78 -6.26 -2.49 -28.18
N GLU E 79 -7.28 -1.99 -27.50
CA GLU E 79 -7.09 -1.20 -26.30
C GLU E 79 -7.35 -2.06 -25.07
N PHE E 80 -6.30 -2.30 -24.31
CA PHE E 80 -6.45 -2.89 -22.98
C PHE E 80 -6.05 -1.82 -21.96
N GLY E 81 -7.03 -1.32 -21.23
CA GLY E 81 -6.79 -0.22 -20.33
C GLY E 81 -6.32 0.99 -21.11
N ALA E 82 -5.20 1.58 -20.69
CA ALA E 82 -4.65 2.71 -21.41
C ALA E 82 -3.56 2.27 -22.39
N SER E 83 -3.37 0.95 -22.51
CA SER E 83 -2.35 0.41 -23.41
C SER E 83 -2.96 -0.01 -24.73
N LYS E 84 -2.43 0.51 -25.83
CA LYS E 84 -2.90 0.14 -27.15
C LYS E 84 -1.88 -0.74 -27.82
N ILE E 85 -2.33 -1.69 -28.62
CA ILE E 85 -1.42 -2.53 -29.38
C ILE E 85 -1.90 -2.54 -30.81
N VAL E 86 -0.95 -2.45 -31.74
CA VAL E 86 -1.29 -2.42 -33.15
C VAL E 86 -0.53 -3.49 -33.89
N LEU E 87 -1.24 -4.49 -34.41
CA LEU E 87 -0.61 -5.54 -35.19
C LEU E 87 -1.06 -5.49 -36.65
N LYS E 88 -0.09 -5.39 -37.55
CA LYS E 88 -0.33 -5.38 -38.98
C LYS E 88 0.48 -6.52 -39.58
N PRO E 89 -0.11 -7.25 -40.54
CA PRO E 89 0.60 -8.39 -41.14
C PRO E 89 1.67 -7.96 -42.12
N ALA E 90 2.61 -8.86 -42.43
CA ALA E 90 3.73 -8.51 -43.30
C ALA E 90 4.14 -9.66 -44.23
N ALA E 91 4.76 -9.30 -45.35
CA ALA E 91 5.25 -10.28 -46.30
C ALA E 91 6.46 -11.03 -45.73
N PRO E 92 6.65 -12.30 -46.13
CA PRO E 92 7.74 -13.13 -45.61
C PRO E 92 9.12 -12.53 -45.84
N GLY E 93 9.99 -12.66 -44.85
CA GLY E 93 11.33 -12.12 -44.93
C GLY E 93 11.50 -10.87 -44.10
N THR E 94 10.40 -10.38 -43.55
CA THR E 94 10.41 -9.15 -42.77
C THR E 94 10.98 -9.39 -41.38
N GLY E 95 10.54 -10.47 -40.73
CA GLY E 95 10.92 -10.77 -39.38
C GLY E 95 9.95 -10.15 -38.38
N VAL E 96 9.95 -10.64 -37.14
CA VAL E 96 9.08 -10.06 -36.14
C VAL E 96 9.60 -8.69 -35.77
N ILE E 97 8.79 -7.67 -35.97
CA ILE E 97 9.18 -6.34 -35.57
C ILE E 97 8.26 -5.87 -34.46
N ALA E 98 8.78 -5.85 -33.23
CA ALA E 98 7.95 -5.52 -32.07
C ALA E 98 8.79 -5.21 -30.85
N GLY E 99 8.12 -4.80 -29.79
CA GLY E 99 8.79 -4.59 -28.52
C GLY E 99 9.05 -5.95 -27.91
N ALA E 100 9.81 -5.98 -26.82
CA ALA E 100 10.19 -7.24 -26.20
C ALA E 100 8.98 -8.13 -25.93
N VAL E 101 7.96 -7.55 -25.31
CA VAL E 101 6.80 -8.32 -24.88
C VAL E 101 6.01 -8.94 -26.04
N PRO E 102 5.50 -8.10 -26.96
CA PRO E 102 4.73 -8.75 -28.01
C PRO E 102 5.62 -9.58 -28.94
N ARG E 103 6.91 -9.27 -29.00
CA ARG E 103 7.81 -10.10 -29.78
C ARG E 103 7.81 -11.50 -29.21
N ALA E 104 8.00 -11.62 -27.91
CA ALA E 104 8.07 -12.94 -27.31
C ALA E 104 6.75 -13.68 -27.48
N ILE E 105 5.66 -12.99 -27.21
CA ILE E 105 4.35 -13.62 -27.32
C ILE E 105 4.09 -14.12 -28.74
N LEU E 106 4.32 -13.26 -29.72
CA LEU E 106 4.10 -13.62 -31.11
C LEU E 106 5.03 -14.72 -31.60
N GLU E 107 6.29 -14.63 -31.19
CA GLU E 107 7.33 -15.58 -31.58
C GLU E 107 7.00 -16.97 -31.08
N LEU E 108 6.42 -17.07 -29.89
CA LEU E 108 6.04 -18.38 -29.39
C LEU E 108 4.74 -18.86 -30.00
N ALA E 109 4.02 -17.96 -30.66
CA ALA E 109 2.81 -18.32 -31.36
C ALA E 109 3.13 -18.86 -32.75
N GLY E 110 4.38 -18.67 -33.16
CA GLY E 110 4.82 -19.17 -34.45
C GLY E 110 4.74 -18.14 -35.57
N VAL E 111 4.65 -16.87 -35.21
CA VAL E 111 4.69 -15.81 -36.19
C VAL E 111 6.14 -15.58 -36.61
N THR E 112 6.36 -15.37 -37.90
CA THR E 112 7.70 -15.09 -38.42
C THR E 112 7.80 -13.62 -38.81
N ASP E 113 6.94 -13.18 -39.73
CA ASP E 113 6.94 -11.79 -40.17
C ASP E 113 5.67 -11.05 -39.73
N ILE E 114 5.86 -9.99 -38.94
CA ILE E 114 4.75 -9.14 -38.50
C ILE E 114 5.26 -7.75 -38.12
N LEU E 115 4.36 -6.77 -38.16
CA LEU E 115 4.69 -5.39 -37.84
C LEU E 115 3.83 -4.88 -36.70
N THR E 116 4.43 -4.41 -35.61
CA THR E 116 3.64 -3.95 -34.49
C THR E 116 3.98 -2.55 -34.03
N LYS E 117 3.10 -1.99 -33.21
CA LYS E 117 3.42 -0.77 -32.47
C LYS E 117 2.73 -0.80 -31.12
N GLU E 118 3.46 -0.45 -30.06
CA GLU E 118 2.87 -0.26 -28.74
C GLU E 118 2.49 1.20 -28.59
N LEU E 119 1.24 1.46 -28.25
CA LEU E 119 0.78 2.83 -28.11
C LEU E 119 0.22 3.08 -26.72
N GLY E 120 0.09 4.35 -26.35
CA GLY E 120 -0.38 4.69 -25.03
C GLY E 120 0.56 4.18 -23.97
N SER E 121 0.01 3.60 -22.91
CA SER E 121 0.82 3.02 -21.85
C SER E 121 1.64 1.85 -22.36
N ARG E 122 2.92 1.85 -22.03
CA ARG E 122 3.83 0.78 -22.45
C ARG E 122 3.95 -0.32 -21.40
N ASN E 123 3.16 -0.22 -20.35
CA ASN E 123 3.28 -1.13 -19.22
C ASN E 123 3.23 -2.59 -19.66
N PRO E 124 4.29 -3.34 -19.38
CA PRO E 124 4.48 -4.70 -19.89
C PRO E 124 3.28 -5.60 -19.67
N ILE E 125 2.71 -5.59 -18.47
CA ILE E 125 1.59 -6.46 -18.17
C ILE E 125 0.43 -6.17 -19.12
N ASN E 126 0.00 -4.91 -19.14
CA ASN E 126 -1.16 -4.54 -19.94
C ASN E 126 -0.89 -4.72 -21.43
N ILE E 127 0.36 -4.58 -21.83
CA ILE E 127 0.71 -4.78 -23.23
C ILE E 127 0.58 -6.26 -23.57
N ALA E 128 1.04 -7.12 -22.67
CA ALA E 128 0.92 -8.55 -22.88
C ALA E 128 -0.54 -8.96 -23.00
N TYR E 129 -1.35 -8.50 -22.06
CA TYR E 129 -2.77 -8.79 -22.11
C TYR E 129 -3.39 -8.28 -23.41
N ALA E 130 -2.99 -7.08 -23.81
CA ALA E 130 -3.50 -6.46 -25.03
C ALA E 130 -3.20 -7.33 -26.24
N THR E 131 -1.95 -7.74 -26.35
CA THR E 131 -1.51 -8.62 -27.43
C THR E 131 -2.32 -9.89 -27.46
N MET E 132 -2.52 -10.47 -26.28
CA MET E 132 -3.31 -11.68 -26.17
C MET E 132 -4.71 -11.48 -26.73
N GLU E 133 -5.42 -10.48 -26.23
CA GLU E 133 -6.78 -10.25 -26.70
C GLU E 133 -6.79 -9.95 -28.19
N ALA E 134 -5.70 -9.37 -28.68
CA ALA E 134 -5.57 -9.11 -30.10
C ALA E 134 -5.58 -10.40 -30.89
N LEU E 135 -4.70 -11.33 -30.51
CA LEU E 135 -4.63 -12.61 -31.18
C LEU E 135 -5.95 -13.35 -31.06
N ARG E 136 -6.59 -13.18 -29.91
CA ARG E 136 -7.86 -13.84 -29.60
C ARG E 136 -9.00 -13.24 -30.42
N GLN E 137 -8.77 -12.06 -31.00
CA GLN E 137 -9.80 -11.41 -31.83
C GLN E 137 -9.64 -11.67 -33.32
N LEU E 138 -8.59 -12.40 -33.69
CA LEU E 138 -8.32 -12.67 -35.10
C LEU E 138 -9.34 -13.61 -35.71
N ARG E 139 -9.68 -13.35 -36.98
CA ARG E 139 -10.59 -14.21 -37.72
C ARG E 139 -9.94 -14.59 -39.04
N THR E 140 -10.48 -15.61 -39.68
CA THR E 140 -10.02 -16.04 -41.00
C THR E 140 -11.17 -15.91 -41.96
N LYS E 141 -10.88 -15.82 -43.26
CA LYS E 141 -11.90 -15.78 -44.29
C LYS E 141 -12.90 -16.90 -44.07
N ALA E 142 -12.38 -18.06 -43.66
CA ALA E 142 -13.21 -19.20 -43.27
C ALA E 142 -14.20 -18.81 -42.18
N ASP E 143 -13.69 -18.20 -41.11
CA ASP E 143 -14.52 -17.84 -39.96
C ASP E 143 -15.57 -16.82 -40.37
N VAL E 144 -15.13 -15.87 -41.17
CA VAL E 144 -15.99 -14.79 -41.60
C VAL E 144 -17.17 -15.33 -42.40
N GLU E 145 -16.87 -16.14 -43.41
CA GLU E 145 -17.93 -16.68 -44.23
C GLU E 145 -18.78 -17.65 -43.43
N ARG E 146 -18.17 -18.23 -42.38
CA ARG E 146 -18.90 -19.10 -41.48
C ARG E 146 -19.98 -18.31 -40.76
N LEU E 147 -19.65 -17.06 -40.42
CA LEU E 147 -20.59 -16.20 -39.71
C LEU E 147 -21.72 -15.72 -40.58
N ARG E 148 -21.41 -15.39 -41.83
CA ARG E 148 -22.37 -14.71 -42.70
C ARG E 148 -23.24 -15.66 -43.52
N LYS E 149 -23.17 -16.95 -43.23
CA LYS E 149 -23.99 -17.95 -43.91
C LYS E 149 -25.46 -17.55 -43.98
N GLY E 150 -26.14 -17.58 -42.83
CA GLY E 150 -27.52 -17.15 -42.75
C GLY E 150 -28.51 -17.84 -43.66
N GLU E 151 -28.56 -19.17 -43.60
N MET F 1 -61.46 43.75 -14.86
CA MET F 1 -62.62 43.33 -14.08
C MET F 1 -62.42 41.95 -13.48
N ARG F 2 -62.05 41.91 -12.21
CA ARG F 2 -61.85 40.64 -11.53
C ARG F 2 -62.71 40.56 -10.27
N ARG F 3 -62.84 39.34 -9.75
CA ARG F 3 -63.67 39.07 -8.58
C ARG F 3 -62.82 38.91 -7.33
N TYR F 4 -63.02 39.81 -6.36
CA TYR F 4 -62.27 39.77 -5.12
C TYR F 4 -63.14 39.52 -3.90
N GLU F 5 -62.49 39.43 -2.75
CA GLU F 5 -63.14 39.30 -1.46
C GLU F 5 -62.48 40.28 -0.49
N VAL F 6 -63.30 41.12 0.13
CA VAL F 6 -62.82 42.14 1.04
C VAL F 6 -63.13 41.79 2.48
N ASN F 7 -62.08 41.53 3.26
CA ASN F 7 -62.21 41.29 4.69
C ASN F 7 -61.92 42.57 5.44
N ILE F 8 -62.84 42.97 6.32
CA ILE F 8 -62.64 44.17 7.11
C ILE F 8 -62.90 43.88 8.59
N VAL F 9 -61.93 44.21 9.45
CA VAL F 9 -62.11 44.06 10.88
C VAL F 9 -62.09 45.43 11.53
N LEU F 10 -63.19 45.80 12.19
CA LEU F 10 -63.26 47.10 12.85
C LEU F 10 -63.63 47.00 14.33
N ASN F 11 -63.65 48.16 14.98
CA ASN F 11 -63.80 48.27 16.43
C ASN F 11 -65.11 47.66 16.93
N PRO F 12 -65.02 46.65 17.79
CA PRO F 12 -66.19 45.97 18.35
C PRO F 12 -67.02 46.84 19.32
N ASN F 13 -66.44 47.92 19.82
CA ASN F 13 -67.12 48.75 20.82
C ASN F 13 -68.09 49.75 20.21
N LEU F 14 -68.18 49.76 18.88
CA LEU F 14 -68.99 50.75 18.19
C LEU F 14 -70.48 50.65 18.51
N ASP F 15 -71.08 51.78 18.86
CA ASP F 15 -72.52 51.86 18.98
C ASP F 15 -73.11 51.88 17.57
N GLN F 16 -74.40 51.58 17.46
CA GLN F 16 -75.06 51.43 16.17
C GLN F 16 -74.89 52.63 15.24
N SER F 17 -74.72 53.81 15.81
CA SER F 17 -74.60 55.03 15.01
C SER F 17 -73.25 55.06 14.30
N GLN F 18 -72.17 55.09 15.08
CA GLN F 18 -70.82 55.09 14.53
C GLN F 18 -70.56 53.90 13.60
N LEU F 19 -71.12 52.75 13.98
CA LEU F 19 -71.03 51.57 13.13
C LEU F 19 -71.69 51.84 11.78
N ALA F 20 -72.91 52.35 11.82
CA ALA F 20 -73.64 52.68 10.60
C ALA F 20 -72.86 53.66 9.75
N LEU F 21 -72.19 54.61 10.40
CA LEU F 21 -71.42 55.63 9.68
C LEU F 21 -70.23 54.98 8.98
N GLU F 22 -69.55 54.09 9.69
CA GLU F 22 -68.40 53.40 9.13
C GLU F 22 -68.79 52.56 7.92
N LYS F 23 -69.90 51.83 8.04
CA LYS F 23 -70.38 51.03 6.93
C LYS F 23 -70.83 51.91 5.78
N GLU F 24 -71.37 53.09 6.11
CA GLU F 24 -71.78 54.06 5.11
C GLU F 24 -70.57 54.53 4.31
N ILE F 25 -69.45 54.75 5.00
CA ILE F 25 -68.25 55.21 4.34
C ILE F 25 -67.66 54.07 3.52
N ILE F 26 -67.86 52.85 4.00
CA ILE F 26 -67.38 51.68 3.27
C ILE F 26 -68.11 51.52 1.94
N GLN F 27 -69.44 51.52 2.00
CA GLN F 27 -70.25 51.44 0.79
C GLN F 27 -69.92 52.61 -0.14
N ARG F 28 -69.77 53.80 0.45
CA ARG F 28 -69.45 55.00 -0.30
C ARG F 28 -68.18 54.81 -1.10
N ALA F 29 -67.08 54.57 -0.41
CA ALA F 29 -65.78 54.35 -1.05
C ALA F 29 -65.86 53.22 -2.07
N LEU F 30 -66.65 52.21 -1.79
CA LEU F 30 -66.82 51.09 -2.72
C LEU F 30 -67.42 51.56 -4.04
N GLU F 31 -68.51 52.31 -3.97
CA GLU F 31 -69.16 52.81 -5.16
C GLU F 31 -68.26 53.81 -5.88
N ASN F 32 -67.44 54.51 -5.11
CA ASN F 32 -66.50 55.48 -5.67
C ASN F 32 -65.45 54.79 -6.53
N TYR F 33 -65.00 53.63 -6.09
CA TYR F 33 -63.99 52.87 -6.82
C TYR F 33 -64.64 51.83 -7.73
N GLY F 34 -65.96 51.84 -7.80
CA GLY F 34 -66.68 51.01 -8.74
C GLY F 34 -66.59 49.51 -8.50
N ALA F 35 -66.98 49.09 -7.31
CA ALA F 35 -67.00 47.67 -6.99
C ALA F 35 -68.44 47.16 -6.89
N ARG F 36 -68.82 46.29 -7.81
CA ARG F 36 -70.14 45.66 -7.75
C ARG F 36 -70.14 44.63 -6.62
N VAL F 37 -71.21 44.60 -5.84
CA VAL F 37 -71.27 43.70 -4.70
C VAL F 37 -72.12 42.48 -5.02
N GLU F 38 -71.49 41.31 -5.01
CA GLU F 38 -72.20 40.06 -5.31
C GLU F 38 -72.99 39.58 -4.11
N LYS F 39 -72.37 39.63 -2.93
CA LYS F 39 -73.05 39.31 -1.69
C LYS F 39 -72.29 39.87 -0.50
N VAL F 40 -72.83 39.65 0.70
CA VAL F 40 -72.20 40.15 1.91
C VAL F 40 -72.49 39.19 3.07
N GLU F 41 -71.52 39.04 3.96
CA GLU F 41 -71.70 38.26 5.18
C GLU F 41 -71.19 39.04 6.38
N GLU F 42 -72.10 39.39 7.29
CA GLU F 42 -71.70 40.13 8.49
C GLU F 42 -71.64 39.17 9.67
N LEU F 43 -70.43 38.88 10.13
CA LEU F 43 -70.22 37.91 11.20
C LEU F 43 -70.18 38.57 12.57
N GLY F 44 -70.23 39.90 12.58
CA GLY F 44 -70.24 40.64 13.83
C GLY F 44 -68.99 40.46 14.67
N LEU F 45 -69.16 40.63 15.98
CA LEU F 45 -68.03 40.53 16.88
C LEU F 45 -67.64 39.08 17.13
N ARG F 46 -66.34 38.81 17.05
CA ARG F 46 -65.78 37.51 17.38
C ARG F 46 -64.49 37.69 18.17
N ARG F 47 -64.09 36.64 18.87
CA ARG F 47 -62.97 36.70 19.79
C ARG F 47 -61.66 36.38 19.08
N LEU F 48 -60.77 37.35 19.03
CA LEU F 48 -59.50 37.21 18.31
C LEU F 48 -58.53 36.28 19.02
N ALA F 49 -57.58 35.73 18.27
CA ALA F 49 -56.61 34.80 18.82
C ALA F 49 -55.47 35.53 19.52
N TYR F 50 -55.29 36.79 19.16
CA TYR F 50 -54.31 37.64 19.82
C TYR F 50 -54.84 39.06 19.83
N PRO F 51 -54.44 39.86 20.83
CA PRO F 51 -54.94 41.23 20.91
C PRO F 51 -54.60 42.09 19.70
N ILE F 52 -55.60 42.74 19.12
CA ILE F 52 -55.41 43.67 18.03
C ILE F 52 -55.90 45.04 18.49
N ALA F 53 -55.03 46.05 18.37
CA ALA F 53 -55.33 47.39 18.86
C ALA F 53 -55.76 47.34 20.32
N LYS F 54 -55.10 46.47 21.07
CA LYS F 54 -55.30 46.29 22.52
C LYS F 54 -56.66 45.71 22.89
N ASP F 55 -57.51 45.48 21.89
CA ASP F 55 -58.84 44.93 22.14
C ASP F 55 -58.89 43.44 21.80
N PRO F 56 -59.38 42.61 22.74
CA PRO F 56 -59.46 41.14 22.65
C PRO F 56 -60.44 40.61 21.60
N GLN F 57 -61.33 41.45 21.09
CA GLN F 57 -62.28 41.01 20.07
C GLN F 57 -62.26 41.93 18.85
N GLY F 58 -63.08 41.58 17.85
CA GLY F 58 -63.21 42.43 16.67
C GLY F 58 -64.47 42.17 15.87
N TYR F 59 -64.92 43.18 15.13
CA TYR F 59 -66.15 43.06 14.36
C TYR F 59 -65.80 42.81 12.91
N PHE F 60 -66.46 41.82 12.30
CA PHE F 60 -66.05 41.33 10.98
C PHE F 60 -67.04 41.64 9.85
N LEU F 61 -66.49 42.02 8.71
CA LEU F 61 -67.25 42.25 7.49
C LEU F 61 -66.61 41.51 6.34
N TRP F 62 -67.42 40.89 5.50
CA TRP F 62 -66.92 40.14 4.35
C TRP F 62 -67.70 40.48 3.09
N TYR F 63 -67.02 41.06 2.10
CA TYR F 63 -67.70 41.48 0.89
C TYR F 63 -67.15 40.77 -0.34
N GLN F 64 -67.93 39.91 -0.98
CA GLN F 64 -67.50 39.37 -2.26
C GLN F 64 -67.89 40.37 -3.34
N VAL F 65 -66.89 40.91 -4.03
CA VAL F 65 -67.15 41.97 -5.00
C VAL F 65 -66.50 41.68 -6.34
N GLU F 66 -66.77 42.55 -7.30
CA GLU F 66 -66.11 42.50 -8.61
C GLU F 66 -65.77 43.93 -9.00
N MET F 67 -64.49 44.17 -9.28
CA MET F 67 -64.04 45.52 -9.56
C MET F 67 -62.93 45.52 -10.58
N PRO F 68 -62.67 46.67 -11.21
CA PRO F 68 -61.48 46.78 -12.07
C PRO F 68 -60.21 46.53 -11.29
N GLU F 69 -59.37 45.66 -11.82
CA GLU F 69 -58.13 45.25 -11.18
C GLU F 69 -57.28 46.46 -10.79
N ASP F 70 -57.07 47.34 -11.76
CA ASP F 70 -56.11 48.44 -11.65
C ASP F 70 -56.26 49.28 -10.38
N ARG F 71 -57.48 49.41 -9.88
CA ARG F 71 -57.70 50.28 -8.73
C ARG F 71 -57.76 49.59 -7.37
N VAL F 72 -57.65 48.26 -7.34
CA VAL F 72 -57.83 47.51 -6.09
C VAL F 72 -56.94 48.02 -4.96
N ASN F 73 -55.63 48.10 -5.21
CA ASN F 73 -54.70 48.66 -4.24
C ASN F 73 -55.19 50.03 -3.80
N ASP F 74 -55.47 50.88 -4.78
CA ASP F 74 -55.87 52.25 -4.53
C ASP F 74 -57.13 52.30 -3.66
N LEU F 75 -57.92 51.23 -3.70
CA LEU F 75 -59.10 51.14 -2.86
C LEU F 75 -58.70 50.86 -1.41
N ALA F 76 -57.90 49.82 -1.23
CA ALA F 76 -57.53 49.35 0.10
C ALA F 76 -57.01 50.49 0.96
N ARG F 77 -56.14 51.30 0.35
CA ARG F 77 -55.59 52.48 0.99
C ARG F 77 -56.68 53.26 1.70
N GLU F 78 -57.66 53.72 0.93
CA GLU F 78 -58.79 54.48 1.46
C GLU F 78 -59.46 53.78 2.64
N LEU F 79 -59.70 52.48 2.51
CA LEU F 79 -60.39 51.74 3.55
C LEU F 79 -59.63 51.73 4.86
N ARG F 80 -58.34 52.03 4.81
CA ARG F 80 -57.51 52.00 6.00
C ARG F 80 -57.45 53.35 6.69
N ILE F 81 -58.05 54.37 6.08
CA ILE F 81 -57.94 55.73 6.61
C ILE F 81 -58.65 55.84 7.96
N ARG F 82 -59.88 55.34 8.01
CA ARG F 82 -60.70 55.46 9.21
C ARG F 82 -60.03 54.81 10.42
N ASP F 83 -59.98 55.54 11.53
CA ASP F 83 -59.40 55.04 12.76
C ASP F 83 -60.11 53.80 13.23
N ASN F 84 -61.41 53.74 12.98
CA ASN F 84 -62.24 52.64 13.44
C ASN F 84 -61.95 51.34 12.70
N VAL F 85 -61.23 51.41 11.59
CA VAL F 85 -60.95 50.23 10.80
C VAL F 85 -59.54 49.72 11.08
N ARG F 86 -59.44 48.61 11.80
CA ARG F 86 -58.15 48.09 12.20
C ARG F 86 -57.55 47.00 11.30
N ARG F 87 -58.35 46.42 10.39
CA ARG F 87 -57.82 45.43 9.45
C ARG F 87 -58.50 45.47 8.10
N VAL F 88 -57.70 45.39 7.04
CA VAL F 88 -58.22 45.29 5.69
C VAL F 88 -57.41 44.23 4.94
N MET F 89 -58.10 43.23 4.40
CA MET F 89 -57.41 42.24 3.55
C MET F 89 -58.22 41.92 2.30
N VAL F 90 -57.63 42.18 1.14
CA VAL F 90 -58.30 41.92 -0.12
C VAL F 90 -57.70 40.71 -0.80
N VAL F 91 -58.53 39.76 -1.21
CA VAL F 91 -58.02 38.52 -1.79
C VAL F 91 -58.66 38.24 -3.14
N LYS F 92 -57.86 37.87 -4.13
CA LYS F 92 -58.43 37.36 -5.37
C LYS F 92 -59.23 36.11 -5.05
N SER F 93 -60.49 36.09 -5.47
CA SER F 93 -61.36 34.96 -5.21
C SER F 93 -60.84 33.71 -5.90
N GLN F 94 -61.03 32.56 -5.28
CA GLN F 94 -60.55 31.31 -5.85
C GLN F 94 -61.60 30.21 -5.73
N GLU F 95 -61.63 29.31 -6.70
CA GLU F 95 -62.51 28.16 -6.60
C GLU F 95 -62.07 27.30 -5.42
N PRO F 96 -63.02 26.90 -4.57
CA PRO F 96 -62.73 26.14 -3.35
C PRO F 96 -62.00 24.83 -3.66
N PHE F 97 -60.93 24.57 -2.92
CA PHE F 97 -60.16 23.35 -3.11
C PHE F 97 -60.46 22.39 -1.97
N LEU F 98 -61.22 21.34 -2.27
CA LEU F 98 -61.70 20.42 -1.25
C LEU F 98 -60.64 19.39 -0.89
N ALA F 99 -60.65 18.96 0.36
CA ALA F 99 -59.74 17.91 0.81
C ALA F 99 -60.53 16.82 1.52
N ASN F 100 -60.00 15.61 1.51
CA ASN F 100 -60.65 14.47 2.13
C ASN F 100 -62.05 14.29 1.54
N ALA F 101 -62.14 14.38 0.23
CA ALA F 101 -63.42 14.30 -0.47
C ALA F 101 -63.61 12.96 -1.15
N ALA G 1 -9.05 -4.49 38.28
CA ALA G 1 -10.23 -5.30 38.03
C ALA G 1 -11.00 -4.81 36.81
N ARG G 2 -10.39 -4.92 35.64
CA ARG G 2 -11.02 -4.46 34.42
C ARG G 2 -12.04 -5.48 33.92
N ARG G 3 -11.74 -6.75 34.13
CA ARG G 3 -12.60 -7.81 33.64
C ARG G 3 -13.69 -8.15 34.64
N ARG G 4 -13.31 -8.76 35.76
CA ARG G 4 -14.26 -9.29 36.73
C ARG G 4 -14.86 -8.20 37.62
N ARG G 5 -15.74 -8.61 38.52
CA ARG G 5 -16.35 -7.69 39.48
C ARG G 5 -15.63 -7.72 40.81
N ALA G 6 -14.56 -8.52 40.89
CA ALA G 6 -13.70 -8.54 42.07
C ALA G 6 -14.43 -8.90 43.37
N GLU G 7 -14.79 -10.16 43.51
CA GLU G 7 -15.49 -10.64 44.71
C GLU G 7 -14.75 -10.34 46.00
N VAL G 8 -15.50 -10.11 47.07
CA VAL G 8 -14.95 -9.76 48.38
C VAL G 8 -14.47 -10.99 49.12
N ARG G 9 -13.35 -10.84 49.84
CA ARG G 9 -12.83 -11.91 50.67
C ARG G 9 -13.71 -12.17 51.87
N GLN G 10 -13.98 -13.44 52.16
CA GLN G 10 -14.72 -13.79 53.36
C GLN G 10 -13.72 -14.15 54.45
N LEU G 11 -13.85 -13.51 55.60
CA LEU G 11 -12.92 -13.70 56.70
C LEU G 11 -13.45 -14.75 57.66
N GLN G 12 -12.55 -15.53 58.24
CA GLN G 12 -12.92 -16.49 59.28
C GLN G 12 -13.46 -15.75 60.49
N PRO G 13 -14.42 -16.35 61.21
CA PRO G 13 -15.01 -15.64 62.35
C PRO G 13 -14.04 -15.43 63.47
N ASP G 14 -14.37 -14.51 64.38
CA ASP G 14 -13.55 -14.29 65.55
C ASP G 14 -13.42 -15.56 66.35
N LEU G 15 -12.22 -15.84 66.84
CA LEU G 15 -11.98 -17.03 67.63
C LEU G 15 -12.75 -16.98 68.94
N VAL G 16 -13.13 -15.77 69.34
CA VAL G 16 -13.82 -15.54 70.60
C VAL G 16 -15.31 -15.24 70.39
N TYR G 17 -15.61 -14.05 69.88
CA TYR G 17 -17.00 -13.61 69.73
C TYR G 17 -17.66 -14.17 68.47
N GLY G 18 -16.88 -14.79 67.60
CA GLY G 18 -17.41 -15.37 66.38
C GLY G 18 -17.87 -14.34 65.37
N ASP G 19 -17.35 -13.12 65.50
CA ASP G 19 -17.73 -12.05 64.60
C ASP G 19 -16.61 -11.78 63.60
N VAL G 20 -16.96 -11.71 62.32
CA VAL G 20 -15.99 -11.49 61.26
C VAL G 20 -15.46 -10.07 61.30
N LEU G 21 -16.29 -9.14 61.78
CA LEU G 21 -15.92 -7.74 61.90
C LEU G 21 -14.74 -7.58 62.85
N VAL G 22 -14.80 -8.32 63.95
CA VAL G 22 -13.71 -8.36 64.91
C VAL G 22 -12.43 -8.75 64.19
N THR G 23 -12.46 -9.85 63.45
CA THR G 23 -11.30 -10.35 62.73
C THR G 23 -10.74 -9.30 61.79
N ALA G 24 -11.64 -8.63 61.07
CA ALA G 24 -11.24 -7.55 60.17
C ALA G 24 -10.46 -6.48 60.94
N PHE G 25 -10.95 -6.13 62.12
CA PHE G 25 -10.27 -5.16 62.95
C PHE G 25 -8.90 -5.68 63.39
N ILE G 26 -8.85 -6.97 63.73
CA ILE G 26 -7.60 -7.60 64.11
C ILE G 26 -6.59 -7.38 63.00
N ASN G 27 -7.03 -7.66 61.77
CA ASN G 27 -6.17 -7.57 60.61
C ASN G 27 -5.68 -6.15 60.40
N LYS G 28 -6.56 -5.17 60.55
CA LYS G 28 -6.14 -3.78 60.39
C LYS G 28 -5.11 -3.42 61.45
N ILE G 29 -5.24 -4.01 62.64
CA ILE G 29 -4.25 -3.78 63.69
C ILE G 29 -2.95 -4.49 63.37
N MET G 30 -3.05 -5.61 62.63
CA MET G 30 -1.90 -6.45 62.36
C MET G 30 -0.80 -5.70 61.65
N ARG G 31 0.44 -6.06 61.96
CA ARG G 31 1.60 -5.36 61.46
C ARG G 31 2.68 -6.38 61.18
N ASP G 32 3.32 -6.27 60.01
CA ASP G 32 4.38 -7.20 59.61
C ASP G 32 3.92 -8.64 59.69
N GLY G 33 2.62 -8.84 59.51
CA GLY G 33 2.05 -10.18 59.55
C GLY G 33 2.12 -10.88 60.89
N LYS G 34 2.13 -10.13 61.98
CA LYS G 34 2.04 -10.75 63.29
C LYS G 34 0.59 -10.78 63.75
N LYS G 35 -0.02 -11.96 63.69
CA LYS G 35 -1.43 -12.11 64.02
C LYS G 35 -1.59 -12.20 65.52
N ASN G 36 -0.70 -12.96 66.14
CA ASN G 36 -0.82 -13.25 67.55
C ASN G 36 -0.71 -11.96 68.35
N LEU G 37 0.24 -11.12 67.98
CA LEU G 37 0.42 -9.85 68.67
C LEU G 37 -0.83 -9.00 68.53
N ALA G 38 -1.44 -9.04 67.36
CA ALA G 38 -2.63 -8.24 67.10
C ALA G 38 -3.78 -8.70 67.97
N ALA G 39 -3.95 -10.02 68.06
CA ALA G 39 -5.01 -10.58 68.89
C ALA G 39 -4.77 -10.22 70.34
N ARG G 40 -3.52 -10.33 70.78
CA ARG G 40 -3.09 -9.88 72.10
C ARG G 40 -3.60 -8.48 72.37
N ILE G 41 -3.16 -7.55 71.54
CA ILE G 41 -3.56 -6.16 71.66
C ILE G 41 -5.08 -6.01 71.78
N PHE G 42 -5.81 -6.57 70.82
CA PHE G 42 -7.25 -6.32 70.76
C PHE G 42 -7.99 -6.93 71.95
N TYR G 43 -7.54 -8.08 72.41
CA TYR G 43 -8.24 -8.75 73.49
C TYR G 43 -7.89 -8.11 74.83
N ASP G 44 -6.65 -7.69 74.99
CA ASP G 44 -6.26 -6.95 76.19
C ASP G 44 -7.08 -5.67 76.27
N ALA G 45 -7.13 -4.95 75.16
CA ALA G 45 -7.91 -3.74 75.06
C ALA G 45 -9.38 -4.05 75.34
N CYS G 46 -9.81 -5.23 74.90
CA CYS G 46 -11.19 -5.67 75.05
C CYS G 46 -11.51 -5.89 76.52
N LYS G 47 -10.50 -6.28 77.28
CA LYS G 47 -10.66 -6.46 78.72
C LYS G 47 -10.57 -5.11 79.42
N ILE G 48 -9.90 -4.16 78.79
CA ILE G 48 -9.81 -2.81 79.33
C ILE G 48 -11.14 -2.07 79.10
N ILE G 49 -11.90 -2.52 78.11
CA ILE G 49 -13.21 -1.93 77.85
C ILE G 49 -14.13 -2.22 79.02
N GLN G 50 -13.93 -3.34 79.70
CA GLN G 50 -14.65 -3.56 80.95
C GLN G 50 -13.85 -2.97 82.11
N GLU G 51 -14.44 -2.98 83.29
CA GLU G 51 -13.94 -2.31 84.50
C GLU G 51 -13.68 -0.84 84.19
N LYS G 52 -14.29 -0.38 83.12
CA LYS G 52 -14.38 1.02 82.75
C LYS G 52 -15.84 1.23 82.39
N THR G 53 -16.25 0.53 81.33
CA THR G 53 -17.65 0.39 80.98
C THR G 53 -18.12 -1.01 81.39
N GLY G 54 -19.17 -1.07 82.20
CA GLY G 54 -19.68 -2.34 82.67
C GLY G 54 -20.33 -3.17 81.59
N GLN G 55 -20.55 -2.57 80.43
CA GLN G 55 -21.25 -3.24 79.33
C GLN G 55 -20.34 -4.24 78.61
N GLU G 56 -20.92 -4.98 77.67
CA GLU G 56 -20.16 -5.97 76.92
C GLU G 56 -19.32 -5.29 75.85
N PRO G 57 -18.01 -5.53 75.87
CA PRO G 57 -17.06 -4.85 74.98
C PRO G 57 -17.41 -4.98 73.51
N LEU G 58 -18.04 -6.09 73.13
CA LEU G 58 -18.48 -6.28 71.75
C LEU G 58 -19.44 -5.17 71.34
N LYS G 59 -20.37 -4.84 72.22
CA LYS G 59 -21.35 -3.79 71.96
C LYS G 59 -20.66 -2.46 71.71
N VAL G 60 -19.68 -2.15 72.56
CA VAL G 60 -18.89 -0.93 72.44
C VAL G 60 -18.20 -0.90 71.10
N PHE G 61 -17.61 -2.02 70.72
CA PHE G 61 -16.90 -2.15 69.46
C PHE G 61 -17.83 -1.84 68.28
N LYS G 62 -18.90 -2.62 68.18
CA LYS G 62 -19.83 -2.50 67.06
C LYS G 62 -20.42 -1.10 66.98
N GLN G 63 -20.77 -0.53 68.13
CA GLN G 63 -21.39 0.79 68.13
C GLN G 63 -20.40 1.88 67.75
N ALA G 64 -19.15 1.75 68.19
CA ALA G 64 -18.12 2.70 67.81
C ALA G 64 -17.93 2.67 66.30
N VAL G 65 -17.72 1.48 65.76
CA VAL G 65 -17.57 1.29 64.32
C VAL G 65 -18.73 1.94 63.59
N GLU G 66 -19.95 1.64 64.05
CA GLU G 66 -21.16 2.21 63.46
C GLU G 66 -21.13 3.73 63.53
N ASN G 67 -20.49 4.28 64.56
CA ASN G 67 -20.42 5.72 64.73
C ASN G 67 -19.41 6.37 63.78
N VAL G 68 -18.39 5.61 63.40
CA VAL G 68 -17.33 6.17 62.55
C VAL G 68 -17.66 6.09 61.04
N LYS G 69 -18.68 5.30 60.68
CA LYS G 69 -19.05 5.13 59.28
C LYS G 69 -19.60 6.39 58.64
N PRO G 70 -18.89 6.92 57.62
CA PRO G 70 -19.31 8.10 56.85
C PRO G 70 -20.43 7.80 55.87
N ARG G 71 -21.39 8.70 55.73
CA ARG G 71 -22.47 8.51 54.77
C ARG G 71 -22.14 9.11 53.41
N MET G 72 -21.13 9.98 53.38
CA MET G 72 -20.77 10.71 52.16
C MET G 72 -19.27 10.94 52.10
N GLU G 73 -18.73 11.09 50.89
CA GLU G 73 -17.33 11.43 50.76
C GLU G 73 -17.08 12.12 49.44
N VAL G 74 -15.90 12.73 49.32
CA VAL G 74 -15.53 13.49 48.15
C VAL G 74 -14.53 12.72 47.28
N ARG G 75 -14.79 12.69 45.99
CA ARG G 75 -13.87 12.07 45.02
C ARG G 75 -13.52 13.05 43.91
N SER G 76 -12.24 13.13 43.57
CA SER G 76 -11.78 14.06 42.53
C SER G 76 -12.21 13.59 41.14
N ARG G 77 -12.50 14.54 40.27
CA ARG G 77 -12.86 14.22 38.89
C ARG G 77 -12.30 15.25 37.92
N ARG G 78 -11.71 14.77 36.82
CA ARG G 78 -11.16 15.66 35.80
C ARG G 78 -12.21 15.95 34.75
N VAL G 79 -12.64 17.21 34.68
CA VAL G 79 -13.67 17.62 33.74
C VAL G 79 -13.30 18.92 33.04
N GLY G 80 -13.23 18.87 31.72
CA GLY G 80 -12.97 20.05 30.92
C GLY G 80 -11.65 20.75 31.21
N GLY G 81 -10.69 20.00 31.73
CA GLY G 81 -9.36 20.54 31.99
C GLY G 81 -9.04 20.81 33.44
N ALA G 82 -10.06 20.84 34.29
CA ALA G 82 -9.85 21.07 35.71
C ALA G 82 -10.26 19.85 36.53
N ASN G 83 -10.03 19.91 37.83
CA ASN G 83 -10.33 18.80 38.72
C ASN G 83 -11.19 19.26 39.88
N TYR G 84 -12.37 18.68 40.02
CA TYR G 84 -13.31 19.09 41.04
C TYR G 84 -13.53 18.03 42.11
N GLN G 85 -13.84 18.50 43.31
CA GLN G 85 -14.10 17.62 44.43
C GLN G 85 -15.58 17.29 44.47
N VAL G 86 -15.92 16.04 44.18
CA VAL G 86 -17.31 15.68 43.95
C VAL G 86 -17.88 14.85 45.09
N PRO G 87 -18.95 15.35 45.71
CA PRO G 87 -19.61 14.62 46.79
C PRO G 87 -20.38 13.44 46.26
N MET G 88 -20.43 12.36 47.04
CA MET G 88 -21.23 11.19 46.65
C MET G 88 -21.23 10.14 47.75
N GLU G 89 -22.19 9.23 47.63
CA GLU G 89 -22.48 8.27 48.67
C GLU G 89 -21.37 7.24 48.80
N VAL G 90 -21.32 6.58 49.95
CA VAL G 90 -20.30 5.59 50.21
C VAL G 90 -20.94 4.21 50.37
N SER G 91 -20.54 3.27 49.51
CA SER G 91 -20.99 1.90 49.60
C SER G 91 -20.60 1.31 50.96
N PRO G 92 -21.49 0.49 51.55
CA PRO G 92 -21.31 -0.05 52.90
C PRO G 92 -19.96 -0.71 53.14
N ARG G 93 -19.42 -1.41 52.16
CA ARG G 93 -18.11 -2.02 52.30
C ARG G 93 -17.05 -0.96 52.57
N ARG G 94 -17.05 0.09 51.77
CA ARG G 94 -16.06 1.15 51.93
C ARG G 94 -16.28 1.86 53.27
N GLN G 95 -17.53 1.95 53.70
CA GLN G 95 -17.84 2.52 55.01
C GLN G 95 -17.12 1.72 56.09
N GLN G 96 -17.24 0.40 56.01
CA GLN G 96 -16.62 -0.47 56.99
C GLN G 96 -15.09 -0.35 56.96
N SER G 97 -14.52 -0.36 55.76
CA SER G 97 -13.08 -0.29 55.59
C SER G 97 -12.53 1.00 56.18
N LEU G 98 -13.11 2.12 55.77
CA LEU G 98 -12.70 3.43 56.25
C LEU G 98 -12.86 3.53 57.75
N ALA G 99 -13.96 2.98 58.26
CA ALA G 99 -14.24 3.05 59.70
C ALA G 99 -13.17 2.34 60.50
N LEU G 100 -12.91 1.08 60.17
CA LEU G 100 -11.92 0.30 60.89
C LEU G 100 -10.54 0.94 60.78
N ARG G 101 -10.13 1.26 59.55
CA ARG G 101 -8.83 1.87 59.32
C ARG G 101 -8.66 3.14 60.16
N TRP G 102 -9.64 4.03 60.08
CA TRP G 102 -9.62 5.27 60.84
C TRP G 102 -9.52 5.01 62.33
N LEU G 103 -10.25 4.00 62.80
CA LEU G 103 -10.19 3.64 64.21
C LEU G 103 -8.76 3.31 64.60
N VAL G 104 -8.10 2.49 63.78
CA VAL G 104 -6.72 2.11 64.09
C VAL G 104 -5.78 3.30 64.08
N GLN G 105 -5.83 4.09 63.01
CA GLN G 105 -4.91 5.21 62.87
C GLN G 105 -5.08 6.24 64.00
N ALA G 106 -6.33 6.62 64.24
CA ALA G 106 -6.64 7.51 65.35
C ALA G 106 -6.13 6.92 66.66
N ALA G 107 -6.30 5.62 66.81
CA ALA G 107 -5.86 4.94 68.03
C ALA G 107 -4.37 5.10 68.24
N ASN G 108 -3.58 4.95 67.18
CA ASN G 108 -2.14 5.07 67.32
C ASN G 108 -1.70 6.52 67.39
N GLN G 109 -2.60 7.44 67.08
CA GLN G 109 -2.32 8.86 67.26
C GLN G 109 -2.31 9.24 68.74
N ARG G 110 -2.99 8.45 69.56
CA ARG G 110 -3.23 8.76 70.97
C ARG G 110 -1.95 8.85 71.80
N PRO G 111 -2.00 9.61 72.91
CA PRO G 111 -0.88 9.81 73.83
C PRO G 111 -0.52 8.58 74.65
N GLU G 112 -1.48 7.68 74.83
CA GLU G 112 -1.32 6.53 75.73
C GLU G 112 -0.09 5.70 75.37
N ARG G 113 0.53 5.12 76.39
CA ARG G 113 1.83 4.49 76.25
C ARG G 113 1.81 3.21 75.43
N ARG G 114 0.95 2.27 75.79
CA ARG G 114 0.97 0.97 75.13
C ARG G 114 -0.32 0.69 74.36
N ALA G 115 -0.18 -0.20 73.38
CA ALA G 115 -1.19 -0.44 72.35
C ALA G 115 -2.61 -0.64 72.87
N ALA G 116 -2.80 -1.69 73.66
CA ALA G 116 -4.13 -2.05 74.16
C ALA G 116 -4.85 -0.86 74.78
N VAL G 117 -4.12 -0.05 75.54
CA VAL G 117 -4.68 1.15 76.14
C VAL G 117 -5.19 2.10 75.07
N ARG G 118 -4.37 2.30 74.05
CA ARG G 118 -4.72 3.22 72.97
C ARG G 118 -5.97 2.76 72.25
N ILE G 119 -5.97 1.50 71.80
CA ILE G 119 -7.12 0.97 71.08
C ILE G 119 -8.36 1.06 71.94
N ALA G 120 -8.23 0.70 73.21
CA ALA G 120 -9.35 0.72 74.13
C ALA G 120 -9.95 2.12 74.25
N HIS G 121 -9.11 3.09 74.59
CA HIS G 121 -9.58 4.45 74.81
C HIS G 121 -10.17 5.06 73.54
N GLU G 122 -9.51 4.84 72.40
CA GLU G 122 -10.04 5.34 71.14
C GLU G 122 -11.39 4.72 70.86
N LEU G 123 -11.50 3.43 71.13
CA LEU G 123 -12.75 2.70 70.98
C LEU G 123 -13.86 3.35 71.80
N MET G 124 -13.59 3.55 73.08
CA MET G 124 -14.58 4.13 73.99
C MET G 124 -15.01 5.51 73.54
N ASP G 125 -14.02 6.37 73.28
CA ASP G 125 -14.28 7.74 72.86
C ASP G 125 -15.13 7.75 71.60
N ALA G 126 -14.82 6.85 70.67
CA ALA G 126 -15.58 6.72 69.44
C ALA G 126 -17.01 6.30 69.74
N ALA G 127 -17.17 5.41 70.71
CA ALA G 127 -18.49 4.94 71.07
C ALA G 127 -19.34 6.09 71.61
N GLU G 128 -18.73 6.96 72.42
CA GLU G 128 -19.49 8.07 72.98
C GLU G 128 -19.45 9.31 72.08
N GLY G 129 -18.81 9.18 70.92
CA GLY G 129 -18.90 10.21 69.90
C GLY G 129 -17.83 11.28 69.83
N LYS G 130 -16.68 11.01 70.43
CA LYS G 130 -15.55 11.95 70.35
C LYS G 130 -14.27 11.22 69.97
N GLY G 131 -13.22 11.97 69.68
CA GLY G 131 -11.95 11.36 69.33
C GLY G 131 -11.59 11.45 67.87
N GLY G 132 -10.32 11.21 67.56
CA GLY G 132 -9.77 11.43 66.23
C GLY G 132 -10.55 10.84 65.08
N ALA G 133 -11.05 9.62 65.26
CA ALA G 133 -11.81 8.93 64.23
C ALA G 133 -13.06 9.69 63.84
N VAL G 134 -13.87 10.01 64.85
CA VAL G 134 -15.12 10.73 64.62
C VAL G 134 -14.82 12.08 64.00
N LYS G 135 -13.68 12.66 64.36
CA LYS G 135 -13.24 13.91 63.78
C LYS G 135 -12.96 13.73 62.30
N LYS G 136 -12.40 12.58 61.94
CA LYS G 136 -12.15 12.28 60.54
C LYS G 136 -13.46 12.18 59.79
N LYS G 137 -14.38 11.38 60.32
CA LYS G 137 -15.69 11.21 59.72
C LYS G 137 -16.38 12.54 59.49
N GLU G 138 -16.38 13.37 60.52
CA GLU G 138 -17.02 14.67 60.44
C GLU G 138 -16.30 15.55 59.42
N ASP G 139 -14.98 15.40 59.32
CA ASP G 139 -14.18 16.17 58.39
C ASP G 139 -14.53 15.82 56.95
N VAL G 140 -14.77 14.54 56.70
CA VAL G 140 -15.14 14.09 55.37
C VAL G 140 -16.54 14.55 55.04
N GLU G 141 -17.50 14.26 55.92
CA GLU G 141 -18.88 14.67 55.70
C GLU G 141 -19.00 16.19 55.60
N ARG G 142 -18.01 16.90 56.12
CA ARG G 142 -17.93 18.35 55.96
C ARG G 142 -17.36 18.71 54.59
N MET G 143 -16.34 17.97 54.16
CA MET G 143 -15.77 18.19 52.83
C MET G 143 -16.85 17.95 51.78
N ALA G 144 -17.46 16.78 51.83
CA ALA G 144 -18.68 16.55 51.07
C ALA G 144 -19.72 17.51 51.61
N GLU G 145 -20.67 17.89 50.76
CA GLU G 145 -21.79 18.75 51.12
C GLU G 145 -21.36 20.22 51.29
N ALA G 146 -20.06 20.46 51.46
CA ALA G 146 -19.55 21.81 51.30
C ALA G 146 -19.39 22.05 49.82
N ASN G 147 -19.24 20.95 49.10
CA ASN G 147 -19.10 20.92 47.66
C ASN G 147 -20.42 20.66 46.93
N ARG G 148 -21.54 20.74 47.65
CA ARG G 148 -22.85 20.32 47.13
C ARG G 148 -23.12 20.79 45.71
N ALA G 149 -22.60 21.96 45.35
CA ALA G 149 -22.75 22.52 44.01
C ALA G 149 -22.31 21.54 42.90
N TYR G 150 -21.40 20.64 43.23
CA TYR G 150 -20.85 19.75 42.23
C TYR G 150 -21.54 18.39 42.21
N ALA G 151 -22.62 18.26 42.98
CA ALA G 151 -23.29 16.97 43.15
C ALA G 151 -23.83 16.37 41.84
N HIS G 152 -23.87 17.17 40.78
CA HIS G 152 -24.39 16.68 39.50
C HIS G 152 -23.29 16.06 38.63
N TYR G 153 -22.06 16.08 39.14
CA TYR G 153 -20.93 15.42 38.49
C TYR G 153 -20.79 13.99 38.99
N ARG G 154 -21.79 13.54 39.74
CA ARG G 154 -21.71 12.34 40.59
C ARG G 154 -21.00 11.14 39.97
N TRP G 155 -21.59 10.56 38.92
CA TRP G 155 -21.02 9.41 38.21
C TRP G 155 -20.95 8.17 39.10
N MET H 1 -33.43 17.86 -35.02
CA MET H 1 -33.18 17.02 -36.20
C MET H 1 -31.83 16.33 -36.07
N LEU H 2 -31.68 15.24 -36.82
CA LEU H 2 -30.41 14.54 -36.89
C LEU H 2 -29.43 15.37 -37.71
N THR H 3 -28.18 15.42 -37.28
CA THR H 3 -27.15 16.09 -38.07
C THR H 3 -26.65 15.17 -39.17
N ASP H 4 -26.44 13.90 -38.83
CA ASP H 4 -26.07 12.89 -39.83
C ASP H 4 -26.98 11.68 -39.73
N PRO H 5 -28.04 11.66 -40.54
CA PRO H 5 -28.99 10.55 -40.59
C PRO H 5 -28.31 9.20 -40.78
N ILE H 6 -27.33 9.15 -41.67
CA ILE H 6 -26.67 7.90 -41.96
C ILE H 6 -25.86 7.42 -40.77
N ALA H 7 -25.09 8.32 -40.17
CA ALA H 7 -24.31 7.97 -38.98
C ALA H 7 -25.25 7.55 -37.87
N ASP H 8 -26.42 8.16 -37.82
CA ASP H 8 -27.40 7.82 -36.80
C ASP H 8 -27.92 6.42 -37.04
N MET H 9 -28.04 6.03 -38.31
CA MET H 9 -28.47 4.69 -38.62
C MET H 9 -27.42 3.68 -38.21
N LEU H 10 -26.19 3.93 -38.63
CA LEU H 10 -25.09 3.03 -38.30
C LEU H 10 -25.01 2.86 -36.80
N THR H 11 -25.25 3.94 -36.09
CA THR H 11 -25.20 3.92 -34.65
C THR H 11 -26.35 3.12 -34.06
N ARG H 12 -27.57 3.34 -34.56
CA ARG H 12 -28.73 2.57 -34.13
C ARG H 12 -28.43 1.09 -34.25
N ILE H 13 -27.84 0.71 -35.38
CA ILE H 13 -27.47 -0.68 -35.62
C ILE H 13 -26.44 -1.14 -34.60
N ARG H 14 -25.44 -0.31 -34.34
CA ARG H 14 -24.36 -0.68 -33.43
C ARG H 14 -24.91 -0.98 -32.04
N ASN H 15 -25.66 -0.01 -31.51
CA ASN H 15 -26.26 -0.14 -30.19
C ASN H 15 -27.20 -1.34 -30.14
N ALA H 16 -28.03 -1.49 -31.15
CA ALA H 16 -29.01 -2.57 -31.19
C ALA H 16 -28.32 -3.93 -31.20
N THR H 17 -27.20 -4.03 -31.89
CA THR H 17 -26.48 -5.30 -31.95
C THR H 17 -25.77 -5.60 -30.64
N ARG H 18 -25.26 -4.57 -29.97
CA ARG H 18 -24.53 -4.80 -28.73
C ARG H 18 -25.38 -5.43 -27.62
N VAL H 19 -26.69 -5.16 -27.65
CA VAL H 19 -27.61 -5.74 -26.68
C VAL H 19 -28.33 -6.96 -27.24
N TYR H 20 -27.95 -7.35 -28.46
CA TYR H 20 -28.54 -8.51 -29.14
C TYR H 20 -30.04 -8.35 -29.39
N LYS H 21 -30.43 -7.18 -29.87
CA LYS H 21 -31.82 -6.93 -30.24
C LYS H 21 -32.22 -7.81 -31.40
N GLU H 22 -33.52 -8.08 -31.51
CA GLU H 22 -34.05 -8.84 -32.63
C GLU H 22 -34.00 -8.00 -33.90
N SER H 23 -34.52 -6.79 -33.81
CA SER H 23 -34.50 -5.87 -34.93
C SER H 23 -34.42 -4.44 -34.45
N THR H 24 -34.34 -3.49 -35.38
CA THR H 24 -34.35 -2.08 -35.01
C THR H 24 -34.92 -1.21 -36.12
N ASP H 25 -35.62 -0.15 -35.74
CA ASP H 25 -36.19 0.76 -36.73
C ASP H 25 -35.24 1.94 -36.96
N VAL H 26 -35.17 2.40 -38.20
CA VAL H 26 -34.47 3.65 -38.49
C VAL H 26 -35.33 4.45 -39.46
N PRO H 27 -35.41 5.78 -39.28
CA PRO H 27 -36.22 6.64 -40.15
C PRO H 27 -35.92 6.43 -41.63
N ALA H 28 -36.96 6.46 -42.44
CA ALA H 28 -36.84 6.02 -43.83
C ALA H 28 -36.20 7.05 -44.75
N SER H 29 -35.19 6.62 -45.49
CA SER H 29 -34.64 7.40 -46.57
C SER H 29 -34.08 6.49 -47.65
N ARG H 30 -34.24 6.88 -48.90
CA ARG H 30 -33.79 6.08 -50.04
C ARG H 30 -32.30 5.78 -49.94
N PHE H 31 -31.55 6.74 -49.42
CA PHE H 31 -30.12 6.55 -49.24
C PHE H 31 -29.86 5.44 -48.23
N LYS H 32 -30.49 5.55 -47.06
CA LYS H 32 -30.35 4.55 -46.02
C LYS H 32 -30.73 3.19 -46.56
N GLU H 33 -31.82 3.17 -47.31
CA GLU H 33 -32.31 1.95 -47.93
C GLU H 33 -31.27 1.32 -48.85
N GLU H 34 -30.64 2.15 -49.67
CA GLU H 34 -29.69 1.64 -50.65
C GLU H 34 -28.38 1.27 -49.98
N ILE H 35 -28.18 1.72 -48.75
CA ILE H 35 -27.04 1.25 -47.98
C ILE H 35 -27.35 -0.13 -47.42
N LEU H 36 -28.55 -0.25 -46.86
CA LEU H 36 -29.00 -1.50 -46.28
C LEU H 36 -29.07 -2.62 -47.32
N ARG H 37 -29.29 -2.27 -48.58
CA ARG H 37 -29.28 -3.29 -49.61
C ARG H 37 -27.90 -3.91 -49.68
N ILE H 38 -26.88 -3.07 -49.58
CA ILE H 38 -25.51 -3.54 -49.62
C ILE H 38 -25.25 -4.37 -48.38
N LEU H 39 -25.73 -3.89 -47.23
CA LEU H 39 -25.56 -4.64 -45.99
C LEU H 39 -26.11 -6.06 -46.11
N ALA H 40 -27.35 -6.15 -46.57
CA ALA H 40 -28.04 -7.42 -46.68
C ALA H 40 -27.37 -8.32 -47.71
N ARG H 41 -26.95 -7.72 -48.82
CA ARG H 41 -26.25 -8.45 -49.87
C ARG H 41 -24.96 -9.06 -49.35
N GLU H 42 -24.24 -8.30 -48.54
CA GLU H 42 -22.94 -8.72 -48.05
C GLU H 42 -23.05 -9.65 -46.84
N GLY H 43 -24.24 -9.73 -46.29
CA GLY H 43 -24.52 -10.68 -45.23
C GLY H 43 -24.29 -10.22 -43.80
N PHE H 44 -24.35 -8.90 -43.57
CA PHE H 44 -24.18 -8.37 -42.23
C PHE H 44 -25.50 -8.26 -41.48
N ILE H 45 -26.60 -8.40 -42.20
CA ILE H 45 -27.91 -8.42 -41.60
C ILE H 45 -28.74 -9.53 -42.24
N LYS H 46 -29.79 -9.97 -41.56
CA LYS H 46 -30.72 -10.89 -42.17
C LYS H 46 -31.40 -10.19 -43.34
N GLY H 47 -31.70 -8.91 -43.14
CA GLY H 47 -32.31 -8.10 -44.19
C GLY H 47 -33.09 -6.93 -43.61
N TYR H 48 -33.57 -6.06 -44.49
CA TYR H 48 -34.35 -4.91 -44.06
C TYR H 48 -35.72 -4.96 -44.69
N GLU H 49 -36.69 -4.28 -44.08
CA GLU H 49 -37.98 -4.13 -44.74
C GLU H 49 -38.67 -2.84 -44.31
N ARG H 50 -39.44 -2.25 -45.22
CA ARG H 50 -40.16 -1.03 -44.92
C ARG H 50 -41.34 -1.30 -44.02
N VAL H 51 -41.48 -0.48 -42.98
CA VAL H 51 -42.64 -0.56 -42.11
C VAL H 51 -43.17 0.84 -41.86
N ASP H 52 -44.25 0.93 -41.09
CA ASP H 52 -44.81 2.22 -40.71
C ASP H 52 -45.03 2.28 -39.21
N VAL H 53 -44.36 3.23 -38.56
CA VAL H 53 -44.57 3.46 -37.14
C VAL H 53 -45.34 4.76 -37.01
N ASP H 54 -46.41 4.75 -36.20
CA ASP H 54 -47.39 5.82 -36.20
C ASP H 54 -47.89 6.00 -37.64
N GLY H 55 -47.70 7.19 -38.19
CA GLY H 55 -48.07 7.44 -39.57
C GLY H 55 -46.88 7.60 -40.49
N LYS H 56 -45.69 7.35 -39.96
CA LYS H 56 -44.46 7.70 -40.67
C LYS H 56 -43.62 6.48 -41.01
N PRO H 57 -42.92 6.52 -42.16
CA PRO H 57 -42.16 5.39 -42.69
C PRO H 57 -40.87 5.10 -41.94
N TYR H 58 -40.58 3.82 -41.76
CA TYR H 58 -39.35 3.40 -41.12
C TYR H 58 -38.80 2.18 -41.83
N LEU H 59 -37.56 1.83 -41.52
CA LEU H 59 -36.96 0.62 -42.03
C LEU H 59 -36.59 -0.26 -40.86
N ARG H 60 -37.15 -1.47 -40.83
CA ARG H 60 -36.73 -2.44 -39.85
C ARG H 60 -35.53 -3.20 -40.35
N VAL H 61 -34.44 -3.09 -39.61
CA VAL H 61 -33.25 -3.85 -39.86
C VAL H 61 -33.26 -5.06 -38.95
N TYR H 62 -33.26 -6.25 -39.55
CA TYR H 62 -33.22 -7.49 -38.81
C TYR H 62 -31.78 -7.92 -38.66
N LEU H 63 -31.29 -7.89 -37.43
CA LEU H 63 -29.87 -8.11 -37.22
C LEU H 63 -29.54 -9.59 -37.25
N LYS H 64 -28.25 -9.90 -37.17
CA LYS H 64 -27.76 -11.25 -37.34
C LYS H 64 -26.57 -11.48 -36.43
N TYR H 65 -26.53 -12.63 -35.77
CA TYR H 65 -25.46 -12.91 -34.83
C TYR H 65 -24.94 -14.33 -34.99
N GLY H 66 -23.92 -14.68 -34.21
CA GLY H 66 -23.35 -16.01 -34.28
C GLY H 66 -24.09 -16.98 -33.40
N PRO H 67 -23.50 -18.18 -33.22
CA PRO H 67 -24.05 -19.17 -32.29
C PRO H 67 -23.71 -18.86 -30.84
N ARG H 68 -24.54 -19.35 -29.91
CA ARG H 68 -24.26 -19.23 -28.48
C ARG H 68 -22.92 -19.91 -28.19
N ARG H 69 -22.16 -19.37 -27.25
CA ARG H 69 -20.79 -19.85 -27.05
C ARG H 69 -20.61 -20.60 -25.74
N GLN H 70 -19.38 -21.05 -25.49
CA GLN H 70 -19.08 -21.84 -24.30
C GLN H 70 -18.52 -20.98 -23.18
N GLY H 71 -18.24 -21.60 -22.05
CA GLY H 71 -17.66 -20.91 -20.91
C GLY H 71 -18.51 -19.80 -20.34
N PRO H 72 -17.89 -18.85 -19.63
CA PRO H 72 -18.61 -17.67 -19.17
C PRO H 72 -18.96 -16.79 -20.36
N ASP H 73 -19.95 -15.91 -20.20
CA ASP H 73 -20.41 -15.06 -21.30
C ASP H 73 -20.76 -15.86 -22.56
N PRO H 74 -21.90 -16.55 -22.53
CA PRO H 74 -22.39 -17.32 -23.67
C PRO H 74 -22.75 -16.47 -24.86
N ARG H 75 -22.89 -15.17 -24.65
CA ARG H 75 -23.35 -14.25 -25.69
C ARG H 75 -22.56 -14.44 -26.97
N PRO H 76 -23.27 -14.61 -28.09
CA PRO H 76 -22.69 -15.01 -29.37
C PRO H 76 -21.75 -13.97 -29.95
N GLU H 77 -20.87 -14.41 -30.84
CA GLU H 77 -20.01 -13.50 -31.57
C GLU H 77 -20.88 -12.61 -32.45
N GLN H 78 -20.49 -11.35 -32.56
CA GLN H 78 -21.22 -10.43 -33.41
C GLN H 78 -20.87 -10.68 -34.86
N VAL H 79 -21.86 -10.53 -35.74
CA VAL H 79 -21.59 -10.57 -37.17
C VAL H 79 -21.02 -9.23 -37.56
N ILE H 80 -21.57 -8.16 -36.97
CA ILE H 80 -21.01 -6.85 -37.20
C ILE H 80 -20.16 -6.50 -35.99
N HIS H 81 -18.85 -6.60 -36.15
CA HIS H 81 -17.93 -6.31 -35.07
C HIS H 81 -17.72 -4.81 -35.02
N HIS H 82 -17.56 -4.24 -36.21
CA HIS H 82 -17.16 -2.85 -36.36
C HIS H 82 -17.92 -2.19 -37.51
N ILE H 83 -18.63 -1.11 -37.22
CA ILE H 83 -19.27 -0.33 -38.26
C ILE H 83 -19.05 1.15 -37.97
N ARG H 84 -18.32 1.83 -38.84
CA ARG H 84 -17.85 3.18 -38.52
C ARG H 84 -18.01 4.15 -39.66
N ARG H 85 -18.56 5.32 -39.36
CA ARG H 85 -18.77 6.36 -40.35
C ARG H 85 -17.45 7.05 -40.66
N ILE H 86 -17.21 7.32 -41.93
CA ILE H 86 -15.96 7.91 -42.37
C ILE H 86 -16.18 9.35 -42.81
N SER H 87 -16.80 9.54 -43.96
CA SER H 87 -17.16 10.87 -44.40
C SER H 87 -18.31 11.36 -43.54
N LYS H 88 -18.15 12.51 -42.91
CA LYS H 88 -19.18 13.09 -42.06
C LYS H 88 -19.46 14.51 -42.52
N PRO H 89 -20.58 15.09 -42.10
CA PRO H 89 -20.72 16.52 -42.38
C PRO H 89 -19.59 17.29 -41.70
N GLY H 90 -19.02 18.27 -42.37
CA GLY H 90 -18.01 19.08 -41.73
C GLY H 90 -16.61 18.56 -41.90
N ARG H 91 -16.46 17.25 -42.11
CA ARG H 91 -15.30 16.76 -42.86
C ARG H 91 -15.71 15.63 -43.79
N ARG H 92 -15.63 15.89 -45.09
CA ARG H 92 -16.13 14.92 -46.06
C ARG H 92 -14.98 14.23 -46.76
N VAL H 93 -15.13 12.93 -46.97
CA VAL H 93 -14.06 12.12 -47.50
C VAL H 93 -14.43 11.60 -48.88
N TYR H 94 -13.58 11.92 -49.85
CA TYR H 94 -13.73 11.43 -51.21
C TYR H 94 -12.46 10.69 -51.62
N VAL H 95 -12.61 9.56 -52.31
CA VAL H 95 -11.42 8.85 -52.77
C VAL H 95 -11.50 8.52 -54.25
N GLY H 96 -10.38 8.66 -54.94
CA GLY H 96 -10.27 8.18 -56.30
C GLY H 96 -10.20 6.66 -56.29
N VAL H 97 -10.25 6.03 -57.45
CA VAL H 97 -10.29 4.58 -57.50
C VAL H 97 -8.98 3.99 -56.98
N LYS H 98 -7.89 4.74 -57.14
CA LYS H 98 -6.60 4.29 -56.65
C LYS H 98 -6.50 4.43 -55.14
N GLU H 99 -7.37 5.28 -54.58
CA GLU H 99 -7.36 5.55 -53.15
C GLU H 99 -8.40 4.73 -52.38
N ILE H 100 -9.12 3.87 -53.09
CA ILE H 100 -10.13 3.03 -52.45
C ILE H 100 -9.43 2.04 -51.53
N PRO H 101 -9.88 1.95 -50.27
CA PRO H 101 -9.19 1.10 -49.30
C PRO H 101 -9.51 -0.38 -49.41
N ARG H 102 -8.81 -1.18 -48.63
CA ARG H 102 -9.06 -2.61 -48.53
C ARG H 102 -9.23 -2.96 -47.05
N VAL H 103 -10.45 -3.31 -46.68
CA VAL H 103 -10.78 -3.45 -45.27
C VAL H 103 -10.42 -4.84 -44.77
N ARG H 104 -9.52 -4.88 -43.79
CA ARG H 104 -9.06 -6.12 -43.18
C ARG H 104 -8.54 -7.10 -44.22
N ARG H 105 -7.74 -6.58 -45.15
CA ARG H 105 -7.18 -7.37 -46.25
C ARG H 105 -8.27 -8.18 -46.94
N GLY H 106 -9.46 -7.59 -47.02
CA GLY H 106 -10.58 -8.20 -47.73
C GLY H 106 -11.68 -8.76 -46.86
N LEU H 107 -11.42 -8.92 -45.57
CA LEU H 107 -12.38 -9.58 -44.71
C LEU H 107 -13.56 -8.67 -44.36
N GLY H 108 -13.37 -7.38 -44.48
CA GLY H 108 -14.46 -6.43 -44.30
C GLY H 108 -14.88 -5.81 -45.61
N ILE H 109 -15.71 -4.77 -45.54
CA ILE H 109 -16.07 -4.01 -46.72
C ILE H 109 -15.99 -2.52 -46.42
N ALA H 110 -16.06 -1.72 -47.46
CA ALA H 110 -16.22 -0.28 -47.32
C ALA H 110 -17.23 0.19 -48.34
N ILE H 111 -18.11 1.09 -47.96
CA ILE H 111 -19.20 1.49 -48.83
C ILE H 111 -18.94 2.86 -49.44
N LEU H 112 -18.89 2.91 -50.77
CA LEU H 112 -18.72 4.17 -51.47
C LEU H 112 -20.01 4.64 -52.08
N SER H 113 -20.21 5.95 -52.14
CA SER H 113 -21.26 6.51 -52.98
C SER H 113 -20.61 7.07 -54.22
N THR H 114 -20.90 6.47 -55.37
CA THR H 114 -20.31 6.89 -56.63
C THR H 114 -21.39 7.37 -57.60
N SER H 115 -20.96 7.85 -58.76
CA SER H 115 -21.90 8.31 -59.77
C SER H 115 -22.60 7.13 -60.40
N LYS H 116 -22.00 5.96 -60.28
CA LYS H 116 -22.60 4.73 -60.75
C LYS H 116 -23.44 4.11 -59.65
N GLY H 117 -23.57 4.84 -58.54
CA GLY H 117 -24.38 4.44 -57.42
C GLY H 117 -23.62 3.99 -56.18
N VAL H 118 -24.36 3.52 -55.17
CA VAL H 118 -23.76 3.08 -53.93
C VAL H 118 -23.19 1.68 -54.11
N LEU H 119 -21.89 1.55 -53.89
CA LEU H 119 -21.18 0.30 -54.14
C LEU H 119 -20.31 -0.11 -52.97
N THR H 120 -19.80 -1.34 -53.00
CA THR H 120 -18.81 -1.75 -52.01
C THR H 120 -17.43 -1.44 -52.56
N ASP H 121 -16.38 -1.77 -51.80
CA ASP H 121 -15.02 -1.46 -52.23
C ASP H 121 -14.65 -2.23 -53.49
N ARG H 122 -14.79 -3.56 -53.43
CA ARG H 122 -14.46 -4.40 -54.58
C ARG H 122 -15.34 -4.03 -55.77
N GLU H 123 -16.62 -3.77 -55.51
CA GLU H 123 -17.57 -3.47 -56.57
C GLU H 123 -17.18 -2.22 -57.34
N ALA H 124 -16.70 -1.21 -56.61
CA ALA H 124 -16.33 0.05 -57.23
C ALA H 124 -14.99 -0.08 -57.93
N ARG H 125 -14.08 -0.81 -57.31
CA ARG H 125 -12.78 -1.04 -57.91
C ARG H 125 -12.93 -1.78 -59.23
N LYS H 126 -13.94 -2.64 -59.30
CA LYS H 126 -14.24 -3.40 -60.51
C LYS H 126 -14.93 -2.52 -61.54
N LEU H 127 -15.94 -1.78 -61.11
CA LEU H 127 -16.64 -0.88 -62.02
C LEU H 127 -15.70 0.22 -62.50
N GLY H 128 -14.71 0.56 -61.67
CA GLY H 128 -13.68 1.49 -62.05
C GLY H 128 -13.88 2.92 -61.59
N VAL H 129 -14.81 3.13 -60.67
CA VAL H 129 -15.06 4.48 -60.16
C VAL H 129 -14.81 4.57 -58.67
N GLY H 130 -14.44 5.76 -58.22
CA GLY H 130 -14.39 6.07 -56.81
C GLY H 130 -15.55 6.97 -56.44
N GLY H 131 -15.52 7.53 -55.25
CA GLY H 131 -16.60 8.38 -54.79
C GLY H 131 -16.45 8.83 -53.35
N GLU H 132 -17.55 9.20 -52.72
CA GLU H 132 -17.53 9.57 -51.31
C GLU H 132 -17.40 8.31 -50.49
N LEU H 133 -16.56 8.34 -49.46
CA LEU H 133 -16.36 7.15 -48.64
C LEU H 133 -17.31 7.20 -47.46
N ILE H 134 -18.35 6.40 -47.49
CA ILE H 134 -19.45 6.52 -46.53
C ILE H 134 -19.16 5.89 -45.18
N CYS H 135 -18.69 4.66 -45.19
CA CYS H 135 -18.42 3.95 -43.94
C CYS H 135 -17.57 2.73 -44.18
N GLU H 136 -17.18 2.07 -43.09
CA GLU H 136 -16.48 0.80 -43.21
C GLU H 136 -17.12 -0.18 -42.24
N VAL H 137 -17.22 -1.45 -42.67
CA VAL H 137 -17.81 -2.50 -41.85
C VAL H 137 -16.92 -3.74 -41.87
N TRP H 138 -16.78 -4.40 -40.72
CA TRP H 138 -16.12 -5.71 -40.69
C TRP H 138 -16.48 -6.52 -39.45
N GLU I 1 -13.11 -48.28 69.52
CA GLU I 1 -11.82 -48.54 70.14
C GLU I 1 -10.87 -47.37 69.92
N GLN I 2 -10.47 -47.18 68.66
CA GLN I 2 -9.56 -46.10 68.30
C GLN I 2 -9.84 -45.67 66.86
N TYR I 3 -9.74 -44.37 66.59
CA TYR I 3 -9.97 -43.89 65.23
C TYR I 3 -8.86 -42.96 64.78
N TYR I 4 -8.61 -42.89 63.48
CA TYR I 4 -7.43 -42.17 63.00
C TYR I 4 -7.70 -41.24 61.83
N GLY I 5 -6.94 -40.15 61.79
CA GLY I 5 -6.95 -39.24 60.64
C GLY I 5 -5.60 -38.59 60.49
N THR I 6 -5.33 -38.02 59.32
CA THR I 6 -4.03 -37.40 59.10
C THR I 6 -4.09 -35.88 58.97
N GLY I 7 -4.47 -35.40 57.80
CA GLY I 7 -4.57 -33.97 57.59
C GLY I 7 -3.20 -33.33 57.40
N ARG I 8 -3.15 -32.25 56.63
CA ARG I 8 -1.90 -31.55 56.38
C ARG I 8 -2.15 -30.10 56.03
N ARG I 9 -1.23 -29.23 56.44
CA ARG I 9 -1.25 -27.85 56.01
C ARG I 9 0.16 -27.32 55.83
N LYS I 10 0.42 -26.71 54.68
CA LYS I 10 1.65 -25.94 54.47
C LYS I 10 2.89 -26.76 54.80
N GLU I 11 2.96 -27.98 54.30
CA GLU I 11 4.04 -28.90 54.63
C GLU I 11 4.17 -29.15 56.14
N ALA I 12 3.05 -29.55 56.75
CA ALA I 12 3.05 -29.98 58.14
C ALA I 12 2.08 -31.15 58.32
N VAL I 13 2.52 -32.19 59.04
CA VAL I 13 1.70 -33.38 59.20
C VAL I 13 1.38 -33.63 60.68
N ALA I 14 0.16 -34.09 60.94
CA ALA I 14 -0.23 -34.44 62.30
C ALA I 14 -1.01 -35.74 62.33
N ARG I 15 -0.49 -36.74 63.02
CA ARG I 15 -1.23 -37.97 63.23
C ARG I 15 -2.27 -37.73 64.31
N VAL I 16 -3.54 -37.97 63.98
CA VAL I 16 -4.61 -37.76 64.94
C VAL I 16 -5.26 -39.08 65.34
N PHE I 17 -5.15 -39.43 66.62
CA PHE I 17 -5.79 -40.63 67.15
C PHE I 17 -6.86 -40.27 68.16
N LEU I 18 -8.12 -40.54 67.82
CA LEU I 18 -9.24 -40.30 68.73
C LEU I 18 -9.56 -41.57 69.52
N ARG I 19 -9.33 -41.50 70.83
CA ARG I 19 -9.67 -42.59 71.75
C ARG I 19 -10.68 -42.12 72.80
N PRO I 20 -11.91 -42.65 72.77
CA PRO I 20 -13.01 -42.17 73.63
C PRO I 20 -12.62 -42.04 75.09
N GLY I 21 -12.99 -40.93 75.74
CA GLY I 21 -12.55 -40.67 77.10
C GLY I 21 -12.85 -39.29 77.66
N ASN I 22 -12.02 -38.89 78.63
CA ASN I 22 -12.24 -37.66 79.40
C ASN I 22 -12.26 -36.38 78.56
N GLY I 23 -11.55 -36.38 77.44
CA GLY I 23 -11.48 -35.22 76.57
C GLY I 23 -10.18 -34.43 76.64
N LYS I 24 -9.20 -34.96 77.36
CA LYS I 24 -7.90 -34.31 77.46
C LYS I 24 -7.03 -34.67 76.26
N VAL I 25 -6.36 -33.67 75.70
CA VAL I 25 -5.64 -33.83 74.45
C VAL I 25 -4.14 -33.81 74.64
N THR I 26 -3.46 -34.81 74.07
CA THR I 26 -2.00 -34.87 74.13
C THR I 26 -1.39 -34.60 72.77
N VAL I 27 -0.36 -33.76 72.74
CA VAL I 27 0.35 -33.48 71.52
C VAL I 27 1.85 -33.64 71.73
N ASN I 28 2.44 -34.62 71.05
CA ASN I 28 3.87 -34.91 71.17
C ASN I 28 4.29 -35.10 72.62
N GLY I 29 3.39 -35.67 73.40
CA GLY I 29 3.67 -35.97 74.80
C GLY I 29 3.36 -34.81 75.73
N GLN I 30 3.36 -33.60 75.16
CA GLN I 30 2.99 -32.41 75.90
C GLN I 30 1.48 -32.23 75.95
N ASP I 31 1.02 -31.51 76.96
CA ASP I 31 -0.39 -31.14 77.06
C ASP I 31 -0.74 -30.25 75.87
N PHE I 32 -2.02 -30.22 75.52
CA PHE I 32 -2.47 -29.43 74.38
C PHE I 32 -2.13 -27.96 74.54
N ASN I 33 -2.28 -27.46 75.76
CA ASN I 33 -2.05 -26.04 76.03
C ASN I 33 -0.61 -25.77 76.46
N GLU I 34 0.19 -26.82 76.53
CA GLU I 34 1.62 -26.66 76.81
C GLU I 34 2.36 -26.29 75.52
N TYR I 35 1.95 -26.92 74.43
CA TYR I 35 2.53 -26.73 73.11
C TYR I 35 2.05 -25.41 72.50
N PHE I 36 0.75 -25.21 72.56
CA PHE I 36 0.03 -24.01 72.10
C PHE I 36 -0.12 -23.04 73.28
N GLN I 37 -1.14 -22.17 73.22
CA GLN I 37 -1.46 -21.31 74.36
C GLN I 37 -0.39 -20.26 74.64
N GLY I 38 -0.60 -19.11 74.03
CA GLY I 38 0.46 -18.19 73.63
C GLY I 38 0.29 -18.16 72.13
N LEU I 39 -0.58 -19.03 71.65
CA LEU I 39 -1.08 -18.95 70.29
C LEU I 39 -2.60 -18.85 70.35
N VAL I 40 -3.15 -17.74 69.89
CA VAL I 40 -4.57 -17.47 70.03
C VAL I 40 -5.41 -18.34 69.10
N ARG I 41 -4.86 -18.70 67.95
CA ARG I 41 -5.59 -19.51 66.97
C ARG I 41 -5.71 -20.97 67.40
N ALA I 42 -5.02 -21.33 68.48
CA ALA I 42 -4.90 -22.73 68.91
C ALA I 42 -6.23 -23.45 69.01
N VAL I 43 -7.19 -22.81 69.65
CA VAL I 43 -8.48 -23.41 69.91
C VAL I 43 -9.15 -23.89 68.62
N ALA I 44 -8.85 -23.21 67.51
CA ALA I 44 -9.45 -23.56 66.22
C ALA I 44 -9.16 -25.00 65.85
N ALA I 45 -8.03 -25.52 66.32
CA ALA I 45 -7.65 -26.90 66.02
C ALA I 45 -8.76 -27.87 66.44
N LEU I 46 -9.45 -27.54 67.54
CA LEU I 46 -10.45 -28.43 68.10
C LEU I 46 -11.84 -28.16 67.54
N GLU I 47 -11.92 -27.23 66.59
CA GLU I 47 -13.21 -26.84 66.01
C GLU I 47 -14.04 -28.00 65.44
N PRO I 48 -13.41 -29.02 64.84
CA PRO I 48 -14.25 -30.13 64.37
C PRO I 48 -15.08 -30.77 65.49
N LEU I 49 -14.45 -31.02 66.63
CA LEU I 49 -15.16 -31.60 67.77
C LEU I 49 -16.35 -30.74 68.13
N ARG I 50 -16.10 -29.45 68.37
CA ARG I 50 -17.15 -28.51 68.72
C ARG I 50 -18.25 -28.44 67.68
N ALA I 51 -17.96 -28.90 66.46
CA ALA I 51 -18.96 -28.90 65.41
C ALA I 51 -19.98 -30.01 65.65
N VAL I 52 -19.49 -31.21 65.99
CA VAL I 52 -20.39 -32.33 66.25
C VAL I 52 -20.65 -32.45 67.75
N ASP I 53 -20.13 -31.49 68.52
CA ASP I 53 -20.22 -31.50 69.97
C ASP I 53 -19.55 -32.76 70.52
N ALA I 54 -18.36 -33.06 70.04
CA ALA I 54 -17.62 -34.22 70.52
C ALA I 54 -17.02 -33.91 71.88
N LEU I 55 -15.99 -33.05 71.88
CA LEU I 55 -15.44 -32.52 73.12
C LEU I 55 -15.08 -33.60 74.13
N GLY I 56 -15.78 -33.60 75.27
CA GLY I 56 -15.51 -34.52 76.36
C GLY I 56 -15.87 -35.96 76.10
N HIS I 57 -16.26 -36.26 74.87
CA HIS I 57 -16.48 -37.64 74.45
C HIS I 57 -15.15 -38.32 74.15
N PHE I 58 -14.41 -37.79 73.18
CA PHE I 58 -13.15 -38.39 72.76
C PHE I 58 -11.94 -37.72 73.41
N ASP I 59 -10.95 -38.53 73.78
CA ASP I 59 -9.61 -38.04 74.06
C ASP I 59 -8.83 -38.11 72.75
N ALA I 60 -7.62 -37.56 72.75
CA ALA I 60 -6.83 -37.52 71.52
C ALA I 60 -5.35 -37.61 71.77
N TYR I 61 -4.68 -38.35 70.91
CA TYR I 61 -3.23 -38.46 70.91
C TYR I 61 -2.73 -38.02 69.55
N ILE I 62 -1.94 -36.96 69.52
CA ILE I 62 -1.55 -36.32 68.27
C ILE I 62 -0.04 -36.23 68.14
N THR I 63 0.47 -36.54 66.96
CA THR I 63 1.90 -36.40 66.69
C THR I 63 2.14 -35.45 65.53
N VAL I 64 2.70 -34.28 65.82
CA VAL I 64 2.82 -33.24 64.78
C VAL I 64 4.26 -32.90 64.45
N ARG I 65 4.59 -32.95 63.16
CA ARG I 65 5.92 -32.57 62.70
C ARG I 65 5.85 -31.95 61.32
N GLY I 66 6.71 -30.96 61.07
CA GLY I 66 6.67 -30.19 59.84
C GLY I 66 6.06 -28.82 60.04
N GLY I 67 6.46 -27.87 59.20
CA GLY I 67 5.94 -26.52 59.25
C GLY I 67 6.12 -25.73 60.53
N GLY I 68 5.31 -24.69 60.69
CA GLY I 68 5.28 -23.94 61.93
C GLY I 68 4.03 -24.30 62.71
N LYS I 69 3.91 -23.78 63.92
CA LYS I 69 2.88 -24.27 64.82
C LYS I 69 1.47 -23.97 64.34
N SER I 70 1.29 -22.90 63.57
CA SER I 70 -0.04 -22.54 63.10
C SER I 70 -0.53 -23.52 62.04
N GLY I 71 0.34 -23.79 61.07
CA GLY I 71 0.05 -24.81 60.08
C GLY I 71 -0.21 -26.13 60.75
N GLN I 72 0.55 -26.39 61.81
CA GLN I 72 0.36 -27.58 62.62
C GLN I 72 -1.05 -27.58 63.19
N ILE I 73 -1.53 -26.41 63.60
CA ILE I 73 -2.87 -26.28 64.14
C ILE I 73 -3.90 -26.69 63.11
N ASP I 74 -3.76 -26.15 61.91
CA ASP I 74 -4.71 -26.47 60.84
C ASP I 74 -4.67 -27.96 60.48
N ALA I 75 -3.47 -28.52 60.47
CA ALA I 75 -3.31 -29.94 60.14
C ALA I 75 -3.99 -30.80 61.19
N ILE I 76 -3.79 -30.43 62.45
CA ILE I 76 -4.46 -31.09 63.57
C ILE I 76 -5.96 -31.03 63.36
N LYS I 77 -6.46 -29.86 62.96
CA LYS I 77 -7.87 -29.70 62.61
C LYS I 77 -8.32 -30.75 61.62
N LEU I 78 -7.70 -30.75 60.44
CA LEU I 78 -8.05 -31.69 59.39
C LEU I 78 -8.03 -33.14 59.89
N GLY I 79 -6.95 -33.53 60.55
CA GLY I 79 -6.82 -34.88 61.06
C GLY I 79 -7.94 -35.27 62.00
N ILE I 80 -8.27 -34.36 62.91
CA ILE I 80 -9.38 -34.57 63.82
C ILE I 80 -10.66 -34.79 63.03
N ALA I 81 -10.85 -34.00 61.98
CA ALA I 81 -12.05 -34.12 61.15
C ALA I 81 -12.13 -35.47 60.45
N ARG I 82 -10.98 -35.92 59.94
CA ARG I 82 -10.88 -37.20 59.26
C ARG I 82 -11.20 -38.36 60.19
N ALA I 83 -10.50 -38.42 61.33
CA ALA I 83 -10.75 -39.45 62.32
C ALA I 83 -12.22 -39.46 62.71
N LEU I 84 -12.75 -38.25 62.92
CA LEU I 84 -14.13 -38.09 63.30
C LEU I 84 -15.08 -38.66 62.25
N VAL I 85 -14.67 -38.56 60.99
CA VAL I 85 -15.45 -39.08 59.88
C VAL I 85 -15.37 -40.62 59.81
N GLN I 86 -14.16 -41.13 60.04
CA GLN I 86 -13.93 -42.57 60.04
C GLN I 86 -14.77 -43.23 61.12
N TYR I 87 -14.89 -42.55 62.26
CA TYR I 87 -15.77 -43.00 63.33
C TYR I 87 -17.19 -43.17 62.81
N ASN I 88 -17.84 -42.05 62.53
CA ASN I 88 -19.18 -42.08 61.97
C ASN I 88 -19.16 -41.45 60.59
N PRO I 89 -19.42 -42.25 59.55
CA PRO I 89 -19.50 -41.71 58.18
C PRO I 89 -20.61 -40.67 58.06
N ASP I 90 -21.68 -40.87 58.82
CA ASP I 90 -22.83 -39.98 58.79
C ASP I 90 -22.45 -38.56 59.23
N TYR I 91 -21.26 -38.42 59.80
CA TYR I 91 -20.74 -37.11 60.22
C TYR I 91 -20.34 -36.22 59.04
N ARG I 92 -20.03 -36.83 57.89
CA ARG I 92 -19.51 -36.07 56.75
C ARG I 92 -20.42 -34.93 56.35
N ALA I 93 -21.71 -35.23 56.18
CA ALA I 93 -22.70 -34.23 55.78
C ALA I 93 -22.78 -33.07 56.77
N LYS I 94 -22.39 -33.33 58.01
CA LYS I 94 -22.34 -32.26 59.01
C LYS I 94 -21.06 -31.46 58.84
N LEU I 95 -19.95 -32.16 58.62
CA LEU I 95 -18.63 -31.54 58.61
C LEU I 95 -18.29 -30.83 57.31
N LYS I 96 -18.95 -31.21 56.22
CA LYS I 96 -18.63 -30.65 54.91
C LYS I 96 -18.94 -29.15 54.74
N PRO I 97 -20.15 -28.70 55.16
CA PRO I 97 -20.42 -27.26 54.96
C PRO I 97 -19.40 -26.33 55.63
N LEU I 98 -18.80 -26.79 56.72
CA LEU I 98 -17.75 -26.02 57.38
C LEU I 98 -16.43 -26.19 56.63
N GLY I 99 -16.36 -27.24 55.82
CA GLY I 99 -15.19 -27.48 55.00
C GLY I 99 -13.96 -27.91 55.76
N PHE I 100 -14.17 -28.47 56.95
CA PHE I 100 -13.05 -28.91 57.78
C PHE I 100 -12.32 -30.08 57.12
N LEU I 101 -13.04 -30.80 56.28
CA LEU I 101 -12.49 -31.98 55.61
C LEU I 101 -11.72 -31.59 54.36
N THR I 102 -11.71 -30.29 54.06
CA THR I 102 -11.00 -29.77 52.89
C THR I 102 -9.52 -29.53 53.18
N ARG I 103 -8.65 -30.10 52.35
CA ARG I 103 -7.22 -29.87 52.50
C ARG I 103 -6.87 -28.50 51.96
N ASP I 104 -6.09 -27.73 52.71
CA ASP I 104 -5.70 -26.40 52.27
C ASP I 104 -4.47 -26.47 51.37
N ALA I 105 -4.63 -26.06 50.12
CA ALA I 105 -3.63 -26.33 49.10
C ALA I 105 -2.56 -25.25 49.00
N ARG I 106 -2.72 -24.17 49.76
CA ARG I 106 -1.81 -23.04 49.65
C ARG I 106 -0.42 -23.38 50.17
N VAL I 107 0.60 -23.09 49.36
CA VAL I 107 2.00 -23.31 49.74
C VAL I 107 2.83 -22.10 49.38
N VAL I 108 4.03 -22.04 49.94
CA VAL I 108 4.97 -20.98 49.60
C VAL I 108 5.29 -21.06 48.12
N GLU I 109 5.12 -19.94 47.44
CA GLU I 109 5.39 -19.87 46.01
C GLU I 109 6.89 -19.73 45.76
N ARG I 110 7.39 -20.52 44.82
CA ARG I 110 8.80 -20.54 44.46
C ARG I 110 9.32 -19.16 44.10
N LYS I 111 10.55 -18.86 44.49
CA LYS I 111 11.18 -17.60 44.10
C LYS I 111 11.65 -17.64 42.65
N LYS I 112 11.24 -16.64 41.87
CA LYS I 112 11.63 -16.56 40.48
C LYS I 112 12.83 -15.65 40.26
N TYR I 113 13.70 -16.04 39.34
CA TYR I 113 14.85 -15.22 38.98
C TYR I 113 14.39 -13.92 38.35
N GLY I 114 15.18 -12.87 38.57
CA GLY I 114 14.85 -11.55 38.03
C GLY I 114 14.01 -10.74 38.99
N LYS I 115 13.39 -11.42 39.95
CA LYS I 115 12.61 -10.76 40.97
C LYS I 115 13.39 -10.74 42.28
N HIS I 116 12.79 -10.18 43.32
CA HIS I 116 13.41 -10.19 44.63
C HIS I 116 12.94 -11.42 45.39
N LYS I 117 11.65 -11.51 45.69
CA LYS I 117 11.08 -12.81 46.03
C LYS I 117 9.77 -13.09 45.30
N ALA I 118 9.84 -13.93 44.28
CA ALA I 118 8.70 -14.61 43.67
C ALA I 118 7.64 -13.70 43.02
N ARG I 119 7.56 -12.47 43.49
CA ARG I 119 6.66 -11.47 42.91
C ARG I 119 7.41 -10.15 42.84
N ARG I 120 7.85 -9.69 44.01
CA ARG I 120 8.38 -8.36 44.17
C ARG I 120 9.49 -8.06 43.17
N ALA I 121 9.26 -7.03 42.38
CA ALA I 121 10.17 -6.66 41.30
C ALA I 121 11.15 -5.63 41.78
N PRO I 122 12.42 -5.74 41.38
CA PRO I 122 13.38 -4.71 41.77
C PRO I 122 12.94 -3.36 41.20
N GLN I 123 12.92 -2.33 42.03
CA GLN I 123 12.41 -1.04 41.61
C GLN I 123 13.37 -0.44 40.59
N TYR I 124 12.85 0.44 39.74
CA TYR I 124 13.68 1.11 38.76
C TYR I 124 13.36 2.59 38.69
N SER I 125 14.31 3.36 38.20
CA SER I 125 14.21 4.81 38.17
C SER I 125 13.73 5.31 36.81
N LYS I 126 14.52 4.99 35.78
CA LYS I 126 14.31 5.40 34.39
C LYS I 126 14.74 6.85 34.22
N ARG I 127 14.89 7.55 35.35
CA ARG I 127 15.45 8.91 35.40
C ARG I 127 15.59 9.34 36.86
N LYS J 1 23.55 -60.42 55.97
CA LYS J 1 23.82 -59.00 56.15
C LYS J 1 24.91 -58.52 55.20
N ILE J 2 24.48 -58.10 54.01
CA ILE J 2 25.40 -57.56 53.00
C ILE J 2 24.89 -56.22 52.47
N ARG J 3 25.63 -55.15 52.74
CA ARG J 3 25.20 -53.81 52.37
C ARG J 3 25.33 -53.57 50.87
N ILE J 4 24.28 -53.01 50.28
CA ILE J 4 24.30 -52.62 48.88
C ILE J 4 23.80 -51.18 48.74
N LYS J 5 24.53 -50.35 48.02
CA LYS J 5 24.08 -48.99 47.73
C LYS J 5 24.15 -48.74 46.24
N LEU J 6 22.99 -48.53 45.64
CA LEU J 6 22.91 -48.27 44.20
C LEU J 6 22.74 -46.79 43.94
N ARG J 7 23.57 -46.22 43.07
CA ARG J 7 23.48 -44.81 42.76
C ARG J 7 23.61 -44.55 41.26
N GLY J 8 22.72 -43.73 40.72
CA GLY J 8 22.74 -43.41 39.31
C GLY J 8 21.92 -42.18 38.94
N PHE J 9 22.19 -41.62 37.77
CA PHE J 9 21.48 -40.43 37.33
C PHE J 9 20.13 -40.78 36.72
N ASP J 10 19.97 -42.02 36.28
CA ASP J 10 18.73 -42.45 35.64
C ASP J 10 17.86 -43.24 36.60
N HIS J 11 16.68 -42.71 36.89
CA HIS J 11 15.76 -43.33 37.84
C HIS J 11 15.20 -44.65 37.31
N LYS J 12 15.35 -44.87 36.01
CA LYS J 12 14.94 -46.11 35.38
C LYS J 12 16.01 -47.18 35.55
N THR J 13 17.19 -46.88 35.01
CA THR J 13 18.33 -47.79 35.04
C THR J 13 18.64 -48.30 36.44
N LEU J 14 18.34 -47.51 37.46
CA LEU J 14 18.50 -47.96 38.83
C LEU J 14 17.41 -48.96 39.18
N ASP J 15 16.16 -48.51 39.17
CA ASP J 15 15.01 -49.34 39.55
C ASP J 15 14.98 -50.70 38.86
N ALA J 16 15.13 -50.69 37.55
CA ALA J 16 15.07 -51.91 36.74
C ALA J 16 16.16 -52.90 37.15
N SER J 17 17.39 -52.44 37.19
CA SER J 17 18.53 -53.29 37.55
C SER J 17 18.42 -53.76 39.00
N ALA J 18 17.79 -52.95 39.84
CA ALA J 18 17.58 -53.31 41.24
C ALA J 18 16.62 -54.49 41.34
N GLN J 19 15.48 -54.39 40.66
CA GLN J 19 14.52 -55.49 40.66
C GLN J 19 15.09 -56.71 39.95
N LYS J 20 16.04 -56.48 39.06
CA LYS J 20 16.75 -57.57 38.41
C LYS J 20 17.60 -58.34 39.42
N ILE J 21 18.37 -57.59 40.21
CA ILE J 21 19.20 -58.17 41.26
C ILE J 21 18.33 -58.91 42.26
N VAL J 22 17.17 -58.32 42.56
CA VAL J 22 16.21 -58.92 43.48
C VAL J 22 15.71 -60.26 42.93
N GLU J 23 15.26 -60.28 41.68
CA GLU J 23 14.76 -61.51 41.08
C GLU J 23 15.85 -62.58 41.00
N ALA J 24 17.06 -62.17 40.67
CA ALA J 24 18.18 -63.08 40.58
C ALA J 24 18.53 -63.67 41.95
N ALA J 25 18.30 -62.89 42.99
CA ALA J 25 18.62 -63.34 44.34
C ALA J 25 17.43 -63.96 45.07
N ARG J 26 16.26 -63.97 44.42
CA ARG J 26 15.07 -64.58 45.02
C ARG J 26 15.10 -66.10 44.92
N ARG J 27 15.41 -66.59 43.72
CA ARG J 27 15.45 -68.02 43.47
C ARG J 27 16.60 -68.66 44.22
N SER J 28 17.72 -67.93 44.27
CA SER J 28 18.95 -68.45 44.85
C SER J 28 19.15 -68.04 46.31
N GLY J 29 18.15 -67.40 46.91
CA GLY J 29 18.33 -66.79 48.22
C GLY J 29 17.10 -66.43 49.01
N ALA J 30 17.30 -65.58 50.03
CA ALA J 30 16.28 -65.27 51.03
C ALA J 30 15.16 -64.39 50.49
N GLN J 31 14.31 -63.92 51.41
CA GLN J 31 13.11 -63.16 51.07
C GLN J 31 13.41 -61.87 50.30
N VAL J 32 14.62 -61.33 50.45
CA VAL J 32 15.04 -60.14 49.73
C VAL J 32 14.11 -58.96 50.05
N SER J 33 14.34 -58.33 51.21
CA SER J 33 13.53 -57.20 51.68
C SER J 33 13.31 -56.12 50.62
N GLY J 34 14.22 -56.03 49.66
CA GLY J 34 13.95 -55.25 48.46
C GLY J 34 14.36 -53.79 48.54
N PRO J 35 14.16 -53.06 47.44
CA PRO J 35 14.61 -51.67 47.32
C PRO J 35 13.94 -50.72 48.31
N ILE J 36 14.76 -49.98 49.05
CA ILE J 36 14.29 -48.87 49.86
C ILE J 36 14.86 -47.62 49.20
N PRO J 37 13.98 -46.72 48.77
CA PRO J 37 14.30 -45.61 47.86
C PRO J 37 15.48 -44.73 48.26
N LEU J 38 15.53 -44.26 49.50
CA LEU J 38 16.52 -43.27 49.95
C LEU J 38 16.29 -41.94 49.20
N PRO J 39 16.69 -40.82 49.81
CA PRO J 39 16.42 -39.53 49.17
C PRO J 39 17.36 -39.22 48.02
N THR J 40 16.89 -38.41 47.07
CA THR J 40 17.68 -38.01 45.92
C THR J 40 18.62 -36.86 46.30
N ARG J 41 19.84 -36.86 45.74
CA ARG J 41 20.74 -35.73 45.94
C ARG J 41 20.71 -34.84 44.70
N VAL J 42 20.11 -33.66 44.85
CA VAL J 42 19.92 -32.76 43.71
C VAL J 42 20.94 -31.64 43.76
N ARG J 43 21.65 -31.44 42.66
CA ARG J 43 22.64 -30.37 42.58
C ARG J 43 22.27 -29.41 41.45
N ARG J 44 22.00 -28.15 41.80
CA ARG J 44 21.54 -27.17 40.82
C ARG J 44 22.65 -26.24 40.39
N PHE J 45 22.58 -25.83 39.12
CA PHE J 45 23.51 -24.84 38.59
C PHE J 45 22.73 -23.72 37.92
N THR J 46 22.80 -22.52 38.48
CA THR J 46 22.14 -21.38 37.87
C THR J 46 23.14 -20.56 37.10
N VAL J 47 22.81 -20.24 35.86
CA VAL J 47 23.75 -19.58 34.97
C VAL J 47 23.02 -18.59 34.08
N ILE J 48 23.62 -17.42 33.87
CA ILE J 48 23.11 -16.43 32.94
C ILE J 48 22.98 -17.02 31.55
N ARG J 49 21.86 -16.76 30.87
CA ARG J 49 21.66 -17.27 29.52
C ARG J 49 22.71 -16.70 28.56
N GLY J 50 22.79 -15.38 28.49
CA GLY J 50 23.67 -14.73 27.55
C GLY J 50 25.11 -14.62 27.98
N PRO J 51 26.03 -14.43 27.01
CA PRO J 51 27.45 -14.20 27.25
C PRO J 51 27.76 -12.84 27.86
N PHE J 52 26.85 -11.89 27.71
CA PHE J 52 27.10 -10.52 28.14
C PHE J 52 25.90 -9.89 28.83
N LYS J 53 26.13 -9.34 30.01
CA LYS J 53 25.12 -8.68 30.84
C LYS J 53 23.81 -9.47 30.89
N HIS J 54 22.68 -8.78 30.78
CA HIS J 54 21.36 -9.41 30.82
C HIS J 54 21.23 -10.36 32.01
N LYS J 55 21.29 -9.81 33.22
CA LYS J 55 21.39 -10.63 34.42
C LYS J 55 20.07 -11.29 34.78
N ASP J 56 18.97 -10.88 34.15
CA ASP J 56 17.63 -11.32 34.53
C ASP J 56 17.14 -12.55 33.76
N SER J 57 18.01 -13.15 32.95
CA SER J 57 17.65 -14.30 32.12
C SER J 57 17.73 -15.66 32.83
N ARG J 58 18.91 -16.03 33.32
CA ARG J 58 19.11 -17.29 34.07
C ARG J 58 18.79 -18.59 33.30
N GLU J 59 17.73 -19.32 33.69
CA GLU J 59 17.52 -20.73 33.28
C GLU J 59 18.55 -21.70 33.87
N HIS J 60 18.36 -22.05 35.13
CA HIS J 60 19.19 -23.06 35.81
C HIS J 60 18.91 -24.51 35.40
N PHE J 61 19.89 -25.38 35.68
CA PHE J 61 19.82 -26.82 35.41
C PHE J 61 19.92 -27.63 36.69
N GLU J 62 19.46 -28.88 36.64
CA GLU J 62 19.58 -29.78 37.78
C GLU J 62 20.29 -31.08 37.41
N LEU J 63 21.04 -31.62 38.36
CA LEU J 63 21.68 -32.93 38.23
C LEU J 63 21.37 -33.77 39.46
N ARG J 64 20.63 -34.85 39.28
CA ARG J 64 20.10 -35.57 40.42
C ARG J 64 20.63 -36.99 40.55
N THR J 65 21.04 -37.35 41.76
CA THR J 65 21.50 -38.70 42.08
C THR J 65 20.42 -39.47 42.81
N HIS J 66 19.81 -40.44 42.14
CA HIS J 66 18.84 -41.33 42.77
C HIS J 66 19.56 -42.42 43.53
N ASN J 67 18.91 -42.98 44.54
CA ASN J 67 19.51 -44.06 45.31
C ASN J 67 18.60 -45.28 45.38
N ARG J 68 19.18 -46.43 45.67
CA ARG J 68 18.42 -47.66 45.90
C ARG J 68 19.08 -48.45 47.03
N LEU J 69 18.38 -49.44 47.57
CA LEU J 69 18.84 -50.12 48.77
C LEU J 69 19.24 -51.58 48.56
N VAL J 70 18.31 -52.42 48.11
CA VAL J 70 18.56 -53.87 48.02
C VAL J 70 18.88 -54.39 49.43
N ASP J 71 20.14 -54.78 49.66
CA ASP J 71 20.57 -55.20 50.99
C ASP J 71 19.86 -56.48 51.46
N ILE J 72 20.25 -57.61 50.85
CA ILE J 72 19.66 -58.92 51.11
C ILE J 72 20.11 -59.58 52.42
N ILE J 73 19.14 -60.08 53.18
CA ILE J 73 19.41 -60.90 54.36
C ILE J 73 19.81 -62.31 53.92
N ASN J 74 20.45 -63.06 54.81
CA ASN J 74 20.89 -64.43 54.56
C ASN J 74 21.84 -64.55 53.38
N PRO J 75 23.09 -64.10 53.56
CA PRO J 75 24.08 -64.13 52.49
C PRO J 75 24.44 -65.55 52.07
N ASN J 76 23.48 -66.25 51.47
CA ASN J 76 23.68 -67.62 51.03
C ASN J 76 24.75 -67.69 49.96
N ARG J 77 25.49 -68.79 49.96
CA ARG J 77 26.53 -68.99 48.98
C ARG J 77 25.93 -69.26 47.61
N LYS J 78 24.70 -69.76 47.59
CA LYS J 78 24.01 -70.09 46.36
C LYS J 78 23.50 -68.81 45.68
N THR J 79 23.34 -67.75 46.45
CA THR J 79 22.79 -66.49 45.96
C THR J 79 23.71 -65.80 44.96
N ILE J 80 25.00 -65.81 45.26
CA ILE J 80 26.02 -65.12 44.47
C ILE J 80 26.19 -65.76 43.07
N GLU J 81 25.46 -66.84 42.81
CA GLU J 81 25.52 -67.47 41.49
C GLU J 81 24.86 -66.59 40.43
N GLN J 82 23.55 -66.42 40.52
CA GLN J 82 22.84 -65.50 39.63
C GLN J 82 23.31 -64.07 39.90
N LEU J 83 23.73 -63.85 41.14
CA LEU J 83 24.38 -62.60 41.55
C LEU J 83 25.85 -62.64 41.15
N MET J 84 26.65 -61.79 41.77
CA MET J 84 27.99 -61.46 41.30
C MET J 84 27.81 -60.75 39.97
N THR J 85 28.41 -61.22 38.89
CA THR J 85 28.24 -60.48 37.65
C THR J 85 27.28 -61.14 36.67
N LEU J 86 26.06 -60.61 36.64
CA LEU J 86 25.20 -60.60 35.47
C LEU J 86 24.51 -59.24 35.50
N ASP J 87 24.77 -58.36 34.54
CA ASP J 87 24.08 -57.07 34.57
C ASP J 87 23.91 -56.40 33.22
N LEU J 88 22.73 -55.82 33.03
CA LEU J 88 22.46 -54.82 31.99
C LEU J 88 23.06 -53.41 32.23
N PRO J 89 22.80 -52.80 33.41
CA PRO J 89 22.96 -51.34 33.55
C PRO J 89 24.35 -50.76 33.25
N THR J 90 24.36 -49.54 32.74
CA THR J 90 25.59 -48.82 32.40
C THR J 90 25.91 -47.71 33.39
N GLY J 91 25.02 -46.73 33.47
CA GLY J 91 25.23 -45.55 34.30
C GLY J 91 24.91 -45.76 35.76
N VAL J 92 24.89 -47.02 36.18
CA VAL J 92 24.67 -47.39 37.57
C VAL J 92 25.99 -47.72 38.25
N GLU J 93 26.20 -47.16 39.44
CA GLU J 93 27.35 -47.51 40.25
C GLU J 93 26.88 -48.21 41.53
N ILE J 94 27.63 -49.24 41.94
CA ILE J 94 27.25 -50.07 43.06
C ILE J 94 28.32 -50.07 44.16
N GLU J 95 27.87 -49.93 45.40
CA GLU J 95 28.75 -50.06 46.55
C GLU J 95 28.31 -51.26 47.37
N ILE J 96 29.27 -51.97 47.95
CA ILE J 96 28.97 -53.19 48.71
C ILE J 96 29.80 -53.27 49.98
N LYS J 97 29.14 -53.56 51.10
CA LYS J 97 29.82 -53.85 52.36
C LYS J 97 29.28 -55.12 52.98
N THR J 98 29.78 -55.46 54.17
CA THR J 98 29.28 -56.61 54.90
C THR J 98 28.38 -56.17 56.05
N VAL J 99 27.83 -57.14 56.77
N LYS K 1 -45.04 45.06 52.53
CA LYS K 1 -46.17 44.46 53.22
C LYS K 1 -47.46 44.68 52.44
N ARG K 2 -47.91 43.63 51.76
CA ARG K 2 -49.11 43.66 50.92
C ARG K 2 -50.12 42.61 51.36
N GLN K 3 -49.66 41.37 51.51
CA GLN K 3 -50.50 40.17 51.61
C GLN K 3 -51.23 39.88 50.30
N VAL K 4 -50.44 39.44 49.32
CA VAL K 4 -50.92 39.05 48.01
C VAL K 4 -51.59 37.68 48.06
N ALA K 5 -50.81 36.66 48.45
CA ALA K 5 -51.29 35.30 48.74
C ALA K 5 -51.51 34.42 47.50
N SER K 6 -51.53 35.02 46.32
CA SER K 6 -51.51 34.26 45.08
C SER K 6 -50.73 35.04 44.05
N GLY K 7 -49.90 34.37 43.26
CA GLY K 7 -49.08 35.09 42.30
C GLY K 7 -48.35 34.26 41.27
N ARG K 8 -47.37 34.88 40.63
CA ARG K 8 -46.62 34.24 39.56
C ARG K 8 -45.14 34.10 39.94
N ALA K 9 -44.51 33.03 39.46
CA ALA K 9 -43.09 32.84 39.66
C ALA K 9 -42.38 32.70 38.33
N TYR K 10 -41.52 33.67 38.01
CA TYR K 10 -40.76 33.67 36.78
C TYR K 10 -39.38 33.06 37.00
N ILE K 11 -39.01 32.11 36.15
CA ILE K 11 -37.68 31.51 36.24
C ILE K 11 -36.88 31.82 34.99
N HIS K 12 -35.84 32.64 35.14
CA HIS K 12 -34.96 32.98 34.03
C HIS K 12 -33.69 32.17 34.15
N ALA K 13 -33.52 31.20 33.27
CA ALA K 13 -32.38 30.29 33.37
C ALA K 13 -31.47 30.39 32.16
N SER K 14 -30.17 30.45 32.42
CA SER K 14 -29.16 30.42 31.37
C SER K 14 -27.97 29.62 31.84
N TYR K 15 -27.07 29.29 30.92
CA TYR K 15 -25.92 28.46 31.25
C TYR K 15 -24.98 29.18 32.21
N ASN K 16 -25.24 30.45 32.43
CA ASN K 16 -24.43 31.25 33.34
C ASN K 16 -25.08 31.38 34.71
N ASN K 17 -26.28 31.93 34.76
CA ASN K 17 -26.98 32.13 36.02
C ASN K 17 -28.45 31.75 35.93
N THR K 18 -29.08 31.54 37.08
CA THR K 18 -30.52 31.32 37.17
C THR K 18 -31.12 32.30 38.17
N ILE K 19 -32.10 33.09 37.75
CA ILE K 19 -32.69 34.04 38.68
C ILE K 19 -34.22 33.95 38.69
N VAL K 20 -34.80 34.14 39.87
CA VAL K 20 -36.21 33.89 40.11
C VAL K 20 -36.92 35.16 40.54
N THR K 21 -38.00 35.52 39.85
CA THR K 21 -38.75 36.72 40.21
C THR K 21 -40.19 36.38 40.54
N ILE K 22 -40.59 36.59 41.78
CA ILE K 22 -41.96 36.31 42.20
C ILE K 22 -42.79 37.59 42.20
N THR K 23 -43.92 37.57 41.51
CA THR K 23 -44.74 38.75 41.27
C THR K 23 -46.19 38.54 41.67
N ASP K 24 -46.95 39.63 41.74
CA ASP K 24 -48.40 39.54 41.96
C ASP K 24 -49.06 39.05 40.67
N PRO K 25 -50.39 38.80 40.70
CA PRO K 25 -51.03 38.32 39.47
C PRO K 25 -51.00 39.29 38.29
N ASP K 26 -50.71 40.57 38.54
CA ASP K 26 -50.61 41.56 37.47
C ASP K 26 -49.23 41.51 36.82
N GLY K 27 -48.28 40.87 37.50
CA GLY K 27 -46.93 40.76 36.98
C GLY K 27 -45.93 41.66 37.68
N ASN K 28 -46.44 42.61 38.48
CA ASN K 28 -45.59 43.48 39.29
C ASN K 28 -44.89 42.65 40.37
N PRO K 29 -43.57 42.78 40.46
CA PRO K 29 -42.80 41.92 41.37
C PRO K 29 -42.96 42.25 42.86
N ILE K 30 -42.74 41.23 43.68
CA ILE K 30 -42.76 41.33 45.12
C ILE K 30 -41.35 41.23 45.64
N THR K 31 -40.78 40.03 45.51
CA THR K 31 -39.38 39.80 45.82
C THR K 31 -38.72 39.02 44.71
N TRP K 32 -37.42 38.81 44.83
CA TRP K 32 -36.67 38.03 43.86
C TRP K 32 -35.37 37.55 44.45
N SER K 33 -34.80 36.52 43.83
CA SER K 33 -33.52 35.99 44.26
C SER K 33 -32.72 35.54 43.04
N SER K 34 -31.56 34.95 43.29
CA SER K 34 -30.66 34.53 42.22
C SER K 34 -29.44 33.85 42.80
N GLY K 35 -28.60 33.30 41.94
CA GLY K 35 -27.37 32.68 42.39
C GLY K 35 -26.41 33.69 42.97
N GLY K 36 -26.62 34.94 42.64
CA GLY K 36 -25.78 36.01 43.13
C GLY K 36 -26.23 36.50 44.49
N VAL K 37 -27.52 36.37 44.75
CA VAL K 37 -28.10 36.77 46.03
C VAL K 37 -27.57 35.86 47.12
N ILE K 38 -27.56 34.56 46.83
CA ILE K 38 -26.84 33.61 47.67
C ILE K 38 -25.35 33.87 47.42
N GLY K 39 -24.51 33.37 48.32
CA GLY K 39 -23.10 33.74 48.32
C GLY K 39 -22.26 33.37 47.11
N TYR K 40 -22.86 32.67 46.15
CA TYR K 40 -22.15 32.27 44.94
C TYR K 40 -21.84 33.48 44.06
N LYS K 41 -20.69 33.44 43.39
CA LYS K 41 -20.16 34.62 42.72
C LYS K 41 -19.85 34.33 41.26
N GLY K 42 -18.97 33.36 41.04
CA GLY K 42 -18.55 32.98 39.71
C GLY K 42 -19.46 31.99 39.03
N SER K 43 -18.87 31.10 38.25
CA SER K 43 -19.60 30.08 37.48
C SER K 43 -20.57 29.25 38.32
N ARG K 44 -20.35 29.19 39.62
CA ARG K 44 -21.20 28.40 40.51
C ARG K 44 -22.66 28.84 40.49
N LYS K 45 -22.94 30.01 39.92
CA LYS K 45 -24.31 30.48 39.81
C LYS K 45 -25.11 29.65 38.82
N GLY K 46 -24.41 29.02 37.88
CA GLY K 46 -25.06 28.21 36.87
C GLY K 46 -25.46 26.84 37.39
N THR K 47 -24.96 26.52 38.57
CA THR K 47 -25.27 25.27 39.25
C THR K 47 -26.75 25.03 39.39
N PRO K 48 -27.18 23.76 39.26
CA PRO K 48 -28.53 23.41 39.69
C PRO K 48 -28.76 23.72 41.17
N TYR K 49 -27.81 23.37 42.03
CA TYR K 49 -27.93 23.64 43.45
C TYR K 49 -28.12 25.12 43.71
N ALA K 50 -27.39 25.94 42.97
CA ALA K 50 -27.54 27.39 43.06
C ALA K 50 -28.99 27.76 42.76
N ALA K 51 -29.53 27.19 41.69
CA ALA K 51 -30.89 27.50 41.28
C ALA K 51 -31.87 27.10 42.37
N GLN K 52 -31.59 25.97 43.01
CA GLN K 52 -32.43 25.47 44.09
C GLN K 52 -32.45 26.49 45.22
N LEU K 53 -31.26 26.89 45.67
CA LEU K 53 -31.13 27.86 46.73
C LEU K 53 -31.84 29.16 46.40
N ALA K 54 -31.74 29.58 45.15
CA ALA K 54 -32.35 30.82 44.71
C ALA K 54 -33.87 30.72 44.80
N ALA K 55 -34.41 29.69 44.17
CA ALA K 55 -35.85 29.47 44.18
C ALA K 55 -36.37 29.44 45.61
N LEU K 56 -35.70 28.68 46.46
CA LEU K 56 -36.11 28.55 47.84
C LEU K 56 -36.07 29.89 48.56
N ASP K 57 -35.06 30.69 48.22
CA ASP K 57 -34.90 31.99 48.86
C ASP K 57 -36.06 32.90 48.50
N ALA K 58 -36.39 32.95 47.21
CA ALA K 58 -37.49 33.79 46.75
C ALA K 58 -38.79 33.31 47.34
N ALA K 59 -38.94 32.00 47.48
CA ALA K 59 -40.14 31.44 48.08
C ALA K 59 -40.27 31.88 49.52
N LYS K 60 -39.19 31.75 50.28
CA LYS K 60 -39.21 32.12 51.69
C LYS K 60 -39.50 33.60 51.84
N LYS K 61 -38.98 34.40 50.91
CA LYS K 61 -39.26 35.84 50.92
C LYS K 61 -40.71 36.10 50.56
N ALA K 62 -41.32 35.19 49.83
CA ALA K 62 -42.71 35.31 49.45
C ALA K 62 -43.65 34.83 50.55
N MET K 63 -43.13 34.01 51.47
CA MET K 63 -43.89 33.58 52.62
C MET K 63 -44.07 34.77 53.54
N ALA K 64 -43.09 35.66 53.53
CA ALA K 64 -43.09 36.84 54.37
C ALA K 64 -44.22 37.78 53.98
N TYR K 65 -44.57 37.77 52.70
CA TYR K 65 -45.73 38.52 52.22
C TYR K 65 -46.97 37.65 52.30
N GLY K 66 -46.79 36.45 52.84
CA GLY K 66 -47.91 35.54 53.05
C GLY K 66 -48.53 35.05 51.77
N MET K 67 -47.72 34.44 50.91
CA MET K 67 -48.24 33.88 49.67
C MET K 67 -48.30 32.36 49.76
N GLN K 68 -49.28 31.78 49.08
CA GLN K 68 -49.53 30.34 49.18
C GLN K 68 -49.46 29.66 47.81
N SER K 69 -50.35 30.04 46.91
CA SER K 69 -50.39 29.43 45.59
C SER K 69 -49.73 30.32 44.54
N VAL K 70 -48.90 29.72 43.68
CA VAL K 70 -48.21 30.47 42.63
C VAL K 70 -48.37 29.80 41.27
N ASP K 71 -48.15 30.59 40.23
CA ASP K 71 -48.04 30.06 38.87
C ASP K 71 -46.59 30.19 38.42
N VAL K 72 -46.05 29.13 37.82
CA VAL K 72 -44.64 29.17 37.44
C VAL K 72 -44.48 29.44 35.95
N ILE K 73 -43.55 30.32 35.62
CA ILE K 73 -43.26 30.67 34.25
C ILE K 73 -41.78 30.47 33.96
N VAL K 74 -41.49 29.62 32.98
CA VAL K 74 -40.12 29.23 32.70
C VAL K 74 -39.59 29.89 31.44
N ARG K 75 -38.50 30.64 31.58
CA ARG K 75 -37.86 31.24 30.43
C ARG K 75 -36.39 30.88 30.39
N GLY K 76 -35.91 30.55 29.19
CA GLY K 76 -34.51 30.21 29.01
C GLY K 76 -34.25 28.73 29.07
N THR K 77 -33.24 28.29 28.33
CA THR K 77 -32.79 26.91 28.43
C THR K 77 -31.42 26.92 29.05
N GLY K 78 -31.34 26.41 30.27
CA GLY K 78 -30.08 26.37 30.99
C GLY K 78 -30.13 25.30 32.05
N ALA K 79 -29.01 25.09 32.72
CA ALA K 79 -28.95 24.15 33.81
C ALA K 79 -29.83 24.64 34.95
N GLY K 80 -30.29 23.73 35.79
CA GLY K 80 -31.02 24.10 36.98
C GLY K 80 -32.36 24.76 36.73
N ARG K 81 -32.95 24.50 35.57
CA ARG K 81 -34.30 24.95 35.33
C ARG K 81 -35.27 24.07 36.11
N GLU K 82 -35.29 22.78 35.75
CA GLU K 82 -36.13 21.80 36.42
C GLU K 82 -35.82 21.70 37.92
N GLN K 83 -34.61 22.09 38.31
CA GLN K 83 -34.24 22.06 39.72
C GLN K 83 -34.94 23.17 40.47
N ALA K 84 -35.04 24.33 39.85
CA ALA K 84 -35.77 25.45 40.43
C ALA K 84 -37.25 25.12 40.48
N ILE K 85 -37.74 24.46 39.44
CA ILE K 85 -39.11 23.97 39.42
C ILE K 85 -39.36 23.08 40.63
N ARG K 86 -38.64 21.96 40.69
CA ARG K 86 -38.78 21.00 41.78
C ARG K 86 -38.65 21.69 43.14
N ALA K 87 -37.76 22.66 43.22
CA ALA K 87 -37.59 23.45 44.44
C ALA K 87 -38.91 24.12 44.83
N LEU K 88 -39.47 24.89 43.90
CA LEU K 88 -40.73 25.58 44.16
C LEU K 88 -41.89 24.64 44.42
N GLN K 89 -41.83 23.43 43.85
CA GLN K 89 -42.99 22.53 43.84
C GLN K 89 -43.48 22.24 45.25
N ALA K 90 -42.62 21.72 46.11
CA ALA K 90 -42.89 21.91 47.52
C ALA K 90 -41.78 22.75 48.14
N SER K 91 -42.04 24.04 48.27
CA SER K 91 -41.31 24.91 49.17
C SER K 91 -42.19 25.18 50.36
N GLY K 92 -43.39 24.65 50.30
CA GLY K 92 -44.47 25.11 51.15
C GLY K 92 -45.43 25.92 50.29
N LEU K 93 -44.96 26.32 49.11
CA LEU K 93 -45.82 26.98 48.13
C LEU K 93 -46.56 25.93 47.31
N GLN K 94 -47.82 26.22 47.01
CA GLN K 94 -48.58 25.39 46.09
C GLN K 94 -48.36 25.88 44.68
N VAL K 95 -47.95 24.98 43.79
CA VAL K 95 -47.72 25.34 42.41
C VAL K 95 -48.94 24.98 41.56
N LYS K 96 -49.63 26.01 41.07
CA LYS K 96 -50.87 25.83 40.33
C LYS K 96 -50.64 25.33 38.92
N SER K 97 -49.50 25.71 38.32
CA SER K 97 -49.20 25.36 36.94
C SER K 97 -47.79 25.79 36.51
N ILE K 98 -47.32 25.18 35.43
CA ILE K 98 -46.02 25.49 34.87
C ILE K 98 -46.19 25.80 33.39
N VAL K 99 -45.48 26.80 32.89
CA VAL K 99 -45.54 27.18 31.49
C VAL K 99 -44.15 27.58 31.01
N ASP K 100 -43.78 27.21 29.80
CA ASP K 100 -42.53 27.69 29.23
C ASP K 100 -42.80 28.84 28.26
N ASP K 101 -42.41 30.05 28.67
CA ASP K 101 -42.66 31.25 27.89
C ASP K 101 -41.47 31.68 27.04
N THR K 102 -40.44 30.85 26.97
CA THR K 102 -39.16 31.26 26.37
C THR K 102 -39.33 31.91 25.01
N PRO K 103 -38.88 33.17 24.89
CA PRO K 103 -39.00 33.90 23.64
C PRO K 103 -38.15 33.30 22.52
N VAL K 104 -38.81 32.99 21.41
CA VAL K 104 -38.10 32.56 20.22
C VAL K 104 -38.40 33.54 19.11
N PRO K 105 -37.37 34.19 18.57
CA PRO K 105 -37.64 35.07 17.44
C PRO K 105 -38.06 34.30 16.20
N HIS K 106 -38.69 35.04 15.30
CA HIS K 106 -39.11 34.57 13.99
C HIS K 106 -37.95 34.82 13.03
N ASN K 107 -36.76 34.95 13.63
CA ASN K 107 -35.49 35.35 13.03
C ASN K 107 -35.47 36.80 12.60
N GLY K 108 -35.56 37.69 13.58
CA GLY K 108 -35.33 39.09 13.35
C GLY K 108 -33.87 39.53 13.32
N CYS K 109 -33.11 39.12 14.32
CA CYS K 109 -31.81 39.74 14.57
C CYS K 109 -30.64 38.81 14.42
N ARG K 110 -29.55 39.33 13.90
CA ARG K 110 -28.36 38.54 13.67
C ARG K 110 -27.70 38.19 14.98
N PRO K 111 -27.60 36.90 15.28
CA PRO K 111 -27.00 36.46 16.53
C PRO K 111 -25.52 36.78 16.59
N LYS K 112 -24.96 36.82 17.78
CA LYS K 112 -23.52 37.02 17.94
C LYS K 112 -22.81 35.80 17.38
N LYS K 113 -21.54 35.96 17.02
CA LYS K 113 -20.76 34.88 16.44
C LYS K 113 -20.83 33.63 17.31
N LYS K 114 -20.95 33.82 18.62
CA LYS K 114 -21.04 32.71 19.55
C LYS K 114 -22.24 31.83 19.24
N PHE K 115 -23.36 32.47 18.92
CA PHE K 115 -24.61 31.75 18.71
C PHE K 115 -24.92 31.48 17.25
N ARG K 116 -24.01 31.84 16.34
CA ARG K 116 -24.29 31.73 14.92
C ARG K 116 -24.21 30.31 14.41
N LYS K 117 -24.20 30.18 13.08
CA LYS K 117 -24.62 28.97 12.36
C LYS K 117 -26.13 28.84 12.59
N ALA K 118 -26.76 30.00 12.63
CA ALA K 118 -28.21 30.17 12.80
C ALA K 118 -28.57 31.63 12.49
N SER K 119 -29.85 31.99 12.61
CA SER K 119 -30.29 33.35 12.35
C SER K 119 -31.53 33.72 13.18
N PRO L 1 -10.26 19.01 -30.88
CA PRO L 1 -11.02 20.13 -31.43
C PRO L 1 -11.71 19.76 -32.74
N THR L 2 -12.84 20.40 -33.04
CA THR L 2 -13.55 20.11 -34.27
C THR L 2 -12.70 20.47 -35.46
N ILE L 3 -12.97 19.85 -36.60
CA ILE L 3 -12.19 20.10 -37.80
C ILE L 3 -12.22 21.58 -38.14
N ASN L 4 -13.40 22.18 -38.07
CA ASN L 4 -13.55 23.59 -38.36
C ASN L 4 -12.63 24.41 -37.47
N GLN L 5 -12.45 23.95 -36.24
CA GLN L 5 -11.56 24.64 -35.31
C GLN L 5 -10.12 24.52 -35.78
N LEU L 6 -9.78 23.40 -36.41
CA LEU L 6 -8.43 23.21 -36.89
C LEU L 6 -8.18 24.02 -38.14
N VAL L 7 -9.24 24.26 -38.90
CA VAL L 7 -9.14 25.12 -40.07
C VAL L 7 -8.96 26.56 -39.61
N ARG L 8 -9.72 26.96 -38.60
CA ARG L 8 -9.72 28.34 -38.15
C ARG L 8 -8.47 28.73 -37.38
N LYS L 9 -7.91 27.79 -36.64
CA LYS L 9 -6.80 28.09 -35.74
C LYS L 9 -5.59 27.22 -36.08
N GLY L 10 -5.78 25.91 -36.00
CA GLY L 10 -4.73 25.00 -36.42
C GLY L 10 -3.74 24.70 -35.34
N ARG L 11 -2.97 23.64 -35.53
CA ARG L 11 -2.00 23.21 -34.54
C ARG L 11 -0.83 24.19 -34.46
N GLU L 12 -0.26 24.30 -33.27
CA GLU L 12 0.84 25.21 -33.02
C GLU L 12 2.14 24.43 -32.89
N LYS L 13 3.12 24.72 -33.76
CA LYS L 13 4.39 24.02 -33.73
C LYS L 13 5.22 24.49 -32.54
N VAL L 14 5.94 23.56 -31.93
CA VAL L 14 6.68 23.86 -30.71
C VAL L 14 8.14 24.18 -30.99
N ARG L 15 8.60 25.33 -30.49
CA ARG L 15 9.99 25.72 -30.63
C ARG L 15 10.79 25.33 -29.40
N LYS L 16 11.88 24.60 -29.62
CA LYS L 16 12.82 24.26 -28.56
C LYS L 16 13.69 25.46 -28.24
N LYS L 17 14.22 25.51 -27.02
CA LYS L 17 15.14 26.57 -26.66
C LYS L 17 16.50 26.00 -26.29
N SER L 18 17.54 26.57 -26.88
CA SER L 18 18.90 26.09 -26.69
C SER L 18 19.28 26.08 -25.22
N LYS L 19 20.00 25.05 -24.80
CA LYS L 19 20.51 24.98 -23.45
C LYS L 19 21.91 25.58 -23.42
N VAL L 20 22.37 26.01 -24.57
CA VAL L 20 23.73 26.52 -24.71
C VAL L 20 23.75 27.79 -25.56
N PRO L 21 23.55 28.95 -24.92
CA PRO L 21 23.88 30.22 -25.59
C PRO L 21 25.40 30.47 -25.70
N ALA L 22 26.06 29.61 -26.48
CA ALA L 22 27.40 29.86 -27.00
C ALA L 22 27.19 30.48 -28.38
N LEU L 23 25.91 30.68 -28.67
CA LEU L 23 25.39 31.27 -29.90
C LEU L 23 25.90 30.66 -31.18
N LYS L 24 25.90 31.49 -32.23
CA LYS L 24 26.50 31.23 -33.55
C LYS L 24 26.35 29.78 -34.01
N GLY L 25 25.30 29.11 -33.53
CA GLY L 25 25.19 27.67 -33.68
C GLY L 25 26.47 26.97 -33.25
N ALA L 26 27.22 27.59 -32.36
CA ALA L 26 28.64 27.28 -32.20
C ALA L 26 28.89 26.10 -31.28
N PRO L 27 29.78 25.20 -31.69
CA PRO L 27 30.23 24.03 -30.92
C PRO L 27 31.12 24.39 -29.73
N PHE L 28 31.98 25.40 -29.88
CA PHE L 28 32.85 25.85 -28.80
C PHE L 28 32.94 27.37 -28.82
N ARG L 29 33.40 27.97 -27.73
CA ARG L 29 33.62 29.41 -27.75
C ARG L 29 34.79 29.79 -26.87
N ARG L 30 35.56 30.77 -27.32
CA ARG L 30 36.75 31.22 -26.61
C ARG L 30 36.41 32.30 -25.58
N GLY L 31 37.06 32.23 -24.43
CA GLY L 31 36.82 33.20 -23.39
C GLY L 31 38.01 33.43 -22.47
N VAL L 32 37.93 34.46 -21.65
CA VAL L 32 39.00 34.77 -20.71
C VAL L 32 38.44 34.73 -19.30
N CYS L 33 39.13 34.02 -18.40
CA CYS L 33 38.63 33.85 -17.04
C CYS L 33 38.53 35.17 -16.29
N THR L 34 37.63 35.23 -15.32
CA THR L 34 37.48 36.39 -14.48
C THR L 34 37.84 36.01 -13.06
N VAL L 35 37.05 35.13 -12.48
CA VAL L 35 37.35 34.57 -11.17
C VAL L 35 37.51 33.07 -11.32
N VAL L 36 38.37 32.48 -10.51
CA VAL L 36 38.41 31.04 -10.40
C VAL L 36 37.97 30.68 -9.00
N ARG L 37 36.78 30.09 -8.88
CA ARG L 37 36.20 29.84 -7.58
C ARG L 37 36.01 28.35 -7.30
N THR L 38 35.55 28.10 -6.09
CA THR L 38 35.13 26.79 -5.65
C THR L 38 33.64 26.88 -5.34
N VAL L 39 32.91 25.81 -5.57
CA VAL L 39 31.48 25.81 -5.35
C VAL L 39 31.08 24.57 -4.57
N THR L 40 30.10 24.73 -3.69
CA THR L 40 29.50 23.58 -3.01
C THR L 40 28.27 23.10 -3.77
N PRO L 41 28.21 21.79 -4.04
CA PRO L 41 27.15 21.11 -4.78
C PRO L 41 25.84 20.99 -4.02
N LYS L 42 24.76 20.66 -4.72
CA LYS L 42 23.44 20.57 -4.09
C LYS L 42 23.22 19.26 -3.33
N LYS L 43 22.04 19.13 -2.75
CA LYS L 43 21.79 18.32 -1.56
C LYS L 43 22.45 16.93 -1.48
N PRO L 44 22.25 16.08 -2.48
CA PRO L 44 22.71 14.70 -2.26
C PRO L 44 24.23 14.56 -2.12
N ASN L 45 24.99 15.58 -2.52
CA ASN L 45 26.44 15.50 -2.52
C ASN L 45 27.18 16.61 -1.77
N SER L 46 28.44 16.32 -1.44
CA SER L 46 29.34 17.29 -0.82
C SER L 46 30.74 17.18 -1.40
N ALA L 47 31.27 18.30 -1.86
CA ALA L 47 32.64 18.37 -2.37
C ALA L 47 32.99 19.83 -2.61
N LEU L 48 34.20 20.08 -3.10
CA LEU L 48 34.54 21.42 -3.56
C LEU L 48 34.79 21.38 -5.06
N ARG L 49 33.87 21.93 -5.84
CA ARG L 49 33.99 21.86 -7.30
C ARG L 49 34.71 23.07 -7.85
N LYS L 50 35.54 22.86 -8.85
CA LYS L 50 36.33 23.95 -9.41
C LYS L 50 35.58 24.60 -10.57
N VAL L 51 35.28 25.89 -10.43
CA VAL L 51 34.48 26.59 -11.42
C VAL L 51 35.21 27.87 -11.81
N ALA L 52 34.92 28.42 -12.98
CA ALA L 52 35.52 29.67 -13.39
C ALA L 52 34.53 30.57 -14.11
N LYS L 53 34.53 31.86 -13.78
CA LYS L 53 33.69 32.80 -14.50
C LYS L 53 34.43 33.25 -15.75
N VAL L 54 33.84 32.99 -16.91
CA VAL L 54 34.51 33.21 -18.17
C VAL L 54 33.81 34.28 -19.00
N ARG L 55 34.60 35.23 -19.49
CA ARG L 55 34.14 36.31 -20.34
C ARG L 55 34.30 35.91 -21.79
N LEU L 56 33.19 35.65 -22.47
CA LEU L 56 33.20 35.09 -23.82
C LEU L 56 33.42 36.11 -24.93
N THR L 57 33.92 35.62 -26.07
CA THR L 57 33.94 36.41 -27.30
C THR L 57 32.50 36.57 -27.78
N SER L 58 31.65 35.66 -27.32
CA SER L 58 30.24 35.67 -27.66
C SER L 58 29.53 36.92 -27.15
N GLY L 59 30.10 37.55 -26.14
CA GLY L 59 29.50 38.72 -25.52
C GLY L 59 28.76 38.35 -24.25
N TYR L 60 28.99 37.13 -23.79
CA TYR L 60 28.36 36.61 -22.57
C TYR L 60 29.44 36.39 -21.51
N GLU L 61 29.05 36.43 -20.25
CA GLU L 61 29.96 36.03 -19.17
C GLU L 61 29.29 34.94 -18.35
N VAL L 62 29.84 33.73 -18.39
CA VAL L 62 29.18 32.60 -17.75
C VAL L 62 30.17 31.72 -17.01
N THR L 63 29.68 31.06 -15.96
CA THR L 63 30.51 30.14 -15.18
C THR L 63 30.64 28.81 -15.92
N ALA L 64 31.80 28.18 -15.78
CA ALA L 64 32.08 26.92 -16.46
C ALA L 64 32.95 26.01 -15.60
N TYR L 65 32.68 24.72 -15.70
CA TYR L 65 33.32 23.72 -14.85
C TYR L 65 34.73 23.41 -15.34
N ILE L 66 35.59 23.00 -14.42
CA ILE L 66 36.98 22.70 -14.75
C ILE L 66 37.30 21.27 -14.35
N PRO L 67 37.10 20.33 -15.28
CA PRO L 67 37.24 18.90 -15.00
C PRO L 67 38.67 18.49 -14.65
N GLY L 68 38.87 17.21 -14.35
CA GLY L 68 40.19 16.69 -14.07
C GLY L 68 40.63 16.76 -12.61
N GLU L 69 41.63 15.96 -12.27
CA GLU L 69 42.18 15.89 -10.92
C GLU L 69 42.71 17.24 -10.44
N GLY L 70 43.42 17.94 -11.31
CA GLY L 70 43.96 19.24 -10.96
C GLY L 70 44.07 20.17 -12.15
N HIS L 71 44.16 21.47 -11.88
CA HIS L 71 44.17 22.47 -12.94
C HIS L 71 45.06 23.64 -12.62
N ASN L 72 45.53 24.34 -13.66
CA ASN L 72 46.11 25.66 -13.45
C ASN L 72 45.32 26.68 -14.25
N LEU L 73 44.54 27.51 -13.55
CA LEU L 73 43.84 28.59 -14.22
C LEU L 73 43.87 29.83 -13.35
N GLN L 74 44.47 30.90 -13.85
CA GLN L 74 44.60 32.14 -13.10
C GLN L 74 43.50 33.08 -13.49
N GLU L 75 43.58 34.31 -13.00
CA GLU L 75 42.58 35.31 -13.30
C GLU L 75 42.51 35.58 -14.80
N HIS L 76 43.67 35.76 -15.43
CA HIS L 76 43.72 36.16 -16.83
C HIS L 76 43.81 35.00 -17.81
N SER L 77 43.69 33.78 -17.31
CA SER L 77 43.78 32.58 -18.16
C SER L 77 42.82 32.58 -19.34
N VAL L 78 43.36 32.34 -20.53
CA VAL L 78 42.56 32.22 -21.75
C VAL L 78 42.17 30.77 -21.94
N VAL L 79 40.87 30.54 -22.11
CA VAL L 79 40.38 29.17 -22.13
C VAL L 79 39.31 29.00 -23.22
N LEU L 80 39.07 27.74 -23.59
CA LEU L 80 38.03 27.42 -24.55
C LEU L 80 36.94 26.57 -23.92
N ILE L 81 35.68 26.98 -24.06
CA ILE L 81 34.61 26.27 -23.40
C ILE L 81 33.70 25.57 -24.39
N ARG L 82 33.07 24.52 -23.91
CA ARG L 82 32.18 23.67 -24.69
C ARG L 82 30.88 23.51 -23.95
N GLY L 83 29.88 22.96 -24.60
CA GLY L 83 28.63 22.69 -23.94
C GLY L 83 28.75 21.53 -22.98
N GLY L 84 27.62 21.17 -22.38
CA GLY L 84 27.54 20.09 -21.41
C GLY L 84 27.60 20.67 -20.02
N ARG L 85 26.84 20.09 -19.10
CA ARG L 85 26.61 20.74 -17.82
C ARG L 85 27.08 19.88 -16.67
N VAL L 86 26.95 20.43 -15.48
CA VAL L 86 27.27 19.70 -14.27
C VAL L 86 26.00 19.63 -13.45
N LYS L 87 25.41 18.46 -13.33
CA LYS L 87 24.06 18.36 -12.80
C LYS L 87 23.97 18.87 -11.38
N 0TD L 88 25.01 18.60 -10.58
CA 0TD L 88 24.85 18.72 -9.15
C 0TD L 88 25.39 20.12 -8.79
O 0TD L 88 25.71 20.38 -7.62
CSB 0TD L 88 23.67 16.91 -6.85
SB 0TD L 88 25.38 17.41 -6.77
CB 0TD L 88 25.65 17.58 -8.55
CG 0TD L 88 27.13 17.87 -8.70
OD2 0TD L 88 27.85 17.72 -7.69
OD1 0TD L 88 27.52 18.24 -9.82
N LEU L 89 25.50 20.99 -9.79
CA LEU L 89 25.94 22.36 -9.62
C LEU L 89 25.01 23.33 -10.33
N PRO L 90 23.97 23.80 -9.65
CA PRO L 90 23.02 24.71 -10.30
C PRO L 90 23.69 25.95 -10.86
N GLY L 91 23.42 26.26 -12.12
CA GLY L 91 23.97 27.45 -12.75
C GLY L 91 25.10 27.22 -13.73
N VAL L 92 25.74 26.06 -13.68
CA VAL L 92 26.88 25.80 -14.54
C VAL L 92 26.45 24.94 -15.71
N ARG L 93 26.32 25.56 -16.89
CA ARG L 93 25.86 24.86 -18.08
C ARG L 93 26.97 24.47 -19.06
N TYR L 94 28.21 24.87 -18.79
CA TYR L 94 29.28 24.66 -19.76
C TYR L 94 30.54 24.07 -19.14
N HIS L 95 31.31 23.37 -19.96
CA HIS L 95 32.58 22.78 -19.56
C HIS L 95 33.77 23.51 -20.17
N ILE L 96 34.87 23.58 -19.42
CA ILE L 96 36.13 24.04 -19.98
C ILE L 96 36.81 22.86 -20.64
N VAL L 97 37.29 23.05 -21.87
CA VAL L 97 38.06 22.00 -22.53
C VAL L 97 39.47 22.03 -21.99
N ARG L 98 39.97 20.87 -21.61
CA ARG L 98 41.32 20.79 -21.08
C ARG L 98 42.28 20.38 -22.17
N GLY L 99 43.46 20.99 -22.16
CA GLY L 99 44.45 20.72 -23.19
C GLY L 99 44.42 21.74 -24.30
N VAL L 100 43.70 22.83 -24.08
CA VAL L 100 43.62 23.91 -25.06
C VAL L 100 43.96 25.25 -24.41
N TYR L 101 44.79 26.03 -25.09
CA TYR L 101 45.19 27.36 -24.62
C TYR L 101 45.89 27.30 -23.25
N ASP L 102 45.49 28.17 -22.33
CA ASP L 102 46.17 28.28 -21.04
C ASP L 102 45.83 27.14 -20.08
N ALA L 103 44.88 26.30 -20.49
CA ALA L 103 44.49 25.16 -19.67
C ALA L 103 45.26 23.91 -20.06
N ALA L 104 46.12 23.44 -19.17
CA ALA L 104 46.90 22.25 -19.42
C ALA L 104 46.03 21.01 -19.31
N GLY L 105 46.48 19.92 -19.91
CA GLY L 105 45.81 18.64 -19.75
C GLY L 105 46.13 18.05 -18.39
N VAL L 106 45.30 17.12 -17.93
CA VAL L 106 45.52 16.48 -16.64
C VAL L 106 46.80 15.67 -16.71
N LYS L 107 47.52 15.60 -15.59
CA LYS L 107 48.79 14.91 -15.55
C LYS L 107 48.66 13.52 -14.97
N ASP L 108 49.46 12.59 -15.46
CA ASP L 108 49.46 11.19 -15.03
C ASP L 108 48.09 10.58 -15.22
N ARG L 109 47.44 10.91 -16.32
CA ARG L 109 46.14 10.34 -16.63
C ARG L 109 46.30 9.28 -17.70
N LYS L 110 46.18 8.01 -17.31
CA LYS L 110 46.43 6.93 -18.23
C LYS L 110 45.19 6.27 -18.84
N LYS L 111 43.98 6.65 -18.42
CA LYS L 111 42.80 5.88 -18.83
C LYS L 111 42.01 6.55 -19.96
N SER L 112 41.21 7.57 -19.68
CA SER L 112 40.55 8.24 -20.78
C SER L 112 41.28 9.54 -21.04
N ARG L 113 42.15 9.54 -22.03
CA ARG L 113 43.04 10.67 -22.21
C ARG L 113 42.41 11.78 -23.04
N SER L 114 41.75 11.41 -24.13
CA SER L 114 41.30 12.39 -25.10
C SER L 114 40.29 13.35 -24.51
N LYS L 115 39.61 12.92 -23.46
CA LYS L 115 38.60 13.76 -22.83
C LYS L 115 39.24 14.81 -21.92
N TYR L 116 40.29 14.42 -21.21
CA TYR L 116 40.97 15.34 -20.32
C TYR L 116 42.23 15.94 -20.96
N GLY L 117 42.47 15.61 -22.23
CA GLY L 117 43.50 16.24 -23.02
C GLY L 117 44.94 15.92 -22.67
N THR L 118 45.26 14.63 -22.56
CA THR L 118 46.61 14.22 -22.22
C THR L 118 47.21 13.33 -23.29
N LYS L 119 48.36 13.71 -23.81
CA LYS L 119 48.99 12.95 -24.88
C LYS L 119 49.47 11.59 -24.39
N LYS L 120 49.58 10.65 -25.31
CA LYS L 120 49.98 9.28 -24.99
C LYS L 120 51.38 9.21 -24.39
N PRO L 121 51.50 8.57 -23.22
CA PRO L 121 52.79 8.29 -22.58
C PRO L 121 53.73 7.53 -23.51
N LYS L 122 55.02 7.85 -23.45
CA LYS L 122 55.99 7.38 -24.44
C LYS L 122 56.50 5.97 -24.20
N GLU L 123 57.56 5.63 -24.95
CA GLU L 123 58.35 4.40 -24.86
C GLU L 123 57.53 3.11 -24.77
N ALA L 124 58.00 2.16 -23.97
CA ALA L 124 57.37 0.85 -23.88
C ALA L 124 57.65 0.19 -22.53
N ALA L 125 56.68 -0.60 -22.05
N ALA M 1 26.18 9.59 93.07
CA ALA M 1 26.85 10.85 93.37
C ALA M 1 28.01 11.08 92.40
N ARG M 2 29.03 11.79 92.88
CA ARG M 2 30.14 12.21 92.03
C ARG M 2 31.18 11.10 91.93
N ILE M 3 31.41 10.62 90.72
CA ILE M 3 32.35 9.51 90.54
C ILE M 3 33.31 9.79 89.40
N ALA M 4 34.59 9.54 89.66
CA ALA M 4 35.62 9.51 88.62
C ALA M 4 35.55 10.73 87.72
N GLY M 5 35.91 11.89 88.25
CA GLY M 5 35.81 13.10 87.47
C GLY M 5 34.57 13.88 87.84
N VAL M 6 34.30 14.92 87.06
CA VAL M 6 33.32 15.93 87.43
C VAL M 6 31.88 15.51 87.15
N GLU M 7 31.71 14.30 86.62
CA GLU M 7 30.39 13.87 86.17
C GLU M 7 29.59 13.16 87.25
N ILE M 8 28.35 13.61 87.43
CA ILE M 8 27.40 12.93 88.31
C ILE M 8 26.22 12.41 87.50
N PRO M 9 26.14 11.09 87.32
CA PRO M 9 24.90 10.52 86.79
C PRO M 9 23.87 10.42 87.90
N ARG M 10 22.58 10.50 87.59
CA ARG M 10 21.60 10.59 88.66
C ARG M 10 20.25 9.98 88.31
N ASN M 11 19.63 9.37 89.31
CA ASN M 11 18.24 8.89 89.25
C ASN M 11 17.97 7.92 88.11
N LYS M 12 18.68 6.80 88.12
CA LYS M 12 18.45 5.66 87.23
C LYS M 12 19.51 4.62 87.53
N ARG M 13 19.34 3.42 86.99
CA ARG M 13 20.19 2.28 87.33
C ARG M 13 21.67 2.60 87.23
N VAL M 14 22.44 2.13 88.21
CA VAL M 14 23.83 2.51 88.38
C VAL M 14 24.70 2.18 87.18
N ASP M 15 24.42 1.06 86.51
CA ASP M 15 25.21 0.69 85.34
C ASP M 15 24.99 1.68 84.20
N VAL M 16 23.72 1.88 83.85
CA VAL M 16 23.34 2.81 82.81
C VAL M 16 23.83 4.21 83.19
N ALA M 17 23.86 4.48 84.49
CA ALA M 17 24.35 5.75 84.97
C ALA M 17 25.86 5.89 84.77
N LEU M 18 26.57 4.78 84.97
CA LEU M 18 28.02 4.76 84.82
C LEU M 18 28.39 4.84 83.35
N THR M 19 27.41 4.58 82.48
CA THR M 19 27.64 4.75 81.05
C THR M 19 28.02 6.19 80.74
N TYR M 20 27.47 7.13 81.51
CA TYR M 20 27.73 8.55 81.31
C TYR M 20 29.16 8.92 81.71
N ILE M 21 29.88 7.97 82.30
CA ILE M 21 31.31 8.15 82.50
C ILE M 21 31.95 8.03 81.12
N TYR M 22 32.93 8.88 80.84
CA TYR M 22 33.50 8.94 79.49
C TYR M 22 34.15 7.62 79.08
N GLY M 23 35.08 7.13 79.89
CA GLY M 23 35.79 5.92 79.51
C GLY M 23 35.07 4.64 79.84
N ILE M 24 33.77 4.72 80.10
CA ILE M 24 33.03 3.56 80.56
C ILE M 24 31.82 3.26 79.68
N GLY M 25 31.81 2.07 79.10
CA GLY M 25 30.65 1.58 78.38
C GLY M 25 29.87 0.62 79.24
N LYS M 26 29.01 -0.19 78.63
CA LYS M 26 28.18 -1.10 79.40
C LYS M 26 29.02 -2.22 79.99
N ALA M 27 30.06 -2.61 79.26
CA ALA M 27 30.95 -3.68 79.69
C ALA M 27 31.67 -3.33 80.99
N ARG M 28 32.39 -2.21 80.97
CA ARG M 28 33.17 -1.80 82.13
C ARG M 28 32.27 -1.46 83.31
N ALA M 29 31.03 -1.09 83.02
CA ALA M 29 30.06 -0.81 84.06
C ALA M 29 29.66 -2.11 84.74
N LYS M 30 29.33 -3.09 83.92
CA LYS M 30 29.00 -4.43 84.40
C LYS M 30 30.13 -4.96 85.28
N GLU M 31 31.35 -4.83 84.78
CA GLU M 31 32.52 -5.30 85.51
C GLU M 31 32.70 -4.58 86.85
N ALA M 32 32.70 -3.26 86.81
CA ALA M 32 32.94 -2.46 88.01
C ALA M 32 31.86 -2.70 89.06
N LEU M 33 30.63 -2.87 88.62
CA LEU M 33 29.55 -3.14 89.56
C LEU M 33 29.67 -4.55 90.11
N GLU M 34 30.25 -5.45 89.32
CA GLU M 34 30.39 -6.83 89.74
C GLU M 34 31.48 -6.96 90.81
N LYS M 35 32.65 -6.37 90.56
CA LYS M 35 33.79 -6.51 91.48
C LYS M 35 33.60 -5.73 92.77
N THR M 36 32.85 -4.64 92.70
CA THR M 36 32.60 -3.79 93.87
C THR M 36 31.45 -4.37 94.68
N GLY M 37 30.71 -5.29 94.07
CA GLY M 37 29.62 -5.96 94.75
C GLY M 37 28.42 -5.07 95.01
N ILE M 38 27.99 -4.37 93.97
CA ILE M 38 26.85 -3.47 94.07
C ILE M 38 25.73 -3.98 93.16
N ASN M 39 24.51 -4.03 93.67
CA ASN M 39 23.38 -4.39 92.84
C ASN M 39 23.19 -3.31 91.78
N PRO M 40 23.26 -3.69 90.51
CA PRO M 40 23.14 -2.74 89.41
C PRO M 40 21.77 -2.05 89.37
N ALA M 41 20.72 -2.77 89.77
CA ALA M 41 19.35 -2.29 89.61
C ALA M 41 19.01 -1.08 90.46
N THR M 42 19.75 -0.83 91.54
CA THR M 42 19.43 0.27 92.43
C THR M 42 19.65 1.60 91.74
N ARG M 43 18.85 2.60 92.11
CA ARG M 43 19.03 3.93 91.57
C ARG M 43 20.26 4.59 92.19
N VAL M 44 20.79 5.61 91.53
CA VAL M 44 21.96 6.32 92.02
C VAL M 44 21.67 7.02 93.34
N LYS M 45 20.49 7.63 93.43
CA LYS M 45 20.10 8.34 94.64
C LYS M 45 19.99 7.38 95.82
N ASP M 46 19.86 6.10 95.53
CA ASP M 46 19.71 5.06 96.55
C ASP M 46 21.04 4.42 96.93
N LEU M 47 22.13 4.92 96.36
CA LEU M 47 23.45 4.37 96.67
C LEU M 47 23.93 4.77 98.06
N THR M 48 24.48 3.80 98.77
CA THR M 48 25.13 4.03 100.05
C THR M 48 26.40 4.84 99.83
N GLU M 49 26.68 5.76 100.75
CA GLU M 49 27.91 6.54 100.68
C GLU M 49 29.12 5.60 100.69
N ALA M 50 28.99 4.49 101.42
CA ALA M 50 30.01 3.46 101.43
C ALA M 50 30.15 2.86 100.04
N GLU M 51 29.01 2.54 99.42
CA GLU M 51 28.99 1.98 98.08
C GLU M 51 29.63 2.92 97.05
N VAL M 52 29.28 4.20 97.14
CA VAL M 52 29.83 5.20 96.23
C VAL M 52 31.32 5.31 96.42
N VAL M 53 31.75 5.32 97.68
CA VAL M 53 33.17 5.41 98.02
C VAL M 53 33.92 4.23 97.43
N ARG M 54 33.32 3.05 97.51
CA ARG M 54 33.93 1.82 96.99
C ARG M 54 34.03 1.83 95.46
N LEU M 55 32.94 2.23 94.83
CA LEU M 55 32.86 2.31 93.36
C LEU M 55 33.88 3.29 92.82
N ARG M 56 33.93 4.47 93.44
CA ARG M 56 34.91 5.49 93.11
C ARG M 56 36.30 4.92 93.29
N GLU M 57 36.51 4.25 94.42
CA GLU M 57 37.80 3.63 94.73
C GLU M 57 38.28 2.75 93.58
N TYR M 58 37.43 1.82 93.16
CA TYR M 58 37.76 0.96 92.04
C TYR M 58 38.01 1.76 90.77
N VAL M 59 36.94 2.35 90.25
CA VAL M 59 36.93 2.96 88.91
C VAL M 59 38.01 4.03 88.73
N GLU M 60 38.25 4.84 89.76
CA GLU M 60 39.20 5.94 89.65
C GLU M 60 40.55 5.48 89.14
N ASN M 61 41.20 4.57 89.85
CA ASN M 61 42.33 3.90 89.23
C ASN M 61 42.10 2.42 89.06
N THR M 62 41.65 2.06 87.86
CA THR M 62 41.85 0.77 87.25
C THR M 62 42.15 1.09 85.79
N TRP M 63 41.17 1.70 85.13
CA TRP M 63 41.28 2.16 83.76
C TRP M 63 41.52 3.66 83.66
N LYS M 64 42.25 4.05 82.63
CA LYS M 64 42.44 5.47 82.30
C LYS M 64 41.13 6.04 81.76
N LEU M 65 40.64 7.10 82.42
CA LEU M 65 39.31 7.63 82.07
C LEU M 65 39.30 9.13 81.77
N GLU M 66 38.21 9.57 81.15
CA GLU M 66 37.93 10.99 80.92
C GLU M 66 39.06 11.78 80.28
N GLY M 67 39.43 12.89 80.91
CA GLY M 67 40.44 13.79 80.39
C GLY M 67 41.73 13.12 79.98
N GLU M 68 42.20 12.20 80.80
CA GLU M 68 43.41 11.45 80.47
C GLU M 68 43.18 10.61 79.22
N LEU M 69 41.98 10.04 79.11
CA LEU M 69 41.64 9.23 77.96
C LEU M 69 41.68 10.06 76.68
N ARG M 70 40.91 11.14 76.67
CA ARG M 70 40.86 12.05 75.52
C ARG M 70 42.25 12.52 75.15
N ALA M 71 43.02 12.91 76.18
CA ALA M 71 44.38 13.37 75.99
C ALA M 71 45.21 12.32 75.26
N GLU M 72 45.09 11.07 75.71
CA GLU M 72 45.88 9.98 75.13
C GLU M 72 45.47 9.71 73.70
N VAL M 73 44.17 9.78 73.43
CA VAL M 73 43.66 9.57 72.09
C VAL M 73 44.25 10.64 71.16
N ALA M 74 44.06 11.89 71.55
CA ALA M 74 44.56 13.01 70.78
C ALA M 74 46.07 12.89 70.55
N ALA M 75 46.78 12.43 71.57
CA ALA M 75 48.22 12.26 71.48
C ALA M 75 48.57 11.14 70.52
N ASN M 76 47.69 10.15 70.42
CA ASN M 76 47.89 9.06 69.48
C ASN M 76 47.74 9.56 68.05
N ILE M 77 46.67 10.31 67.83
CA ILE M 77 46.40 10.86 66.50
C ILE M 77 47.55 11.78 66.09
N LYS M 78 47.90 12.70 66.98
CA LYS M 78 49.04 13.59 66.78
C LYS M 78 50.31 12.79 66.48
N ARG M 79 50.49 11.66 67.16
CA ARG M 79 51.65 10.82 66.89
C ARG M 79 51.61 10.33 65.45
N LEU M 80 50.45 9.86 65.03
CA LEU M 80 50.27 9.37 63.67
C LEU M 80 50.58 10.45 62.64
N MET M 81 50.16 11.68 62.93
CA MET M 81 50.37 12.77 61.99
C MET M 81 51.82 13.19 61.92
N ASP M 82 52.45 13.32 63.08
CA ASP M 82 53.82 13.83 63.15
C ASP M 82 54.80 12.93 62.41
N ILE M 83 54.60 11.62 62.49
CA ILE M 83 55.53 10.68 61.87
C ILE M 83 55.33 10.64 60.35
N GLY M 84 54.27 11.29 59.87
CA GLY M 84 54.01 11.35 58.44
C GLY M 84 53.46 10.06 57.88
N CYS M 85 52.83 9.27 58.75
CA CYS M 85 52.21 8.02 58.36
C CYS M 85 51.02 8.28 57.44
N TYR M 86 50.60 7.25 56.70
CA TYR M 86 49.44 7.36 55.82
C TYR M 86 48.19 7.71 56.61
N ARG M 87 47.95 7.00 57.70
CA ARG M 87 46.85 7.31 58.60
C ARG M 87 46.98 8.74 59.09
N GLY M 88 48.21 9.20 59.23
CA GLY M 88 48.46 10.58 59.60
C GLY M 88 47.90 11.55 58.58
N LEU M 89 48.09 11.23 57.31
CA LEU M 89 47.58 12.09 56.24
C LEU M 89 46.06 12.02 56.19
N ARG M 90 45.53 10.82 56.31
CA ARG M 90 44.08 10.64 56.27
C ARG M 90 43.41 11.43 57.39
N HIS M 91 44.05 11.45 58.56
CA HIS M 91 43.58 12.27 59.67
C HIS M 91 43.77 13.74 59.34
N ARG M 92 44.84 14.03 58.61
CA ARG M 92 45.22 15.41 58.30
C ARG M 92 44.18 16.11 57.42
N ARG M 93 43.79 15.47 56.31
CA ARG M 93 42.78 16.06 55.44
C ARG M 93 41.37 15.56 55.76
N GLY M 94 41.26 14.76 56.81
CA GLY M 94 39.96 14.32 57.28
C GLY M 94 39.19 13.40 56.35
N LEU M 95 39.80 12.28 56.00
CA LEU M 95 39.15 11.25 55.20
C LEU M 95 39.16 9.94 55.97
N PRO M 96 38.30 8.99 55.59
CA PRO M 96 38.27 7.69 56.29
C PRO M 96 39.64 7.02 56.38
N VAL M 97 40.02 6.60 57.59
CA VAL M 97 41.32 6.02 57.83
C VAL M 97 41.31 4.49 57.75
N ARG M 98 40.11 3.91 57.72
CA ARG M 98 39.97 2.48 57.83
C ARG M 98 39.86 1.79 56.47
N GLY M 99 40.10 2.56 55.40
CA GLY M 99 40.08 2.02 54.06
C GLY M 99 38.70 1.77 53.48
N GLN M 100 37.86 2.78 53.56
CA GLN M 100 36.54 2.72 52.96
C GLN M 100 36.50 3.67 51.77
N ARG M 101 35.62 3.38 50.82
CA ARG M 101 35.48 4.19 49.61
C ARG M 101 35.10 5.64 49.92
N THR M 102 35.84 6.57 49.33
CA THR M 102 35.53 7.99 49.48
C THR M 102 34.78 8.55 48.27
N ARG M 103 34.54 7.73 47.25
CA ARG M 103 33.87 8.20 46.04
C ARG M 103 32.45 8.64 46.35
N THR M 104 31.75 7.83 47.13
CA THR M 104 30.42 8.16 47.62
C THR M 104 30.41 7.91 49.11
N ASN M 105 29.36 8.37 49.78
CA ASN M 105 29.29 8.28 51.24
C ASN M 105 30.53 8.90 51.89
N ALA M 106 31.05 8.24 52.91
CA ALA M 106 32.13 8.78 53.73
C ALA M 106 31.79 10.19 54.19
N ARG M 107 30.52 10.41 54.48
CA ARG M 107 30.04 11.74 54.78
C ARG M 107 30.35 12.15 56.20
N THR M 108 30.25 11.21 57.13
CA THR M 108 30.43 11.51 58.53
C THR M 108 31.84 12.00 58.82
N ARG M 109 32.80 11.55 58.02
CA ARG M 109 34.16 12.03 58.12
C ARG M 109 34.33 13.37 57.40
N LYS M 110 33.72 13.48 56.22
CA LYS M 110 33.83 14.66 55.36
C LYS M 110 32.93 15.80 55.82
N GLY M 111 32.01 15.49 56.71
CA GLY M 111 31.08 16.48 57.22
C GLY M 111 29.92 16.75 56.29
N PRO M 112 29.33 17.96 56.36
CA PRO M 112 28.20 18.34 55.52
C PRO M 112 28.58 18.31 54.04
N ARG M 113 27.59 18.27 53.17
CA ARG M 113 27.81 18.04 51.75
C ARG M 113 27.98 19.36 50.98
N LYS M 114 29.18 19.60 50.48
CA LYS M 114 29.48 20.88 49.84
C LYS M 114 29.42 20.74 48.33
N THR M 115 28.38 21.30 47.72
CA THR M 115 28.08 21.01 46.32
C THR M 115 28.64 22.05 45.36
N VAL M 116 29.15 21.58 44.21
CA VAL M 116 29.64 22.46 43.17
C VAL M 116 28.98 22.12 41.84
N ALA M 117 29.30 22.88 40.80
CA ALA M 117 28.66 22.73 39.49
C ALA M 117 29.16 21.51 38.75
N GLY M 118 28.38 21.05 37.77
CA GLY M 118 28.75 19.90 36.96
C GLY M 118 28.09 19.88 35.59
N ALA N 1 40.25 -14.95 26.49
CA ALA N 1 41.12 -16.09 26.69
C ALA N 1 42.44 -15.92 25.95
N ARG N 2 43.34 -15.12 26.52
CA ARG N 2 44.66 -14.93 25.93
C ARG N 2 45.50 -16.20 26.09
N LYS N 3 46.22 -16.58 25.04
CA LYS N 3 46.91 -17.88 25.00
C LYS N 3 48.06 -17.97 26.01
N ALA N 4 48.68 -16.84 26.31
CA ALA N 4 49.75 -16.82 27.29
C ALA N 4 49.20 -17.10 28.70
N LEU N 5 47.98 -16.61 28.97
CA LEU N 5 47.38 -16.76 30.29
C LEU N 5 46.90 -18.17 30.53
N ILE N 6 46.93 -19.00 29.49
CA ILE N 6 46.65 -20.42 29.63
C ILE N 6 47.84 -21.07 30.36
N GLU N 7 48.86 -20.26 30.66
CA GLU N 7 49.91 -20.63 31.62
C GLU N 7 49.33 -20.83 33.02
N LYS N 8 48.04 -20.56 33.17
CA LYS N 8 47.32 -20.80 34.41
C LYS N 8 47.67 -22.16 35.01
N ALA N 9 47.61 -23.20 34.19
CA ALA N 9 47.97 -24.52 34.66
C ALA N 9 49.49 -24.53 34.79
N LYS N 10 49.96 -24.71 36.02
CA LYS N 10 51.38 -24.66 36.29
C LYS N 10 51.75 -25.66 37.37
N ARG N 11 52.79 -26.46 37.11
CA ARG N 11 53.32 -27.36 38.11
C ARG N 11 54.08 -26.56 39.15
N THR N 12 54.59 -25.41 38.73
CA THR N 12 55.28 -24.49 39.62
C THR N 12 54.63 -23.11 39.61
N PRO N 13 53.44 -23.00 40.22
CA PRO N 13 52.75 -21.71 40.33
C PRO N 13 53.52 -20.72 41.21
N LYS N 14 54.49 -21.25 41.96
CA LYS N 14 55.37 -20.52 42.88
C LYS N 14 54.68 -20.18 44.19
N PHE N 15 53.35 -20.22 44.20
CA PHE N 15 52.56 -20.04 45.42
C PHE N 15 51.22 -20.75 45.28
N LYS N 16 50.68 -21.26 46.38
CA LYS N 16 49.43 -21.99 46.32
C LYS N 16 48.29 -21.04 45.99
N VAL N 17 48.42 -19.79 46.43
CA VAL N 17 47.35 -18.80 46.28
C VAL N 17 47.27 -18.30 44.85
N ARG N 18 48.41 -18.22 44.17
CA ARG N 18 48.44 -17.72 42.81
C ARG N 18 47.76 -18.69 41.86
N ALA N 19 47.46 -19.89 42.35
CA ALA N 19 46.81 -20.90 41.53
C ALA N 19 45.33 -20.61 41.45
N TYR N 20 44.85 -20.37 40.24
CA TYR N 20 43.45 -20.07 40.02
C TYR N 20 42.87 -20.97 38.95
N THR N 21 41.54 -21.02 38.88
CA THR N 21 40.88 -21.92 37.96
C THR N 21 40.41 -21.20 36.71
N ARG N 22 40.63 -21.83 35.56
CA ARG N 22 40.09 -21.34 34.31
C ARG N 22 39.14 -22.36 33.70
N CYS N 23 38.50 -21.99 32.60
CA CYS N 23 37.65 -22.91 31.88
C CYS N 23 38.55 -23.80 31.06
N VAL N 24 38.28 -25.10 31.07
CA VAL N 24 39.10 -26.03 30.32
C VAL N 24 38.78 -25.88 28.83
N ARG N 25 37.51 -25.66 28.52
CA ARG N 25 37.09 -25.56 27.13
C ARG N 25 37.46 -24.22 26.49
N CYS N 26 36.83 -23.14 26.95
CA CYS N 26 37.00 -21.85 26.30
C CYS N 26 38.13 -21.00 26.88
N GLY N 27 38.68 -21.43 28.02
CA GLY N 27 39.79 -20.71 28.61
C GLY N 27 39.39 -19.47 29.38
N ARG N 28 38.11 -19.43 29.78
CA ARG N 28 37.57 -18.31 30.54
C ARG N 28 38.25 -18.21 31.90
N ALA N 29 38.24 -17.01 32.49
CA ALA N 29 38.75 -16.82 33.83
C ALA N 29 37.61 -16.78 34.84
N ARG N 30 36.73 -15.79 34.70
CA ARG N 30 35.59 -15.62 35.59
C ARG N 30 34.51 -16.66 35.37
N SER N 31 33.67 -16.85 36.39
CA SER N 31 32.51 -17.73 36.31
C SER N 31 32.85 -19.17 35.97
N VAL N 32 33.87 -19.72 36.63
CA VAL N 32 34.30 -21.09 36.33
C VAL N 32 33.79 -22.06 37.37
N TYR N 33 32.83 -22.90 36.97
CA TYR N 33 32.24 -23.87 37.88
C TYR N 33 33.23 -24.99 38.18
N ARG N 34 33.46 -25.26 39.45
CA ARG N 34 34.51 -26.18 39.89
C ARG N 34 34.13 -27.64 39.64
N PHE N 35 32.83 -27.92 39.71
CA PHE N 35 32.32 -29.26 39.50
C PHE N 35 32.63 -29.77 38.10
N PHE N 36 32.29 -28.96 37.10
CA PHE N 36 32.52 -29.30 35.71
C PHE N 36 33.88 -28.84 35.20
N GLY N 37 34.55 -27.99 35.96
CA GLY N 37 35.80 -27.40 35.50
C GLY N 37 35.62 -26.49 34.30
N LEU N 38 34.36 -26.23 33.95
CA LEU N 38 34.02 -25.38 32.82
C LEU N 38 33.65 -23.98 33.28
N CYS N 39 33.34 -23.11 32.33
CA CYS N 39 32.76 -21.81 32.63
C CYS N 39 31.25 -21.96 32.55
N ARG N 40 30.52 -20.85 32.65
CA ARG N 40 29.07 -20.89 32.65
C ARG N 40 28.50 -21.00 31.23
N ILE N 41 29.21 -20.41 30.28
CA ILE N 41 28.77 -20.36 28.89
C ILE N 41 28.92 -21.75 28.31
N CYS N 42 30.15 -22.23 28.29
CA CYS N 42 30.44 -23.59 27.89
C CYS N 42 29.51 -24.56 28.59
N LEU N 43 29.27 -24.32 29.87
CA LEU N 43 28.37 -25.15 30.65
C LEU N 43 27.01 -25.23 29.98
N ARG N 44 26.45 -24.07 29.62
CA ARG N 44 25.12 -24.06 29.01
C ARG N 44 25.14 -24.74 27.64
N GLU N 45 26.18 -24.45 26.85
CA GLU N 45 26.31 -25.04 25.52
C GLU N 45 26.31 -26.56 25.58
N LEU N 46 27.33 -27.11 26.23
CA LEU N 46 27.48 -28.56 26.37
C LEU N 46 26.27 -29.18 27.05
N ALA N 47 25.64 -28.45 27.97
CA ALA N 47 24.44 -28.95 28.63
C ALA N 47 23.33 -29.14 27.62
N HIS N 48 23.22 -28.20 26.69
CA HIS N 48 22.17 -28.28 25.67
C HIS N 48 22.50 -29.32 24.61
N LYS N 49 23.78 -29.57 24.39
CA LYS N 49 24.20 -30.58 23.42
C LYS N 49 23.92 -31.99 23.94
N GLY N 50 23.82 -32.12 25.26
CA GLY N 50 23.57 -33.41 25.88
C GLY N 50 24.83 -34.15 26.29
N GLN N 51 25.96 -33.46 26.27
CA GLN N 51 27.25 -34.07 26.57
C GLN N 51 27.56 -34.07 28.07
N LEU N 52 26.65 -33.56 28.88
CA LEU N 52 26.81 -33.64 30.32
C LEU N 52 25.81 -34.63 30.89
N PRO N 53 26.30 -35.82 31.29
CA PRO N 53 25.42 -36.87 31.81
C PRO N 53 24.65 -36.44 33.04
N GLY N 54 23.37 -36.79 33.08
CA GLY N 54 22.54 -36.54 34.24
C GLY N 54 22.00 -35.13 34.33
N VAL N 55 22.59 -34.22 33.56
CA VAL N 55 22.19 -32.82 33.59
C VAL N 55 20.91 -32.61 32.80
N ARG N 56 19.91 -32.04 33.47
CA ARG N 56 18.58 -31.88 32.89
C ARG N 56 18.10 -30.46 33.10
N LYS N 57 17.01 -30.08 32.44
CA LYS N 57 16.39 -28.78 32.70
C LYS N 57 15.64 -28.84 34.01
N ALA N 58 15.82 -27.82 34.84
CA ALA N 58 15.23 -27.79 36.18
C ALA N 58 13.96 -26.94 36.23
N SER N 59 12.82 -27.57 36.53
CA SER N 59 11.56 -26.85 36.61
C SER N 59 10.72 -27.34 37.77
N TRP N 60 10.20 -26.39 38.56
CA TRP N 60 9.36 -26.71 39.72
C TRP N 60 8.62 -25.47 40.23
N PRO O 1 -52.81 41.96 -18.31
CA PRO O 1 -52.26 40.92 -19.19
C PRO O 1 -52.74 41.08 -20.62
N ILE O 2 -52.82 39.96 -21.35
CA ILE O 2 -53.36 39.98 -22.71
C ILE O 2 -54.58 39.08 -22.74
N THR O 3 -55.76 39.69 -22.89
CA THR O 3 -57.01 38.94 -22.86
C THR O 3 -57.30 38.24 -24.19
N LYS O 4 -58.08 37.18 -24.11
CA LYS O 4 -58.38 36.33 -25.25
C LYS O 4 -59.01 37.10 -26.41
N GLU O 5 -59.79 38.12 -26.07
CA GLU O 5 -60.49 38.92 -27.09
C GLU O 5 -59.51 39.76 -27.90
N GLU O 6 -58.46 40.26 -27.25
CA GLU O 6 -57.41 41.00 -27.93
C GLU O 6 -56.68 40.06 -28.88
N LYS O 7 -56.34 38.89 -28.35
CA LYS O 7 -55.64 37.85 -29.10
C LYS O 7 -56.44 37.48 -30.36
N GLN O 8 -57.73 37.27 -30.20
CA GLN O 8 -58.57 36.91 -31.33
C GLN O 8 -58.70 38.07 -32.29
N LYS O 9 -58.70 39.29 -31.76
CA LYS O 9 -58.75 40.48 -32.60
C LYS O 9 -57.56 40.52 -33.54
N VAL O 10 -56.36 40.34 -33.01
CA VAL O 10 -55.16 40.44 -33.84
C VAL O 10 -55.02 39.21 -34.74
N ILE O 11 -55.41 38.04 -34.25
CA ILE O 11 -55.35 36.84 -35.06
C ILE O 11 -56.24 36.99 -36.28
N GLN O 12 -57.51 37.33 -36.06
CA GLN O 12 -58.44 37.54 -37.17
C GLN O 12 -58.00 38.69 -38.06
N GLU O 13 -57.28 39.65 -37.46
CA GLU O 13 -56.74 40.78 -38.22
C GLU O 13 -55.70 40.33 -39.23
N PHE O 14 -54.76 39.52 -38.78
CA PHE O 14 -53.63 39.14 -39.63
C PHE O 14 -53.76 37.78 -40.31
N ALA O 15 -54.83 37.05 -40.04
CA ALA O 15 -55.01 35.72 -40.61
C ALA O 15 -54.99 35.74 -42.13
N ARG O 16 -54.27 34.79 -42.72
CA ARG O 16 -54.16 34.69 -44.18
C ARG O 16 -55.49 34.28 -44.79
N PHE O 17 -56.31 33.61 -44.00
CA PHE O 17 -57.63 33.19 -44.42
C PHE O 17 -58.45 32.84 -43.18
N PRO O 18 -59.74 32.53 -43.34
CA PRO O 18 -60.48 32.12 -42.14
C PRO O 18 -59.95 30.79 -41.58
N GLY O 19 -59.71 30.75 -40.27
CA GLY O 19 -59.27 29.55 -39.62
C GLY O 19 -57.77 29.40 -39.45
N ASP O 20 -57.01 30.39 -39.91
CA ASP O 20 -55.56 30.29 -39.83
C ASP O 20 -55.03 30.93 -38.56
N THR O 21 -54.58 30.08 -37.64
CA THR O 21 -53.91 30.56 -36.43
C THR O 21 -52.39 30.52 -36.50
N GLY O 22 -51.83 29.82 -37.49
CA GLY O 22 -50.42 29.49 -37.42
C GLY O 22 -49.41 30.14 -38.36
N SER O 23 -49.88 30.98 -39.26
CA SER O 23 -49.02 31.53 -40.30
C SER O 23 -47.99 32.49 -39.72
N THR O 24 -46.92 32.69 -40.49
CA THR O 24 -45.82 33.55 -40.08
C THR O 24 -46.30 34.95 -39.71
N GLU O 25 -47.24 35.47 -40.49
CA GLU O 25 -47.79 36.81 -40.25
C GLU O 25 -48.47 36.87 -38.88
N VAL O 26 -49.26 35.84 -38.58
CA VAL O 26 -49.95 35.76 -37.30
C VAL O 26 -48.96 35.74 -36.16
N GLN O 27 -47.95 34.89 -36.29
CA GLN O 27 -46.95 34.74 -35.25
C GLN O 27 -46.23 36.07 -35.01
N VAL O 28 -45.74 36.68 -36.06
CA VAL O 28 -45.02 37.95 -35.93
C VAL O 28 -45.92 39.01 -35.32
N ALA O 29 -47.18 39.02 -35.71
CA ALA O 29 -48.13 39.98 -35.14
C ALA O 29 -48.27 39.79 -33.64
N LEU O 30 -48.59 38.56 -33.24
CA LEU O 30 -48.77 38.24 -31.83
C LEU O 30 -47.52 38.57 -31.01
N LEU O 31 -46.37 38.16 -31.52
CA LEU O 31 -45.10 38.46 -30.91
C LEU O 31 -44.92 39.97 -30.74
N THR O 32 -45.33 40.72 -31.76
CA THR O 32 -45.19 42.17 -31.72
C THR O 32 -46.05 42.77 -30.63
N LEU O 33 -47.27 42.25 -30.50
CA LEU O 33 -48.18 42.68 -29.44
C LEU O 33 -47.53 42.46 -28.08
N ARG O 34 -47.00 41.25 -27.89
CA ARG O 34 -46.33 40.90 -26.64
C ARG O 34 -45.13 41.80 -26.37
N ILE O 35 -44.35 42.08 -27.41
CA ILE O 35 -43.15 42.89 -27.29
C ILE O 35 -43.50 44.29 -26.85
N ASN O 36 -44.50 44.88 -27.49
CA ASN O 36 -44.92 46.23 -27.14
C ASN O 36 -45.42 46.28 -25.69
N ARG O 37 -46.26 45.31 -25.34
CA ARG O 37 -46.74 45.21 -23.97
C ARG O 37 -45.58 45.18 -22.97
N LEU O 38 -44.61 44.32 -23.25
CA LEU O 38 -43.45 44.14 -22.37
C LEU O 38 -42.58 45.38 -22.27
N SER O 39 -42.39 46.08 -23.38
CA SER O 39 -41.53 47.26 -23.39
C SER O 39 -42.19 48.40 -22.62
N GLU O 40 -43.49 48.53 -22.78
CA GLU O 40 -44.22 49.55 -22.03
C GLU O 40 -44.19 49.18 -20.56
N HIS O 41 -44.10 47.88 -20.26
CA HIS O 41 -43.89 47.43 -18.90
C HIS O 41 -42.48 47.75 -18.41
N LEU O 42 -41.53 47.83 -19.35
CA LEU O 42 -40.12 48.01 -18.99
C LEU O 42 -39.65 49.45 -19.03
N LYS O 43 -40.52 50.38 -19.42
CA LYS O 43 -40.19 51.80 -19.27
C LYS O 43 -40.24 52.17 -17.79
N VAL O 44 -41.26 51.67 -17.10
CA VAL O 44 -41.24 51.61 -15.64
C VAL O 44 -40.56 50.31 -15.33
N HIS O 45 -40.33 50.01 -14.05
CA HIS O 45 -39.75 48.73 -13.65
C HIS O 45 -38.49 48.39 -14.43
N LYS O 46 -37.67 49.40 -14.72
CA LYS O 46 -36.46 49.17 -15.53
C LYS O 46 -35.45 48.29 -14.82
N LYS O 47 -35.67 48.02 -13.54
CA LYS O 47 -34.75 47.22 -12.78
C LYS O 47 -35.12 45.74 -12.83
N ASP O 48 -36.16 45.39 -13.58
CA ASP O 48 -36.55 43.98 -13.72
C ASP O 48 -35.87 43.40 -14.94
N HIS O 49 -34.83 42.63 -14.71
CA HIS O 49 -34.04 42.07 -15.79
C HIS O 49 -34.54 40.73 -16.31
N HIS O 50 -35.02 39.89 -15.40
CA HIS O 50 -35.51 38.56 -15.77
C HIS O 50 -36.53 38.63 -16.89
N SER O 51 -37.38 39.65 -16.86
CA SER O 51 -38.34 39.85 -17.92
C SER O 51 -37.65 40.35 -19.18
N HIS O 52 -36.62 41.19 -19.01
CA HIS O 52 -35.87 41.72 -20.14
C HIS O 52 -35.25 40.60 -20.96
N ARG O 53 -34.88 39.51 -20.30
CA ARG O 53 -34.41 38.33 -21.03
C ARG O 53 -35.51 37.82 -21.95
N GLY O 54 -36.71 37.71 -21.41
CA GLY O 54 -37.86 37.32 -22.19
C GLY O 54 -38.03 38.21 -23.40
N LEU O 55 -37.88 39.51 -23.19
CA LEU O 55 -38.00 40.47 -24.28
C LEU O 55 -36.97 40.16 -25.36
N LEU O 56 -35.75 39.86 -24.95
CA LEU O 56 -34.70 39.49 -25.90
C LEU O 56 -35.09 38.27 -26.72
N MET O 57 -35.60 37.24 -26.05
CA MET O 57 -35.96 36.00 -26.73
C MET O 57 -37.09 36.22 -27.74
N MET O 58 -38.10 36.98 -27.34
CA MET O 58 -39.21 37.28 -28.23
C MET O 58 -38.72 38.06 -29.44
N VAL O 59 -37.94 39.10 -29.20
CA VAL O 59 -37.38 39.91 -30.27
C VAL O 59 -36.65 39.02 -31.27
N GLY O 60 -35.80 38.14 -30.75
CA GLY O 60 -35.06 37.22 -31.59
C GLY O 60 -35.95 36.34 -32.44
N GLN O 61 -36.99 35.78 -31.83
CA GLN O 61 -37.94 34.94 -32.54
C GLN O 61 -38.58 35.70 -33.70
N ARG O 62 -39.04 36.92 -33.41
CA ARG O 62 -39.65 37.75 -34.42
C ARG O 62 -38.69 38.04 -35.56
N ARG O 63 -37.45 38.35 -35.23
CA ARG O 63 -36.45 38.64 -36.26
C ARG O 63 -36.20 37.42 -37.14
N ARG O 64 -36.21 36.23 -36.55
CA ARG O 64 -35.99 35.03 -37.33
C ARG O 64 -37.16 34.76 -38.26
N LEU O 65 -38.37 34.90 -37.76
CA LEU O 65 -39.55 34.70 -38.58
C LEU O 65 -39.58 35.69 -39.74
N LEU O 66 -39.39 36.96 -39.41
CA LEU O 66 -39.38 38.01 -40.42
C LEU O 66 -38.31 37.75 -41.47
N ARG O 67 -37.17 37.21 -41.04
CA ARG O 67 -36.13 36.84 -41.96
C ARG O 67 -36.60 35.75 -42.91
N TYR O 68 -37.30 34.76 -42.36
CA TYR O 68 -37.86 33.67 -43.17
C TYR O 68 -38.79 34.20 -44.24
N LEU O 69 -39.72 35.07 -43.82
CA LEU O 69 -40.66 35.67 -44.76
C LEU O 69 -39.90 36.46 -45.83
N GLN O 70 -38.92 37.25 -45.40
CA GLN O 70 -38.05 38.00 -46.28
C GLN O 70 -37.46 37.10 -47.35
N ARG O 71 -37.11 35.87 -46.98
CA ARG O 71 -36.57 34.94 -47.95
C ARG O 71 -37.64 34.43 -48.90
N GLU O 72 -38.76 33.95 -48.35
CA GLU O 72 -39.76 33.30 -49.20
C GLU O 72 -40.57 34.24 -50.09
N ASP O 73 -41.22 35.24 -49.51
CA ASP O 73 -42.10 36.12 -50.27
C ASP O 73 -42.01 37.58 -49.83
N PRO O 74 -41.01 38.31 -50.35
CA PRO O 74 -40.71 39.70 -49.98
C PRO O 74 -41.91 40.64 -50.02
N GLU O 75 -42.89 40.31 -50.84
CA GLU O 75 -44.12 41.09 -50.88
C GLU O 75 -44.85 41.02 -49.54
N ARG O 76 -45.15 39.80 -49.09
CA ARG O 76 -45.83 39.61 -47.82
C ARG O 76 -45.03 40.18 -46.66
N TYR O 77 -43.70 40.19 -46.83
CA TYR O 77 -42.79 40.75 -45.84
C TYR O 77 -42.96 42.25 -45.73
N ARG O 78 -42.85 42.94 -46.85
CA ARG O 78 -43.01 44.40 -46.85
C ARG O 78 -44.41 44.78 -46.38
N ALA O 79 -45.41 44.02 -46.81
CA ALA O 79 -46.79 44.26 -46.39
C ALA O 79 -46.89 44.16 -44.87
N LEU O 80 -46.35 43.08 -44.34
CA LEU O 80 -46.36 42.82 -42.90
C LEU O 80 -45.74 43.98 -42.14
N ILE O 81 -44.55 44.39 -42.56
CA ILE O 81 -43.86 45.48 -41.91
C ILE O 81 -44.70 46.75 -41.97
N GLU O 82 -45.25 47.03 -43.14
CA GLU O 82 -46.05 48.24 -43.33
C GLU O 82 -47.24 48.27 -42.37
N LYS O 83 -47.99 47.17 -42.30
CA LYS O 83 -49.16 47.13 -41.42
C LYS O 83 -48.76 47.19 -39.95
N LEU O 84 -47.67 46.53 -39.60
CA LEU O 84 -47.20 46.52 -38.22
C LEU O 84 -46.42 47.79 -37.84
N GLY O 85 -45.68 48.33 -38.80
CA GLY O 85 -44.88 49.52 -38.55
C GLY O 85 -43.62 49.24 -37.75
N ILE O 86 -42.92 48.17 -38.11
CA ILE O 86 -41.66 47.81 -37.47
C ILE O 86 -40.51 48.42 -38.26
N ARG O 87 -39.28 48.03 -37.90
CA ARG O 87 -38.03 48.51 -38.50
C ARG O 87 -37.72 49.96 -38.14
N GLY O 88 -38.63 50.60 -37.40
CA GLY O 88 -38.45 51.96 -36.98
C GLY O 88 -39.15 52.98 -37.88
N MET P 1 22.23 33.13 -81.03
CA MET P 1 22.40 32.01 -81.95
C MET P 1 22.38 30.69 -81.20
N VAL P 2 21.57 29.76 -81.68
CA VAL P 2 21.48 28.44 -81.09
C VAL P 2 22.53 27.54 -81.72
N LYS P 3 23.19 26.72 -80.90
CA LYS P 3 24.28 25.89 -81.39
C LYS P 3 24.15 24.41 -81.01
N ILE P 4 24.89 23.56 -81.71
CA ILE P 4 24.98 22.14 -81.40
C ILE P 4 26.38 21.84 -80.92
N ARG P 5 26.52 21.38 -79.69
CA ARG P 5 27.85 21.19 -79.12
C ARG P 5 27.88 20.10 -78.07
N LEU P 6 29.03 19.94 -77.43
CA LEU P 6 29.20 18.90 -76.43
C LEU P 6 29.13 19.45 -75.02
N ALA P 7 28.44 18.74 -74.13
CA ALA P 7 28.41 19.10 -72.72
C ALA P 7 29.11 18.02 -71.90
N ARG P 8 30.04 18.43 -71.04
CA ARG P 8 30.87 17.45 -70.31
C ARG P 8 30.18 16.94 -69.05
N PHE P 9 30.17 15.63 -68.88
CA PHE P 9 29.33 15.00 -67.86
C PHE P 9 30.03 14.01 -66.92
N GLY P 10 30.67 12.99 -67.45
CA GLY P 10 31.34 12.01 -66.61
C GLY P 10 32.39 12.61 -65.69
N SER P 11 32.87 11.83 -64.73
CA SER P 11 33.74 12.34 -63.67
C SER P 11 35.14 12.74 -64.13
N LYS P 12 35.95 13.17 -63.17
CA LYS P 12 37.35 13.57 -63.43
C LYS P 12 38.11 12.43 -64.09
N HIS P 13 38.84 12.76 -65.16
CA HIS P 13 39.64 11.79 -65.92
C HIS P 13 38.76 10.77 -66.63
N ASN P 14 37.45 10.87 -66.43
CA ASN P 14 36.48 10.03 -67.14
C ASN P 14 35.47 10.91 -67.86
N PRO P 15 35.90 11.58 -68.93
CA PRO P 15 34.98 12.49 -69.62
C PRO P 15 33.93 11.75 -70.42
N HIS P 16 32.70 12.27 -70.40
CA HIS P 16 31.62 11.78 -71.23
C HIS P 16 30.84 12.98 -71.70
N TYR P 17 30.53 13.05 -73.00
CA TYR P 17 29.88 14.22 -73.54
C TYR P 17 28.46 13.95 -74.00
N ARG P 18 27.63 14.97 -73.89
CA ARG P 18 26.29 14.93 -74.45
C ARG P 18 26.21 15.87 -75.63
N ILE P 19 25.93 15.30 -76.79
CA ILE P 19 25.75 16.10 -77.99
C ILE P 19 24.38 16.72 -77.89
N VAL P 20 24.37 18.06 -77.93
CA VAL P 20 23.32 18.83 -77.31
C VAL P 20 23.02 20.12 -78.07
N VAL P 21 21.76 20.57 -78.00
CA VAL P 21 21.33 21.79 -78.65
C VAL P 21 21.06 22.87 -77.61
N THR P 22 21.82 23.97 -77.65
CA THR P 22 21.62 25.03 -76.67
C THR P 22 22.03 26.41 -77.20
N ASP P 23 21.41 27.46 -76.67
CA ASP P 23 21.78 28.83 -77.03
C ASP P 23 23.22 29.07 -76.63
N ALA P 24 24.00 29.68 -77.51
CA ALA P 24 25.44 29.79 -77.33
C ALA P 24 25.83 30.48 -76.03
N ARG P 25 24.91 31.27 -75.49
CA ARG P 25 25.20 32.11 -74.34
C ARG P 25 25.10 31.39 -73.00
N ARG P 26 24.45 30.23 -72.96
CA ARG P 26 24.36 29.51 -71.71
C ARG P 26 25.65 28.77 -71.44
N LYS P 27 25.95 28.50 -70.17
CA LYS P 27 27.20 27.84 -69.79
C LYS P 27 27.22 26.44 -70.38
N ARG P 28 28.39 25.85 -70.56
CA ARG P 28 28.47 24.62 -71.34
C ARG P 28 27.78 23.42 -70.70
N ASP P 29 27.73 23.41 -69.37
CA ASP P 29 27.02 22.36 -68.66
C ASP P 29 25.61 22.76 -68.23
N GLY P 30 25.18 23.95 -68.64
CA GLY P 30 23.87 24.48 -68.27
C GLY P 30 22.70 23.85 -68.99
N LYS P 31 21.55 24.53 -69.01
CA LYS P 31 20.33 23.93 -69.53
C LYS P 31 20.27 23.92 -71.05
N TYR P 32 20.31 22.73 -71.63
CA TYR P 32 20.13 22.60 -73.06
C TYR P 32 18.67 22.52 -73.49
N ILE P 33 18.43 22.89 -74.75
CA ILE P 33 17.12 22.82 -75.38
C ILE P 33 16.70 21.38 -75.61
N GLU P 34 17.67 20.52 -75.86
CA GLU P 34 17.42 19.12 -76.22
C GLU P 34 18.72 18.34 -76.33
N LYS P 35 18.64 17.01 -76.24
CA LYS P 35 19.83 16.18 -76.29
C LYS P 35 19.74 15.25 -77.48
N ILE P 36 20.60 15.47 -78.46
CA ILE P 36 20.53 14.72 -79.70
C ILE P 36 21.53 13.57 -79.75
N GLY P 37 22.35 13.43 -78.72
CA GLY P 37 23.26 12.29 -78.70
C GLY P 37 24.27 12.21 -77.57
N TYR P 38 25.21 11.29 -77.68
CA TYR P 38 26.27 11.18 -76.68
C TYR P 38 27.57 10.63 -77.26
N TYR P 39 28.68 11.08 -76.68
CA TYR P 39 30.00 10.76 -77.20
C TYR P 39 30.99 10.44 -76.09
N ASP P 40 31.61 9.27 -76.16
CA ASP P 40 32.65 8.89 -75.24
C ASP P 40 33.98 8.83 -75.98
N PRO P 41 34.86 9.80 -75.72
CA PRO P 41 36.09 9.96 -76.50
C PRO P 41 37.09 8.84 -76.29
N ARG P 42 36.94 8.10 -75.20
CA ARG P 42 37.91 7.07 -74.87
C ARG P 42 37.48 5.71 -75.40
N LYS P 43 36.31 5.67 -76.02
CA LYS P 43 35.81 4.46 -76.67
C LYS P 43 35.86 3.26 -75.72
N THR P 44 35.25 3.41 -74.55
CA THR P 44 35.27 2.35 -73.54
C THR P 44 34.26 1.23 -73.85
N THR P 45 33.18 1.57 -74.54
CA THR P 45 32.12 0.60 -74.85
C THR P 45 31.98 0.41 -76.36
N PRO P 46 31.43 -0.75 -76.77
CA PRO P 46 31.16 -1.00 -78.19
C PRO P 46 30.45 0.15 -78.87
N ASP P 47 29.47 0.76 -78.19
CA ASP P 47 28.89 1.98 -78.71
C ASP P 47 29.38 3.15 -77.88
N TRP P 48 30.34 3.89 -78.42
CA TRP P 48 30.86 5.07 -77.78
C TRP P 48 30.31 6.36 -78.39
N LEU P 49 29.55 6.23 -79.47
CA LEU P 49 28.97 7.40 -80.10
C LEU P 49 27.58 7.11 -80.64
N LYS P 50 26.62 7.92 -80.25
CA LYS P 50 25.29 7.78 -80.83
C LYS P 50 24.69 9.14 -81.11
N VAL P 51 23.95 9.23 -82.21
CA VAL P 51 23.38 10.48 -82.66
C VAL P 51 21.98 10.25 -83.19
N ASP P 52 21.07 11.17 -82.91
CA ASP P 52 19.76 11.11 -83.50
C ASP P 52 19.78 11.91 -84.79
N VAL P 53 19.70 11.22 -85.91
CA VAL P 53 19.94 11.84 -87.20
C VAL P 53 18.82 12.79 -87.59
N GLU P 54 17.58 12.33 -87.57
CA GLU P 54 16.46 13.15 -88.03
C GLU P 54 16.38 14.43 -87.20
N ARG P 55 16.71 14.34 -85.92
CA ARG P 55 16.66 15.49 -85.03
C ARG P 55 17.74 16.49 -85.37
N ALA P 56 18.96 15.99 -85.54
CA ALA P 56 20.08 16.84 -85.90
C ALA P 56 19.79 17.56 -87.21
N ARG P 57 19.23 16.84 -88.17
CA ARG P 57 18.86 17.42 -89.44
C ARG P 57 17.82 18.50 -89.22
N TYR P 58 16.88 18.25 -88.29
CA TYR P 58 15.88 19.26 -87.99
C TYR P 58 16.53 20.53 -87.50
N TRP P 59 17.32 20.41 -86.44
CA TRP P 59 17.91 21.58 -85.80
C TRP P 59 18.80 22.32 -86.75
N LEU P 60 19.43 21.59 -87.68
CA LEU P 60 20.23 22.24 -88.67
C LEU P 60 19.35 23.04 -89.63
N SER P 61 18.22 22.46 -90.04
CA SER P 61 17.32 23.14 -90.97
C SER P 61 16.79 24.47 -90.43
N VAL P 62 16.68 24.57 -89.11
CA VAL P 62 16.23 25.81 -88.49
C VAL P 62 17.42 26.64 -88.07
N GLY P 63 18.62 26.18 -88.40
CA GLY P 63 19.80 27.01 -88.29
C GLY P 63 20.68 26.93 -87.06
N ALA P 64 20.64 25.82 -86.34
CA ALA P 64 21.61 25.58 -85.27
C ALA P 64 23.01 25.44 -85.88
N GLN P 65 24.03 25.88 -85.16
CA GLN P 65 25.40 25.82 -85.68
C GLN P 65 26.29 24.92 -84.86
N PRO P 66 26.78 23.84 -85.48
CA PRO P 66 27.63 22.88 -84.77
C PRO P 66 29.06 23.36 -84.54
N THR P 67 29.64 22.98 -83.41
CA THR P 67 31.06 23.18 -83.15
C THR P 67 31.82 22.29 -84.10
N ASP P 68 33.08 22.61 -84.36
CA ASP P 68 33.88 21.80 -85.27
C ASP P 68 33.96 20.35 -84.80
N THR P 69 34.08 20.16 -83.50
CA THR P 69 34.11 18.80 -82.93
C THR P 69 32.77 18.11 -83.12
N ALA P 70 31.71 18.82 -82.78
CA ALA P 70 30.36 18.29 -82.90
C ALA P 70 30.05 18.00 -84.35
N ARG P 71 30.49 18.87 -85.25
CA ARG P 71 30.30 18.63 -86.67
C ARG P 71 31.02 17.36 -87.07
N ARG P 72 32.23 17.17 -86.53
CA ARG P 72 32.99 15.95 -86.82
C ARG P 72 32.21 14.71 -86.39
N LEU P 73 31.65 14.77 -85.19
CA LEU P 73 30.93 13.61 -84.65
C LEU P 73 29.65 13.36 -85.44
N LEU P 74 28.94 14.42 -85.80
CA LEU P 74 27.75 14.28 -86.62
C LEU P 74 28.09 13.63 -87.95
N ARG P 75 29.21 14.04 -88.52
CA ARG P 75 29.68 13.49 -89.78
C ARG P 75 29.95 12.02 -89.63
N GLN P 76 30.54 11.64 -88.51
CA GLN P 76 30.86 10.24 -88.23
C GLN P 76 29.59 9.41 -88.18
N ALA P 77 28.49 10.04 -87.79
CA ALA P 77 27.21 9.36 -87.66
C ALA P 77 26.39 9.51 -88.93
N GLY P 78 26.97 10.15 -89.94
CA GLY P 78 26.32 10.27 -91.24
C GLY P 78 25.14 11.21 -91.29
N VAL P 79 25.28 12.36 -90.66
CA VAL P 79 24.20 13.34 -90.65
C VAL P 79 24.18 14.07 -91.98
N PHE P 80 25.35 14.24 -92.58
CA PHE P 80 25.48 15.02 -93.80
C PHE P 80 25.51 14.19 -95.08
N ARG P 81 25.39 12.88 -94.98
CA ARG P 81 25.60 12.03 -96.14
C ARG P 81 24.38 12.10 -97.05
N GLN P 82 24.58 12.62 -98.25
CA GLN P 82 23.52 12.79 -99.23
C GLN P 82 23.50 11.72 -100.32
N GLU P 83 24.43 10.77 -100.24
CA GLU P 83 24.73 9.83 -101.33
C GLU P 83 23.50 9.19 -101.95
N ALA P 84 22.79 8.38 -101.17
N PRO Q 1 -5.99 29.26 -72.25
CA PRO Q 1 -7.29 29.94 -72.25
C PRO Q 1 -7.37 31.03 -71.18
N LYS Q 2 -7.89 32.18 -71.55
CA LYS Q 2 -8.05 33.25 -70.58
C LYS Q 2 -9.04 32.79 -69.53
N LYS Q 3 -8.61 32.85 -68.27
CA LYS Q 3 -9.42 32.39 -67.15
C LYS Q 3 -10.76 33.09 -67.10
N VAL Q 4 -11.82 32.33 -66.86
CA VAL Q 4 -13.15 32.90 -66.71
C VAL Q 4 -13.69 32.59 -65.31
N LEU Q 5 -14.16 33.63 -64.63
CA LEU Q 5 -14.67 33.50 -63.27
C LEU Q 5 -16.13 33.89 -63.22
N THR Q 6 -16.85 33.43 -62.22
CA THR Q 6 -18.24 33.83 -62.10
C THR Q 6 -18.46 34.48 -60.75
N GLY Q 7 -19.10 35.65 -60.74
CA GLY Q 7 -19.24 36.37 -59.48
C GLY Q 7 -20.39 37.34 -59.38
N VAL Q 8 -20.42 38.06 -58.27
CA VAL Q 8 -21.51 38.98 -57.98
C VAL Q 8 -21.03 40.41 -57.95
N VAL Q 9 -21.78 41.33 -58.55
CA VAL Q 9 -21.35 42.71 -58.53
C VAL Q 9 -21.72 43.33 -57.19
N VAL Q 10 -20.72 43.69 -56.40
CA VAL Q 10 -20.99 44.37 -55.13
C VAL Q 10 -20.82 45.89 -55.18
N SER Q 11 -20.23 46.42 -56.25
CA SER Q 11 -20.08 47.87 -56.36
C SER Q 11 -20.27 48.45 -57.77
N ASP Q 12 -21.25 49.34 -57.90
CA ASP Q 12 -21.41 50.15 -59.11
C ASP Q 12 -20.87 51.56 -58.91
N LYS Q 13 -20.30 51.81 -57.73
CA LYS Q 13 -19.91 53.15 -57.31
C LYS Q 13 -18.78 53.78 -58.11
N MET Q 14 -18.16 53.01 -58.99
CA MET Q 14 -17.04 53.51 -59.78
C MET Q 14 -17.43 53.78 -61.23
N GLN Q 15 -16.78 54.76 -61.84
CA GLN Q 15 -17.01 55.07 -63.24
C GLN Q 15 -16.48 53.95 -64.12
N LYS Q 16 -17.35 53.42 -64.97
CA LYS Q 16 -16.99 52.37 -65.92
C LYS Q 16 -16.31 51.17 -65.27
N THR Q 17 -16.68 50.84 -64.04
CA THR Q 17 -16.07 49.70 -63.36
C THR Q 17 -17.03 49.07 -62.36
N VAL Q 18 -16.97 47.75 -62.24
CA VAL Q 18 -17.75 47.04 -61.23
C VAL Q 18 -16.86 46.12 -60.42
N THR Q 19 -17.11 46.04 -59.12
CA THR Q 19 -16.39 45.08 -58.28
C THR Q 19 -17.14 43.76 -58.30
N VAL Q 20 -16.44 42.68 -58.58
CA VAL Q 20 -17.06 41.37 -58.68
C VAL Q 20 -16.48 40.41 -57.63
N LEU Q 21 -17.35 39.95 -56.74
CA LEU Q 21 -16.94 39.01 -55.70
C LEU Q 21 -17.06 37.58 -56.21
N VAL Q 22 -15.95 36.85 -56.13
CA VAL Q 22 -15.86 35.52 -56.70
C VAL Q 22 -15.48 34.50 -55.64
N GLU Q 23 -16.34 33.51 -55.41
CA GLU Q 23 -15.99 32.49 -54.44
C GLU Q 23 -15.37 31.28 -55.12
N ARG Q 24 -14.85 30.37 -54.30
CA ARG Q 24 -14.35 29.09 -54.78
C ARG Q 24 -14.35 28.08 -53.65
N GLN Q 25 -14.53 26.81 -53.98
CA GLN Q 25 -14.54 25.74 -52.99
C GLN Q 25 -13.39 24.80 -53.22
N PHE Q 26 -12.64 24.51 -52.17
CA PHE Q 26 -11.58 23.51 -52.30
C PHE Q 26 -11.35 22.74 -51.00
N PRO Q 27 -10.92 21.48 -51.10
CA PRO Q 27 -10.56 20.75 -49.90
C PRO Q 27 -9.32 21.33 -49.23
N HIS Q 28 -9.33 21.40 -47.91
CA HIS Q 28 -8.19 21.91 -47.15
C HIS Q 28 -7.03 20.96 -47.33
N PRO Q 29 -5.84 21.49 -47.62
CA PRO Q 29 -4.66 20.68 -47.97
C PRO Q 29 -4.30 19.65 -46.92
N LEU Q 30 -4.63 19.93 -45.67
CA LEU Q 30 -4.29 19.04 -44.56
C LEU Q 30 -5.54 18.38 -43.97
N TYR Q 31 -6.45 19.21 -43.49
CA TYR Q 31 -7.61 18.75 -42.74
C TYR Q 31 -8.78 18.30 -43.63
N GLY Q 32 -8.69 18.59 -44.92
CA GLY Q 32 -9.56 17.96 -45.90
C GLY Q 32 -11.00 18.43 -46.00
N LYS Q 33 -11.43 19.22 -45.02
CA LYS Q 33 -12.76 19.82 -45.05
C LYS Q 33 -12.87 20.70 -46.28
N VAL Q 34 -14.04 20.75 -46.89
CA VAL Q 34 -14.22 21.61 -48.06
C VAL Q 34 -14.42 23.03 -47.58
N ILE Q 35 -13.51 23.92 -47.95
CA ILE Q 35 -13.57 25.27 -47.46
C ILE Q 35 -13.83 26.25 -48.58
N LYS Q 36 -14.47 27.35 -48.21
CA LYS Q 36 -14.97 28.34 -49.15
C LYS Q 36 -14.18 29.63 -49.02
N ARG Q 37 -13.49 30.01 -50.07
CA ARG Q 37 -12.66 31.21 -50.02
C ARG Q 37 -13.19 32.16 -51.08
N SER Q 38 -12.88 33.45 -50.98
CA SER Q 38 -13.40 34.40 -51.96
C SER Q 38 -12.48 35.60 -52.21
N LYS Q 39 -12.56 36.16 -53.41
CA LYS Q 39 -11.75 37.33 -53.77
C LYS Q 39 -12.51 38.32 -54.65
N LYS Q 40 -12.23 39.60 -54.49
CA LYS Q 40 -12.87 40.65 -55.28
C LYS Q 40 -12.01 41.12 -56.44
N TYR Q 41 -12.58 41.09 -57.64
CA TYR Q 41 -11.88 41.52 -58.84
C TYR Q 41 -12.51 42.80 -59.37
N LEU Q 42 -11.70 43.77 -59.77
CA LEU Q 42 -12.26 44.94 -60.43
C LEU Q 42 -12.39 44.66 -61.92
N ALA Q 43 -13.61 44.74 -62.42
CA ALA Q 43 -13.89 44.39 -63.79
C ALA Q 43 -14.38 45.58 -64.59
N HIS Q 44 -14.08 45.57 -65.88
CA HIS Q 44 -14.31 46.69 -66.77
C HIS Q 44 -15.72 46.69 -67.35
N ASP Q 45 -16.49 47.72 -67.04
CA ASP Q 45 -17.85 47.86 -67.57
C ASP Q 45 -17.97 49.18 -68.30
N PRO Q 46 -17.53 49.23 -69.56
CA PRO Q 46 -17.41 50.47 -70.33
C PRO Q 46 -18.75 51.13 -70.63
N GLU Q 47 -19.82 50.35 -70.64
CA GLU Q 47 -21.14 50.88 -70.95
C GLU Q 47 -21.94 51.21 -69.70
N GLU Q 48 -21.35 51.02 -68.53
CA GLU Q 48 -22.04 51.12 -67.25
C GLU Q 48 -23.27 50.22 -67.27
N LYS Q 49 -23.11 49.08 -67.91
CA LYS Q 49 -24.19 48.16 -68.20
C LYS Q 49 -24.66 47.39 -66.98
N TYR Q 50 -23.73 46.83 -66.23
CA TYR Q 50 -24.07 45.94 -65.12
C TYR Q 50 -24.26 46.72 -63.82
N LYS Q 51 -25.24 46.27 -63.04
CA LYS Q 51 -25.61 46.96 -61.80
C LYS Q 51 -25.49 46.06 -60.57
N LEU Q 52 -25.83 46.60 -59.42
CA LEU Q 52 -25.66 45.90 -58.15
C LEU Q 52 -26.53 44.67 -58.05
N GLY Q 53 -25.90 43.54 -57.77
CA GLY Q 53 -26.62 42.28 -57.62
C GLY Q 53 -26.52 41.36 -58.82
N ASP Q 54 -26.16 41.93 -59.97
CA ASP Q 54 -26.03 41.14 -61.18
C ASP Q 54 -24.95 40.08 -61.03
N VAL Q 55 -25.26 38.85 -61.46
CA VAL Q 55 -24.27 37.78 -61.45
C VAL Q 55 -23.68 37.65 -62.84
N VAL Q 56 -22.37 37.86 -62.93
CA VAL Q 56 -21.70 37.97 -64.22
C VAL Q 56 -20.52 37.02 -64.36
N GLU Q 57 -20.19 36.73 -65.61
CA GLU Q 57 -18.95 36.06 -65.94
C GLU Q 57 -17.89 37.11 -66.24
N ILE Q 58 -16.66 36.79 -65.86
CA ILE Q 58 -15.56 37.72 -65.87
C ILE Q 58 -14.39 37.08 -66.60
N ILE Q 59 -13.78 37.79 -67.53
CA ILE Q 59 -12.72 37.19 -68.32
C ILE Q 59 -11.41 37.96 -68.20
N GLU Q 60 -10.32 37.19 -68.17
CA GLU Q 60 -8.97 37.72 -68.11
C GLU Q 60 -8.68 38.57 -69.32
N SER Q 61 -8.14 39.77 -69.11
CA SER Q 61 -7.93 40.67 -70.22
C SER Q 61 -6.62 41.43 -70.13
N ARG Q 62 -6.26 42.08 -71.23
CA ARG Q 62 -5.18 43.06 -71.26
C ARG Q 62 -5.49 44.11 -70.23
N PRO Q 63 -4.50 44.52 -69.43
CA PRO Q 63 -4.74 45.42 -68.30
C PRO Q 63 -5.44 46.71 -68.68
N ILE Q 64 -6.55 47.02 -68.02
CA ILE Q 64 -7.26 48.26 -68.24
C ILE Q 64 -6.62 49.38 -67.42
N SER Q 65 -6.20 49.04 -66.20
CA SER Q 65 -5.52 49.97 -65.33
C SER Q 65 -4.70 49.22 -64.29
N LYS Q 66 -4.18 49.95 -63.30
CA LYS Q 66 -3.67 49.31 -62.10
C LYS Q 66 -4.84 48.57 -61.51
N ARG Q 67 -4.61 47.40 -60.91
CA ARG Q 67 -5.65 46.73 -60.15
C ARG Q 67 -6.92 46.43 -60.98
N LYS Q 68 -6.83 46.53 -62.31
CA LYS Q 68 -7.96 46.14 -63.13
C LYS Q 68 -7.49 45.29 -64.30
N ARG Q 69 -7.62 43.97 -64.18
CA ARG Q 69 -7.20 43.08 -65.26
C ARG Q 69 -8.33 42.34 -65.99
N PHE Q 70 -9.57 42.59 -65.60
CA PHE Q 70 -10.66 41.77 -66.10
C PHE Q 70 -11.78 42.57 -66.79
N ARG Q 71 -12.42 41.94 -67.76
CA ARG Q 71 -13.58 42.55 -68.41
C ARG Q 71 -14.79 41.66 -68.16
N VAL Q 72 -16.00 42.21 -68.28
CA VAL Q 72 -17.17 41.40 -68.00
C VAL Q 72 -17.64 40.69 -69.25
N LEU Q 73 -17.54 39.37 -69.25
CA LEU Q 73 -17.88 38.58 -70.42
C LEU Q 73 -19.36 38.66 -70.72
N ARG Q 74 -20.19 38.32 -69.74
CA ARG Q 74 -21.63 38.30 -69.95
C ARG Q 74 -22.40 38.32 -68.65
N LEU Q 75 -23.72 38.36 -68.75
CA LEU Q 75 -24.57 38.35 -67.58
C LEU Q 75 -25.13 36.96 -67.36
N VAL Q 76 -24.73 36.35 -66.25
CA VAL Q 76 -25.18 35.00 -65.92
C VAL Q 76 -26.62 35.08 -65.47
N GLU Q 77 -26.86 35.77 -64.36
CA GLU Q 77 -28.24 35.92 -63.90
C GLU Q 77 -28.53 37.32 -63.39
N SER Q 78 -29.80 37.70 -63.41
CA SER Q 78 -30.21 39.07 -63.08
C SER Q 78 -30.00 39.35 -61.61
N GLY Q 79 -30.34 40.57 -61.19
CA GLY Q 79 -30.04 41.02 -59.85
C GLY Q 79 -30.57 40.17 -58.70
N ARG Q 80 -29.65 39.72 -57.85
CA ARG Q 80 -30.03 39.10 -56.59
C ARG Q 80 -29.26 39.77 -55.46
N MET Q 81 -29.99 40.50 -54.63
CA MET Q 81 -29.36 41.37 -53.63
C MET Q 81 -29.03 40.63 -52.34
N ASP Q 82 -29.35 39.34 -52.30
CA ASP Q 82 -29.08 38.54 -51.12
C ASP Q 82 -27.58 38.47 -50.85
N LEU Q 83 -26.82 38.15 -51.90
CA LEU Q 83 -25.38 38.01 -51.78
C LEU Q 83 -24.73 39.34 -51.47
N VAL Q 84 -25.22 40.38 -52.13
CA VAL Q 84 -24.71 41.72 -51.89
C VAL Q 84 -24.91 42.09 -50.43
N GLU Q 85 -26.10 41.82 -49.92
CA GLU Q 85 -26.42 42.08 -48.52
C GLU Q 85 -25.49 41.31 -47.60
N LYS Q 86 -25.28 40.03 -47.92
CA LYS Q 86 -24.38 39.19 -47.14
C LYS Q 86 -23.01 39.85 -47.01
N TYR Q 87 -22.44 40.23 -48.15
CA TYR Q 87 -21.13 40.87 -48.17
C TYR Q 87 -21.12 42.18 -47.39
N LEU Q 88 -22.21 42.94 -47.51
CA LEU Q 88 -22.32 44.23 -46.84
C LEU Q 88 -22.35 44.08 -45.32
N ILE Q 89 -23.04 43.05 -44.85
CA ILE Q 89 -23.10 42.78 -43.42
C ILE Q 89 -21.72 42.36 -42.96
N ARG Q 90 -21.11 41.46 -43.73
CA ARG Q 90 -19.77 40.98 -43.41
C ARG Q 90 -18.83 42.17 -43.23
N ARG Q 91 -18.98 43.18 -44.09
CA ARG Q 91 -18.16 44.38 -43.99
C ARG Q 91 -18.54 45.24 -42.78
N GLN Q 92 -19.84 45.35 -42.52
CA GLN Q 92 -20.32 46.23 -41.46
C GLN Q 92 -19.94 45.68 -40.08
N ASN Q 93 -19.67 44.39 -40.01
CA ASN Q 93 -19.25 43.78 -38.75
C ASN Q 93 -17.89 44.27 -38.31
N TYR Q 94 -17.09 44.72 -39.28
CA TYR Q 94 -15.71 45.14 -39.00
C TYR Q 94 -15.65 46.30 -38.01
N GLU Q 95 -16.59 47.23 -38.14
CA GLU Q 95 -16.63 48.41 -37.28
C GLU Q 95 -16.77 48.02 -35.82
N SER Q 96 -17.43 46.89 -35.58
CA SER Q 96 -17.77 46.47 -34.23
C SER Q 96 -16.54 46.19 -33.38
N LEU Q 97 -15.46 45.73 -34.03
CA LEU Q 97 -14.27 45.39 -33.27
C LEU Q 97 -13.07 46.30 -33.58
N SER Q 98 -12.81 47.24 -32.68
CA SER Q 98 -11.58 48.04 -32.72
C SER Q 98 -10.97 48.19 -31.33
N LYS Q 99 -11.68 48.95 -30.50
CA LYS Q 99 -11.19 49.33 -29.17
C LYS Q 99 -12.31 49.98 -28.35
N PRO R 1 -43.45 8.67 15.88
CA PRO R 1 -44.00 8.47 14.53
C PRO R 1 -45.44 8.94 14.39
N SER R 2 -45.96 9.63 15.41
CA SER R 2 -47.32 10.17 15.41
C SER R 2 -48.38 9.11 15.07
N ARG R 3 -48.52 8.11 15.93
CA ARG R 3 -49.48 7.04 15.70
C ARG R 3 -50.81 7.31 16.38
N LYS R 4 -50.96 8.52 16.94
CA LYS R 4 -52.17 8.86 17.67
C LYS R 4 -53.32 9.03 16.71
N ALA R 5 -53.25 10.09 15.89
CA ALA R 5 -54.24 10.29 14.85
C ALA R 5 -53.67 11.15 13.73
N LYS R 6 -54.22 10.97 12.54
CA LYS R 6 -53.93 11.87 11.43
C LYS R 6 -55.07 12.88 11.34
N VAL R 7 -54.73 14.15 11.25
CA VAL R 7 -55.73 15.22 11.30
C VAL R 7 -56.74 15.10 10.17
N LYS R 8 -56.28 14.61 9.02
CA LYS R 8 -57.16 14.43 7.86
C LYS R 8 -58.20 13.34 8.12
N ALA R 9 -57.74 12.20 8.63
CA ALA R 9 -58.63 11.07 8.91
C ALA R 9 -59.55 11.36 10.08
N THR R 10 -59.15 12.31 10.92
CA THR R 10 -59.95 12.71 12.08
C THR R 10 -60.93 13.81 11.69
N LEU R 11 -60.94 14.14 10.41
CA LEU R 11 -61.79 15.20 9.90
C LEU R 11 -62.68 14.72 8.76
N GLY R 12 -63.72 15.50 8.46
CA GLY R 12 -64.63 15.17 7.39
C GLY R 12 -64.39 15.94 6.10
N GLU R 13 -65.47 16.21 5.38
CA GLU R 13 -65.40 17.02 4.17
C GLU R 13 -65.16 18.48 4.51
N PHE R 14 -64.12 19.08 3.94
CA PHE R 14 -63.83 20.49 4.21
C PHE R 14 -63.02 21.15 3.10
N ASP R 15 -63.04 22.48 3.08
CA ASP R 15 -62.33 23.27 2.08
C ASP R 15 -61.02 23.79 2.64
N LEU R 16 -59.93 23.51 1.95
CA LEU R 16 -58.60 23.92 2.40
C LEU R 16 -58.30 25.37 2.13
N ARG R 17 -58.92 25.93 1.10
CA ARG R 17 -58.60 27.28 0.68
C ARG R 17 -59.39 28.31 1.50
N ASP R 18 -60.21 27.82 2.44
CA ASP R 18 -61.04 28.72 3.23
C ASP R 18 -60.34 29.12 4.52
N TYR R 19 -59.98 30.39 4.59
CA TYR R 19 -59.17 30.93 5.67
C TYR R 19 -60.02 31.41 6.82
N ARG R 20 -61.33 31.50 6.60
CA ARG R 20 -62.22 32.04 7.63
C ARG R 20 -62.77 30.97 8.56
N ASN R 21 -62.54 29.71 8.22
CA ASN R 21 -63.10 28.64 9.03
C ASN R 21 -62.09 28.21 10.08
N VAL R 22 -62.34 28.59 11.33
CA VAL R 22 -61.40 28.37 12.41
C VAL R 22 -61.51 26.98 13.00
N GLU R 23 -62.74 26.52 13.21
CA GLU R 23 -62.98 25.29 13.98
C GLU R 23 -62.40 24.06 13.32
N VAL R 24 -61.95 24.21 12.08
CA VAL R 24 -61.24 23.16 11.39
C VAL R 24 -59.73 23.42 11.46
N LEU R 25 -59.30 24.57 10.93
CA LEU R 25 -57.89 24.96 10.93
C LEU R 25 -57.20 24.81 12.29
N LYS R 26 -57.92 25.13 13.35
CA LYS R 26 -57.43 24.98 14.71
C LYS R 26 -56.90 23.56 14.96
N ARG R 27 -57.55 22.58 14.35
CA ARG R 27 -57.13 21.19 14.47
C ARG R 27 -55.78 20.95 13.82
N PHE R 28 -55.39 21.83 12.90
CA PHE R 28 -54.14 21.67 12.17
C PHE R 28 -53.00 22.41 12.86
N LEU R 29 -53.31 23.11 13.94
CA LEU R 29 -52.31 23.82 14.72
C LEU R 29 -51.95 23.01 15.97
N SER R 30 -50.71 23.13 16.39
CA SER R 30 -50.21 22.36 17.53
C SER R 30 -50.71 22.92 18.86
N GLU R 31 -50.15 22.40 19.95
CA GLU R 31 -50.38 22.95 21.27
C GLU R 31 -49.89 24.39 21.25
N THR R 32 -48.74 24.61 20.63
CA THR R 32 -48.27 25.96 20.33
C THR R 32 -48.96 26.41 19.05
N GLY R 33 -48.72 27.64 18.63
CA GLY R 33 -49.41 28.17 17.46
C GLY R 33 -48.88 27.66 16.14
N LYS R 34 -48.00 26.68 16.20
CA LYS R 34 -47.27 26.23 15.02
C LYS R 34 -48.08 25.36 14.08
N ILE R 35 -47.77 25.46 12.79
CA ILE R 35 -48.41 24.62 11.77
C ILE R 35 -47.84 23.22 11.84
N LEU R 36 -48.72 22.23 11.91
CA LEU R 36 -48.30 20.85 12.08
C LEU R 36 -47.60 20.31 10.82
N PRO R 37 -46.65 19.38 11.01
CA PRO R 37 -45.94 18.68 9.92
C PRO R 37 -46.82 17.69 9.18
N ARG R 38 -46.36 17.22 8.02
CA ARG R 38 -47.10 16.23 7.25
C ARG R 38 -47.36 14.95 8.02
N ARG R 39 -46.50 14.63 8.98
CA ARG R 39 -46.69 13.43 9.79
C ARG R 39 -47.98 13.53 10.58
N ARG R 40 -48.22 14.69 11.17
CA ARG R 40 -49.40 14.89 12.01
C ARG R 40 -50.66 15.17 11.19
N THR R 41 -50.54 15.97 10.15
CA THR R 41 -51.71 16.37 9.36
C THR R 41 -52.18 15.29 8.40
N GLY R 42 -51.24 14.46 7.95
CA GLY R 42 -51.57 13.41 7.00
C GLY R 42 -52.03 13.95 5.66
N LEU R 43 -51.70 15.20 5.38
CA LEU R 43 -52.03 15.82 4.11
C LEU R 43 -51.07 15.39 3.02
N SER R 44 -51.20 16.00 1.85
CA SER R 44 -50.27 15.76 0.75
C SER R 44 -49.48 17.03 0.51
N ALA R 45 -48.56 16.99 -0.45
CA ALA R 45 -47.71 18.14 -0.73
C ALA R 45 -48.54 19.36 -1.10
N LYS R 46 -49.37 19.20 -2.14
CA LYS R 46 -50.23 20.26 -2.64
C LYS R 46 -51.14 20.78 -1.54
N GLU R 47 -51.82 19.85 -0.88
CA GLU R 47 -52.77 20.18 0.17
C GLU R 47 -52.10 20.98 1.29
N GLN R 48 -50.97 20.48 1.78
CA GLN R 48 -50.22 21.13 2.85
C GLN R 48 -49.78 22.53 2.43
N ARG R 49 -49.33 22.65 1.18
CA ARG R 49 -48.85 23.91 0.65
C ARG R 49 -49.96 24.94 0.58
N ILE R 50 -51.19 24.50 0.36
CA ILE R 50 -52.32 25.43 0.36
C ILE R 50 -52.73 25.76 1.79
N LEU R 51 -52.75 24.73 2.63
CA LEU R 51 -53.07 24.86 4.05
C LEU R 51 -52.22 25.90 4.73
N ALA R 52 -50.93 25.88 4.43
CA ALA R 52 -49.99 26.85 5.00
C ALA R 52 -50.45 28.27 4.72
N LYS R 53 -50.68 28.56 3.45
CA LYS R 53 -51.05 29.91 3.03
C LYS R 53 -52.37 30.34 3.66
N THR R 54 -53.33 29.42 3.75
CA THR R 54 -54.60 29.80 4.35
C THR R 54 -54.46 30.04 5.86
N ILE R 55 -53.63 29.24 6.51
CA ILE R 55 -53.36 29.41 7.92
C ILE R 55 -52.76 30.78 8.17
N LYS R 56 -51.76 31.14 7.37
CA LYS R 56 -51.12 32.45 7.54
C LYS R 56 -52.12 33.57 7.30
N ARG R 57 -52.96 33.40 6.29
CA ARG R 57 -54.02 34.37 6.03
C ARG R 57 -54.91 34.54 7.27
N ALA R 58 -55.26 33.43 7.90
CA ALA R 58 -56.12 33.47 9.09
C ALA R 58 -55.40 34.15 10.25
N ARG R 59 -54.10 33.88 10.37
CA ARG R 59 -53.28 34.50 11.39
C ARG R 59 -53.31 36.01 11.26
N ILE R 60 -53.15 36.52 10.04
CA ILE R 60 -53.11 37.95 9.83
C ILE R 60 -54.45 38.59 10.21
N LEU R 61 -55.55 37.92 9.89
CA LEU R 61 -56.88 38.41 10.23
C LEU R 61 -57.11 38.46 11.73
N GLY R 62 -56.39 37.62 12.47
CA GLY R 62 -56.54 37.56 13.91
C GLY R 62 -57.34 36.37 14.37
N LEU R 63 -57.67 35.48 13.43
CA LEU R 63 -58.47 34.30 13.73
C LEU R 63 -57.65 33.17 14.32
N LEU R 64 -56.37 33.12 13.97
CA LEU R 64 -55.48 32.08 14.48
C LEU R 64 -54.22 32.69 15.09
N PRO R 65 -53.68 32.05 16.13
CA PRO R 65 -52.51 32.56 16.83
C PRO R 65 -51.22 32.37 16.05
N PHE R 66 -50.29 33.31 16.21
CA PHE R 66 -48.95 33.17 15.64
C PHE R 66 -48.12 32.25 16.51
N THR R 67 -48.36 32.32 17.81
CA THR R 67 -47.69 31.46 18.78
C THR R 67 -48.52 31.37 20.05
N GLU R 68 -48.24 30.36 20.86
CA GLU R 68 -48.95 30.19 22.11
C GLU R 68 -48.02 29.76 23.25
N LYS R 69 -48.54 29.84 24.47
CA LYS R 69 -47.79 29.45 25.65
C LYS R 69 -47.98 27.96 25.90
N LEU R 70 -46.89 27.26 26.29
CA LEU R 70 -46.94 25.82 26.48
C LEU R 70 -47.29 25.43 27.91
N VAL R 71 -48.44 24.78 28.06
CA VAL R 71 -48.93 24.32 29.36
C VAL R 71 -48.13 23.12 29.86
N ARG R 72 -48.27 22.81 31.14
CA ARG R 72 -47.60 21.68 31.81
C ARG R 72 -46.08 21.83 31.86
N LYS R 73 -45.36 20.77 31.48
CA LYS R 73 -43.90 20.66 31.61
C LYS R 73 -43.45 20.61 33.08
N PRO S 1 43.24 -0.46 65.76
CA PRO S 1 42.73 -1.82 65.96
C PRO S 1 43.24 -2.81 64.92
N ARG S 2 44.54 -2.77 64.63
CA ARG S 2 45.12 -3.66 63.63
C ARG S 2 45.65 -4.94 64.27
N SER S 3 46.12 -5.86 63.42
CA SER S 3 46.74 -7.10 63.89
C SER S 3 47.61 -7.75 62.82
N LEU S 4 48.57 -8.57 63.25
CA LEU S 4 49.19 -9.52 62.33
C LEU S 4 49.06 -10.93 62.87
N LYS S 5 49.93 -11.27 63.81
CA LYS S 5 49.93 -12.54 64.55
C LYS S 5 51.21 -12.61 65.39
N LYS S 6 51.37 -13.67 66.17
CA LYS S 6 52.68 -14.01 66.70
C LYS S 6 53.59 -14.45 65.55
N GLY S 7 54.90 -14.28 65.71
CA GLY S 7 55.81 -14.50 64.60
C GLY S 7 55.70 -13.47 63.50
N VAL S 8 55.92 -12.20 63.87
CA VAL S 8 55.80 -11.04 62.99
C VAL S 8 56.59 -11.17 61.69
N PHE S 9 56.00 -10.74 60.58
CA PHE S 9 56.63 -10.89 59.26
C PHE S 9 57.45 -9.68 58.81
N VAL S 10 58.69 -9.95 58.40
CA VAL S 10 59.55 -8.97 57.74
C VAL S 10 60.25 -9.65 56.57
N ASP S 11 60.22 -9.01 55.40
CA ASP S 11 60.84 -9.56 54.20
C ASP S 11 62.35 -9.68 54.39
N ASP S 12 62.91 -10.82 53.97
CA ASP S 12 64.31 -11.11 54.26
C ASP S 12 65.27 -10.60 53.19
N HIS S 13 64.73 -9.87 52.20
CA HIS S 13 65.57 -9.24 51.19
C HIS S 13 66.48 -8.22 51.85
N LEU S 14 65.87 -7.26 52.53
CA LEU S 14 66.62 -6.21 53.18
C LEU S 14 66.93 -6.52 54.64
N LEU S 15 66.35 -7.60 55.16
CA LEU S 15 66.61 -7.98 56.54
C LEU S 15 68.10 -8.28 56.73
N GLU S 16 68.64 -9.08 55.83
CA GLU S 16 70.06 -9.39 55.84
C GLU S 16 70.88 -8.18 55.41
N LYS S 17 70.29 -7.38 54.52
CA LYS S 17 70.96 -6.21 53.97
C LYS S 17 71.31 -5.19 55.05
N VAL S 18 70.33 -4.86 55.88
CA VAL S 18 70.49 -3.82 56.88
C VAL S 18 71.47 -4.23 57.96
N LEU S 19 71.45 -5.49 58.36
CA LEU S 19 72.37 -5.96 59.39
C LEU S 19 73.77 -6.04 58.79
N GLU S 20 73.85 -6.40 57.51
CA GLU S 20 75.12 -6.42 56.80
C GLU S 20 75.71 -5.01 56.74
N LEU S 21 74.84 -4.00 56.64
CA LEU S 21 75.30 -2.62 56.66
C LEU S 21 75.77 -2.25 58.06
N ASN S 22 74.93 -2.55 59.05
CA ASN S 22 75.21 -2.23 60.45
C ASN S 22 76.53 -2.82 60.93
N ALA S 23 76.89 -3.98 60.39
CA ALA S 23 78.16 -4.61 60.70
C ALA S 23 79.31 -3.66 60.42
N LYS S 24 79.37 -3.14 59.20
CA LYS S 24 80.44 -2.21 58.85
C LYS S 24 80.05 -0.72 58.92
N GLY S 25 78.78 -0.42 59.16
CA GLY S 25 78.40 1.00 59.22
C GLY S 25 77.01 1.43 58.83
N GLU S 26 76.93 2.69 58.41
CA GLU S 26 75.69 3.33 57.98
C GLU S 26 75.57 3.30 56.45
N LYS S 27 76.59 3.81 55.76
CA LYS S 27 76.60 4.09 54.33
C LYS S 27 75.51 5.08 53.95
N ARG S 28 74.86 4.88 52.80
CA ARG S 28 73.88 5.83 52.30
C ARG S 28 72.70 5.16 51.61
N LEU S 29 71.51 5.55 52.04
CA LEU S 29 70.24 5.07 51.50
C LEU S 29 70.11 3.56 51.42
N ILE S 30 69.37 3.14 50.40
CA ILE S 30 69.08 1.75 50.07
C ILE S 30 68.01 1.88 48.98
N LYS S 31 67.72 0.81 48.24
CA LYS S 31 66.53 0.84 47.40
C LYS S 31 65.71 -0.41 47.68
N THR S 32 64.40 -0.23 47.88
CA THR S 32 63.56 -1.33 48.29
C THR S 32 62.24 -1.38 47.55
N TRP S 33 61.92 -2.54 47.00
CA TRP S 33 60.64 -2.78 46.38
C TRP S 33 59.67 -3.47 47.32
N SER S 34 60.14 -3.83 48.51
CA SER S 34 59.25 -4.49 49.47
C SER S 34 58.79 -3.50 50.52
N ARG S 35 57.53 -3.10 50.41
CA ARG S 35 56.93 -2.21 51.39
C ARG S 35 56.10 -3.01 52.38
N ARG S 36 55.99 -4.31 52.13
CA ARG S 36 55.13 -5.19 52.92
C ARG S 36 55.83 -5.64 54.19
N SER S 37 57.10 -5.27 54.31
CA SER S 37 57.91 -5.66 55.45
C SER S 37 57.71 -4.74 56.65
N THR S 38 57.64 -5.34 57.84
CA THR S 38 57.45 -4.58 59.08
C THR S 38 58.75 -3.91 59.50
N ILE S 39 58.65 -2.75 60.14
CA ILE S 39 59.83 -2.02 60.58
C ILE S 39 60.34 -2.55 61.93
N VAL S 40 61.64 -2.85 61.97
CA VAL S 40 62.27 -3.40 63.16
C VAL S 40 63.36 -2.44 63.64
N PRO S 41 63.65 -2.44 64.96
CA PRO S 41 64.56 -1.46 65.59
C PRO S 41 65.91 -1.30 64.91
N GLU S 42 66.44 -2.36 64.31
CA GLU S 42 67.77 -2.31 63.71
C GLU S 42 67.84 -1.37 62.51
N MET S 43 66.68 -0.99 61.98
CA MET S 43 66.62 -0.11 60.82
C MET S 43 66.73 1.36 61.21
N VAL S 44 66.49 1.65 62.48
CA VAL S 44 66.44 3.03 62.98
C VAL S 44 67.73 3.79 62.68
N GLY S 45 67.58 4.96 62.07
CA GLY S 45 68.70 5.82 61.75
C GLY S 45 69.12 5.75 60.30
N HIS S 46 68.78 4.64 59.64
CA HIS S 46 69.11 4.48 58.24
C HIS S 46 68.11 5.22 57.35
N THR S 47 68.30 5.10 56.05
CA THR S 47 67.40 5.73 55.09
C THR S 47 67.01 4.72 54.02
N ILE S 48 65.72 4.58 53.78
CA ILE S 48 65.24 3.58 52.83
C ILE S 48 64.40 4.22 51.73
N ALA S 49 64.82 4.02 50.49
CA ALA S 49 64.04 4.49 49.36
C ALA S 49 62.98 3.45 49.04
N VAL S 50 61.72 3.85 49.17
CA VAL S 50 60.62 2.91 49.00
C VAL S 50 59.90 3.17 47.69
N TYR S 51 59.55 2.10 46.99
CA TYR S 51 58.86 2.23 45.72
C TYR S 51 57.39 2.51 45.94
N ASN S 52 56.93 3.65 45.44
CA ASN S 52 55.53 4.04 45.59
C ASN S 52 54.72 3.55 44.40
N GLY S 53 55.38 2.76 43.54
CA GLY S 53 54.76 2.25 42.34
C GLY S 53 55.30 2.96 41.12
N LYS S 54 55.90 4.13 41.35
CA LYS S 54 56.50 4.92 40.28
C LYS S 54 57.98 5.13 40.54
N GLN S 55 58.29 5.81 41.65
CA GLN S 55 59.67 6.11 41.99
C GLN S 55 60.03 5.72 43.42
N HIS S 56 61.28 5.96 43.79
CA HIS S 56 61.77 5.60 45.13
C HIS S 56 61.86 6.84 46.01
N VAL S 57 61.10 6.82 47.10
CA VAL S 57 61.05 7.95 48.01
C VAL S 57 61.97 7.75 49.21
N PRO S 58 62.78 8.77 49.52
CA PRO S 58 63.77 8.73 50.59
C PRO S 58 63.14 8.79 51.98
N VAL S 59 62.70 7.65 52.48
CA VAL S 59 62.07 7.58 53.80
C VAL S 59 63.11 7.45 54.91
N TYR S 60 63.15 8.43 55.80
CA TYR S 60 64.04 8.39 56.95
C TYR S 60 63.31 7.78 58.14
N ILE S 61 63.90 6.76 58.74
CA ILE S 61 63.23 6.05 59.83
C ILE S 61 63.68 6.55 61.20
N THR S 62 62.71 6.82 62.07
CA THR S 62 62.98 7.29 63.42
C THR S 62 62.56 6.24 64.45
N GLU S 63 62.77 6.56 65.72
CA GLU S 63 62.50 5.64 66.82
C GLU S 63 61.01 5.30 66.96
N ASN S 64 60.16 6.28 66.68
CA ASN S 64 58.74 6.14 66.92
C ASN S 64 58.00 5.50 65.74
N MET S 65 58.75 5.11 64.72
CA MET S 65 58.16 4.55 63.50
C MET S 65 58.13 3.02 63.50
N VAL S 66 58.57 2.42 64.60
CA VAL S 66 58.72 0.98 64.68
C VAL S 66 57.36 0.28 64.68
N GLY S 67 57.25 -0.77 63.86
CA GLY S 67 56.05 -1.57 63.80
C GLY S 67 55.15 -1.31 62.61
N HIS S 68 55.27 -0.13 62.02
CA HIS S 68 54.56 0.18 60.80
C HIS S 68 55.30 -0.38 59.58
N LYS S 69 54.58 -0.66 58.51
CA LYS S 69 55.19 -1.06 57.25
C LYS S 69 55.84 0.15 56.56
N LEU S 70 56.77 -0.11 55.64
CA LEU S 70 57.43 0.96 54.90
C LEU S 70 56.44 1.72 54.02
N GLY S 71 55.50 0.99 53.43
CA GLY S 71 54.55 1.54 52.49
C GLY S 71 53.67 2.64 53.04
N GLU S 72 53.49 2.66 54.36
CA GLU S 72 52.70 3.69 55.01
C GLU S 72 53.36 5.05 54.84
N PHE S 73 54.68 5.04 54.73
CA PHE S 73 55.43 6.29 54.61
C PHE S 73 55.74 6.60 53.16
N ALA S 74 55.25 5.75 52.26
CA ALA S 74 55.40 5.97 50.82
C ALA S 74 54.04 5.94 50.13
N PRO S 75 53.36 7.09 50.11
CA PRO S 75 52.02 7.20 49.51
C PRO S 75 52.02 6.89 48.02
N THR S 76 51.10 6.04 47.58
CA THR S 76 51.01 5.65 46.18
C THR S 76 50.26 6.64 45.30
N ARG S 77 49.13 7.14 45.80
CA ARG S 77 48.24 7.97 44.98
C ARG S 77 48.53 9.45 45.14
N THR S 78 48.38 10.19 44.05
CA THR S 78 48.55 11.64 44.06
C THR S 78 47.19 12.33 44.05
N TYR S 79 46.96 13.25 44.99
CA TYR S 79 45.70 13.98 45.02
C TYR S 79 45.85 15.48 45.18
N ARG S 80 45.17 16.22 44.31
CA ARG S 80 45.10 17.69 44.34
C ARG S 80 46.45 18.34 44.59
N GLY S 81 47.37 18.18 43.64
N ARG T 1 45.84 53.15 -66.27
CA ARG T 1 46.24 51.83 -65.79
C ARG T 1 45.27 50.76 -66.25
N ASN T 2 44.40 51.11 -67.20
CA ASN T 2 43.26 50.25 -67.46
C ASN T 2 42.93 49.99 -68.92
N LEU T 3 41.80 49.31 -69.10
CA LEU T 3 41.30 48.83 -70.38
C LEU T 3 41.03 49.95 -71.37
N SER T 4 41.21 49.66 -72.66
CA SER T 4 41.04 50.65 -73.71
C SER T 4 39.61 50.70 -74.21
N ALA T 5 38.72 49.99 -73.53
CA ALA T 5 37.27 50.07 -73.79
C ALA T 5 36.73 51.48 -73.51
N LEU T 6 37.59 52.34 -72.97
CA LEU T 6 37.33 53.77 -72.92
C LEU T 6 36.88 54.27 -74.29
N LYS T 7 37.44 53.66 -75.33
CA LYS T 7 37.05 53.97 -76.70
C LYS T 7 35.54 53.96 -76.85
N ARG T 8 34.89 52.92 -76.35
CA ARG T 8 33.44 52.82 -76.37
C ARG T 8 32.81 54.09 -75.83
N HIS T 9 33.23 54.47 -74.63
CA HIS T 9 32.72 55.68 -73.99
C HIS T 9 32.85 56.86 -74.94
N ARG T 10 34.02 57.01 -75.55
CA ARG T 10 34.23 58.08 -76.52
C ARG T 10 33.13 58.04 -77.54
N GLN T 11 33.04 56.92 -78.25
CA GLN T 11 32.06 56.75 -79.30
C GLN T 11 30.68 57.10 -78.79
N SER T 12 30.40 56.64 -77.56
CA SER T 12 29.10 56.82 -76.94
C SER T 12 28.71 58.29 -77.04
N LEU T 13 29.59 59.16 -76.57
CA LEU T 13 29.30 60.58 -76.56
C LEU T 13 28.94 61.08 -77.93
N LYS T 14 29.74 60.70 -78.93
CA LYS T 14 29.47 61.13 -80.30
C LYS T 14 28.05 60.78 -80.64
N ARG T 15 27.71 59.50 -80.45
CA ARG T 15 26.42 59.01 -80.85
C ARG T 15 25.31 59.72 -80.09
N ARG T 16 25.57 60.05 -78.83
CA ARG T 16 24.62 60.80 -78.03
C ARG T 16 24.27 62.07 -78.78
N LEU T 17 25.31 62.82 -79.12
CA LEU T 17 25.13 64.08 -79.81
C LEU T 17 24.42 63.86 -81.15
N ARG T 18 24.68 62.72 -81.77
CA ARG T 18 24.09 62.46 -83.09
C ARG T 18 22.60 62.21 -82.93
N ASN T 19 22.23 61.56 -81.83
CA ASN T 19 20.84 61.24 -81.59
C ASN T 19 20.10 62.49 -81.15
N LYS T 20 20.58 63.05 -80.04
CA LYS T 20 20.00 64.23 -79.42
C LYS T 20 19.69 65.30 -80.46
N ALA T 21 20.58 65.45 -81.43
CA ALA T 21 20.36 66.36 -82.54
C ALA T 21 19.07 66.03 -83.28
N LYS T 22 19.05 64.88 -83.96
CA LYS T 22 17.91 64.48 -84.79
C LYS T 22 16.58 64.60 -84.05
N LYS T 23 16.52 64.02 -82.84
CA LYS T 23 15.33 64.08 -82.04
C LYS T 23 14.87 65.52 -81.88
N SER T 24 15.79 66.38 -81.46
CA SER T 24 15.48 67.78 -81.20
C SER T 24 14.83 68.43 -82.41
N ALA T 25 15.21 68.00 -83.60
CA ALA T 25 14.63 68.54 -84.82
C ALA T 25 13.17 68.16 -84.90
N ILE T 26 12.94 66.84 -84.84
CA ILE T 26 11.63 66.25 -84.98
C ILE T 26 10.65 66.99 -84.11
N LYS T 27 10.90 66.91 -82.80
CA LYS T 27 10.04 67.50 -81.79
C LYS T 27 9.69 68.92 -82.21
N THR T 28 10.71 69.71 -82.52
CA THR T 28 10.50 71.11 -82.90
C THR T 28 9.49 71.17 -84.03
N LEU T 29 9.84 70.58 -85.16
CA LEU T 29 8.96 70.59 -86.33
C LEU T 29 7.56 70.16 -85.95
N SER T 30 7.47 69.11 -85.12
CA SER T 30 6.19 68.55 -84.75
C SER T 30 5.33 69.65 -84.17
N LYS T 31 5.83 70.30 -83.11
CA LYS T 31 5.09 71.37 -82.46
C LYS T 31 4.65 72.36 -83.53
N LYS T 32 5.61 72.77 -84.35
CA LYS T 32 5.42 73.78 -85.37
C LYS T 32 4.21 73.41 -86.20
N ALA T 33 4.23 72.17 -86.71
CA ALA T 33 3.16 71.70 -87.58
C ALA T 33 1.82 71.86 -86.87
N ILE T 34 1.77 71.32 -85.65
CA ILE T 34 0.56 71.34 -84.86
C ILE T 34 0.04 72.76 -84.75
N GLN T 35 0.94 73.71 -84.49
CA GLN T 35 0.54 75.08 -84.30
C GLN T 35 -0.24 75.57 -85.51
N LEU T 36 0.31 75.32 -86.70
CA LEU T 36 -0.30 75.83 -87.91
C LEU T 36 -1.67 75.18 -88.11
N ALA T 37 -1.79 73.94 -87.65
CA ALA T 37 -3.05 73.24 -87.77
C ALA T 37 -4.06 73.84 -86.83
N GLN T 38 -3.61 74.27 -85.66
CA GLN T 38 -4.50 74.79 -84.65
C GLN T 38 -4.94 76.18 -85.05
N GLU T 39 -4.15 76.82 -85.90
CA GLU T 39 -4.43 78.18 -86.36
C GLU T 39 -5.16 78.18 -87.69
N GLY T 40 -5.45 76.99 -88.20
CA GLY T 40 -6.26 76.87 -89.39
C GLY T 40 -5.51 76.97 -90.70
N LYS T 41 -4.22 77.27 -90.65
CA LYS T 41 -3.42 77.32 -91.87
C LYS T 41 -3.14 75.88 -92.29
N ALA T 42 -3.63 75.51 -93.46
CA ALA T 42 -3.67 74.10 -93.85
C ALA T 42 -2.48 73.70 -94.68
N GLU T 43 -2.37 74.32 -95.85
CA GLU T 43 -1.32 74.01 -96.82
C GLU T 43 0.05 73.96 -96.14
N GLU T 44 0.35 75.00 -95.38
CA GLU T 44 1.63 75.09 -94.69
C GLU T 44 1.76 74.01 -93.63
N ALA T 45 0.68 73.76 -92.90
CA ALA T 45 0.70 72.78 -91.81
C ALA T 45 1.06 71.41 -92.34
N LEU T 46 0.37 70.96 -93.37
CA LEU T 46 0.70 69.67 -93.96
C LEU T 46 2.11 69.73 -94.54
N LYS T 47 2.43 70.84 -95.21
CA LYS T 47 3.73 71.04 -95.85
C LYS T 47 4.86 70.74 -94.88
N ILE T 48 4.71 71.17 -93.63
CA ILE T 48 5.71 70.88 -92.61
C ILE T 48 5.56 69.46 -92.08
N MET T 49 4.32 69.01 -91.92
CA MET T 49 4.06 67.66 -91.43
C MET T 49 4.79 66.59 -92.23
N ARG T 50 4.78 66.73 -93.55
CA ARG T 50 5.50 65.80 -94.42
C ARG T 50 6.99 65.74 -94.06
N LYS T 51 7.58 66.90 -93.84
CA LYS T 51 9.00 66.99 -93.51
C LYS T 51 9.26 66.35 -92.16
N ALA T 52 8.32 66.54 -91.23
CA ALA T 52 8.43 65.93 -89.92
C ALA T 52 8.44 64.41 -90.05
N GLU T 53 7.45 63.89 -90.78
CA GLU T 53 7.37 62.47 -91.09
C GLU T 53 8.69 61.95 -91.65
N SER T 54 9.25 62.73 -92.58
CA SER T 54 10.49 62.37 -93.24
C SER T 54 11.63 62.25 -92.23
N LEU T 55 11.79 63.29 -91.42
CA LEU T 55 12.81 63.29 -90.38
C LEU T 55 12.64 62.12 -89.43
N ILE T 56 11.39 61.73 -89.21
CA ILE T 56 11.09 60.63 -88.32
C ILE T 56 11.57 59.31 -88.90
N ASP T 57 11.15 58.98 -90.11
CA ASP T 57 11.56 57.71 -90.70
C ASP T 57 13.08 57.69 -90.88
N LYS T 58 13.64 58.81 -91.31
CA LYS T 58 15.08 58.92 -91.49
C LYS T 58 15.78 58.65 -90.17
N ALA T 59 15.21 59.18 -89.08
CA ALA T 59 15.77 58.93 -87.77
C ALA T 59 15.65 57.45 -87.44
N ALA T 60 14.62 56.81 -87.96
CA ALA T 60 14.38 55.39 -87.67
C ALA T 60 15.35 54.50 -88.42
N LYS T 61 15.94 55.02 -89.49
CA LYS T 61 16.94 54.27 -90.25
C LYS T 61 18.07 53.74 -89.38
N GLY T 62 18.53 54.56 -88.45
CA GLY T 62 19.63 54.20 -87.58
C GLY T 62 19.19 53.69 -86.22
N SER T 63 20.02 53.94 -85.21
CA SER T 63 19.72 53.50 -83.85
C SER T 63 19.00 54.58 -83.03
N THR T 64 18.60 55.67 -83.68
CA THR T 64 18.06 56.80 -82.94
C THR T 64 16.68 56.49 -82.37
N LEU T 65 15.70 56.36 -83.25
CA LEU T 65 14.35 55.96 -82.84
C LEU T 65 14.16 54.48 -83.13
N HIS T 66 14.31 54.17 -84.40
CA HIS T 66 14.08 52.85 -84.95
C HIS T 66 12.71 52.34 -84.58
N LYS T 67 12.62 51.04 -84.47
CA LYS T 67 11.45 50.34 -83.99
C LYS T 67 10.14 50.83 -84.57
N ASN T 68 9.15 50.80 -83.68
CA ASN T 68 7.80 51.24 -83.95
C ASN T 68 7.61 52.63 -83.38
N ALA T 69 8.65 53.14 -82.73
CA ALA T 69 8.59 54.45 -82.09
C ALA T 69 8.37 55.52 -83.15
N ALA T 70 8.99 55.29 -84.30
CA ALA T 70 8.76 56.15 -85.45
C ALA T 70 7.29 56.14 -85.82
N ALA T 71 6.76 54.93 -86.00
CA ALA T 71 5.36 54.74 -86.33
C ALA T 71 4.45 55.45 -85.34
N ARG T 72 4.74 55.27 -84.07
CA ARG T 72 3.99 55.93 -83.00
C ARG T 72 3.98 57.45 -83.19
N ARG T 73 5.16 58.05 -83.29
CA ARG T 73 5.27 59.50 -83.43
C ARG T 73 4.51 60.01 -84.64
N LYS T 74 4.70 59.35 -85.78
CA LYS T 74 3.99 59.71 -86.99
C LYS T 74 2.49 59.64 -86.77
N SER T 75 2.02 58.57 -86.15
CA SER T 75 0.60 58.38 -85.92
C SER T 75 0.02 59.52 -85.10
N ARG T 76 0.65 59.79 -83.96
CA ARG T 76 0.19 60.87 -83.09
C ARG T 76 0.19 62.20 -83.81
N LEU T 77 1.23 62.44 -84.60
CA LEU T 77 1.35 63.68 -85.34
C LEU T 77 0.20 63.85 -86.33
N MET T 78 0.05 62.89 -87.23
CA MET T 78 -0.96 62.97 -88.27
C MET T 78 -2.37 63.05 -87.69
N ARG T 79 -2.62 62.28 -86.63
CA ARG T 79 -3.90 62.32 -85.97
C ARG T 79 -4.17 63.72 -85.43
N LYS T 80 -3.24 64.24 -84.63
CA LYS T 80 -3.42 65.56 -84.05
C LYS T 80 -3.65 66.63 -85.11
N VAL T 81 -2.94 66.49 -86.24
CA VAL T 81 -3.04 67.50 -87.28
C VAL T 81 -4.39 67.46 -87.96
N ARG T 82 -4.81 66.29 -88.42
CA ARG T 82 -6.09 66.20 -89.11
C ARG T 82 -7.22 66.61 -88.18
N GLN T 83 -7.11 66.21 -86.91
CA GLN T 83 -8.11 66.60 -85.91
C GLN T 83 -8.18 68.12 -85.78
N LEU T 84 -7.02 68.76 -85.64
CA LEU T 84 -6.97 70.20 -85.43
C LEU T 84 -7.41 70.97 -86.67
N LEU T 85 -7.26 70.35 -87.83
CA LEU T 85 -7.70 70.96 -89.08
C LEU T 85 -9.19 70.73 -89.29
N GLU T 86 -9.76 69.75 -88.60
CA GLU T 86 -11.20 69.51 -88.72
C GLU T 86 -12.01 70.49 -87.89
N ALA T 87 -11.33 71.28 -87.07
CA ALA T 87 -11.99 72.37 -86.36
C ALA T 87 -11.98 73.63 -87.22
N ALA T 88 -11.33 73.54 -88.38
CA ALA T 88 -11.27 74.64 -89.34
C ALA T 88 -11.72 74.17 -90.73
N GLY T 89 -11.00 73.20 -91.29
CA GLY T 89 -11.37 72.60 -92.56
C GLY T 89 -10.52 72.92 -93.78
N ALA T 90 -10.92 72.36 -94.92
CA ALA T 90 -10.26 72.56 -96.21
C ALA T 90 -8.78 72.16 -96.20
N PRO T 91 -8.49 70.85 -96.19
CA PRO T 91 -7.12 70.33 -96.23
C PRO T 91 -6.48 70.48 -97.61
N LEU T 92 -5.98 71.68 -97.89
CA LEU T 92 -5.53 72.07 -99.22
C LEU T 92 -4.45 71.19 -99.86
N ILE T 93 -3.23 71.27 -99.35
CA ILE T 93 -2.05 70.85 -100.11
C ILE T 93 -2.04 69.35 -100.46
N GLY T 94 -2.90 68.57 -99.82
CA GLY T 94 -2.92 67.15 -100.07
C GLY T 94 -1.60 66.53 -99.66
N GLY T 95 -1.26 66.74 -98.39
CA GLY T 95 0.00 66.26 -97.85
C GLY T 95 -0.14 64.82 -97.42
N GLY T 96 0.57 64.45 -96.36
CA GLY T 96 0.54 63.10 -95.82
C GLY T 96 -0.84 62.50 -95.65
N LEU T 97 -1.82 63.33 -95.31
CA LEU T 97 -3.17 62.85 -95.10
C LEU T 97 -3.82 62.31 -96.35
N SER T 98 -4.35 61.09 -96.25
CA SER T 98 -5.07 60.46 -97.35
C SER T 98 -6.45 61.08 -97.53
N ALA T 99 -7.01 60.90 -98.71
CA ALA T 99 -8.31 61.47 -99.06
C ALA T 99 -9.41 61.05 -98.09
N GLY U 1 20.09 -2.49 66.54
CA GLY U 1 19.42 -3.44 65.66
C GLY U 1 20.38 -4.43 65.04
N LYS U 2 20.12 -4.78 63.79
CA LYS U 2 20.92 -5.78 63.09
C LYS U 2 22.31 -5.23 62.76
N GLY U 3 22.54 -3.97 63.07
CA GLY U 3 23.81 -3.35 62.77
C GLY U 3 24.75 -3.22 63.95
N ASP U 4 24.32 -3.71 65.10
CA ASP U 4 25.16 -3.62 66.29
C ASP U 4 25.96 -4.90 66.48
N ARG U 5 27.27 -4.79 66.34
CA ARG U 5 28.18 -5.90 66.56
C ARG U 5 27.96 -6.54 67.93
N ARG U 6 27.59 -5.71 68.90
CA ARG U 6 27.57 -6.12 70.30
C ARG U 6 26.24 -6.71 70.79
N THR U 7 25.31 -6.97 69.89
CA THR U 7 24.02 -7.52 70.27
C THR U 7 23.84 -8.91 69.69
N ARG U 8 22.92 -9.69 70.26
CA ARG U 8 22.61 -11.02 69.73
C ARG U 8 22.21 -10.93 68.26
N ARG U 9 21.19 -10.14 67.97
CA ARG U 9 20.68 -9.99 66.61
C ARG U 9 21.77 -9.50 65.67
N GLY U 10 22.70 -8.72 66.20
CA GLY U 10 23.82 -8.25 65.41
C GLY U 10 24.71 -9.38 64.94
N LYS U 11 25.01 -10.31 65.86
CA LYS U 11 25.81 -11.47 65.52
C LYS U 11 25.06 -12.34 64.54
N ILE U 12 23.78 -12.57 64.82
CA ILE U 12 22.95 -13.41 63.97
C ILE U 12 22.94 -12.90 62.55
N TRP U 13 22.68 -11.61 62.41
CA TRP U 13 22.63 -10.97 61.09
C TRP U 13 24.00 -11.04 60.42
N ARG U 14 25.05 -10.70 61.16
CA ARG U 14 26.40 -10.78 60.63
C ARG U 14 26.86 -12.25 60.57
N GLY U 15 26.05 -13.14 61.13
CA GLY U 15 26.30 -14.57 61.02
C GLY U 15 27.53 -15.10 61.73
N THR U 16 27.85 -14.52 62.88
CA THR U 16 29.00 -14.98 63.67
C THR U 16 28.61 -15.29 65.11
N TYR U 17 29.60 -15.69 65.90
CA TYR U 17 29.42 -15.92 67.33
C TYR U 17 30.35 -15.03 68.13
N GLY U 18 30.28 -15.13 69.45
CA GLY U 18 31.13 -14.35 70.32
C GLY U 18 30.62 -14.22 71.74
N LYS U 19 31.14 -13.21 72.44
CA LYS U 19 30.76 -12.97 73.82
C LYS U 19 29.27 -12.67 73.93
N TYR U 20 28.73 -11.99 72.94
CA TYR U 20 27.33 -11.59 72.98
C TYR U 20 26.42 -12.62 72.31
N ARG U 21 27.01 -13.62 71.67
CA ARG U 21 26.24 -14.75 71.14
C ARG U 21 26.99 -16.07 71.31
N PRO U 22 26.85 -16.70 72.49
CA PRO U 22 27.55 -17.94 72.80
C PRO U 22 27.19 -19.13 71.89
N ARG U 23 28.07 -20.11 71.85
CA ARG U 23 27.83 -21.37 71.16
C ARG U 23 27.26 -22.41 72.12
N LYS U 24 26.92 -21.95 73.33
CA LYS U 24 26.61 -22.80 74.47
C LYS U 24 27.86 -23.60 74.86
N LYS U 25 27.70 -24.89 75.08
N1 70U W 5 26.77 5.44 10.88
C2 70U W 5 26.26 6.20 9.91
S2 70U W 5 27.00 6.25 8.26
N3 70U W 5 25.20 6.95 10.09
C4 70U W 5 24.61 6.99 11.24
O4 70U W 5 23.49 7.82 11.36
C5 70U W 5 25.09 6.22 12.28
C6 70U W 5 26.24 5.42 12.03
C5M 70U W 5 24.45 6.18 13.73
C8 70U W 5 23.05 6.74 13.88
O8 70U W 5 22.88 7.95 13.98
O9 70U W 5 21.92 5.85 13.91
C9 70U W 5 21.19 5.91 15.08
C1' 70U W 5 27.96 4.58 10.67
O2' 70U W 5 30.06 4.91 9.57
C2' 70U W 5 29.27 5.39 10.64
O3' 70U W 5 31.33 5.03 11.91
C3' 70U W 5 29.92 5.01 11.97
C4' 70U W 5 29.38 3.61 12.25
O4' 70U W 5 28.03 3.66 11.73
C5' 70U W 5 29.35 3.22 13.70
O5' 70U W 5 29.28 4.37 14.53
P 70U W 5 28.16 4.49 15.64
OP1 70U W 5 26.94 3.91 15.11
OP2 70U W 5 28.69 3.97 16.86
P 12A W 8 31.85 17.89 11.42
OP1 12A W 8 32.62 18.37 10.24
OP2 12A W 8 32.69 17.92 12.62
O5' 12A W 8 30.56 18.80 11.63
C5' 12A W 8 30.12 19.67 10.60
C4' 12A W 8 28.70 20.11 10.84
O4' 12A W 8 27.81 18.96 10.81
C3' 12A W 8 28.41 20.75 12.19
O3' 12A W 8 28.77 22.12 12.24
C2' 12A W 8 26.93 20.49 12.38
O2' 12A W 8 26.15 21.41 11.62
C1' 12A W 8 26.78 19.11 11.75
N9 12A W 8 26.92 18.04 12.76
C8 12A W 8 27.88 17.14 12.84
N7 12A W 8 27.66 16.37 13.88
C5 12A W 8 26.53 16.78 14.49
C6 12A W 8 25.75 16.39 15.62
N6 12A W 8 26.16 15.26 16.47
N1 12A W 8 24.65 17.06 15.93
C2 12A W 8 24.24 18.09 15.19
N3 12A W 8 24.92 18.50 14.13
C4 12A W 8 26.07 17.85 13.78
S2 12A W 8 22.70 18.95 15.70
C2M 12A W 8 22.23 18.40 17.39
CC 12A W 8 25.21 14.52 17.30
OO 12A W 8 25.63 13.59 18.00
N 12A W 8 23.77 14.86 17.27
CA 12A W 8 22.70 14.24 18.02
C 12A W 8 22.77 14.77 19.43
O 12A W 8 21.76 14.75 20.16
OXT 12A W 8 23.87 15.25 19.88
CB 12A W 8 22.72 12.69 17.97
OG1 12A W 8 23.19 12.26 16.75
CG2 12A W 8 21.30 12.16 18.18
N1 PSU W 10 30.47 20.01 19.31
C2 PSU W 10 31.00 18.83 19.59
N3 PSU W 10 30.60 18.19 20.68
C4 PSU W 10 29.69 18.68 21.49
C5 PSU W 10 29.11 19.92 21.20
C6 PSU W 10 29.55 20.57 20.06
O2 PSU W 10 31.82 18.37 18.89
O4 PSU W 10 29.35 18.08 22.44
C1' PSU W 10 28.05 20.53 22.10
C2' PSU W 10 28.73 21.06 23.36
O2' PSU W 10 27.80 21.02 24.43
C3' PSU W 10 29.01 22.50 22.96
C4' PSU W 10 27.77 22.87 22.16
O3' PSU W 10 29.27 23.36 24.05
O4' PSU W 10 27.45 21.64 21.45
C5' PSU W 10 27.89 24.02 21.21
O5' PSU W 10 28.48 23.64 19.96
P PSU W 10 28.52 24.66 18.73
OP1 PSU W 10 28.19 26.05 19.25
OP2 PSU W 10 29.78 24.44 17.95
C11 PAR X . 18.93 28.02 3.07
O11 PAR X . 18.43 27.08 4.03
C21 PAR X . 19.04 27.24 1.74
N21 PAR X . 17.88 26.36 1.53
C31 PAR X . 20.34 26.38 1.66
O31 PAR X . 20.49 25.89 0.35
C41 PAR X . 21.56 27.22 2.02
O41 PAR X . 22.72 26.40 2.15
C51 PAR X . 21.37 27.98 3.35
O51 PAR X . 20.13 28.72 3.38
C61 PAR X . 22.58 28.87 3.66
O61 PAR X . 22.48 29.33 5.02
C12 PAR X . 15.79 27.19 7.31
N12 PAR X . 15.07 27.50 8.57
C22 PAR X . 17.25 27.05 7.62
C32 PAR X . 18.05 26.69 6.40
N32 PAR X . 19.47 26.56 6.80
C42 PAR X . 17.87 27.66 5.21
C52 PAR X . 16.36 28.11 4.96
O52 PAR X . 16.30 29.37 4.19
C62 PAR X . 15.52 28.28 6.29
O62 PAR X . 14.11 28.27 6.02
C13 PAR X . 15.26 29.35 3.18
C23 PAR X . 14.74 30.75 2.78
O23 PAR X . 13.58 31.00 3.57
C33 PAR X . 14.28 30.61 1.31
O33 PAR X . 12.83 30.52 1.17
C43 PAR X . 15.05 29.32 0.85
O43 PAR X . 15.83 28.85 1.96
C53 PAR X . 15.91 29.49 -0.43
O53 PAR X . 17.17 28.89 -0.24
C14 PAR X . 12.46 29.93 -0.10
C24 PAR X . 11.41 30.64 -0.99
N24 PAR X . 10.09 30.70 -0.31
C34 PAR X . 11.14 29.80 -2.28
O34 PAR X . 12.40 29.64 -2.94
C44 PAR X . 10.73 28.37 -1.95
O44 PAR X . 9.41 28.35 -1.40
C54 PAR X . 11.76 27.79 -0.94
O54 PAR X . 11.95 28.63 0.22
C64 PAR X . 11.33 26.39 -0.42
N64 PAR X . 9.89 26.14 -0.54
C11 PAR Y . -14.85 8.41 -27.42
O11 PAR Y . -13.92 9.46 -27.74
C21 PAR Y . -15.47 8.75 -26.04
N21 PAR Y . -15.66 10.20 -25.87
C31 PAR Y . -14.61 8.21 -24.84
O31 PAR Y . -15.36 8.33 -23.65
C41 PAR Y . -14.22 6.76 -25.06
O41 PAR Y . -13.31 6.31 -24.05
C51 PAR Y . -13.58 6.54 -26.43
O51 PAR Y . -14.41 7.04 -27.50
C61 PAR Y . -13.21 5.05 -26.64
O61 PAR Y . -12.24 4.95 -27.71
C12 PAR Y . -12.29 10.76 -31.56
N12 PAR Y . -12.03 10.59 -33.01
C22 PAR Y . -11.68 9.57 -30.81
C32 PAR Y . -12.08 9.51 -29.35
N32 PAR Y . -11.48 8.29 -28.74
C42 PAR Y . -13.60 9.57 -29.14
C52 PAR Y . -14.19 10.86 -29.79
O52 PAR Y . -15.66 10.94 -29.65
C62 PAR Y . -13.81 10.96 -31.31
O62 PAR Y . -14.17 12.22 -31.87
C13 PAR Y . -16.13 12.29 -29.36
C23 PAR Y . -16.57 12.54 -27.88
O23 PAR Y . -17.99 12.49 -27.84
C33 PAR Y . -16.14 14.00 -27.53
O33 PAR Y . -17.26 14.89 -27.23
C43 PAR Y . -15.31 14.41 -28.81
O43 PAR Y . -15.03 13.21 -29.53
C53 PAR Y . -14.05 15.26 -28.53
O53 PAR Y . -13.33 14.70 -27.45
C14 PAR Y . -17.30 15.23 -25.81
C24 PAR Y . -18.20 16.42 -25.35
N24 PAR Y . -18.89 17.06 -26.50
C34 PAR Y . -17.34 17.56 -24.71
O34 PAR Y . -18.24 18.47 -24.08
C44 PAR Y . -16.50 17.05 -23.55
O44 PAR Y . -15.54 18.03 -23.16
C54 PAR Y . -15.79 15.77 -24.00
O54 PAR Y . -15.94 15.51 -25.42
C64 PAR Y . -14.27 15.81 -23.72
N64 PAR Y . -13.55 14.73 -24.38
C11 PAR Z . 35.06 30.66 -52.75
O11 PAR Z . 33.65 30.60 -52.98
C21 PAR Z . 35.68 31.03 -54.11
N21 PAR Z . 35.42 29.99 -55.13
C31 PAR Z . 37.20 31.25 -53.99
O31 PAR Z . 37.44 32.40 -53.18
C41 PAR Z . 37.87 30.02 -53.35
O41 PAR Z . 37.89 28.93 -54.26
C51 PAR Z . 37.16 29.57 -52.05
O51 PAR Z . 35.71 29.52 -52.21
C61 PAR Z . 37.59 30.40 -50.84
O61 PAR Z . 37.41 29.62 -49.65
C12 PAR Z . 30.51 29.52 -50.28
N12 PAR Z . 31.29 29.54 -49.03
C22 PAR Z . 31.06 28.42 -51.18
C32 PAR Z . 32.01 28.92 -52.27
N32 PAR Z . 32.85 27.79 -52.73
C42 PAR Z . 32.87 30.16 -51.85
C52 PAR Z . 31.99 31.35 -51.27
O52 PAR Z . 32.61 31.97 -50.06
C62 PAR Z . 30.54 30.90 -50.95
O62 PAR Z . 29.72 30.85 -52.13
C13 PAR Z . 33.12 33.30 -50.33
C23 PAR Z . 33.26 34.23 -49.05
O23 PAR Z . 32.57 35.44 -49.34
C33 PAR Z . 34.78 34.57 -48.91
O33 PAR Z . 35.04 35.94 -48.46
C43 PAR Z . 35.29 34.25 -50.35
O43 PAR Z . 34.48 33.18 -50.84
C53 PAR Z . 36.81 33.95 -50.45
O53 PAR Z . 37.51 35.17 -50.63
C14 PAR Z . 35.89 35.94 -47.27
C24 PAR Z . 35.76 37.11 -46.25
N24 PAR Z . 36.03 38.42 -46.90
C34 PAR Z . 36.83 37.01 -45.11
O34 PAR Z . 36.61 35.77 -44.46
C44 PAR Z . 38.23 36.86 -45.66
O44 PAR Z . 38.66 38.10 -46.26
C54 PAR Z . 38.23 35.74 -46.73
O54 PAR Z . 37.25 35.93 -47.77
C64 PAR Z . 39.60 35.62 -47.45
N64 PAR Z . 40.47 34.62 -46.84
C11 PAR AA . -47.96 32.27 -17.63
O11 PAR AA . -49.37 32.35 -17.40
C21 PAR AA . -47.29 33.04 -16.46
N21 PAR AA . -47.90 32.71 -15.17
C31 PAR AA . -47.36 34.58 -16.68
O31 PAR AA . -46.54 35.21 -15.71
C41 PAR AA . -46.88 34.96 -18.08
O41 PAR AA . -47.14 36.33 -18.36
C51 PAR AA . -47.54 34.11 -19.17
O51 PAR AA . -47.46 32.70 -18.88
C61 PAR AA . -46.98 34.44 -20.57
O61 PAR AA . -47.76 33.75 -21.56
C12 PAR AA . -52.40 29.37 -16.69
N12 PAR AA . -51.95 28.41 -15.66
C22 PAR AA . -51.50 29.23 -17.92
C32 PAR AA . -50.69 30.49 -18.25
N32 PAR AA . -49.76 30.18 -19.35
C42 PAR AA . -49.99 31.12 -17.03
C52 PAR AA . -50.97 31.32 -15.80
O52 PAR AA . -50.46 30.69 -14.56
C62 PAR AA . -52.41 30.80 -16.10
O62 PAR AA . -53.12 31.66 -17.02
C13 PAR AA . -50.66 31.56 -13.42
C23 PAR AA . -49.90 31.13 -12.12
O23 PAR AA . -50.85 30.49 -11.27
C33 PAR AA . -49.45 32.45 -11.41
O33 PAR AA . -50.07 32.66 -10.11
C43 PAR AA . -49.82 33.54 -12.49
O43 PAR AA . -50.08 32.86 -13.72
C53 PAR AA . -48.79 34.69 -12.65
O53 PAR AA . -47.55 34.14 -13.05
C14 PAR AA . -49.07 32.95 -9.09
C24 PAR AA . -49.55 33.29 -7.64
N24 PAR AA . -50.37 34.52 -7.63
C34 PAR AA . -48.32 33.61 -6.72
O34 PAR AA . -47.50 32.46 -6.69
C44 PAR AA . -47.41 34.68 -7.33
O44 PAR AA . -48.02 35.98 -7.23
C54 PAR AA . -47.13 34.33 -8.81
O54 PAR AA . -48.33 34.06 -9.59
C64 PAR AA . -46.40 35.48 -9.55
N64 PAR AA . -44.95 35.38 -9.47
C11 PAR BA . 24.95 2.51 -53.01
O11 PAR BA . 24.76 1.18 -53.51
C21 PAR BA . 24.61 2.45 -51.50
N21 PAR BA . 23.19 2.10 -51.27
C31 PAR BA . 24.93 3.80 -50.81
O31 PAR BA . 26.33 4.03 -50.83
C41 PAR BA . 24.20 4.95 -51.53
O41 PAR BA . 22.80 4.92 -51.25
C51 PAR BA . 24.40 4.91 -53.07
O51 PAR BA . 24.23 3.57 -53.63
C61 PAR BA . 25.73 5.55 -53.49
O61 PAR BA . 25.92 5.36 -54.90
C12 PAR BA . 22.80 -1.04 -56.48
N12 PAR BA . 21.84 -0.70 -57.56
C22 PAR BA . 22.07 -0.95 -55.12
C32 PAR BA . 22.95 -0.41 -53.98
N32 PAR BA . 22.18 -0.43 -52.73
C42 PAR BA . 23.56 1.00 -54.28
C52 PAR BA . 23.81 1.22 -55.82
O52 PAR BA . 22.71 1.97 -56.46
C62 PAR BA . 24.03 -0.13 -56.56
O62 PAR BA . 25.15 -0.86 -56.02
C13 PAR BA . 23.17 2.73 -57.60
C23 PAR BA . 22.07 3.14 -58.63
O23 PAR BA . 22.07 2.15 -59.66
C33 PAR BA . 22.55 4.48 -59.25
O33 PAR BA . 22.99 4.35 -60.64
C43 PAR BA . 23.68 4.92 -58.25
O43 PAR BA . 23.68 4.01 -57.15
C53 PAR BA . 23.62 6.40 -57.79
O53 PAR BA . 24.61 6.63 -56.81
C14 PAR BA . 22.87 5.62 -61.35
C24 PAR BA . 22.74 5.60 -62.90
N24 PAR BA . 23.91 4.94 -63.54
C34 PAR BA . 22.74 7.06 -63.48
O34 PAR BA . 21.61 7.73 -62.94
C44 PAR BA . 23.93 7.87 -63.00
O44 PAR BA . 25.15 7.44 -63.62
C54 PAR BA . 24.04 7.72 -61.46
O54 PAR BA . 24.07 6.35 -61.02
C64 PAR BA . 25.33 8.38 -60.90
N64 PAR BA . 25.19 8.77 -59.49
C11 PAR CA . -38.98 47.39 4.85
O11 PAR CA . -39.58 48.69 4.72
C21 PAR CA . -39.93 46.58 5.78
N21 PAR CA . -40.80 47.48 6.57
C31 PAR CA . -39.14 45.65 6.75
O31 PAR CA . -40.03 44.66 7.26
C41 PAR CA . -37.97 44.97 6.03
O41 PAR CA . -37.18 44.21 6.94
C51 PAR CA . -37.06 45.99 5.33
O51 PAR CA . -37.65 47.30 5.30
C61 PAR CA . -36.65 45.50 3.92
O61 PAR CA . -35.53 46.28 3.47
C12 PAR CA . -38.40 52.78 5.11
N12 PAR CA . -37.68 54.02 5.49
C22 PAR CA . -38.70 51.99 6.35
C32 PAR CA . -39.45 50.72 6.07
N32 PAR CA . -39.73 50.05 7.36
C42 PAR CA . -38.71 49.78 5.08
C52 PAR CA . -38.16 50.54 3.78
O52 PAR CA . -37.12 49.75 3.08
C62 PAR CA . -37.58 51.98 4.09
O62 PAR CA . -37.51 52.78 2.90
C13 PAR CA . -37.35 49.67 1.66
C23 PAR CA . -37.93 48.30 1.14
O23 PAR CA . -36.89 47.65 0.43
C33 PAR CA . -39.06 48.64 0.13
O33 PAR CA . -38.91 47.98 -1.16
C43 PAR CA . -38.98 50.21 0.07
O43 PAR CA . -38.38 50.63 1.29
C53 PAR CA . -40.33 50.92 -0.20
O53 PAR CA . -40.16 52.32 0.00
C14 PAR CA . -39.48 46.64 -1.14
C24 PAR CA . -40.14 46.07 -2.44
N24 PAR CA . -41.28 46.92 -2.86
C34 PAR CA . -40.75 44.66 -2.18
O34 PAR CA . -39.69 43.81 -1.78
C44 PAR CA . -41.69 44.64 -0.96
O44 PAR CA . -42.93 45.29 -1.27
C54 PAR CA . -40.99 45.35 0.21
O54 PAR CA . -40.48 46.66 -0.11
C64 PAR CA . -41.95 45.54 1.43
N64 PAR CA . -42.00 44.39 2.32
MG MG DA . 39.46 46.02 -108.28
MG MG EA . 38.46 25.64 -79.16
MG MG FA . -38.78 24.06 -50.01
MG MG GA . -51.97 18.47 -39.02
MG MG HA . -27.09 16.18 -11.61
MG MG IA . 18.56 38.39 -45.32
MG MG JA . 29.83 35.18 -46.86
MG MG KA . -50.37 22.44 -46.20
MG MG LA . -16.08 41.18 19.43
MG MG MA . -10.46 29.73 12.06
MG MG NA . -6.56 24.31 11.93
MG MG OA . -16.35 31.86 6.71
MG MG PA . 31.79 -3.65 -63.08
MG MG QA . 7.48 42.19 -44.18
MG MG RA . -2.23 4.46 43.35
MG MG SA . -2.83 14.22 -23.89
MG MG TA . -7.32 14.48 -34.10
MG MG UA . -7.88 6.16 -23.19
MG MG VA . 5.38 19.38 -25.48
MG MG WA . -22.50 44.48 -2.18
MG MG XA . 49.41 -16.10 -35.95
MG MG YA . -21.22 41.67 -8.95
MG MG ZA . -25.13 51.98 19.21
MG MG AB . -21.84 52.82 0.18
MG MG BB . 3.56 12.85 -5.49
MG MG CB . 2.50 8.16 -21.81
MG MG DB . 38.13 2.85 -44.42
MG MG EB . 48.90 15.44 -35.17
MG MG FB . 7.91 8.27 -20.18
MG MG GB . 23.58 28.22 -54.34
MG MG HB . 4.70 13.85 -34.53
MG MG IB . 32.86 11.93 -36.16
MG MG JB . -29.88 16.22 -47.34
MG MG KB . -18.58 19.31 -61.81
MG MG LB . -8.83 20.17 -13.20
MG MG MB . -28.33 29.78 -28.20
MG MG NB . 11.39 26.45 -47.31
MG MG OB . -27.68 32.12 -39.43
MG MG PB . -20.73 25.84 -16.12
MG MG QB . -5.97 37.89 -9.57
MG MG RB . 1.90 9.48 -65.51
MG MG SB . -37.69 10.77 -14.96
MG MG TB . -9.59 36.30 -49.25
MG MG UB . 2.66 32.95 -61.57
MG MG VB . -25.56 27.84 -4.95
MG MG WB . -25.55 26.04 -46.91
MG MG XB . 34.72 8.27 -16.94
MG MG YB . 42.03 14.90 -53.45
MG MG ZB . -19.66 -4.59 -15.71
MG MG AC . -9.91 -1.39 -7.90
MG MG BC . -4.62 -17.01 -2.17
MG MG CC . 12.66 5.47 -4.13
MG MG DC . -0.83 23.99 13.60
MG MG EC . -5.98 19.93 -6.56
MG MG FC . -6.09 -22.59 14.68
MG MG GC . -2.48 -13.66 0.00
MG MG HC . 2.77 -24.03 24.85
MG MG IC . -6.07 -11.99 -13.20
MG MG JC . -0.48 47.05 -17.90
MG MG KC . -20.37 36.11 -26.51
MG MG LC . 32.77 27.41 -59.58
MG MG MC . 36.95 44.09 -59.66
MG MG NC . 45.34 48.88 -84.55
MG MG OC . 38.51 23.87 -61.82
MG MG PC . 48.11 35.11 -68.80
MG MG QC . 30.11 4.60 -15.39
MG MG RC . 25.09 -5.05 -18.75
MG MG SC . 8.33 26.07 -17.89
MG MG TC . 39.08 -0.77 -0.97
MG MG UC . -7.27 55.63 -16.81
MG MG VC . 13.84 58.99 -100.74
MG MG WC . 0.84 30.17 -12.39
MG MG XC . 3.39 48.55 -103.04
MG MG YC . -34.10 54.90 17.34
MG MG ZC . -21.62 52.82 40.12
MG MG AD . -21.66 43.48 19.77
MG MG BD . -37.42 52.15 34.47
MG MG CD . 19.93 72.54 -72.65
MG MG DD . 44.56 24.23 -82.77
MG MG ED . 55.17 -4.03 -60.09
MG MG FD . 42.51 35.56 -35.36
MG MG GD . 36.99 14.51 -93.99
MG MG HD . 19.32 9.28 -65.82
MG MG ID . 7.66 69.90 -66.85
MG MG JD . 26.26 35.65 -64.46
MG MG KD . 17.68 52.90 -77.60
MG MG LD . 25.97 53.12 -92.86
MG MG MD . 4.94 8.12 -35.43
MG MG ND . -3.65 10.78 -3.10
MG MG OD . -8.21 -9.94 19.17
MG MG PD . 5.26 44.02 -25.01
MG MG QD . 24.25 -6.19 16.11
MG MG RD . 25.45 -0.04 16.76
MG MG SD . -43.19 35.31 -6.15
MG MG TD . 62.07 -14.02 -50.32
MG MG UD . 42.14 -17.12 43.68
MG MG VD . 12.47 25.73 15.17
MG MG WD . -18.04 50.63 38.74
MG MG XD . 0.96 19.66 24.31
MG MG YD . 41.93 -15.04 21.51
MG MG ZD . 8.78 -16.20 51.93
MG MG AE . 40.21 23.70 -105.55
MG MG BE . 22.18 -0.66 70.54
MG MG CE . 35.36 -2.51 39.21
MG MG DE . -10.68 35.60 4.18
MG MG EE . 32.75 45.62 -68.07
MG MG FE . -3.96 56.39 -69.61
MG MG GE . 1.49 -42.59 51.68
MG MG HE . 25.81 -14.48 52.94
MG MG IE . 52.23 57.64 -98.87
MG MG JE . 11.46 9.70 70.21
MG MG KE . -6.88 41.35 13.77
MG MG LE . 25.60 51.25 -56.08
MG MG ME . -24.06 3.63 -9.11
MG MG NE . 19.41 8.03 51.03
MG MG OE . 28.42 -0.47 21.30
MG MG PE . 13.52 7.04 -47.22
MG MG QE . 33.75 61.48 -100.26
MG MG RE . 32.32 -18.72 50.61
MG MG SE . 14.19 74.63 -55.38
MG MG TE . -12.09 19.90 2.83
MG MG UE . -1.05 -16.84 26.80
MG MG VE . -14.35 18.36 -67.43
MG MG WE . 12.39 -13.49 30.38
MG MG XE . 23.25 4.70 73.23
MG MG YE . 5.88 30.78 -65.72
MG MG ZE . 25.26 13.13 1.82
MG MG AF . 3.05 13.21 46.19
MG MG BF . 21.65 45.39 -62.84
MG MG CF . -9.39 30.36 -16.89
MG MG DF . -5.66 28.22 10.37
MG MG EF . -3.61 26.84 18.22
MG MG FF . 40.56 24.26 -54.22
MG MG GF . 41.59 1.52 2.74
MG MG HF . 36.56 0.69 -11.16
MG MG IF . 13.36 74.33 -79.68
MG MG JF . 42.81 8.05 -81.48
MG MG KF . 36.31 67.99 -97.94
MG MG LF . 38.69 71.66 -85.87
MG MG MF . 42.41 60.17 -78.10
MG MG NF . 14.95 -47.02 55.70
MG MG OF . 17.60 -43.66 61.61
MG MG PF . -20.20 55.14 37.94
MG MG QF . 28.70 53.54 -56.08
MG MG RF . -6.67 3.86 13.70
MG MG SF . -10.79 -7.88 5.85
MG MG TF . -3.82 -6.45 10.74
MG MG UF . 14.93 18.10 51.72
MG MG VF . 24.61 -10.50 16.34
MG MG WF . 1.72 -3.66 -49.80
MG MG XF . 37.90 48.19 -79.75
MG MG YF . -20.88 27.59 -25.06
MG MG ZF . 22.63 11.78 -32.44
MG MG AG . 35.37 -2.46 52.52
MG MG BG . 17.47 48.14 -18.11
MG MG CG . 43.53 -2.07 -22.00
MG MG DG . -26.57 12.39 -23.84
MG MG EG . -9.76 29.37 -13.36
MG MG FG . 17.87 -2.44 34.32
MG MG GG . 19.97 23.16 14.65
MG MG HG . -12.18 -13.09 19.07
MG MG IG . -7.56 41.44 22.10
MG MG JG . 10.82 69.88 -53.91
MG MG KG . -3.88 3.54 24.94
MG MG LG . 34.18 2.44 34.04
MG MG MG . -27.08 19.73 -10.54
MG MG NG . -29.66 57.60 34.99
MG MG OG . 19.44 -6.88 39.67
MG MG PG . -22.27 32.96 35.91
MG MG QG . 25.73 45.79 -80.39
MG MG RG . 14.99 51.14 -74.47
MG MG SG . 2.59 28.54 24.42
MG MG TG . 49.06 -13.85 12.03
MG MG UG . 36.43 -2.84 22.64
MG MG VG . -32.65 23.05 -10.56
MG MG WG . 52.49 50.92 -90.49
MG MG XG . -30.35 15.18 -58.80
MG MG YG . 35.25 -21.60 78.84
MG MG ZG . 13.40 13.39 -63.63
MG MG AH . -2.47 55.71 -74.96
MG MG BH . 8.71 22.25 -48.31
MG MG CH . -32.72 21.20 -7.69
MG MG DH . -27.92 14.30 -65.61
MG MG EH . -40.26 15.54 -27.10
MG MG FH . -6.97 -0.13 7.67
MG MG GH . -14.77 -18.15 8.35
MG MG HH . 20.74 -45.53 55.65
MG MG IH . -36.61 24.25 7.83
MG MG JH . -1.51 -10.40 38.19
MG MG KH . -14.36 64.33 -67.55
MG MG LH . 75.42 69.06 -106.51
MG MG MH . 52.88 46.74 -92.72
MG MG NH . 41.09 26.19 -75.03
MG MG OH . 0.53 36.48 -54.40
MG MG PH . 6.92 32.37 -74.77
MG MG QH . -16.52 55.86 3.58
MG MG RH . -22.79 56.81 3.08
MG MG SH . 49.30 47.00 -93.53
MG MG TH . 50.92 43.27 -95.33
MG MG UH . 47.45 52.48 -97.09
MG MG VH . -10.98 33.03 -15.80
MG MG WH . -30.37 22.40 -12.14
MG MG XH . 41.55 27.88 -81.94
MG MG YH . -5.35 -10.75 4.88
MG MG ZH . 22.12 27.68 -56.80
MG MG AI . 8.75 14.67 -47.65
MG MG BI . -12.73 29.47 17.24
MG MG CI . -33.02 26.84 -27.67
MG MG DI . -31.81 29.94 -28.67
MG MG EI . 24.93 10.85 -34.08
MG MG FI . 28.98 57.71 -100.88
MG MG GI . 26.28 56.30 -101.66
MG MG HI . 23.21 53.85 -103.19
MG MG II . -3.20 47.05 -50.19
MG MG JI . -4.32 49.56 -51.31
MG MG KI . -2.96 50.34 -48.22
MG MG LI . -16.49 -1.19 -8.00
MG MG MI . -7.37 30.04 -20.17
MG MG NI . 51.41 -19.79 -14.52
MG MG OI . 20.17 45.05 -89.54
MG MG PI . 18.43 35.97 -94.95
MG MG QI . 0.56 54.94 -58.53
MG MG RI . -12.14 46.27 -85.86
MG MG SI . 33.65 44.52 -49.65
MG MG TI . 39.54 3.85 49.21
MG MG UI . -42.04 46.27 25.85
MG MG VI . -0.93 16.98 24.04
MG MG WI . -4.16 4.65 3.89
MG MG XI . 9.60 10.97 -70.41
MG MG YI . 8.19 -10.21 76.81
MG MG ZI . -22.46 48.94 27.44
MG MG AJ . -22.55 44.96 29.76
MG MG BJ . 23.99 15.96 -24.19
MG MG CJ . -33.74 45.21 29.80
MG MG DJ . -21.16 22.71 -5.05
MG MG EJ . 15.11 56.03 -75.83
MG MG FJ . -7.56 14.24 -57.48
MG MG GJ . -28.34 55.50 47.39
MG MG HJ . 66.64 61.23 -119.50
MG MG IJ . 2.60 41.54 -43.49
MG MG JJ . 13.50 3.51 -36.57
MG MG KJ . 17.52 46.81 -13.82
MG MG LJ . 24.12 7.01 37.13
MG MG MJ . 1.13 5.69 -0.48
MG MG NJ . 19.77 37.77 -102.84
MG MG OJ . 0.92 38.23 32.72
MG MG PJ . -24.80 17.63 -19.02
MG MG QJ . 65.16 55.11 -100.21
MG MG RJ . 27.16 51.17 -63.21
MG MG SJ . -22.00 18.36 14.02
MG MG TJ . 2.84 19.15 17.39
MG MG UJ . -47.16 22.19 -29.13
MG MG VJ . -20.61 18.56 8.95
MG MG WJ . -10.06 19.04 18.35
MG MG XJ . -3.06 31.50 2.51
MG MG YJ . 39.88 21.21 -55.45
MG MG ZJ . 44.33 16.39 -35.86
MG MG AK . -41.91 45.36 20.08
MG MG BK . -4.77 46.58 -1.51
MG MG CK . -3.49 43.64 -1.76
K K DK . 9.20 33.80 -81.06
K K EK . -14.64 -1.88 -12.52
K K FK . 9.15 28.44 -46.36
K K GK . -13.05 28.10 -14.10
K K HK . -15.34 -12.69 15.84
K K IK . 9.05 0.93 -11.41
K K JK . 37.69 2.72 -13.17
K K KK . -0.34 22.13 -0.60
K K LK . 35.49 17.69 -96.72
K K MK . -0.29 -24.45 34.05
K K NK . -18.46 44.87 41.67
K K OK . 4.70 34.29 -79.07
K K PK . -2.87 14.69 -45.96
K K QK . 55.20 -6.76 -59.11
K K RK . 10.07 33.61 -65.56
K K SK . -26.70 48.57 -6.08
K K TK . 11.97 38.30 -87.90
K K UK . 21.92 86.97 -77.40
K K VK . 5.44 5.29 57.81
K K WK . -1.63 13.90 -66.05
K K XK . 42.59 68.76 -81.44
K K YK . 21.98 -5.80 14.15
K K ZK . -12.09 -0.74 -25.20
K K AL . 43.21 13.65 -1.67
K K BL . -32.96 21.36 -3.63
K K CL . 39.43 35.93 -53.88
K K DL . -0.17 38.58 2.80
K K EL . 11.87 26.83 -92.70
MG MG FL . 30.53 6.38 78.16
MG MG GL . 22.95 -17.26 -2.99
ZN ZN HL . 39.98 -22.49 -33.54
MG MG IL . 15.27 -7.59 -48.46
MG MG JL . -9.13 -19.07 -34.09
MG MG KL . -56.90 52.71 10.41
MG MG LL . -6.55 10.13 60.67
K K ML . -12.49 14.23 28.40
MG MG NL . -10.57 9.91 -41.68
MG MG OL . -1.90 28.86 -27.67
MG MG PL . 48.78 32.88 -17.68
ZN ZN QL . 34.06 -21.79 28.88
MG MG RL . 21.05 32.86 -71.42
MG MG SL . 21.29 17.74 -94.70
MG MG TL . 30.25 3.96 -82.97
MG MG UL . 20.02 10.30 -77.78
MG MG VL . -20.68 51.93 -62.70
MG MG WL . -20.42 33.21 -56.36
MG MG XL . 37.99 15.91 42.89
MG MG YL . 39.78 21.63 41.91
MG MG ZL . 51.08 -11.88 68.02
MG MG AM . 38.13 48.85 -75.73
MG MG BM . 32.02 16.59 14.69
#